data_6C1H
#
_entry.id   6C1H
#
_cell.length_a   1
_cell.length_b   1
_cell.length_c   1
_cell.angle_alpha   90.00
_cell.angle_beta   90.00
_cell.angle_gamma   90.00
#
_symmetry.space_group_name_H-M   'P 1'
#
loop_
_entity.id
_entity.type
_entity.pdbx_description
1 polymer 'Actin, alpha skeletal muscle'
2 polymer 'Unconventional myosin-Ib'
3 polymer Calmodulin
4 non-polymer "ADENOSINE-5'-DIPHOSPHATE"
5 non-polymer 'MAGNESIUM ION'
#
loop_
_entity_poly.entity_id
_entity_poly.type
_entity_poly.pdbx_seq_one_letter_code
_entity_poly.pdbx_strand_id
1 'polypeptide(L)'
;DEDETTALVCDNGSGLVKAGFAGDDAPRAVFPSIVGRPRHQGVMVGMGQKDSYVGDEAQSKRGILTLKYPIEHGIITNWD
DMEKIWHHTFYNELRVAPEEHPTLLTEAPLNPKANREKMTQIMFETFNVPAMYVAIQAVLSLYASGRTTGIVLDSGDGVT
HNVPIYEGYALPHAIMRLDLAGRDLTDYLMKILTERGYSFVTTAEREIVRDIKEKLCYVALDFENEMATAASSSSLEKSY
ELPDGQVITIGNERFRCPETLFQPSFIGMESAGIHETTYNSIMKCDIDIRKDLYANNVMSGGTTMYPGIADRMQKEITAL
APSTMKIKIIAPPERKYSVWIGGSILASLSTFQQMWITKQEYDEAGPSIVHRKCF
;
A,B,C,D,E
2 'polypeptide(L)'
;VKSSLLDNMIGVGDTVLLEPLNEETFIDNLKKRFDHNEIYTYIGSVVISVNPYRSLPIYSPEKVEDYRNRNFYELSPHIF
ALSDEAYRSLRDQDKDQCILITGESGAGKTEASKLVMSYVAAVCGKGAEVNQVKEQLLQSTPVLEAFGNAKTVRNDNSSR
FGKYMDIEFDFKGDPLGGVISNYLLEKSRVVKQPRGERNFHVFYQLLSGASEELLHKLKLERDFSRYNYLSLDSAKVNGV
DDAANFRTVRNAMQIVGFSDPEAESVLEVVAAVLKLGNIEFKPESRMNGLDESKIKDKNELKEICELTSIDQVVLERAFS
FRTVEAKQEKVSTTLNVAQAYYARDALAKNLYSRLFSWLVNRINESIKAQTKVRKKVMGVLDIYGFEIFEDNSFEQFIIN
YCNEKLQQIFIELTLKEEQEEYIREDIEWTHIDYFNNAIICDLIENNTNGILAMLDEECLRPGTVTDETFLEKLNQVCAT
HQHFESRMSKCSRFLNDTTLPHSCFRIQHYAGKVLYQVEGFVDKNNDLLYRDLSQAMWKAGHALIKSLFPEGNPAKVNLK
RPPTAGSQFKASVATLMKNLQTKNPNYIRCIKPNDKKAAHIFSESLVCHQIRYLGLLENVRVRRAGYAFRQAYEPCLERY
KMLCKQTWPHWKGPARSGVEVLFNELEIPVEEYSFGRSKIFIRNPRTLFQLEDLRKQRLEDLATLIQKIYRGWKCRTHFL
LMKGLNDIF
;
P
3 'polypeptide(L)'
;ADQLTEEQIAEFKEAFSLFDKDGDGTITTKELGTVMRSLGQNPTEAELQDMINEVDADGNGTIDFPEFLTMMARKMKDTD
SEEEIREAFRVFDKDGNGYISAAELRHVMTNLGEKLTDEEVDEMIREADIDGDGQVNYEEFVQMMTAK
;
R
#
loop_
_chem_comp.id
_chem_comp.type
_chem_comp.name
_chem_comp.formula
ADP non-polymer ADENOSINE-5'-DIPHOSPHATE 'C10 H15 N5 O10 P2'
MG non-polymer 'MAGNESIUM ION' 'Mg 2'
#
# COMPACT_ATOMS: atom_id res chain seq x y z
N ASP A 1 -58.56 -11.34 65.53
CA ASP A 1 -57.30 -11.52 66.25
C ASP A 1 -56.47 -10.22 66.21
N GLU A 2 -56.22 -9.72 65.00
CA GLU A 2 -55.48 -8.47 64.81
C GLU A 2 -56.37 -7.51 64.05
N ASP A 3 -56.47 -6.27 64.56
CA ASP A 3 -57.29 -5.23 63.95
C ASP A 3 -56.51 -4.34 62.99
N GLU A 4 -55.39 -4.83 62.44
CA GLU A 4 -54.52 -4.03 61.60
C GLU A 4 -54.19 -4.79 60.32
N THR A 5 -53.69 -4.04 59.34
CA THR A 5 -53.12 -4.59 58.11
C THR A 5 -51.62 -4.35 58.06
N THR A 6 -50.95 -4.49 59.21
CA THR A 6 -49.53 -4.23 59.29
C THR A 6 -48.75 -5.34 58.61
N ALA A 7 -47.79 -4.95 57.77
CA ALA A 7 -46.99 -5.91 57.04
C ALA A 7 -46.03 -6.64 57.96
N LEU A 8 -45.86 -7.94 57.72
CA LEU A 8 -44.94 -8.75 58.48
C LEU A 8 -43.57 -8.71 57.83
N VAL A 9 -42.55 -8.42 58.63
CA VAL A 9 -41.17 -8.47 58.17
C VAL A 9 -40.55 -9.69 58.82
N CYS A 10 -40.51 -10.79 58.06
CA CYS A 10 -39.86 -12.02 58.49
C CYS A 10 -38.51 -12.13 57.83
N ASP A 11 -37.48 -12.40 58.62
CA ASP A 11 -36.10 -12.29 58.15
C ASP A 11 -35.31 -13.47 58.73
N ASN A 12 -35.12 -14.50 57.91
CA ASN A 12 -34.09 -15.50 58.13
C ASN A 12 -33.05 -15.29 57.03
N GLY A 13 -31.91 -14.71 57.39
CA GLY A 13 -30.84 -14.61 56.43
C GLY A 13 -30.24 -15.98 56.17
N SER A 14 -29.49 -16.50 57.14
CA SER A 14 -29.11 -17.90 57.09
C SER A 14 -29.06 -18.58 58.44
N GLY A 15 -29.05 -17.82 59.54
CA GLY A 15 -28.75 -18.44 60.81
C GLY A 15 -29.48 -17.96 62.05
N LEU A 16 -30.38 -17.00 61.92
CA LEU A 16 -31.05 -16.42 63.09
C LEU A 16 -32.36 -15.80 62.63
N VAL A 17 -33.48 -16.37 63.05
CA VAL A 17 -34.78 -15.85 62.63
C VAL A 17 -35.11 -14.63 63.46
N LYS A 18 -35.35 -13.51 62.79
CA LYS A 18 -35.84 -12.30 63.42
C LYS A 18 -37.05 -11.83 62.63
N ALA A 19 -38.13 -11.52 63.34
CA ALA A 19 -39.39 -11.18 62.70
C ALA A 19 -40.11 -10.11 63.51
N GLY A 20 -41.00 -9.40 62.85
CA GLY A 20 -41.79 -8.41 63.55
C GLY A 20 -42.73 -7.69 62.61
N PHE A 21 -43.24 -6.56 63.08
CA PHE A 21 -44.23 -5.77 62.36
C PHE A 21 -43.55 -4.66 61.58
N ALA A 22 -44.26 -4.15 60.59
CA ALA A 22 -43.78 -3.00 59.84
C ALA A 22 -43.92 -1.73 60.66
N GLY A 23 -42.96 -0.82 60.49
CA GLY A 23 -42.97 0.42 61.24
C GLY A 23 -42.67 0.22 62.71
N ASP A 24 -41.57 -0.48 63.00
CA ASP A 24 -41.21 -0.78 64.38
C ASP A 24 -39.70 -0.70 64.50
N ASP A 25 -39.23 -0.43 65.72
CA ASP A 25 -37.80 -0.26 65.93
C ASP A 25 -37.11 -1.60 66.12
N ALA A 26 -37.54 -2.37 67.11
CA ALA A 26 -36.92 -3.65 67.41
C ALA A 26 -37.74 -4.80 66.83
N PRO A 27 -37.08 -5.85 66.34
CA PRO A 27 -37.82 -7.03 65.90
C PRO A 27 -38.43 -7.74 67.10
N ARG A 28 -39.69 -8.15 66.93
CA ARG A 28 -40.45 -8.65 68.06
C ARG A 28 -40.05 -10.07 68.43
N ALA A 29 -39.87 -10.94 67.45
CA ALA A 29 -39.56 -12.34 67.71
C ALA A 29 -38.17 -12.65 67.17
N VAL A 30 -37.21 -12.82 68.06
CA VAL A 30 -35.85 -13.17 67.70
C VAL A 30 -35.54 -14.52 68.33
N PHE A 31 -35.22 -15.50 67.51
CA PHE A 31 -34.90 -16.84 67.99
C PHE A 31 -34.04 -17.55 66.95
N PRO A 32 -33.21 -18.51 67.37
CA PRO A 32 -32.32 -19.19 66.42
C PRO A 32 -33.07 -20.10 65.47
N SER A 33 -32.52 -20.22 64.26
CA SER A 33 -33.12 -21.02 63.19
C SER A 33 -32.66 -22.46 63.26
N ILE A 34 -33.16 -23.18 64.27
CA ILE A 34 -32.84 -24.59 64.44
C ILE A 34 -34.12 -25.38 64.58
N VAL A 35 -34.08 -26.63 64.14
CA VAL A 35 -35.13 -27.60 64.40
C VAL A 35 -34.50 -28.76 65.16
N GLY A 36 -35.16 -29.21 66.21
CA GLY A 36 -34.65 -30.29 67.02
C GLY A 36 -35.37 -31.60 66.74
N ARG A 37 -34.72 -32.68 67.13
CA ARG A 37 -35.26 -34.01 66.91
C ARG A 37 -34.57 -34.94 67.91
N PRO A 38 -35.32 -35.69 68.71
CA PRO A 38 -34.68 -36.57 69.70
C PRO A 38 -34.01 -37.74 69.02
N ARG A 39 -32.69 -37.83 69.21
CA ARG A 39 -31.90 -38.86 68.53
C ARG A 39 -31.94 -40.21 69.23
N HIS A 40 -32.75 -40.35 70.28
CA HIS A 40 -32.90 -41.62 70.98
C HIS A 40 -34.30 -41.71 71.54
N GLN A 41 -34.60 -42.84 72.17
CA GLN A 41 -35.96 -43.17 72.56
C GLN A 41 -36.39 -42.41 73.81
N GLY A 42 -37.71 -42.30 73.99
CA GLY A 42 -38.27 -41.74 75.20
C GLY A 42 -38.69 -42.86 76.14
N VAL A 43 -38.72 -42.55 77.43
CA VAL A 43 -39.02 -43.53 78.47
C VAL A 43 -40.20 -43.12 79.34
N MET A 44 -40.21 -41.87 79.80
CA MET A 44 -41.26 -41.42 80.72
C MET A 44 -42.60 -41.32 80.01
N VAL A 45 -43.57 -42.07 80.51
CA VAL A 45 -44.93 -42.09 79.98
C VAL A 45 -45.64 -40.85 80.48
N GLY A 46 -46.36 -40.17 79.59
CA GLY A 46 -47.03 -38.95 79.99
C GLY A 46 -46.09 -37.78 80.13
N MET A 47 -45.55 -37.28 79.03
CA MET A 47 -44.62 -36.16 79.05
C MET A 47 -44.98 -35.07 78.05
N GLY A 48 -45.71 -35.39 77.00
CA GLY A 48 -45.81 -34.52 75.86
C GLY A 48 -44.79 -34.99 74.84
N GLN A 49 -43.61 -34.37 74.85
CA GLN A 49 -42.37 -34.75 74.14
C GLN A 49 -42.63 -35.08 72.66
N LYS A 50 -43.06 -34.03 71.95
CA LYS A 50 -43.25 -34.12 70.52
C LYS A 50 -41.90 -34.25 69.81
N ASP A 51 -41.94 -34.74 68.58
CA ASP A 51 -40.73 -34.97 67.79
C ASP A 51 -40.44 -33.75 66.93
N SER A 52 -40.43 -32.58 67.58
CA SER A 52 -40.10 -31.31 66.95
C SER A 52 -39.78 -30.29 68.03
N TYR A 53 -38.62 -29.65 67.94
CA TYR A 53 -38.26 -28.57 68.85
C TYR A 53 -37.62 -27.49 68.02
N VAL A 54 -38.29 -26.35 67.93
CA VAL A 54 -37.90 -25.28 67.03
C VAL A 54 -37.64 -24.02 67.81
N GLY A 55 -36.65 -23.26 67.38
CA GLY A 55 -36.33 -22.01 68.03
C GLY A 55 -35.61 -22.23 69.35
N ASP A 56 -35.75 -21.27 70.26
CA ASP A 56 -35.00 -21.27 71.50
C ASP A 56 -35.41 -22.39 72.44
N GLU A 57 -36.63 -22.93 72.25
CA GLU A 57 -37.05 -24.12 72.97
C GLU A 57 -36.15 -25.31 72.68
N ALA A 58 -35.65 -25.42 71.45
CA ALA A 58 -34.65 -26.44 71.14
C ALA A 58 -33.36 -26.20 71.90
N GLN A 59 -32.98 -24.93 72.08
CA GLN A 59 -31.82 -24.64 72.91
C GLN A 59 -32.09 -24.88 74.40
N SER A 60 -33.36 -24.99 74.80
CA SER A 60 -33.61 -25.44 76.17
C SER A 60 -33.37 -26.94 76.31
N LYS A 61 -33.45 -27.69 75.22
CA LYS A 61 -33.33 -29.15 75.28
C LYS A 61 -32.22 -29.67 74.38
N ARG A 62 -31.22 -28.82 74.09
CA ARG A 62 -30.21 -29.14 73.09
C ARG A 62 -29.29 -30.28 73.51
N GLY A 63 -29.29 -30.68 74.77
CA GLY A 63 -28.54 -31.85 75.19
C GLY A 63 -29.05 -33.15 74.62
N ILE A 64 -30.34 -33.24 74.29
CA ILE A 64 -30.92 -34.49 73.85
C ILE A 64 -31.43 -34.42 72.42
N LEU A 65 -30.96 -33.45 71.65
CA LEU A 65 -31.44 -33.25 70.29
C LEU A 65 -30.28 -33.29 69.32
N THR A 66 -30.60 -33.59 68.06
CA THR A 66 -29.67 -33.37 66.96
C THR A 66 -30.09 -32.09 66.25
N LEU A 67 -29.37 -31.00 66.54
CA LEU A 67 -29.70 -29.71 65.98
C LEU A 67 -29.34 -29.66 64.51
N LYS A 68 -30.17 -28.98 63.72
CA LYS A 68 -30.01 -28.99 62.29
C LYS A 68 -30.57 -27.69 61.72
N TYR A 69 -29.67 -26.84 61.26
CA TYR A 69 -30.06 -25.61 60.60
C TYR A 69 -30.71 -25.93 59.26
N PRO A 70 -31.99 -25.57 59.06
CA PRO A 70 -32.66 -25.92 57.81
C PRO A 70 -32.20 -25.11 56.61
N ILE A 71 -31.56 -23.96 56.82
CA ILE A 71 -31.06 -23.14 55.73
C ILE A 71 -29.55 -23.05 55.88
N GLU A 72 -28.84 -23.28 54.76
CA GLU A 72 -27.39 -23.37 54.76
C GLU A 72 -26.85 -22.48 53.66
N HIS A 73 -25.97 -21.55 54.04
CA HIS A 73 -25.37 -20.55 53.14
C HIS A 73 -26.42 -19.74 52.39
N GLY A 74 -27.52 -19.44 53.08
CA GLY A 74 -28.63 -18.75 52.46
C GLY A 74 -29.51 -19.61 51.58
N ILE A 75 -29.19 -20.89 51.43
CA ILE A 75 -29.95 -21.81 50.59
C ILE A 75 -30.75 -22.73 51.49
N ILE A 76 -32.07 -22.76 51.30
CA ILE A 76 -32.93 -23.61 52.10
C ILE A 76 -32.78 -25.05 51.62
N THR A 77 -32.42 -25.94 52.54
CA THR A 77 -32.20 -27.34 52.22
C THR A 77 -33.45 -28.19 52.43
N ASN A 78 -34.04 -28.12 53.62
CA ASN A 78 -35.22 -28.91 53.94
C ASN A 78 -36.42 -28.00 54.04
N TRP A 79 -37.35 -28.14 53.09
CA TRP A 79 -38.51 -27.25 53.02
C TRP A 79 -39.52 -27.54 54.11
N ASP A 80 -39.66 -28.80 54.51
CA ASP A 80 -40.53 -29.15 55.62
C ASP A 80 -40.05 -28.57 56.95
N ASP A 81 -38.74 -28.60 57.21
CA ASP A 81 -38.18 -28.03 58.42
C ASP A 81 -38.29 -26.52 58.44
N MET A 82 -38.07 -25.86 57.30
CA MET A 82 -38.27 -24.42 57.21
C MET A 82 -39.74 -24.06 57.34
N GLU A 83 -40.63 -24.97 56.92
CA GLU A 83 -42.06 -24.76 57.16
C GLU A 83 -42.39 -24.88 58.64
N LYS A 84 -41.67 -25.73 59.38
CA LYS A 84 -41.81 -25.76 60.82
C LYS A 84 -41.31 -24.45 61.44
N ILE A 85 -40.22 -23.90 60.90
CA ILE A 85 -39.67 -22.65 61.42
C ILE A 85 -40.63 -21.50 61.17
N TRP A 86 -41.25 -21.45 59.99
CA TRP A 86 -42.23 -20.41 59.69
C TRP A 86 -43.50 -20.58 60.49
N HIS A 87 -43.93 -21.83 60.70
CA HIS A 87 -45.13 -22.10 61.48
C HIS A 87 -44.97 -21.68 62.92
N HIS A 88 -43.80 -22.00 63.50
CA HIS A 88 -43.47 -21.52 64.83
C HIS A 88 -43.24 -20.02 64.84
N THR A 89 -42.81 -19.44 63.72
CA THR A 89 -42.56 -18.01 63.67
C THR A 89 -43.84 -17.22 63.73
N PHE A 90 -44.77 -17.48 62.82
CA PHE A 90 -46.00 -16.71 62.79
C PHE A 90 -47.00 -17.13 63.86
N TYR A 91 -47.09 -18.43 64.15
CA TYR A 91 -48.18 -18.89 65.01
C TYR A 91 -47.82 -18.96 66.48
N ASN A 92 -46.55 -19.02 66.84
CA ASN A 92 -46.17 -19.18 68.24
C ASN A 92 -45.43 -17.98 68.80
N GLU A 93 -44.32 -17.57 68.18
CA GLU A 93 -43.54 -16.47 68.72
C GLU A 93 -44.18 -15.13 68.43
N LEU A 94 -44.34 -14.79 67.15
CA LEU A 94 -44.96 -13.53 66.77
C LEU A 94 -46.45 -13.53 67.06
N ARG A 95 -47.10 -14.70 66.97
CA ARG A 95 -48.47 -14.95 67.43
C ARG A 95 -49.46 -14.05 66.69
N VAL A 96 -49.57 -14.30 65.38
CA VAL A 96 -50.44 -13.54 64.50
C VAL A 96 -50.77 -14.45 63.30
N ALA A 97 -51.93 -14.20 62.68
CA ALA A 97 -52.35 -15.01 61.55
C ALA A 97 -51.76 -14.46 60.26
N PRO A 98 -51.12 -15.29 59.43
CA PRO A 98 -50.54 -14.79 58.19
C PRO A 98 -51.57 -14.47 57.12
N GLU A 99 -52.81 -14.89 57.30
CA GLU A 99 -53.86 -14.68 56.30
C GLU A 99 -54.22 -13.22 56.13
N GLU A 100 -54.01 -12.40 57.17
CA GLU A 100 -54.47 -11.02 57.16
C GLU A 100 -53.33 -10.01 57.02
N HIS A 101 -52.10 -10.47 56.75
CA HIS A 101 -50.97 -9.56 56.74
C HIS A 101 -50.05 -9.82 55.54
N PRO A 102 -49.61 -8.78 54.84
CA PRO A 102 -48.57 -8.95 53.83
C PRO A 102 -47.25 -9.33 54.49
N THR A 103 -46.41 -10.05 53.74
CA THR A 103 -45.15 -10.53 54.29
C THR A 103 -43.98 -10.06 53.44
N LEU A 104 -42.87 -9.79 54.13
CA LEU A 104 -41.65 -9.28 53.52
C LEU A 104 -40.52 -10.24 53.87
N LEU A 105 -40.25 -11.16 52.98
CA LEU A 105 -39.14 -12.10 53.15
C LEU A 105 -37.83 -11.42 52.79
N THR A 106 -36.73 -12.12 53.09
CA THR A 106 -35.39 -11.69 52.72
C THR A 106 -34.62 -12.87 52.18
N GLU A 107 -33.68 -12.58 51.27
CA GLU A 107 -32.78 -13.61 50.78
C GLU A 107 -31.46 -12.98 50.36
N ALA A 108 -30.57 -13.82 49.85
CA ALA A 108 -29.29 -13.42 49.31
C ALA A 108 -29.39 -13.19 47.81
N PRO A 109 -28.60 -12.27 47.27
CA PRO A 109 -28.37 -12.25 45.83
C PRO A 109 -27.55 -13.44 45.40
N LEU A 110 -27.57 -13.69 44.09
CA LEU A 110 -26.94 -14.86 43.46
C LEU A 110 -27.44 -16.16 44.10
N ASN A 111 -28.72 -16.20 44.38
CA ASN A 111 -29.41 -17.31 45.00
C ASN A 111 -29.82 -18.29 43.92
N PRO A 112 -29.82 -19.60 44.20
CA PRO A 112 -30.56 -20.52 43.34
C PRO A 112 -32.04 -20.17 43.35
N LYS A 113 -32.61 -20.01 42.15
CA LYS A 113 -33.92 -19.42 42.01
C LYS A 113 -35.05 -20.33 42.48
N ALA A 114 -34.79 -21.61 42.74
CA ALA A 114 -35.81 -22.47 43.32
C ALA A 114 -36.05 -22.12 44.79
N ASN A 115 -35.08 -21.50 45.44
CA ASN A 115 -35.26 -21.01 46.80
C ASN A 115 -36.26 -19.86 46.83
N ARG A 116 -36.07 -18.90 45.94
CA ARG A 116 -36.97 -17.76 45.82
C ARG A 116 -38.36 -18.21 45.37
N GLU A 117 -38.41 -19.07 44.35
CA GLU A 117 -39.67 -19.48 43.74
C GLU A 117 -40.47 -20.39 44.67
N LYS A 118 -39.82 -21.41 45.22
CA LYS A 118 -40.50 -22.29 46.16
C LYS A 118 -40.80 -21.60 47.48
N MET A 119 -40.02 -20.57 47.84
CA MET A 119 -40.35 -19.78 49.01
C MET A 119 -41.64 -18.99 48.79
N THR A 120 -41.81 -18.43 47.59
CA THR A 120 -43.06 -17.76 47.27
C THR A 120 -44.22 -18.75 47.19
N GLN A 121 -43.94 -19.96 46.69
CA GLN A 121 -44.97 -20.99 46.60
C GLN A 121 -45.45 -21.44 47.97
N ILE A 122 -44.53 -21.58 48.94
CA ILE A 122 -44.96 -21.93 50.29
C ILE A 122 -45.68 -20.77 50.96
N MET A 123 -45.23 -19.53 50.71
CA MET A 123 -45.90 -18.39 51.33
C MET A 123 -47.32 -18.18 50.80
N PHE A 124 -47.58 -18.48 49.53
CA PHE A 124 -48.96 -18.31 49.07
C PHE A 124 -49.82 -19.55 49.26
N GLU A 125 -49.28 -20.74 49.04
CA GLU A 125 -50.13 -21.92 49.03
C GLU A 125 -50.43 -22.42 50.44
N THR A 126 -49.44 -22.35 51.33
CA THR A 126 -49.62 -22.91 52.67
C THR A 126 -50.17 -21.90 53.67
N PHE A 127 -49.51 -20.76 53.82
CA PHE A 127 -49.90 -19.78 54.81
C PHE A 127 -50.93 -18.79 54.31
N ASN A 128 -51.08 -18.66 52.99
CA ASN A 128 -52.13 -17.88 52.32
C ASN A 128 -52.07 -16.40 52.71
N VAL A 129 -50.89 -15.82 52.54
CA VAL A 129 -50.71 -14.39 52.77
C VAL A 129 -51.37 -13.62 51.63
N PRO A 130 -51.85 -12.41 51.85
CA PRO A 130 -52.42 -11.64 50.72
C PRO A 130 -51.36 -11.04 49.83
N ALA A 131 -50.21 -10.67 50.39
CA ALA A 131 -49.13 -10.06 49.61
C ALA A 131 -47.81 -10.58 50.13
N MET A 132 -46.76 -10.43 49.32
CA MET A 132 -45.49 -11.08 49.59
C MET A 132 -44.42 -10.34 48.80
N TYR A 133 -43.22 -10.27 49.35
CA TYR A 133 -42.11 -9.66 48.62
C TYR A 133 -40.80 -10.32 49.02
N VAL A 134 -39.84 -10.36 48.10
CA VAL A 134 -38.58 -11.05 48.32
C VAL A 134 -37.46 -10.01 48.37
N ALA A 135 -37.16 -9.53 49.57
CA ALA A 135 -36.24 -8.41 49.72
C ALA A 135 -34.80 -8.89 49.71
N ILE A 136 -33.91 -8.07 49.14
CA ILE A 136 -32.48 -8.32 49.23
C ILE A 136 -31.99 -7.86 50.60
N GLN A 137 -31.19 -8.72 51.24
CA GLN A 137 -30.67 -8.47 52.58
C GLN A 137 -29.79 -7.22 52.65
N ALA A 138 -28.86 -7.06 51.70
CA ALA A 138 -27.90 -5.96 51.74
C ALA A 138 -28.54 -4.61 51.44
N VAL A 139 -29.53 -4.58 50.54
CA VAL A 139 -30.22 -3.33 50.22
C VAL A 139 -30.97 -2.81 51.43
N LEU A 140 -31.60 -3.73 52.16
CA LEU A 140 -32.28 -3.38 53.41
C LEU A 140 -31.27 -2.95 54.47
N SER A 141 -30.07 -3.55 54.46
CA SER A 141 -29.01 -3.06 55.32
C SER A 141 -28.56 -1.65 54.95
N LEU A 142 -28.80 -1.23 53.71
CA LEU A 142 -28.55 0.17 53.39
C LEU A 142 -29.75 1.06 53.69
N TYR A 143 -30.97 0.49 53.74
CA TYR A 143 -32.13 1.28 54.15
C TYR A 143 -32.03 1.70 55.62
N ALA A 144 -31.55 0.81 56.49
CA ALA A 144 -31.45 1.18 57.89
C ALA A 144 -30.30 2.13 58.16
N SER A 145 -29.35 2.27 57.23
CA SER A 145 -28.25 3.20 57.41
C SER A 145 -28.66 4.64 57.12
N GLY A 146 -29.86 4.87 56.61
CA GLY A 146 -30.31 6.22 56.33
C GLY A 146 -29.70 6.84 55.09
N ARG A 147 -29.05 6.04 54.25
CA ARG A 147 -28.39 6.54 53.06
C ARG A 147 -29.04 5.95 51.82
N THR A 148 -28.75 6.58 50.68
CA THR A 148 -29.11 6.07 49.37
C THR A 148 -27.90 5.72 48.54
N THR A 149 -26.70 6.00 49.04
CA THR A 149 -25.46 5.71 48.35
C THR A 149 -24.50 5.02 49.30
N GLY A 150 -23.99 3.87 48.89
CA GLY A 150 -22.99 3.15 49.65
C GLY A 150 -22.84 1.73 49.16
N ILE A 151 -21.69 1.14 49.49
CA ILE A 151 -21.44 -0.27 49.25
C ILE A 151 -21.71 -1.01 50.56
N VAL A 152 -22.37 -2.15 50.48
CA VAL A 152 -22.92 -2.81 51.66
C VAL A 152 -22.17 -4.11 51.90
N LEU A 153 -21.57 -4.21 53.08
CA LEU A 153 -21.05 -5.43 53.65
C LEU A 153 -21.95 -5.82 54.82
N ASP A 154 -22.49 -7.03 54.80
CA ASP A 154 -23.26 -7.47 55.96
C ASP A 154 -22.69 -8.69 56.65
N SER A 155 -22.33 -9.74 55.89
CA SER A 155 -21.66 -10.95 56.38
C SER A 155 -22.49 -11.66 57.47
N GLY A 156 -23.60 -12.23 57.03
CA GLY A 156 -24.44 -12.99 57.94
C GLY A 156 -23.87 -14.33 58.38
N ASP A 157 -24.73 -15.30 58.69
CA ASP A 157 -24.23 -16.59 59.16
C ASP A 157 -23.74 -17.46 58.02
N GLY A 158 -24.27 -17.29 56.81
CA GLY A 158 -23.88 -18.15 55.72
C GLY A 158 -23.47 -17.47 54.43
N VAL A 159 -23.47 -16.14 54.40
CA VAL A 159 -23.26 -15.42 53.15
C VAL A 159 -22.73 -14.02 53.47
N THR A 160 -21.99 -13.45 52.52
CA THR A 160 -21.65 -12.03 52.51
C THR A 160 -21.77 -11.50 51.09
N HIS A 161 -22.09 -10.21 50.95
CA HIS A 161 -22.54 -9.68 49.67
C HIS A 161 -21.63 -8.63 49.06
N ASN A 162 -21.36 -7.53 49.77
CA ASN A 162 -20.73 -6.32 49.22
C ASN A 162 -21.46 -5.83 47.97
N VAL A 163 -22.69 -5.38 48.18
CA VAL A 163 -23.54 -4.87 47.10
C VAL A 163 -23.33 -3.37 46.99
N PRO A 164 -22.76 -2.86 45.90
CA PRO A 164 -22.63 -1.41 45.75
C PRO A 164 -23.87 -0.77 45.16
N ILE A 165 -24.29 0.35 45.76
CA ILE A 165 -25.48 1.07 45.35
C ILE A 165 -25.12 2.54 45.27
N TYR A 166 -25.42 3.19 44.14
CA TYR A 166 -25.13 4.60 43.96
C TYR A 166 -26.42 5.35 43.63
N GLU A 167 -26.84 6.22 44.55
CA GLU A 167 -27.92 7.20 44.35
C GLU A 167 -29.24 6.53 43.95
N GLY A 168 -29.61 5.49 44.68
CA GLY A 168 -30.82 4.76 44.38
C GLY A 168 -30.66 3.67 43.35
N TYR A 169 -29.55 3.61 42.64
CA TYR A 169 -29.30 2.60 41.63
C TYR A 169 -28.26 1.62 42.16
N ALA A 170 -28.58 0.34 42.12
CA ALA A 170 -27.58 -0.66 42.43
C ALA A 170 -26.75 -0.97 41.20
N LEU A 171 -25.61 -1.63 41.42
CA LEU A 171 -24.71 -2.04 40.35
C LEU A 171 -24.72 -3.56 40.32
N PRO A 172 -25.60 -4.18 39.52
CA PRO A 172 -25.73 -5.64 39.56
C PRO A 172 -24.56 -6.38 38.94
N HIS A 173 -23.75 -5.73 38.12
CA HIS A 173 -22.57 -6.39 37.57
C HIS A 173 -21.41 -6.41 38.56
N ALA A 174 -21.35 -5.43 39.45
CA ALA A 174 -20.29 -5.34 40.45
C ALA A 174 -20.65 -6.06 41.74
N ILE A 175 -21.67 -6.92 41.72
CA ILE A 175 -22.11 -7.59 42.93
C ILE A 175 -21.16 -8.76 43.22
N MET A 176 -21.15 -9.20 44.47
CA MET A 176 -20.25 -10.25 44.90
C MET A 176 -21.05 -11.20 45.80
N ARG A 177 -20.53 -12.41 45.97
CA ARG A 177 -21.09 -13.34 46.95
C ARG A 177 -19.99 -14.30 47.36
N LEU A 178 -19.53 -14.18 48.61
CA LEU A 178 -18.56 -15.09 49.18
C LEU A 178 -19.25 -15.95 50.23
N ASP A 179 -18.98 -17.26 50.20
CA ASP A 179 -19.63 -18.21 51.08
C ASP A 179 -18.89 -18.40 52.40
N LEU A 180 -17.99 -17.50 52.73
CA LEU A 180 -17.27 -17.53 54.00
C LEU A 180 -17.99 -16.62 54.98
N ALA A 181 -18.52 -17.20 56.04
CA ALA A 181 -19.31 -16.41 56.98
C ALA A 181 -19.16 -17.03 58.37
N GLY A 182 -20.06 -16.64 59.28
CA GLY A 182 -19.90 -16.95 60.69
C GLY A 182 -20.00 -18.41 61.06
N ARG A 183 -20.71 -19.21 60.26
CA ARG A 183 -20.80 -20.64 60.55
C ARG A 183 -19.50 -21.35 60.23
N ASP A 184 -18.84 -20.92 59.15
CA ASP A 184 -17.52 -21.46 58.83
C ASP A 184 -16.48 -21.00 59.85
N LEU A 185 -16.65 -19.80 60.41
CA LEU A 185 -15.78 -19.37 61.48
C LEU A 185 -16.06 -20.14 62.76
N THR A 186 -17.30 -20.59 62.94
CA THR A 186 -17.63 -21.44 64.09
C THR A 186 -16.99 -22.81 63.96
N ASP A 187 -16.99 -23.37 62.74
CA ASP A 187 -16.36 -24.66 62.52
C ASP A 187 -14.84 -24.57 62.64
N TYR A 188 -14.25 -23.48 62.14
CA TYR A 188 -12.82 -23.29 62.28
C TYR A 188 -12.43 -23.05 63.73
N LEU A 189 -13.27 -22.35 64.48
CA LEU A 189 -13.02 -22.13 65.90
C LEU A 189 -13.12 -23.44 66.66
N MET A 190 -14.06 -24.30 66.28
CA MET A 190 -14.16 -25.63 66.86
C MET A 190 -12.92 -26.46 66.56
N LYS A 191 -12.37 -26.30 65.35
CA LYS A 191 -11.16 -27.02 64.97
C LYS A 191 -9.95 -26.56 65.77
N ILE A 192 -9.79 -25.25 65.96
CA ILE A 192 -8.61 -24.79 66.69
C ILE A 192 -8.78 -24.91 68.21
N LEU A 193 -10.01 -24.97 68.71
CA LEU A 193 -10.18 -25.33 70.11
C LEU A 193 -9.93 -26.81 70.32
N THR A 194 -10.17 -27.63 69.30
CA THR A 194 -9.68 -29.01 69.35
C THR A 194 -8.16 -29.04 69.32
N GLU A 195 -7.54 -28.08 68.63
CA GLU A 195 -6.09 -27.98 68.62
C GLU A 195 -5.54 -27.60 69.99
N ARG A 196 -6.24 -26.72 70.72
CA ARG A 196 -5.79 -26.37 72.07
C ARG A 196 -5.99 -27.52 73.05
N GLY A 197 -7.12 -28.21 72.96
CA GLY A 197 -7.35 -29.31 73.87
C GLY A 197 -8.78 -29.53 74.29
N TYR A 198 -9.68 -28.62 73.91
CA TYR A 198 -11.10 -28.74 74.22
C TYR A 198 -11.80 -29.35 73.02
N SER A 199 -12.25 -30.59 73.15
CA SER A 199 -12.86 -31.32 72.04
C SER A 199 -14.35 -31.05 72.01
N PHE A 200 -14.82 -30.40 70.96
CA PHE A 200 -16.23 -30.17 70.73
C PHE A 200 -16.62 -30.86 69.43
N VAL A 201 -17.56 -31.80 69.51
CA VAL A 201 -17.98 -32.54 68.31
C VAL A 201 -19.49 -32.58 68.14
N THR A 202 -20.27 -32.36 69.19
CA THR A 202 -21.71 -32.43 69.10
C THR A 202 -22.24 -31.11 68.54
N THR A 203 -23.41 -31.17 67.91
CA THR A 203 -24.05 -29.96 67.39
C THR A 203 -24.43 -29.01 68.53
N ALA A 204 -24.79 -29.57 69.69
CA ALA A 204 -24.97 -28.74 70.88
C ALA A 204 -23.66 -28.14 71.35
N GLU A 205 -22.58 -28.91 71.28
CA GLU A 205 -21.25 -28.39 71.57
C GLU A 205 -20.82 -27.36 70.53
N ARG A 206 -21.25 -27.55 69.28
CA ARG A 206 -21.03 -26.54 68.24
C ARG A 206 -21.78 -25.26 68.55
N GLU A 207 -22.96 -25.37 69.15
CA GLU A 207 -23.68 -24.19 69.62
C GLU A 207 -22.94 -23.49 70.76
N ILE A 208 -22.28 -24.27 71.63
CA ILE A 208 -21.47 -23.69 72.69
C ILE A 208 -20.27 -22.97 72.10
N VAL A 209 -19.66 -23.53 71.05
CA VAL A 209 -18.56 -22.87 70.35
C VAL A 209 -19.03 -21.57 69.71
N ARG A 210 -20.27 -21.56 69.20
CA ARG A 210 -20.85 -20.32 68.68
C ARG A 210 -21.03 -19.29 69.79
N ASP A 211 -21.36 -19.76 71.00
CA ASP A 211 -21.48 -18.85 72.13
C ASP A 211 -20.12 -18.25 72.52
N ILE A 212 -19.07 -19.06 72.50
CA ILE A 212 -17.73 -18.58 72.82
C ILE A 212 -17.25 -17.60 71.75
N LYS A 213 -17.65 -17.84 70.50
CA LYS A 213 -17.32 -16.92 69.42
C LYS A 213 -18.02 -15.58 69.60
N GLU A 214 -19.29 -15.60 70.01
CA GLU A 214 -20.02 -14.35 70.20
C GLU A 214 -19.49 -13.57 71.39
N LYS A 215 -19.13 -14.26 72.47
CA LYS A 215 -18.76 -13.53 73.68
C LYS A 215 -17.31 -13.07 73.68
N LEU A 216 -16.39 -13.87 73.15
CA LEU A 216 -15.00 -13.73 73.56
C LEU A 216 -14.07 -13.76 72.35
N CYS A 217 -14.33 -12.94 71.35
CA CYS A 217 -13.44 -12.82 70.21
C CYS A 217 -13.25 -11.35 69.84
N TYR A 218 -12.05 -11.02 69.35
CA TYR A 218 -11.80 -9.73 68.73
C TYR A 218 -10.92 -9.95 67.51
N VAL A 219 -10.62 -8.84 66.81
CA VAL A 219 -10.32 -8.89 65.39
C VAL A 219 -8.83 -8.84 65.06
N ALA A 220 -7.97 -8.45 66.02
CA ALA A 220 -6.51 -8.37 65.86
C ALA A 220 -6.08 -7.45 64.73
N LEU A 221 -6.22 -6.13 64.95
CA LEU A 221 -5.85 -5.04 64.04
C LEU A 221 -4.57 -5.26 63.23
N ASP A 222 -3.50 -5.73 63.87
CA ASP A 222 -2.34 -6.23 63.15
C ASP A 222 -2.09 -7.66 63.60
N PHE A 223 -2.33 -8.62 62.70
CA PHE A 223 -2.35 -10.03 63.09
C PHE A 223 -0.96 -10.56 63.40
N GLU A 224 0.08 -9.98 62.81
CA GLU A 224 1.42 -10.50 63.05
C GLU A 224 1.92 -10.13 64.44
N ASN A 225 1.80 -8.86 64.83
CA ASN A 225 2.24 -8.46 66.16
C ASN A 225 1.28 -8.93 67.23
N GLU A 226 0.02 -9.15 66.89
CA GLU A 226 -0.90 -9.75 67.86
C GLU A 226 -0.58 -11.22 68.05
N MET A 227 -0.13 -11.88 66.99
CA MET A 227 0.27 -13.28 67.08
C MET A 227 1.55 -13.43 67.89
N ALA A 228 2.50 -12.52 67.70
CA ALA A 228 3.70 -12.52 68.53
C ALA A 228 3.40 -12.11 69.95
N THR A 229 2.35 -11.29 70.16
CA THR A 229 1.95 -10.91 71.50
C THR A 229 1.31 -12.09 72.24
N ALA A 230 0.45 -12.85 71.55
CA ALA A 230 -0.14 -14.04 72.13
C ALA A 230 0.90 -15.13 72.37
N ALA A 231 1.92 -15.19 71.51
CA ALA A 231 3.03 -16.10 71.77
C ALA A 231 3.95 -15.59 72.87
N SER A 232 3.88 -14.28 73.17
CA SER A 232 4.79 -13.70 74.15
C SER A 232 4.33 -14.00 75.58
N SER A 233 3.16 -13.49 75.95
CA SER A 233 2.71 -13.50 77.34
C SER A 233 1.30 -14.08 77.42
N SER A 234 0.80 -14.15 78.65
CA SER A 234 -0.55 -14.64 78.93
C SER A 234 -1.51 -13.51 79.30
N SER A 235 -1.32 -12.33 78.73
CA SER A 235 -2.26 -11.23 78.92
C SER A 235 -3.50 -11.36 78.05
N LEU A 236 -3.50 -12.31 77.11
CA LEU A 236 -4.61 -12.56 76.22
C LEU A 236 -5.39 -13.81 76.60
N GLU A 237 -4.85 -14.63 77.49
CA GLU A 237 -5.55 -15.82 77.95
C GLU A 237 -6.77 -15.42 78.75
N LYS A 238 -7.93 -15.93 78.34
CA LYS A 238 -9.16 -15.55 79.02
C LYS A 238 -9.97 -16.81 79.30
N SER A 239 -10.49 -16.90 80.52
CA SER A 239 -11.28 -18.04 80.93
C SER A 239 -12.76 -17.78 80.67
N TYR A 240 -13.42 -18.80 80.12
CA TYR A 240 -14.85 -18.77 79.90
C TYR A 240 -15.47 -20.01 80.53
N GLU A 241 -16.44 -19.81 81.40
CA GLU A 241 -17.11 -20.94 82.04
C GLU A 241 -18.07 -21.58 81.06
N LEU A 242 -17.82 -22.83 80.71
CA LEU A 242 -18.76 -23.61 79.93
C LEU A 242 -20.01 -23.87 80.75
N PRO A 243 -21.13 -24.17 80.09
CA PRO A 243 -22.28 -24.67 80.84
C PRO A 243 -21.96 -26.02 81.47
N ASP A 244 -22.30 -26.13 82.76
CA ASP A 244 -22.11 -27.30 83.61
C ASP A 244 -20.63 -27.67 83.73
N GLY A 245 -19.90 -26.80 84.41
CA GLY A 245 -18.61 -27.19 84.97
C GLY A 245 -17.35 -26.55 84.44
N GLN A 246 -16.58 -27.34 83.68
CA GLN A 246 -15.19 -27.05 83.37
C GLN A 246 -15.02 -25.76 82.59
N VAL A 247 -14.19 -24.87 83.10
CA VAL A 247 -13.90 -23.61 82.44
C VAL A 247 -12.85 -23.84 81.38
N ILE A 248 -12.80 -22.94 80.40
CA ILE A 248 -11.79 -22.97 79.35
C ILE A 248 -10.95 -21.71 79.47
N THR A 249 -9.84 -21.69 78.75
CA THR A 249 -8.96 -20.53 78.73
C THR A 249 -8.35 -20.46 77.33
N ILE A 250 -8.76 -19.47 76.55
CA ILE A 250 -8.34 -19.34 75.16
C ILE A 250 -7.27 -18.26 75.06
N GLY A 251 -6.32 -18.48 74.14
CA GLY A 251 -5.23 -17.57 73.89
C GLY A 251 -5.28 -16.98 72.50
N ASN A 252 -4.47 -17.52 71.60
CA ASN A 252 -4.44 -17.05 70.21
C ASN A 252 -5.68 -17.44 69.42
N GLU A 253 -6.52 -18.33 69.95
CA GLU A 253 -7.78 -18.66 69.32
C GLU A 253 -8.81 -17.54 69.48
N ARG A 254 -8.53 -16.57 70.35
CA ARG A 254 -9.44 -15.45 70.56
C ARG A 254 -9.47 -14.54 69.35
N PHE A 255 -8.39 -14.48 68.57
CA PHE A 255 -8.35 -13.60 67.42
C PHE A 255 -8.07 -14.31 66.10
N ARG A 256 -7.71 -15.60 66.12
CA ARG A 256 -7.57 -16.32 64.87
C ARG A 256 -8.90 -16.74 64.26
N CYS A 257 -10.00 -16.56 64.98
CA CYS A 257 -11.30 -16.85 64.37
C CYS A 257 -11.72 -15.80 63.34
N PRO A 258 -11.74 -14.49 63.62
CA PRO A 258 -12.14 -13.56 62.54
C PRO A 258 -11.03 -13.22 61.57
N GLU A 259 -9.79 -13.61 61.84
CA GLU A 259 -8.74 -13.44 60.85
C GLU A 259 -8.96 -14.38 59.68
N THR A 260 -9.59 -15.54 59.93
CA THR A 260 -10.05 -16.41 58.86
C THR A 260 -11.03 -15.71 57.96
N LEU A 261 -11.89 -14.86 58.53
CA LEU A 261 -12.80 -14.04 57.72
C LEU A 261 -12.02 -13.04 56.88
N PHE A 262 -10.94 -12.49 57.42
CA PHE A 262 -10.07 -11.62 56.63
C PHE A 262 -9.01 -12.36 55.83
N GLN A 263 -8.91 -13.67 55.97
CA GLN A 263 -7.89 -14.43 55.28
C GLN A 263 -8.37 -15.87 55.11
N PRO A 264 -9.05 -16.19 54.01
CA PRO A 264 -9.69 -17.51 53.88
C PRO A 264 -8.74 -18.65 53.60
N SER A 265 -7.44 -18.39 53.53
CA SER A 265 -6.46 -19.47 53.37
C SER A 265 -6.31 -20.31 54.63
N PHE A 266 -6.74 -19.78 55.79
CA PHE A 266 -6.70 -20.57 57.01
C PHE A 266 -7.72 -21.70 56.97
N ILE A 267 -8.86 -21.47 56.32
CA ILE A 267 -9.89 -22.49 56.22
C ILE A 267 -9.78 -23.14 54.84
N GLY A 268 -8.75 -22.75 54.08
CA GLY A 268 -8.45 -23.41 52.82
C GLY A 268 -9.45 -23.15 51.71
N MET A 269 -10.31 -22.15 51.87
CA MET A 269 -11.30 -21.80 50.87
C MET A 269 -10.68 -20.75 49.97
N GLU A 270 -10.63 -21.04 48.67
CA GLU A 270 -9.95 -20.18 47.71
C GLU A 270 -10.74 -18.89 47.53
N SER A 271 -10.23 -17.80 48.09
CA SER A 271 -10.89 -16.52 48.01
C SER A 271 -9.85 -15.42 48.18
N ALA A 272 -10.34 -14.19 48.24
CA ALA A 272 -9.49 -13.01 48.39
C ALA A 272 -9.64 -12.33 49.74
N GLY A 273 -10.60 -12.76 50.55
CA GLY A 273 -10.89 -12.11 51.80
C GLY A 273 -11.98 -11.05 51.66
N ILE A 274 -12.45 -10.58 52.81
CA ILE A 274 -13.50 -9.56 52.84
C ILE A 274 -12.98 -8.25 52.28
N HIS A 275 -11.80 -7.82 52.73
CA HIS A 275 -11.24 -6.53 52.36
C HIS A 275 -10.86 -6.43 50.89
N GLU A 276 -10.61 -7.55 50.23
CA GLU A 276 -10.38 -7.51 48.79
C GLU A 276 -11.62 -7.77 47.96
N THR A 277 -12.65 -8.39 48.52
CA THR A 277 -13.92 -8.42 47.79
C THR A 277 -14.60 -7.06 47.82
N THR A 278 -14.40 -6.28 48.88
CA THR A 278 -14.87 -4.91 48.87
C THR A 278 -14.14 -4.09 47.82
N TYR A 279 -12.82 -4.19 47.78
CA TYR A 279 -12.04 -3.39 46.85
C TYR A 279 -12.26 -3.85 45.41
N ASN A 280 -12.48 -5.15 45.20
CA ASN A 280 -12.82 -5.61 43.86
C ASN A 280 -14.23 -5.20 43.46
N SER A 281 -15.17 -5.15 44.42
CA SER A 281 -16.50 -4.66 44.09
C SER A 281 -16.51 -3.17 43.82
N ILE A 282 -15.56 -2.42 44.40
CA ILE A 282 -15.45 -1.01 44.08
C ILE A 282 -14.78 -0.81 42.73
N MET A 283 -13.74 -1.60 42.44
CA MET A 283 -13.04 -1.47 41.17
C MET A 283 -13.87 -1.98 39.99
N LYS A 284 -14.84 -2.86 40.23
CA LYS A 284 -15.76 -3.20 39.15
C LYS A 284 -16.76 -2.09 38.85
N CYS A 285 -16.98 -1.17 39.79
CA CYS A 285 -17.83 -0.02 39.52
C CYS A 285 -17.08 0.98 38.65
N ASP A 286 -17.80 2.01 38.21
CA ASP A 286 -17.21 3.00 37.31
C ASP A 286 -16.33 3.98 38.09
N ILE A 287 -15.82 4.97 37.36
CA ILE A 287 -14.77 5.81 37.92
C ILE A 287 -15.36 6.86 38.86
N ASP A 288 -16.52 7.41 38.52
CA ASP A 288 -17.08 8.57 39.21
C ASP A 288 -18.05 8.19 40.32
N ILE A 289 -17.84 7.05 40.97
CA ILE A 289 -18.75 6.54 41.99
C ILE A 289 -17.94 6.35 43.27
N ARG A 290 -16.63 6.17 43.11
CA ARG A 290 -15.84 5.44 44.09
C ARG A 290 -15.62 6.21 45.38
N LYS A 291 -15.48 7.54 45.33
CA LYS A 291 -15.36 8.28 46.58
C LYS A 291 -16.67 8.32 47.36
N ASP A 292 -17.79 8.17 46.69
CA ASP A 292 -19.06 7.99 47.39
C ASP A 292 -19.19 6.58 47.93
N LEU A 293 -18.46 5.62 47.37
CA LEU A 293 -18.38 4.31 47.98
C LEU A 293 -17.34 4.25 49.08
N TYR A 294 -16.37 5.17 49.07
CA TYR A 294 -15.36 5.20 50.11
C TYR A 294 -15.85 5.91 51.35
N ALA A 295 -16.66 6.96 51.18
CA ALA A 295 -17.19 7.71 52.30
C ALA A 295 -18.42 7.07 52.92
N ASN A 296 -18.97 6.03 52.30
CA ASN A 296 -20.20 5.42 52.77
C ASN A 296 -20.12 3.91 52.72
N ASN A 297 -19.00 3.35 53.13
CA ASN A 297 -18.86 1.89 53.18
C ASN A 297 -19.57 1.40 54.42
N VAL A 298 -20.60 0.59 54.22
CA VAL A 298 -21.47 0.13 55.30
C VAL A 298 -21.05 -1.27 55.70
N MET A 299 -21.03 -1.54 57.01
CA MET A 299 -20.56 -2.80 57.56
C MET A 299 -21.57 -3.28 58.61
N SER A 300 -22.83 -3.37 58.21
CA SER A 300 -23.91 -3.40 59.19
C SER A 300 -24.80 -4.63 59.10
N GLY A 301 -24.21 -5.82 59.06
CA GLY A 301 -24.98 -7.03 59.25
C GLY A 301 -24.51 -7.80 60.47
N GLY A 302 -24.64 -9.12 60.43
CA GLY A 302 -24.11 -9.97 61.48
C GLY A 302 -22.61 -10.14 61.36
N THR A 303 -22.05 -10.91 62.30
CA THR A 303 -20.63 -11.31 62.38
C THR A 303 -19.66 -10.15 62.26
N THR A 304 -20.08 -8.93 62.61
CA THR A 304 -19.22 -7.77 62.60
C THR A 304 -19.16 -7.13 63.97
N MET A 305 -19.71 -7.78 64.99
CA MET A 305 -19.69 -7.27 66.35
C MET A 305 -18.38 -7.57 67.07
N TYR A 306 -17.40 -8.08 66.34
CA TYR A 306 -16.06 -8.20 66.90
C TYR A 306 -15.48 -6.81 67.11
N PRO A 307 -14.85 -6.55 68.25
CA PRO A 307 -14.36 -5.19 68.54
C PRO A 307 -13.20 -4.80 67.64
N GLY A 308 -13.29 -3.62 67.05
CA GLY A 308 -12.22 -3.06 66.25
C GLY A 308 -12.17 -3.53 64.82
N ILE A 309 -13.20 -4.22 64.33
CA ILE A 309 -13.21 -4.70 62.95
C ILE A 309 -13.31 -3.55 61.97
N ALA A 310 -13.85 -2.41 62.38
CA ALA A 310 -13.83 -1.22 61.54
C ALA A 310 -12.43 -0.65 61.42
N ASP A 311 -11.60 -0.85 62.45
CA ASP A 311 -10.23 -0.35 62.40
C ASP A 311 -9.37 -1.22 61.49
N ARG A 312 -9.58 -2.54 61.53
CA ARG A 312 -8.91 -3.43 60.60
C ARG A 312 -9.42 -3.21 59.18
N MET A 313 -10.71 -2.91 59.06
CA MET A 313 -11.32 -2.74 57.75
C MET A 313 -10.84 -1.47 57.08
N GLN A 314 -10.93 -0.34 57.78
CA GLN A 314 -10.42 0.94 57.28
C GLN A 314 -8.91 0.90 57.12
N LYS A 315 -8.22 0.23 58.04
CA LYS A 315 -6.76 0.16 58.01
C LYS A 315 -6.28 -0.68 56.83
N GLU A 316 -7.09 -1.62 56.38
CA GLU A 316 -6.71 -2.43 55.22
C GLU A 316 -7.15 -1.81 53.89
N ILE A 317 -8.36 -1.26 53.82
CA ILE A 317 -8.83 -0.62 52.60
C ILE A 317 -8.01 0.64 52.30
N THR A 318 -7.53 1.33 53.34
CA THR A 318 -6.62 2.46 53.15
C THR A 318 -5.32 2.00 52.48
N ALA A 319 -4.84 0.80 52.84
CA ALA A 319 -3.69 0.23 52.16
C ALA A 319 -4.00 -0.22 50.74
N LEU A 320 -5.26 -0.54 50.44
CA LEU A 320 -5.62 -0.97 49.09
C LEU A 320 -6.03 0.18 48.19
N ALA A 321 -6.93 1.05 48.66
CA ALA A 321 -7.40 2.17 47.86
C ALA A 321 -6.29 3.21 47.71
N PRO A 322 -6.32 4.00 46.63
CA PRO A 322 -5.34 5.08 46.49
C PRO A 322 -5.53 6.17 47.54
N SER A 323 -4.50 7.00 47.68
CA SER A 323 -4.46 8.00 48.73
C SER A 323 -5.43 9.16 48.42
N THR A 324 -5.49 10.09 49.38
CA THR A 324 -6.41 11.24 49.41
C THR A 324 -7.88 10.83 49.34
N MET A 325 -8.19 9.59 49.72
CA MET A 325 -9.55 9.11 49.82
C MET A 325 -9.93 8.98 51.28
N LYS A 326 -11.19 9.27 51.59
CA LYS A 326 -11.68 9.21 52.95
C LYS A 326 -12.46 7.91 53.12
N ILE A 327 -11.79 6.90 53.66
CA ILE A 327 -12.41 5.60 53.89
C ILE A 327 -13.19 5.68 55.18
N LYS A 328 -14.51 5.79 55.07
CA LYS A 328 -15.39 5.86 56.23
C LYS A 328 -16.13 4.54 56.33
N ILE A 329 -15.66 3.66 57.21
CA ILE A 329 -16.34 2.39 57.47
C ILE A 329 -17.48 2.70 58.44
N ILE A 330 -18.70 2.82 57.91
CA ILE A 330 -19.84 3.14 58.74
C ILE A 330 -20.28 1.87 59.46
N ALA A 331 -20.09 1.84 60.78
CA ALA A 331 -20.49 0.71 61.62
C ALA A 331 -21.44 1.21 62.70
N PRO A 332 -22.73 1.32 62.38
CA PRO A 332 -23.70 1.73 63.39
C PRO A 332 -23.92 0.59 64.38
N PRO A 333 -23.83 0.84 65.69
CA PRO A 333 -23.90 -0.27 66.66
C PRO A 333 -25.27 -0.95 66.75
N GLU A 334 -26.26 -0.51 65.98
CA GLU A 334 -27.52 -1.22 65.85
C GLU A 334 -27.47 -2.35 64.82
N ARG A 335 -26.28 -2.77 64.38
CA ARG A 335 -26.19 -3.87 63.43
C ARG A 335 -26.47 -5.18 64.14
N LYS A 336 -26.54 -6.26 63.32
CA LYS A 336 -27.12 -7.59 63.48
C LYS A 336 -28.65 -7.51 63.39
N TYR A 337 -29.23 -6.32 63.43
CA TYR A 337 -30.67 -6.13 63.34
C TYR A 337 -31.05 -5.23 62.18
N SER A 338 -30.09 -4.58 61.52
CA SER A 338 -30.35 -3.54 60.55
C SER A 338 -30.99 -4.07 59.28
N VAL A 339 -30.86 -5.35 58.99
CA VAL A 339 -31.58 -5.89 57.84
C VAL A 339 -33.07 -6.00 58.16
N TRP A 340 -33.40 -6.32 59.42
CA TRP A 340 -34.79 -6.25 59.84
C TRP A 340 -35.28 -4.82 59.89
N ILE A 341 -34.41 -3.90 60.33
CA ILE A 341 -34.81 -2.50 60.46
C ILE A 341 -35.08 -1.89 59.09
N GLY A 342 -34.23 -2.22 58.11
CA GLY A 342 -34.53 -1.83 56.73
C GLY A 342 -35.76 -2.51 56.18
N GLY A 343 -36.06 -3.73 56.67
CA GLY A 343 -37.34 -4.34 56.36
C GLY A 343 -38.51 -3.54 56.92
N SER A 344 -38.35 -3.00 58.12
CA SER A 344 -39.40 -2.21 58.74
C SER A 344 -39.60 -0.89 58.02
N ILE A 345 -38.51 -0.25 57.60
CA ILE A 345 -38.60 0.99 56.85
C ILE A 345 -39.24 0.75 55.49
N LEU A 346 -38.68 -0.18 54.71
CA LEU A 346 -39.16 -0.42 53.35
C LEU A 346 -40.58 -0.95 53.32
N ALA A 347 -40.96 -1.74 54.33
CA ALA A 347 -42.34 -2.17 54.42
C ALA A 347 -43.28 -1.05 54.84
N SER A 348 -42.75 0.03 55.42
CA SER A 348 -43.60 1.14 55.85
C SER A 348 -43.59 2.33 54.89
N LEU A 349 -42.93 2.23 53.73
CA LEU A 349 -43.01 3.31 52.76
C LEU A 349 -44.36 3.36 52.07
N SER A 350 -44.67 4.56 51.57
CA SER A 350 -45.88 4.80 50.80
C SER A 350 -45.79 4.32 49.36
N THR A 351 -44.60 4.39 48.76
CA THR A 351 -44.42 3.99 47.37
C THR A 351 -44.45 2.47 47.20
N PHE A 352 -44.15 1.73 48.26
CA PHE A 352 -43.96 0.29 48.15
C PHE A 352 -45.26 -0.47 47.93
N GLN A 353 -46.42 0.14 48.18
CA GLN A 353 -47.67 -0.60 48.20
C GLN A 353 -48.18 -1.01 46.82
N GLN A 354 -47.51 -0.67 45.72
CA GLN A 354 -47.83 -1.27 44.43
C GLN A 354 -46.71 -2.17 43.93
N MET A 355 -45.74 -2.50 44.78
CA MET A 355 -44.71 -3.47 44.44
C MET A 355 -44.93 -4.81 45.12
N TRP A 356 -46.05 -4.99 45.81
CA TRP A 356 -46.34 -6.28 46.44
C TRP A 356 -46.72 -7.31 45.40
N ILE A 357 -46.02 -8.43 45.40
CA ILE A 357 -46.46 -9.62 44.67
C ILE A 357 -47.66 -10.15 45.43
N THR A 358 -48.84 -10.00 44.85
CA THR A 358 -50.07 -10.32 45.57
C THR A 358 -50.76 -11.54 44.97
N LYS A 359 -51.67 -12.11 45.75
CA LYS A 359 -52.54 -13.16 45.27
C LYS A 359 -53.53 -12.56 44.27
N GLN A 360 -53.95 -13.39 43.31
CA GLN A 360 -54.70 -13.16 42.07
C GLN A 360 -53.78 -12.55 41.01
N GLU A 361 -52.57 -12.12 41.39
CA GLU A 361 -51.49 -11.85 40.46
C GLU A 361 -50.45 -12.96 40.50
N TYR A 362 -50.28 -13.60 41.66
CA TYR A 362 -49.55 -14.85 41.73
C TYR A 362 -50.22 -15.95 40.93
N ASP A 363 -51.54 -16.06 41.05
CA ASP A 363 -52.27 -17.11 40.34
C ASP A 363 -52.39 -16.84 38.85
N GLU A 364 -52.17 -15.58 38.44
CA GLU A 364 -52.27 -15.22 37.03
C GLU A 364 -51.14 -15.81 36.21
N ALA A 365 -49.90 -15.72 36.70
CA ALA A 365 -48.73 -16.16 35.95
C ALA A 365 -47.93 -17.23 36.67
N GLY A 366 -48.47 -17.80 37.74
CA GLY A 366 -47.78 -18.87 38.44
C GLY A 366 -46.63 -18.37 39.30
N PRO A 367 -45.77 -19.30 39.74
CA PRO A 367 -44.69 -18.92 40.65
C PRO A 367 -43.51 -18.21 40.00
N SER A 368 -43.51 -18.04 38.68
CA SER A 368 -42.41 -17.35 38.02
C SER A 368 -42.55 -15.83 38.08
N ILE A 369 -43.65 -15.32 38.64
CA ILE A 369 -43.95 -13.89 38.63
C ILE A 369 -42.94 -13.11 39.46
N VAL A 370 -42.27 -13.78 40.40
CA VAL A 370 -41.26 -13.15 41.23
C VAL A 370 -40.06 -12.72 40.40
N HIS A 371 -39.79 -13.42 39.31
CA HIS A 371 -38.67 -13.05 38.46
C HIS A 371 -39.03 -11.94 37.47
N ARG A 372 -40.22 -11.36 37.56
CA ARG A 372 -40.55 -10.22 36.72
C ARG A 372 -41.11 -9.02 37.49
N LYS A 373 -41.62 -9.23 38.70
CA LYS A 373 -42.07 -8.12 39.54
C LYS A 373 -41.04 -7.68 40.55
N CYS A 374 -40.35 -8.63 41.17
CA CYS A 374 -39.53 -8.31 42.34
C CYS A 374 -38.18 -7.73 41.93
N PHE A 375 -37.38 -8.49 41.20
CA PHE A 375 -36.14 -7.97 40.64
C PHE A 375 -35.94 -8.49 39.23
N ASP B 1 21.30 -28.80 17.77
CA ASP B 1 19.95 -29.20 18.14
C ASP B 1 19.00 -29.11 16.93
N GLU B 2 18.96 -27.94 16.31
CA GLU B 2 18.14 -27.72 15.12
C GLU B 2 19.05 -27.29 13.98
N ASP B 3 18.91 -27.92 12.82
CA ASP B 3 19.72 -27.63 11.64
C ASP B 3 19.05 -26.62 10.71
N GLU B 4 18.15 -25.79 11.22
CA GLU B 4 17.38 -24.86 10.40
C GLU B 4 17.41 -23.47 11.01
N THR B 5 17.05 -22.48 10.19
CA THR B 5 16.82 -21.11 10.63
C THR B 5 15.33 -20.76 10.52
N THR B 6 14.47 -21.71 10.85
CA THR B 6 13.04 -21.51 10.73
C THR B 6 12.54 -20.55 11.80
N ALA B 7 11.76 -19.56 11.40
CA ALA B 7 11.24 -18.57 12.33
C ALA B 7 10.19 -19.17 13.25
N LEU B 8 10.22 -18.77 14.50
CA LEU B 8 9.25 -19.23 15.48
C LEU B 8 8.06 -18.28 15.49
N VAL B 9 6.87 -18.86 15.39
CA VAL B 9 5.63 -18.11 15.49
C VAL B 9 5.04 -18.47 16.85
N CYS B 10 5.27 -17.60 17.84
CA CYS B 10 4.70 -17.75 19.16
C CYS B 10 3.53 -16.80 19.30
N ASP B 11 2.39 -17.32 19.75
CA ASP B 11 1.14 -16.56 19.72
C ASP B 11 0.39 -16.82 21.02
N ASN B 12 0.49 -15.87 21.95
CA ASN B 12 -0.44 -15.75 23.06
C ASN B 12 -1.25 -14.48 22.80
N GLY B 13 -2.49 -14.64 22.36
CA GLY B 13 -3.34 -13.48 22.25
C GLY B 13 -3.72 -12.95 23.60
N SER B 14 -4.60 -13.66 24.32
CA SER B 14 -4.80 -13.37 25.73
C SER B 14 -5.05 -14.62 26.58
N GLY B 15 -5.38 -15.76 25.97
CA GLY B 15 -5.87 -16.85 26.77
C GLY B 15 -5.47 -18.27 26.40
N LEU B 16 -4.68 -18.45 25.34
CA LEU B 16 -4.34 -19.78 24.86
C LEU B 16 -3.04 -19.69 24.07
N VAL B 17 -1.98 -20.29 24.59
CA VAL B 17 -0.68 -20.23 23.92
C VAL B 17 -0.66 -21.24 22.79
N LYS B 18 -0.43 -20.75 21.58
CA LYS B 18 -0.22 -21.61 20.41
C LYS B 18 1.07 -21.16 19.75
N ALA B 19 1.94 -22.12 19.44
CA ALA B 19 3.26 -21.82 18.92
C ALA B 19 3.66 -22.88 17.90
N GLY B 20 4.60 -22.50 17.04
CA GLY B 20 5.11 -23.46 16.07
C GLY B 20 6.13 -22.84 15.16
N PHE B 21 6.40 -23.54 14.06
CA PHE B 21 7.42 -23.14 13.11
C PHE B 21 6.80 -22.35 11.96
N ALA B 22 7.64 -21.59 11.27
CA ALA B 22 7.19 -20.88 10.08
C ALA B 22 7.02 -21.85 8.92
N GLY B 23 6.02 -21.57 8.09
CA GLY B 23 5.74 -22.43 6.95
C GLY B 23 5.16 -23.76 7.37
N ASP B 24 4.11 -23.72 8.19
CA ASP B 24 3.51 -24.95 8.70
C ASP B 24 1.99 -24.74 8.76
N ASP B 25 1.26 -25.85 8.69
CA ASP B 25 -0.20 -25.76 8.67
C ASP B 25 -0.76 -25.65 10.08
N ALA B 26 -0.45 -26.62 10.94
CA ALA B 26 -0.97 -26.63 12.29
C ALA B 26 0.07 -26.13 13.27
N PRO B 27 -0.35 -25.40 14.30
CA PRO B 27 0.59 -25.01 15.37
C PRO B 27 1.02 -26.23 16.16
N ARG B 28 2.32 -26.31 16.43
CA ARG B 28 2.88 -27.52 17.00
C ARG B 28 2.57 -27.65 18.49
N ALA B 29 2.70 -26.55 19.24
CA ALA B 29 2.50 -26.58 20.68
C ALA B 29 1.30 -25.71 21.04
N VAL B 30 0.19 -26.36 21.41
CA VAL B 30 -1.02 -25.67 21.83
C VAL B 30 -1.30 -26.07 23.26
N PHE B 31 -1.32 -25.10 24.16
CA PHE B 31 -1.57 -25.34 25.57
C PHE B 31 -2.11 -24.08 26.22
N PRO B 32 -2.90 -24.20 27.29
CA PRO B 32 -3.48 -23.01 27.91
C PRO B 32 -2.46 -22.15 28.63
N SER B 33 -2.72 -20.85 28.64
CA SER B 33 -1.83 -19.86 29.23
C SER B 33 -2.13 -19.67 30.72
N ILE B 34 -1.78 -20.68 31.51
CA ILE B 34 -1.97 -20.62 32.95
C ILE B 34 -0.65 -20.97 33.64
N VAL B 35 -0.47 -20.40 34.82
CA VAL B 35 0.62 -20.78 35.72
C VAL B 35 -0.04 -21.25 37.02
N GLY B 36 0.44 -22.37 37.54
CA GLY B 36 -0.10 -22.92 38.76
C GLY B 36 0.80 -22.67 39.95
N ARG B 37 0.21 -22.79 41.13
CA ARG B 37 0.93 -22.57 42.37
C ARG B 37 0.15 -23.27 43.47
N PRO B 38 0.79 -24.14 44.24
CA PRO B 38 0.07 -24.86 45.30
C PRO B 38 -0.32 -23.93 46.43
N ARG B 39 -1.62 -23.82 46.66
CA ARG B 39 -2.13 -22.87 47.65
C ARG B 39 -2.09 -23.42 49.07
N HIS B 40 -1.50 -24.59 49.28
CA HIS B 40 -1.36 -25.17 50.60
C HIS B 40 -0.11 -26.01 50.64
N GLN B 41 0.17 -26.57 51.83
CA GLN B 41 1.45 -27.22 52.08
C GLN B 41 1.52 -28.60 51.44
N GLY B 42 2.75 -29.08 51.25
CA GLY B 42 2.98 -30.44 50.81
C GLY B 42 3.32 -31.33 51.99
N VAL B 43 3.04 -32.62 51.85
CA VAL B 43 3.22 -33.58 52.93
C VAL B 43 4.14 -34.74 52.53
N MET B 44 3.92 -35.32 51.36
CA MET B 44 4.69 -36.48 50.93
C MET B 44 6.13 -36.11 50.62
N VAL B 45 7.05 -36.73 51.35
CA VAL B 45 8.48 -36.52 51.18
C VAL B 45 8.93 -37.30 49.96
N GLY B 46 9.74 -36.65 49.12
CA GLY B 46 10.17 -37.32 47.89
C GLY B 46 9.09 -37.37 46.84
N MET B 47 8.74 -36.24 46.25
CA MET B 47 7.71 -36.18 45.22
C MET B 47 8.15 -35.40 44.00
N GLY B 48 9.13 -34.51 44.12
CA GLY B 48 9.35 -33.51 43.10
C GLY B 48 8.64 -32.25 43.53
N GLN B 49 7.41 -32.07 43.02
CA GLN B 49 6.40 -31.06 43.41
C GLN B 49 7.00 -29.65 43.51
N LYS B 50 7.46 -29.17 42.36
CA LYS B 50 7.95 -27.81 42.24
C LYS B 50 6.80 -26.83 42.39
N ASP B 51 7.15 -25.58 42.72
CA ASP B 51 6.17 -24.52 42.95
C ASP B 51 5.92 -23.75 41.66
N SER B 52 5.65 -24.50 40.59
CA SER B 52 5.31 -23.95 39.28
C SER B 52 4.66 -25.04 38.44
N TYR B 53 3.49 -24.77 37.91
CA TYR B 53 2.82 -25.68 36.98
C TYR B 53 2.26 -24.85 35.85
N VAL B 54 2.79 -25.03 34.66
CA VAL B 54 2.49 -24.18 33.53
C VAL B 54 1.92 -25.03 32.40
N GLY B 55 0.97 -24.45 31.68
CA GLY B 55 0.37 -25.16 30.56
C GLY B 55 -0.57 -26.24 31.01
N ASP B 56 -0.73 -27.27 30.16
CA ASP B 56 -1.72 -28.30 30.39
C ASP B 56 -1.39 -29.18 31.58
N GLU B 57 -0.11 -29.22 31.99
CA GLU B 57 0.29 -29.88 33.22
C GLU B 57 -0.41 -29.27 34.43
N ALA B 58 -0.61 -27.95 34.42
CA ALA B 58 -1.40 -27.32 35.48
C ALA B 58 -2.83 -27.81 35.45
N GLN B 59 -3.39 -28.02 34.26
CA GLN B 59 -4.72 -28.61 34.18
C GLN B 59 -4.74 -30.08 34.58
N SER B 60 -3.58 -30.74 34.64
CA SER B 60 -3.57 -32.06 35.23
C SER B 60 -3.67 -32.01 36.74
N LYS B 61 -3.29 -30.88 37.35
CA LYS B 61 -3.25 -30.76 38.80
C LYS B 61 -4.09 -29.58 39.29
N ARG B 62 -5.08 -29.17 38.51
CA ARG B 62 -5.82 -27.94 38.79
C ARG B 62 -6.68 -28.02 40.04
N GLY B 63 -6.89 -29.21 40.60
CA GLY B 63 -7.58 -29.32 41.87
C GLY B 63 -6.82 -28.74 43.04
N ILE B 64 -5.49 -28.71 42.97
CA ILE B 64 -4.69 -28.28 44.10
C ILE B 64 -3.91 -27.00 43.80
N LEU B 65 -4.30 -26.26 42.78
CA LEU B 65 -3.58 -25.07 42.38
C LEU B 65 -4.50 -23.86 42.39
N THR B 66 -3.89 -22.69 42.50
CA THR B 66 -4.58 -21.43 42.23
C THR B 66 -4.17 -20.98 40.82
N LEU B 67 -5.05 -21.22 39.86
CA LEU B 67 -4.76 -20.89 38.47
C LEU B 67 -4.80 -19.38 38.28
N LYS B 68 -3.91 -18.88 37.44
CA LYS B 68 -3.76 -17.45 37.27
C LYS B 68 -3.26 -17.15 35.86
N TYR B 69 -4.13 -16.59 35.04
CA TYR B 69 -3.75 -16.18 33.70
C TYR B 69 -2.79 -14.99 33.81
N PRO B 70 -1.55 -15.12 33.31
CA PRO B 70 -0.59 -14.02 33.43
C PRO B 70 -0.88 -12.83 32.52
N ILE B 71 -1.67 -13.02 31.47
CA ILE B 71 -2.03 -11.95 30.56
C ILE B 71 -3.54 -11.76 30.61
N GLU B 72 -3.96 -10.50 30.76
CA GLU B 72 -5.36 -10.17 30.98
C GLU B 72 -5.76 -9.08 30.01
N HIS B 73 -6.79 -9.34 29.21
CA HIS B 73 -7.31 -8.45 28.16
C HIS B 73 -6.21 -8.04 27.17
N GLY B 74 -5.31 -8.98 26.87
CA GLY B 74 -4.18 -8.70 26.01
C GLY B 74 -3.05 -7.95 26.67
N ILE B 75 -3.18 -7.60 27.95
CA ILE B 75 -2.17 -6.85 28.68
C ILE B 75 -1.48 -7.81 29.64
N ILE B 76 -0.16 -7.91 29.52
CA ILE B 76 0.61 -8.79 30.39
C ILE B 76 0.73 -8.15 31.77
N THR B 77 0.28 -8.86 32.80
CA THR B 77 0.29 -8.35 34.16
C THR B 77 1.56 -8.74 34.91
N ASN B 78 1.87 -10.03 34.95
CA ASN B 78 3.04 -10.52 35.67
C ASN B 78 4.09 -10.98 34.67
N TRP B 79 5.20 -10.25 34.61
CA TRP B 79 6.24 -10.53 33.63
C TRP B 79 7.03 -11.79 33.96
N ASP B 80 7.22 -12.07 35.24
CA ASP B 80 7.87 -13.30 35.66
C ASP B 80 7.06 -14.54 35.31
N ASP B 81 5.74 -14.50 35.48
CA ASP B 81 4.87 -15.61 35.12
C ASP B 81 4.80 -15.81 33.61
N MET B 82 4.76 -14.73 32.84
CA MET B 82 4.82 -14.83 31.39
C MET B 82 6.17 -15.33 30.92
N GLU B 83 7.23 -15.03 31.69
CA GLU B 83 8.53 -15.59 31.40
C GLU B 83 8.56 -17.10 31.67
N LYS B 84 7.81 -17.56 32.67
CA LYS B 84 7.64 -18.99 32.87
C LYS B 84 6.89 -19.61 31.70
N ILE B 85 5.88 -18.91 31.17
CA ILE B 85 5.09 -19.42 30.06
C ILE B 85 5.94 -19.51 28.80
N TRP B 86 6.79 -18.52 28.55
CA TRP B 86 7.68 -18.55 27.40
C TRP B 86 8.77 -19.59 27.56
N HIS B 87 9.29 -19.75 28.79
CA HIS B 87 10.33 -20.74 29.04
C HIS B 87 9.81 -22.15 28.83
N HIS B 88 8.59 -22.42 29.32
CA HIS B 88 7.93 -23.69 29.05
C HIS B 88 7.54 -23.82 27.58
N THR B 89 7.30 -22.69 26.92
CA THR B 89 6.90 -22.72 25.51
C THR B 89 8.04 -23.16 24.62
N PHE B 90 9.17 -22.46 24.69
CA PHE B 90 10.28 -22.78 23.81
C PHE B 90 11.08 -23.99 24.29
N TYR B 91 11.26 -24.17 25.58
CA TYR B 91 12.18 -25.18 26.06
C TYR B 91 11.54 -26.53 26.35
N ASN B 92 10.22 -26.58 26.57
CA ASN B 92 9.59 -27.84 26.94
C ASN B 92 8.61 -28.35 25.89
N GLU B 93 7.62 -27.54 25.51
CA GLU B 93 6.62 -28.01 24.55
C GLU B 93 7.15 -28.02 23.13
N LEU B 94 7.54 -26.84 22.63
CA LEU B 94 8.08 -26.74 21.28
C LEU B 94 9.47 -27.36 21.17
N ARG B 95 10.24 -27.29 22.26
CA ARG B 95 11.51 -28.01 22.45
C ARG B 95 12.53 -27.61 21.39
N VAL B 96 12.93 -26.34 21.45
CA VAL B 96 13.88 -25.76 20.53
C VAL B 96 14.55 -24.58 21.22
N ALA B 97 15.77 -24.26 20.81
CA ALA B 97 16.52 -23.17 21.43
C ALA B 97 16.15 -21.85 20.77
N PRO B 98 15.80 -20.82 21.55
CA PRO B 98 15.44 -19.53 20.94
C PRO B 98 16.62 -18.75 20.39
N GLU B 99 17.85 -19.16 20.73
CA GLU B 99 19.05 -18.45 20.30
C GLU B 99 19.27 -18.54 18.79
N GLU B 100 18.77 -19.57 18.14
CA GLU B 100 19.04 -19.81 16.74
C GLU B 100 17.86 -19.52 15.82
N HIS B 101 16.78 -18.94 16.34
CA HIS B 101 15.57 -18.78 15.55
C HIS B 101 14.97 -17.39 15.73
N PRO B 102 14.56 -16.72 14.65
CA PRO B 102 13.78 -15.49 14.78
C PRO B 102 12.41 -15.80 15.36
N THR B 103 11.84 -14.82 16.05
CA THR B 103 10.54 -15.01 16.69
C THR B 103 9.53 -13.98 16.23
N LEU B 104 8.29 -14.43 16.15
CA LEU B 104 7.17 -13.63 15.67
C LEU B 104 6.11 -13.61 16.76
N LEU B 105 6.13 -12.58 17.58
CA LEU B 105 5.13 -12.40 18.62
C LEU B 105 3.85 -11.84 18.02
N THR B 106 2.80 -11.81 18.84
CA THR B 106 1.53 -11.21 18.48
C THR B 106 1.02 -10.37 19.64
N GLU B 107 0.27 -9.32 19.33
CA GLU B 107 -0.39 -8.53 20.36
C GLU B 107 -1.66 -7.90 19.80
N ALA B 108 -2.32 -7.12 20.64
CA ALA B 108 -3.49 -6.36 20.29
C ALA B 108 -3.11 -4.96 19.86
N PRO B 109 -3.86 -4.35 18.94
CA PRO B 109 -3.78 -2.90 18.76
C PRO B 109 -4.36 -2.17 19.96
N LEU B 110 -4.04 -0.88 20.04
CA LEU B 110 -4.38 -0.01 21.17
C LEU B 110 -3.89 -0.60 22.49
N ASN B 111 -2.70 -1.17 22.46
CA ASN B 111 -2.03 -1.80 23.56
C ASN B 111 -1.29 -0.74 24.36
N PRO B 112 -1.21 -0.86 25.68
CA PRO B 112 -0.20 -0.11 26.42
C PRO B 112 1.19 -0.48 25.95
N LYS B 113 1.97 0.54 25.60
CA LYS B 113 3.22 0.33 24.88
C LYS B 113 4.33 -0.28 25.73
N ALA B 114 4.15 -0.34 27.06
CA ALA B 114 5.12 -1.03 27.89
C ALA B 114 5.01 -2.55 27.72
N ASN B 115 3.85 -3.03 27.27
CA ASN B 115 3.69 -4.45 26.95
C ASN B 115 4.53 -4.82 25.73
N ARG B 116 4.42 -4.01 24.68
CA ARG B 116 5.19 -4.22 23.47
C ARG B 116 6.68 -4.04 23.73
N GLU B 117 7.04 -2.98 24.45
CA GLU B 117 8.44 -2.62 24.65
C GLU B 117 9.12 -3.60 25.60
N LYS B 118 8.49 -3.88 26.75
CA LYS B 118 9.06 -4.85 27.67
C LYS B 118 8.99 -6.28 27.13
N MET B 119 8.04 -6.56 26.24
CA MET B 119 8.03 -7.86 25.57
C MET B 119 9.24 -8.01 24.65
N THR B 120 9.59 -6.93 23.94
CA THR B 120 10.80 -6.97 23.12
C THR B 120 12.06 -7.05 23.99
N GLN B 121 12.04 -6.38 25.14
CA GLN B 121 13.17 -6.41 26.06
C GLN B 121 13.39 -7.80 26.64
N ILE B 122 12.32 -8.51 26.98
CA ILE B 122 12.47 -9.88 27.47
C ILE B 122 12.90 -10.81 26.34
N MET B 123 12.39 -10.60 25.12
CA MET B 123 12.78 -11.47 24.01
C MET B 123 14.24 -11.30 23.61
N PHE B 124 14.80 -10.10 23.72
CA PHE B 124 16.21 -9.97 23.38
C PHE B 124 17.15 -10.22 24.55
N GLU B 125 16.80 -9.75 25.76
CA GLU B 125 17.77 -9.81 26.84
C GLU B 125 17.82 -11.19 27.48
N THR B 126 16.67 -11.85 27.63
CA THR B 126 16.62 -13.11 28.33
C THR B 126 16.84 -14.31 27.42
N PHE B 127 16.03 -14.43 26.37
CA PHE B 127 16.09 -15.60 25.49
C PHE B 127 17.09 -15.43 24.36
N ASN B 128 17.50 -14.20 24.05
CA ASN B 128 18.56 -13.87 23.10
C ASN B 128 18.26 -14.39 21.70
N VAL B 129 17.08 -14.03 21.19
CA VAL B 129 16.69 -14.37 19.82
C VAL B 129 17.49 -13.48 18.87
N PRO B 130 17.78 -13.94 17.65
CA PRO B 130 18.47 -13.05 16.71
C PRO B 130 17.56 -12.01 16.09
N ALA B 131 16.28 -12.33 15.89
CA ALA B 131 15.35 -11.41 15.29
C ALA B 131 14.00 -11.57 15.98
N MET B 132 13.14 -10.56 15.82
CA MET B 132 11.92 -10.47 16.60
C MET B 132 10.97 -9.55 15.86
N TYR B 133 9.67 -9.83 15.97
CA TYR B 133 8.69 -8.92 15.37
C TYR B 133 7.40 -8.96 16.19
N VAL B 134 6.67 -7.85 16.20
CA VAL B 134 5.46 -7.71 17.01
C VAL B 134 4.26 -7.62 16.09
N ALA B 135 3.66 -8.76 15.80
CA ALA B 135 2.62 -8.83 14.79
C ALA B 135 1.27 -8.45 15.38
N ILE B 136 0.43 -7.78 14.57
CA ILE B 136 -0.95 -7.53 14.96
C ILE B 136 -1.76 -8.79 14.73
N GLN B 137 -2.58 -9.16 15.73
CA GLN B 137 -3.40 -10.36 15.70
C GLN B 137 -4.40 -10.36 14.54
N ALA B 138 -5.12 -9.26 14.34
CA ALA B 138 -6.18 -9.20 13.35
C ALA B 138 -5.66 -9.19 11.92
N VAL B 139 -4.51 -8.54 11.68
CA VAL B 139 -3.92 -8.52 10.35
C VAL B 139 -3.49 -9.92 9.94
N LEU B 140 -2.92 -10.67 10.88
CA LEU B 140 -2.58 -12.07 10.64
C LEU B 140 -3.82 -12.91 10.43
N SER B 141 -4.92 -12.57 11.12
CA SER B 141 -6.19 -13.23 10.85
C SER B 141 -6.70 -12.92 9.45
N LEU B 142 -6.26 -11.81 8.84
CA LEU B 142 -6.60 -11.59 7.44
C LEU B 142 -5.59 -12.24 6.50
N TYR B 143 -4.35 -12.50 6.96
CA TYR B 143 -3.40 -13.25 6.14
C TYR B 143 -3.86 -14.69 5.92
N ALA B 144 -4.41 -15.33 6.95
CA ALA B 144 -4.84 -16.71 6.77
C ALA B 144 -6.12 -16.81 5.96
N SER B 145 -6.86 -15.71 5.79
CA SER B 145 -8.06 -15.74 4.99
C SER B 145 -7.78 -15.71 3.50
N GLY B 146 -6.52 -15.51 3.11
CA GLY B 146 -6.18 -15.47 1.70
C GLY B 146 -6.58 -14.20 0.98
N ARG B 147 -6.94 -13.16 1.71
CA ARG B 147 -7.40 -11.91 1.13
C ARG B 147 -6.44 -10.78 1.49
N THR B 148 -6.55 -9.69 0.74
CA THR B 148 -5.87 -8.45 1.06
C THR B 148 -6.83 -7.33 1.39
N THR B 149 -8.13 -7.58 1.29
CA THR B 149 -9.16 -6.60 1.60
C THR B 149 -10.21 -7.24 2.48
N GLY B 150 -10.49 -6.61 3.62
CA GLY B 150 -11.55 -7.06 4.51
C GLY B 150 -11.42 -6.40 5.86
N ILE B 151 -12.54 -6.39 6.58
CA ILE B 151 -12.57 -5.96 7.97
C ILE B 151 -12.52 -7.21 8.84
N VAL B 152 -11.72 -7.16 9.91
CA VAL B 152 -11.37 -8.35 10.66
C VAL B 152 -11.99 -8.28 12.04
N LEU B 153 -12.82 -9.28 12.33
CA LEU B 153 -13.30 -9.60 13.67
C LEU B 153 -12.64 -10.88 14.12
N ASP B 154 -11.96 -10.85 15.27
CA ASP B 154 -11.41 -12.10 15.77
C ASP B 154 -11.97 -12.51 17.13
N SER B 155 -12.05 -11.59 18.10
CA SER B 155 -12.66 -11.79 19.41
C SER B 155 -12.01 -12.93 20.18
N GLY B 156 -10.77 -12.71 20.59
CA GLY B 156 -10.06 -13.70 21.40
C GLY B 156 -10.55 -13.85 22.83
N ASP B 157 -9.68 -14.25 23.74
CA ASP B 157 -10.12 -14.45 25.11
C ASP B 157 -10.25 -13.14 25.88
N GLY B 158 -9.51 -12.10 25.50
CA GLY B 158 -9.55 -10.87 26.26
C GLY B 158 -9.76 -9.61 25.45
N VAL B 159 -9.91 -9.72 24.13
CA VAL B 159 -9.93 -8.53 23.28
C VAL B 159 -10.67 -8.87 21.98
N THR B 160 -11.25 -7.84 21.37
CA THR B 160 -11.73 -7.92 19.99
C THR B 160 -11.38 -6.61 19.28
N HIS B 161 -11.20 -6.69 17.95
CA HIS B 161 -10.54 -5.61 17.23
C HIS B 161 -11.42 -4.93 16.19
N ASN B 162 -11.95 -5.67 15.22
CA ASN B 162 -12.58 -5.12 14.01
C ASN B 162 -11.67 -4.12 13.30
N VAL B 163 -10.56 -4.65 12.77
CA VAL B 163 -9.57 -3.84 12.06
C VAL B 163 -9.93 -3.86 10.57
N PRO B 164 -10.30 -2.73 9.98
CA PRO B 164 -10.57 -2.71 8.54
C PRO B 164 -9.30 -2.48 7.72
N ILE B 165 -9.16 -3.27 6.66
CA ILE B 165 -7.99 -3.21 5.79
C ILE B 165 -8.48 -3.21 4.36
N TYR B 166 -8.03 -2.25 3.56
CA TYR B 166 -8.43 -2.17 2.16
C TYR B 166 -7.20 -2.20 1.27
N GLU B 167 -7.08 -3.29 0.48
CA GLU B 167 -6.09 -3.44 -0.60
C GLU B 167 -4.66 -3.27 -0.10
N GLY B 168 -4.34 -3.95 0.99
CA GLY B 168 -3.01 -3.85 1.56
C GLY B 168 -2.83 -2.70 2.53
N TYR B 169 -3.76 -1.76 2.59
CA TYR B 169 -3.67 -0.62 3.48
C TYR B 169 -4.68 -0.80 4.59
N ALA B 170 -4.22 -0.68 5.84
CA ALA B 170 -5.14 -0.67 6.95
C ALA B 170 -5.66 0.75 7.17
N LEU B 171 -6.73 0.85 7.95
CA LEU B 171 -7.34 2.13 8.29
C LEU B 171 -7.15 2.32 9.80
N PRO B 172 -6.06 2.97 10.22
CA PRO B 172 -5.77 3.06 11.66
C PRO B 172 -6.70 4.00 12.41
N HIS B 173 -7.39 4.90 11.73
CA HIS B 173 -8.34 5.76 12.43
C HIS B 173 -9.67 5.07 12.66
N ALA B 174 -10.03 4.10 11.83
CA ALA B 174 -11.27 3.37 11.96
C ALA B 174 -11.12 2.12 12.81
N ILE B 175 -10.03 2.00 13.55
CA ILE B 175 -9.77 0.80 14.33
C ILE B 175 -10.63 0.85 15.60
N MET B 176 -10.85 -0.31 16.20
CA MET B 176 -11.70 -0.42 17.38
C MET B 176 -11.01 -1.35 18.35
N ARG B 177 -11.41 -1.28 19.62
CA ARG B 177 -10.96 -2.26 20.62
C ARG B 177 -12.02 -2.31 21.71
N LEU B 178 -12.73 -3.43 21.79
CA LEU B 178 -13.69 -3.67 22.86
C LEU B 178 -13.16 -4.76 23.77
N ASP B 179 -13.26 -4.52 25.08
CA ASP B 179 -12.70 -5.43 26.08
C ASP B 179 -13.67 -6.52 26.50
N LEU B 180 -14.73 -6.74 25.74
CA LEU B 180 -15.69 -7.81 26.00
C LEU B 180 -15.30 -9.01 25.16
N ALA B 181 -14.94 -10.10 25.81
CA ALA B 181 -14.46 -11.26 25.09
C ALA B 181 -14.82 -12.51 25.89
N GLY B 182 -14.18 -13.64 25.54
CA GLY B 182 -14.61 -14.94 26.04
C GLY B 182 -14.41 -15.16 27.53
N ARG B 183 -13.47 -14.45 28.16
CA ARG B 183 -13.29 -14.61 29.59
C ARG B 183 -14.40 -13.93 30.36
N ASP B 184 -14.86 -12.78 29.87
CA ASP B 184 -16.01 -12.13 30.47
C ASP B 184 -17.29 -12.94 30.24
N LEU B 185 -17.37 -13.63 29.11
CA LEU B 185 -18.50 -14.54 28.89
C LEU B 185 -18.41 -15.75 29.80
N THR B 186 -17.18 -16.16 30.16
CA THR B 186 -17.02 -17.25 31.12
C THR B 186 -17.46 -16.83 32.51
N ASP B 187 -17.13 -15.59 32.90
CA ASP B 187 -17.56 -15.11 34.21
C ASP B 187 -19.07 -14.89 34.26
N TYR B 188 -19.66 -14.39 33.17
CA TYR B 188 -21.10 -14.23 33.14
C TYR B 188 -21.81 -15.57 33.11
N LEU B 189 -21.22 -16.56 32.43
CA LEU B 189 -21.80 -17.90 32.43
C LEU B 189 -21.71 -18.53 33.81
N MET B 190 -20.62 -18.27 34.53
CA MET B 190 -20.49 -18.73 35.91
C MET B 190 -21.53 -18.07 36.80
N LYS B 191 -21.83 -16.80 36.53
CA LYS B 191 -22.85 -16.08 37.30
C LYS B 191 -24.25 -16.63 37.05
N ILE B 192 -24.59 -16.92 35.79
CA ILE B 192 -25.95 -17.42 35.54
C ILE B 192 -26.08 -18.90 35.83
N LEU B 193 -24.99 -19.66 35.85
CA LEU B 193 -25.08 -21.02 36.38
C LEU B 193 -25.21 -21.00 37.88
N THR B 194 -24.66 -19.99 38.55
CA THR B 194 -24.98 -19.78 39.96
C THR B 194 -26.45 -19.40 40.11
N GLU B 195 -27.02 -18.71 39.13
CA GLU B 195 -28.44 -18.39 39.16
C GLU B 195 -29.30 -19.64 39.00
N ARG B 196 -28.87 -20.59 38.17
CA ARG B 196 -29.64 -21.83 38.04
C ARG B 196 -29.51 -22.70 39.28
N GLY B 197 -28.32 -22.80 39.85
CA GLY B 197 -28.17 -23.61 41.03
C GLY B 197 -26.84 -24.32 41.18
N TYR B 198 -26.00 -24.24 40.15
CA TYR B 198 -24.68 -24.85 40.20
C TYR B 198 -23.66 -23.78 40.57
N SER B 199 -23.11 -23.87 41.78
CA SER B 199 -22.21 -22.85 42.30
C SER B 199 -20.78 -23.18 41.91
N PHE B 200 -20.18 -22.33 41.09
CA PHE B 200 -18.78 -22.45 40.72
C PHE B 200 -18.06 -21.19 41.20
N VAL B 201 -17.06 -21.38 42.04
CA VAL B 201 -16.32 -20.24 42.59
C VAL B 201 -14.81 -20.41 42.48
N THR B 202 -14.30 -21.62 42.32
CA THR B 202 -12.86 -21.84 42.26
C THR B 202 -12.39 -21.56 40.84
N THR B 203 -11.11 -21.20 40.71
CA THR B 203 -10.52 -20.98 39.40
C THR B 203 -10.50 -22.26 38.58
N ALA B 204 -10.32 -23.41 39.24
CA ALA B 204 -10.48 -24.68 38.56
C ALA B 204 -11.93 -24.91 38.14
N GLU B 205 -12.88 -24.52 38.99
CA GLU B 205 -14.29 -24.56 38.62
C GLU B 205 -14.60 -23.57 37.52
N ARG B 206 -13.91 -22.43 37.50
CA ARG B 206 -14.01 -21.48 36.39
C ARG B 206 -13.50 -22.09 35.10
N GLU B 207 -12.47 -22.93 35.18
CA GLU B 207 -11.99 -23.66 34.02
C GLU B 207 -13.02 -24.67 33.53
N ILE B 208 -13.76 -25.28 34.47
CA ILE B 208 -14.83 -26.20 34.11
C ILE B 208 -15.97 -25.44 33.42
N VAL B 209 -16.26 -24.22 33.89
CA VAL B 209 -17.26 -23.37 33.25
C VAL B 209 -16.81 -22.99 31.84
N ARG B 210 -15.51 -22.77 31.66
CA ARG B 210 -14.98 -22.53 30.32
C ARG B 210 -15.16 -23.75 29.42
N ASP B 211 -15.03 -24.95 30.01
CA ASP B 211 -15.26 -26.17 29.24
C ASP B 211 -16.72 -26.31 28.82
N ILE B 212 -17.65 -25.97 29.72
CA ILE B 212 -19.07 -26.04 29.38
C ILE B 212 -19.42 -24.99 28.33
N LYS B 213 -18.75 -23.85 28.37
CA LYS B 213 -18.94 -22.83 27.35
C LYS B 213 -18.46 -23.30 25.99
N GLU B 214 -17.30 -23.97 25.95
CA GLU B 214 -16.77 -24.45 24.68
C GLU B 214 -17.63 -25.57 24.11
N LYS B 215 -18.13 -26.46 24.96
CA LYS B 215 -18.83 -27.64 24.44
C LYS B 215 -20.28 -27.35 24.10
N LEU B 216 -20.97 -26.56 24.91
CA LEU B 216 -22.42 -26.66 24.94
C LEU B 216 -23.08 -25.28 24.90
N CYS B 217 -22.70 -24.46 23.93
CA CYS B 217 -23.35 -23.16 23.75
C CYS B 217 -23.61 -22.92 22.27
N TYR B 218 -24.71 -22.22 21.98
CA TYR B 218 -24.97 -21.70 20.64
C TYR B 218 -25.54 -20.29 20.77
N VAL B 219 -25.82 -19.67 19.62
CA VAL B 219 -25.80 -18.22 19.52
C VAL B 219 -27.19 -17.58 19.55
N ALA B 220 -28.27 -18.35 19.36
CA ALA B 220 -29.65 -17.88 19.39
C ALA B 220 -29.94 -16.79 18.37
N LEU B 221 -30.00 -17.17 17.09
CA LEU B 221 -30.29 -16.32 15.93
C LEU B 221 -31.34 -15.23 16.14
N ASP B 222 -32.45 -15.57 16.79
CA ASP B 222 -33.38 -14.56 17.30
C ASP B 222 -33.55 -14.79 18.78
N PHE B 223 -33.02 -13.87 19.60
CA PHE B 223 -32.92 -14.10 21.03
C PHE B 223 -34.28 -14.04 21.72
N GLU B 224 -35.24 -13.30 21.17
CA GLU B 224 -36.53 -13.18 21.82
C GLU B 224 -37.35 -14.45 21.69
N ASN B 225 -37.46 -14.98 20.46
CA ASN B 225 -38.21 -16.22 20.27
C ASN B 225 -37.45 -17.43 20.79
N GLU B 226 -36.12 -17.35 20.86
CA GLU B 226 -35.37 -18.43 21.48
C GLU B 226 -35.55 -18.38 23.00
N MET B 227 -35.70 -17.18 23.56
CA MET B 227 -35.95 -17.04 24.99
C MET B 227 -37.34 -17.54 25.34
N ALA B 228 -38.33 -17.23 24.50
CA ALA B 228 -39.67 -17.76 24.72
C ALA B 228 -39.72 -19.26 24.46
N THR B 229 -38.84 -19.77 23.60
CA THR B 229 -38.77 -21.21 23.36
C THR B 229 -38.17 -21.93 24.56
N ALA B 230 -37.11 -21.37 25.14
CA ALA B 230 -36.52 -21.95 26.35
C ALA B 230 -37.45 -21.82 27.55
N ALA B 231 -38.26 -20.76 27.59
CA ALA B 231 -39.29 -20.68 28.61
C ALA B 231 -40.47 -21.58 28.32
N SER B 232 -40.62 -22.04 27.08
CA SER B 232 -41.78 -22.85 26.71
C SER B 232 -41.59 -24.30 27.13
N SER B 233 -40.60 -24.98 26.58
CA SER B 233 -40.44 -26.42 26.73
C SER B 233 -39.03 -26.75 27.18
N SER B 234 -38.79 -28.04 27.38
CA SER B 234 -37.49 -28.57 27.78
C SER B 234 -36.77 -29.25 26.62
N SER B 235 -36.96 -28.78 25.40
CA SER B 235 -36.21 -29.29 24.25
C SER B 235 -34.80 -28.71 24.17
N LEU B 236 -34.51 -27.70 24.99
CA LEU B 236 -33.20 -27.06 25.01
C LEU B 236 -32.39 -27.46 26.23
N GLU B 237 -33.01 -28.12 27.21
CA GLU B 237 -32.29 -28.59 28.38
C GLU B 237 -31.32 -29.69 27.99
N LYS B 238 -30.05 -29.49 28.33
CA LYS B 238 -29.03 -30.46 27.95
C LYS B 238 -28.17 -30.78 29.15
N SER B 239 -27.91 -32.06 29.35
CA SER B 239 -27.10 -32.53 30.46
C SER B 239 -25.64 -32.63 30.06
N TYR B 240 -24.76 -32.14 30.93
CA TYR B 240 -23.33 -32.24 30.74
C TYR B 240 -22.73 -32.85 31.99
N GLU B 241 -21.99 -33.94 31.82
CA GLU B 241 -21.35 -34.58 32.96
C GLU B 241 -20.13 -33.78 33.38
N LEU B 242 -20.17 -33.26 34.60
CA LEU B 242 -19.01 -32.62 35.19
C LEU B 242 -17.93 -33.66 35.44
N PRO B 243 -16.66 -33.25 35.56
CA PRO B 243 -15.65 -34.17 36.05
C PRO B 243 -15.94 -34.57 37.49
N ASP B 244 -15.87 -35.88 37.73
CA ASP B 244 -16.10 -36.53 39.02
C ASP B 244 -17.52 -36.29 39.52
N GLY B 245 -18.48 -36.88 38.81
CA GLY B 245 -19.79 -37.09 39.39
C GLY B 245 -20.98 -36.37 38.79
N GLN B 246 -21.48 -35.38 39.53
CA GLN B 246 -22.81 -34.80 39.34
C GLN B 246 -22.95 -34.14 37.97
N VAL B 247 -23.96 -34.55 37.24
CA VAL B 247 -24.25 -33.98 35.93
C VAL B 247 -25.03 -32.69 36.11
N ILE B 248 -24.96 -31.82 35.10
CA ILE B 248 -25.72 -30.58 35.09
C ILE B 248 -26.70 -30.65 33.93
N THR B 249 -27.64 -29.70 33.91
CA THR B 249 -28.61 -29.60 32.85
C THR B 249 -28.92 -28.13 32.63
N ILE B 250 -28.47 -27.57 31.52
CA ILE B 250 -28.61 -26.14 31.27
C ILE B 250 -29.74 -25.92 30.28
N GLY B 251 -30.44 -24.81 30.46
CA GLY B 251 -31.54 -24.41 29.61
C GLY B 251 -31.28 -23.13 28.85
N ASN B 252 -31.82 -22.01 29.34
CA ASN B 252 -31.61 -20.73 28.70
C ASN B 252 -30.19 -20.19 28.87
N GLU B 253 -29.38 -20.79 29.76
CA GLU B 253 -27.98 -20.43 29.88
C GLU B 253 -27.15 -20.94 28.72
N ARG B 254 -27.72 -21.81 27.90
CA ARG B 254 -27.00 -22.34 26.74
C ARG B 254 -26.81 -21.27 25.68
N PHE B 255 -27.71 -20.29 25.61
CA PHE B 255 -27.61 -19.25 24.60
C PHE B 255 -27.53 -17.83 25.16
N ARG B 256 -27.73 -17.63 26.46
CA ARG B 256 -27.53 -16.31 27.03
C ARG B 256 -26.07 -15.97 27.25
N CYS B 257 -25.16 -16.94 27.08
CA CYS B 257 -23.73 -16.61 27.16
C CYS B 257 -23.23 -15.81 25.95
N PRO B 258 -23.42 -16.22 24.68
CA PRO B 258 -22.91 -15.37 23.61
C PRO B 258 -23.82 -14.21 23.24
N GLU B 259 -25.04 -14.17 23.76
CA GLU B 259 -25.87 -12.99 23.57
C GLU B 259 -25.31 -11.79 24.34
N THR B 260 -24.62 -12.06 25.45
CA THR B 260 -23.85 -11.03 26.14
C THR B 260 -22.77 -10.45 25.24
N LEU B 261 -22.17 -11.28 24.39
CA LEU B 261 -21.20 -10.79 23.41
C LEU B 261 -21.89 -9.92 22.37
N PHE B 262 -23.13 -10.24 22.00
CA PHE B 262 -23.88 -9.38 21.10
C PHE B 262 -24.67 -8.29 21.83
N GLN B 263 -24.65 -8.28 23.15
CA GLN B 263 -25.41 -7.29 23.91
C GLN B 263 -24.74 -7.09 25.26
N PRO B 264 -23.82 -6.13 25.38
CA PRO B 264 -23.02 -6.01 26.61
C PRO B 264 -23.76 -5.41 27.79
N SER B 265 -25.04 -5.07 27.64
CA SER B 265 -25.83 -4.58 28.76
C SER B 265 -26.15 -5.68 29.76
N PHE B 266 -26.04 -6.96 29.36
CA PHE B 266 -26.24 -8.06 30.29
C PHE B 266 -25.13 -8.12 31.32
N ILE B 267 -23.90 -7.76 30.91
CA ILE B 267 -22.76 -7.78 31.81
C ILE B 267 -22.52 -6.36 32.29
N GLY B 268 -23.39 -5.44 31.90
CA GLY B 268 -23.34 -4.08 32.41
C GLY B 268 -22.17 -3.25 31.93
N MET B 269 -21.49 -3.71 30.88
CA MET B 269 -20.35 -3.00 30.33
C MET B 269 -20.88 -2.09 29.24
N GLU B 270 -20.63 -0.79 29.36
CA GLU B 270 -21.17 0.20 28.43
C GLU B 270 -20.52 0.06 27.08
N SER B 271 -21.25 -0.49 26.11
CA SER B 271 -20.74 -0.69 24.77
C SER B 271 -21.91 -0.74 23.81
N ALA B 272 -21.59 -1.05 22.55
CA ALA B 272 -22.58 -1.12 21.49
C ALA B 272 -22.78 -2.53 20.97
N GLY B 273 -21.97 -3.49 21.41
CA GLY B 273 -22.03 -4.83 20.90
C GLY B 273 -21.06 -5.04 19.75
N ILE B 274 -20.90 -6.31 19.39
CA ILE B 274 -20.01 -6.68 18.30
C ILE B 274 -20.54 -6.16 16.96
N HIS B 275 -21.83 -6.40 16.71
CA HIS B 275 -22.43 -6.05 15.43
C HIS B 275 -22.50 -4.55 15.18
N GLU B 276 -22.48 -3.73 16.22
CA GLU B 276 -22.42 -2.29 16.02
C GLU B 276 -21.01 -1.73 16.08
N THR B 277 -20.05 -2.44 16.66
CA THR B 277 -18.66 -2.01 16.49
C THR B 277 -18.16 -2.33 15.09
N THR B 278 -18.66 -3.40 14.48
CA THR B 278 -18.36 -3.64 13.07
C THR B 278 -18.94 -2.54 12.18
N TYR B 279 -20.21 -2.20 12.40
CA TYR B 279 -20.85 -1.21 11.56
C TYR B 279 -20.28 0.18 11.80
N ASN B 280 -19.87 0.48 13.04
CA ASN B 280 -19.22 1.74 13.30
C ASN B 280 -17.81 1.78 12.73
N SER B 281 -17.11 0.64 12.71
CA SER B 281 -15.79 0.61 12.08
C SER B 281 -15.91 0.71 10.57
N ILE B 282 -17.02 0.28 9.99
CA ILE B 282 -17.24 0.47 8.56
C ILE B 282 -17.62 1.89 8.25
N MET B 283 -18.49 2.49 9.08
CA MET B 283 -18.90 3.87 8.84
C MET B 283 -17.80 4.88 9.13
N LYS B 284 -16.80 4.52 9.94
CA LYS B 284 -15.64 5.40 10.07
C LYS B 284 -14.74 5.36 8.84
N CYS B 285 -14.83 4.30 8.04
CA CYS B 285 -14.08 4.25 6.79
C CYS B 285 -14.74 5.16 5.75
N ASP B 286 -14.06 5.31 4.62
CA ASP B 286 -14.55 6.21 3.59
C ASP B 286 -15.68 5.55 2.79
N ILE B 287 -16.13 6.26 1.76
CA ILE B 287 -17.36 5.85 1.08
C ILE B 287 -17.10 4.71 0.12
N ASP B 288 -15.97 4.72 -0.57
CA ASP B 288 -15.70 3.81 -1.67
C ASP B 288 -14.95 2.56 -1.24
N ILE B 289 -15.16 2.09 -0.01
CA ILE B 289 -14.43 0.96 0.54
C ILE B 289 -15.46 -0.09 0.97
N ARG B 290 -16.68 0.39 1.23
CA ARG B 290 -17.57 -0.32 2.15
C ARG B 290 -18.15 -1.61 1.58
N LYS B 291 -18.42 -1.66 0.27
CA LYS B 291 -18.89 -2.93 -0.30
C LYS B 291 -17.79 -3.97 -0.35
N ASP B 292 -16.53 -3.56 -0.39
CA ASP B 292 -15.44 -4.50 -0.22
C ASP B 292 -15.26 -4.91 1.23
N LEU B 293 -15.75 -4.09 2.16
CA LEU B 293 -15.80 -4.53 3.54
C LEU B 293 -17.03 -5.37 3.83
N TYR B 294 -18.08 -5.24 3.01
CA TYR B 294 -19.29 -6.02 3.20
C TYR B 294 -19.14 -7.42 2.62
N ALA B 295 -18.44 -7.54 1.49
CA ALA B 295 -18.25 -8.82 0.84
C ALA B 295 -17.11 -9.63 1.45
N ASN B 296 -16.32 -9.03 2.35
CA ASN B 296 -15.15 -9.70 2.90
C ASN B 296 -15.05 -9.48 4.40
N ASN B 297 -16.18 -9.56 5.11
CA ASN B 297 -16.16 -9.42 6.56
C ASN B 297 -15.67 -10.74 7.15
N VAL B 298 -14.53 -10.68 7.83
CA VAL B 298 -13.87 -11.87 8.34
C VAL B 298 -14.20 -12.01 9.82
N MET B 299 -14.46 -13.25 10.25
CA MET B 299 -14.89 -13.55 11.61
C MET B 299 -14.08 -14.74 12.13
N SER B 300 -12.76 -14.62 12.05
CA SER B 300 -11.91 -15.80 12.12
C SER B 300 -10.89 -15.79 13.25
N GLY B 301 -11.32 -15.49 14.47
CA GLY B 301 -10.47 -15.72 15.62
C GLY B 301 -11.11 -16.71 16.58
N GLY B 302 -10.83 -16.56 17.87
CA GLY B 302 -11.46 -17.38 18.88
C GLY B 302 -12.87 -16.90 19.16
N THR B 303 -13.53 -17.62 20.09
CA THR B 303 -14.88 -17.33 20.62
C THR B 303 -15.94 -17.12 19.54
N THR B 304 -15.73 -17.68 18.35
CA THR B 304 -16.70 -17.61 17.27
C THR B 304 -17.11 -18.99 16.82
N MET B 305 -16.71 -20.03 17.55
CA MET B 305 -17.08 -21.40 17.23
C MET B 305 -18.46 -21.77 17.73
N TYR B 306 -19.22 -20.80 18.23
CA TYR B 306 -20.62 -21.02 18.53
C TYR B 306 -21.38 -21.25 17.24
N PRO B 307 -22.27 -22.24 17.17
CA PRO B 307 -22.96 -22.56 15.91
C PRO B 307 -23.94 -21.47 15.52
N GLY B 308 -23.86 -21.04 14.26
CA GLY B 308 -24.79 -20.10 13.71
C GLY B 308 -24.49 -18.65 13.98
N ILE B 309 -23.31 -18.33 14.53
CA ILE B 309 -22.95 -16.95 14.82
C ILE B 309 -22.78 -16.13 13.54
N ALA B 310 -22.46 -16.78 12.42
CA ALA B 310 -22.43 -16.07 11.14
C ALA B 310 -23.85 -15.72 10.68
N ASP B 311 -24.84 -16.50 11.08
CA ASP B 311 -26.21 -16.21 10.71
C ASP B 311 -26.76 -15.05 11.51
N ARG B 312 -26.42 -14.99 12.81
CA ARG B 312 -26.77 -13.83 13.63
C ARG B 312 -26.01 -12.60 13.19
N MET B 313 -24.77 -12.80 12.76
CA MET B 313 -23.90 -11.69 12.37
C MET B 313 -24.38 -11.06 11.07
N GLN B 314 -24.56 -11.89 10.04
CA GLN B 314 -25.09 -11.42 8.76
C GLN B 314 -26.53 -10.93 8.90
N LYS B 315 -27.31 -11.60 9.75
CA LYS B 315 -28.71 -11.23 9.94
C LYS B 315 -28.85 -9.90 10.65
N GLU B 316 -27.86 -9.54 11.46
CA GLU B 316 -27.89 -8.25 12.14
C GLU B 316 -27.26 -7.13 11.33
N ILE B 317 -26.13 -7.38 10.67
CA ILE B 317 -25.49 -6.36 9.84
C ILE B 317 -26.36 -6.03 8.62
N THR B 318 -27.12 -7.01 8.11
CA THR B 318 -28.10 -6.73 7.06
C THR B 318 -29.17 -5.75 7.54
N ALA B 319 -29.57 -5.86 8.81
CA ALA B 319 -30.49 -4.89 9.39
C ALA B 319 -29.83 -3.54 9.63
N LEU B 320 -28.51 -3.49 9.78
CA LEU B 320 -27.83 -2.22 10.01
C LEU B 320 -27.37 -1.55 8.71
N ALA B 321 -26.69 -2.31 7.85
CA ALA B 321 -26.20 -1.76 6.59
C ALA B 321 -27.36 -1.48 5.64
N PRO B 322 -27.20 -0.52 4.72
CA PRO B 322 -28.25 -0.28 3.72
C PRO B 322 -28.40 -1.45 2.76
N SER B 323 -29.52 -1.45 2.06
CA SER B 323 -29.88 -2.57 1.20
C SER B 323 -29.02 -2.61 -0.06
N THR B 324 -29.26 -3.64 -0.86
CA THR B 324 -28.50 -4.00 -2.08
C THR B 324 -27.01 -4.22 -1.81
N MET B 325 -26.65 -4.53 -0.57
CA MET B 325 -25.29 -4.86 -0.19
C MET B 325 -25.22 -6.35 0.09
N LYS B 326 -24.10 -6.96 -0.26
CA LYS B 326 -23.89 -8.39 -0.08
C LYS B 326 -23.04 -8.59 1.16
N ILE B 327 -23.69 -8.85 2.28
CA ILE B 327 -22.99 -9.07 3.55
C ILE B 327 -22.51 -10.51 3.57
N LYS B 328 -21.22 -10.70 3.32
CA LYS B 328 -20.61 -12.03 3.33
C LYS B 328 -19.76 -12.15 4.58
N ILE B 329 -20.30 -12.80 5.61
CA ILE B 329 -19.55 -13.07 6.83
C ILE B 329 -18.69 -14.29 6.55
N ILE B 330 -17.41 -14.06 6.26
CA ILE B 330 -16.50 -15.16 5.95
C ILE B 330 -16.10 -15.82 7.26
N ALA B 331 -16.54 -17.06 7.47
CA ALA B 331 -16.21 -17.83 8.66
C ALA B 331 -15.57 -19.14 8.23
N PRO B 332 -14.27 -19.14 7.96
CA PRO B 332 -13.59 -20.38 7.61
C PRO B 332 -13.44 -21.25 8.84
N PRO B 333 -13.84 -22.53 8.77
CA PRO B 333 -13.84 -23.38 9.98
C PRO B 333 -12.46 -23.70 10.55
N GLU B 334 -11.39 -23.22 9.93
CA GLU B 334 -10.04 -23.29 10.51
C GLU B 334 -9.76 -22.17 11.50
N ARG B 335 -10.78 -21.43 11.95
CA ARG B 335 -10.54 -20.37 12.93
C ARG B 335 -10.27 -20.98 14.29
N LYS B 336 -9.90 -20.08 15.23
CA LYS B 336 -9.23 -20.23 16.53
C LYS B 336 -7.73 -20.49 16.31
N TYR B 337 -7.31 -20.78 15.09
CA TYR B 337 -5.92 -21.03 14.76
C TYR B 337 -5.40 -20.09 13.69
N SER B 338 -6.28 -19.32 13.05
CA SER B 338 -5.92 -18.54 11.87
C SER B 338 -4.99 -17.38 12.17
N VAL B 339 -4.90 -16.95 13.42
CA VAL B 339 -3.90 -15.94 13.74
C VAL B 339 -2.51 -16.57 13.76
N TRP B 340 -2.42 -17.82 14.20
CA TRP B 340 -1.15 -18.54 14.08
C TRP B 340 -0.86 -18.86 12.61
N ILE B 341 -1.90 -19.18 11.84
CA ILE B 341 -1.70 -19.55 10.44
C ILE B 341 -1.21 -18.35 9.65
N GLY B 342 -1.79 -17.17 9.92
CA GLY B 342 -1.26 -15.95 9.34
C GLY B 342 0.12 -15.61 9.84
N GLY B 343 0.45 -16.02 11.07
CA GLY B 343 1.83 -15.95 11.52
C GLY B 343 2.75 -16.82 10.71
N SER B 344 2.28 -18.02 10.33
CA SER B 344 3.09 -18.94 9.54
C SER B 344 3.29 -18.42 8.13
N ILE B 345 2.24 -17.83 7.54
CA ILE B 345 2.35 -17.26 6.20
C ILE B 345 3.29 -16.06 6.21
N LEU B 346 3.01 -15.08 7.09
CA LEU B 346 3.79 -13.85 7.10
C LEU B 346 5.23 -14.08 7.50
N ALA B 347 5.48 -15.06 8.38
CA ALA B 347 6.85 -15.40 8.70
C ALA B 347 7.54 -16.14 7.56
N SER B 348 6.79 -16.70 6.61
CA SER B 348 7.40 -17.42 5.50
C SER B 348 7.45 -16.61 4.21
N LEU B 349 7.07 -15.33 4.21
CA LEU B 349 7.22 -14.53 3.01
C LEU B 349 8.68 -14.16 2.75
N SER B 350 8.95 -13.86 1.47
CA SER B 350 10.27 -13.41 1.04
C SER B 350 10.53 -11.95 1.34
N THR B 351 9.49 -11.11 1.30
CA THR B 351 9.67 -9.69 1.52
C THR B 351 9.89 -9.36 3.00
N PHE B 352 9.46 -10.25 3.89
CA PHE B 352 9.45 -9.95 5.32
C PHE B 352 10.86 -9.94 5.93
N GLN B 353 11.86 -10.52 5.26
CA GLN B 353 13.16 -10.72 5.89
C GLN B 353 13.99 -9.45 6.07
N GLN B 354 13.53 -8.28 5.65
CA GLN B 354 14.17 -7.04 6.05
C GLN B 354 13.29 -6.20 6.97
N MET B 355 12.20 -6.77 7.49
CA MET B 355 11.39 -6.11 8.50
C MET B 355 11.61 -6.68 9.89
N TRP B 356 12.57 -7.58 10.07
CA TRP B 356 12.87 -8.11 11.39
C TRP B 356 13.59 -7.09 12.24
N ILE B 357 13.02 -6.82 13.41
CA ILE B 357 13.73 -6.08 14.45
C ILE B 357 14.80 -7.03 14.97
N THR B 358 16.06 -6.74 14.65
CA THR B 358 17.13 -7.67 14.94
C THR B 358 18.06 -7.12 16.01
N LYS B 359 18.85 -8.02 16.59
CA LYS B 359 19.91 -7.63 17.50
C LYS B 359 21.01 -6.95 16.69
N GLN B 360 21.73 -6.02 17.36
CA GLN B 360 22.68 -5.00 16.91
C GLN B 360 21.94 -3.84 16.25
N GLU B 361 20.64 -3.98 15.97
CA GLU B 361 19.76 -2.87 15.69
C GLU B 361 18.87 -2.56 16.87
N TYR B 362 18.53 -3.58 17.67
CA TYR B 362 17.93 -3.37 18.98
C TYR B 362 18.88 -2.61 19.89
N ASP B 363 20.15 -3.00 19.91
CA ASP B 363 21.13 -2.38 20.80
C ASP B 363 21.52 -0.99 20.32
N GLU B 364 21.26 -0.67 19.06
CA GLU B 364 21.61 0.63 18.50
C GLU B 364 20.75 1.74 19.08
N ALA B 365 19.43 1.54 19.16
CA ALA B 365 18.51 2.57 19.60
C ALA B 365 17.70 2.16 20.82
N GLY B 366 18.05 1.07 21.48
CA GLY B 366 17.38 0.65 22.68
C GLY B 366 16.02 0.03 22.39
N PRO B 367 15.19 -0.12 23.43
CA PRO B 367 13.91 -0.80 23.27
C PRO B 367 12.82 0.01 22.59
N SER B 368 13.08 1.27 22.26
CA SER B 368 12.07 2.09 21.58
C SER B 368 12.01 1.85 20.08
N ILE B 369 12.91 1.01 19.55
CA ILE B 369 13.05 0.79 18.12
C ILE B 369 11.81 0.12 17.53
N VAL B 370 11.03 -0.56 18.38
CA VAL B 370 9.80 -1.22 17.95
C VAL B 370 8.77 -0.19 17.51
N HIS B 371 8.81 1.00 18.10
CA HIS B 371 7.86 2.04 17.71
C HIS B 371 8.28 2.80 16.47
N ARG B 372 9.37 2.39 15.79
CA ARG B 372 9.74 3.01 14.53
C ARG B 372 9.98 2.01 13.40
N LYS B 373 10.25 0.74 13.71
CA LYS B 373 10.39 -0.29 12.69
C LYS B 373 9.12 -1.08 12.48
N CYS B 374 8.42 -1.43 13.55
CA CYS B 374 7.35 -2.41 13.46
C CYS B 374 6.06 -1.79 12.95
N PHE B 375 5.52 -0.82 13.68
CA PHE B 375 4.37 -0.06 13.19
C PHE B 375 4.53 1.42 13.54
N ASP C 1 -44.20 37.02 35.69
CA ASP C 1 -42.92 36.39 36.01
C ASP C 1 -41.76 37.35 35.69
N GLU C 2 -41.71 37.82 34.45
CA GLU C 2 -40.70 38.78 34.01
C GLU C 2 -41.39 40.03 33.51
N ASP C 3 -40.94 41.19 33.99
CA ASP C 3 -41.50 42.48 33.61
C ASP C 3 -40.78 43.13 32.44
N GLU C 4 -40.09 42.34 31.61
CA GLU C 4 -39.30 42.88 30.53
C GLU C 4 -39.61 42.14 29.23
N THR C 5 -39.21 42.76 28.12
CA THR C 5 -39.22 42.13 26.79
C THR C 5 -37.81 41.87 26.30
N THR C 6 -36.93 41.46 27.20
CA THR C 6 -35.53 41.23 26.85
C THR C 6 -35.40 39.98 26.00
N ALA C 7 -34.65 40.10 24.91
CA ALA C 7 -34.46 38.98 24.00
C ALA C 7 -33.57 37.92 24.62
N LEU C 8 -33.92 36.65 24.38
CA LEU C 8 -33.13 35.53 24.86
C LEU C 8 -32.08 35.16 23.83
N VAL C 9 -30.84 35.05 24.29
CA VAL C 9 -29.74 34.60 23.44
C VAL C 9 -29.41 33.19 23.91
N CYS C 10 -29.95 32.20 23.21
CA CYS C 10 -29.66 30.80 23.47
C CYS C 10 -28.67 30.30 22.43
N ASP C 11 -27.59 29.67 22.90
CA ASP C 11 -26.46 29.34 22.04
C ASP C 11 -25.97 27.94 22.39
N ASN C 12 -26.38 26.97 21.59
CA ASN C 12 -25.72 25.66 21.52
C ASN C 12 -25.03 25.60 20.17
N GLY C 13 -23.72 25.76 20.16
CA GLY C 13 -23.00 25.57 18.91
C GLY C 13 -22.98 24.11 18.54
N SER C 14 -22.21 23.31 19.25
CA SER C 14 -22.34 21.86 19.13
C SER C 14 -22.13 21.11 20.43
N GLY C 15 -21.55 21.74 21.46
CA GLY C 15 -21.12 20.97 22.60
C GLY C 15 -21.26 21.57 23.98
N LEU C 16 -21.79 22.79 24.09
CA LEU C 16 -21.87 23.47 25.38
C LEU C 16 -22.96 24.51 25.31
N VAL C 17 -24.05 24.31 26.07
CA VAL C 17 -25.16 25.25 26.04
C VAL C 17 -24.82 26.45 26.89
N LYS C 18 -24.85 27.62 26.29
CA LYS C 18 -24.70 28.89 27.00
C LYS C 18 -25.87 29.78 26.59
N ALA C 19 -26.54 30.36 27.57
CA ALA C 19 -27.74 31.15 27.33
C ALA C 19 -27.80 32.33 28.27
N GLY C 20 -28.57 33.33 27.89
CA GLY C 20 -28.74 34.48 28.75
C GLY C 20 -29.62 35.53 28.12
N PHE C 21 -29.56 36.72 28.68
CA PHE C 21 -30.40 37.84 28.26
C PHE C 21 -29.65 38.72 27.28
N ALA C 22 -30.40 39.51 26.53
CA ALA C 22 -29.79 40.48 25.63
C ALA C 22 -29.27 41.67 26.42
N GLY C 23 -28.16 42.23 25.96
CA GLY C 23 -27.54 43.35 26.63
C GLY C 23 -26.91 42.96 27.95
N ASP C 24 -26.07 41.92 27.92
CA ASP C 24 -25.45 41.42 29.15
C ASP C 24 -24.03 41.00 28.80
N ASP C 25 -23.17 41.02 29.83
CA ASP C 25 -21.76 40.69 29.61
C ASP C 25 -21.53 39.19 29.63
N ALA C 26 -21.90 38.53 30.72
CA ALA C 26 -21.68 37.11 30.87
C ALA C 26 -22.95 36.33 30.59
N PRO C 27 -22.85 35.17 29.95
CA PRO C 27 -24.03 34.32 29.79
C PRO C 27 -24.47 33.77 31.13
N ARG C 28 -25.78 33.80 31.35
CA ARG C 28 -26.31 33.50 32.69
C ARG C 28 -26.31 32.00 32.97
N ALA C 29 -26.72 31.20 31.99
CA ALA C 29 -26.83 29.75 32.18
C ALA C 29 -25.84 29.05 31.28
N VAL C 30 -24.77 28.51 31.85
CA VAL C 30 -23.76 27.76 31.12
C VAL C 30 -23.75 26.35 31.67
N PHE C 31 -24.03 25.37 30.82
CA PHE C 31 -24.05 23.97 31.22
C PHE C 31 -23.81 23.10 30.00
N PRO C 32 -23.27 21.90 30.18
CA PRO C 32 -22.96 21.05 29.03
C PRO C 32 -24.21 20.48 28.37
N SER C 33 -24.11 20.28 27.07
CA SER C 33 -25.22 19.80 26.24
C SER C 33 -25.25 18.28 26.22
N ILE C 34 -25.65 17.69 27.34
CA ILE C 34 -25.79 16.24 27.45
C ILE C 34 -27.16 15.91 28.00
N VAL C 35 -27.67 14.74 27.61
CA VAL C 35 -28.85 14.15 28.20
C VAL C 35 -28.45 12.80 28.76
N GLY C 36 -28.89 12.52 29.98
CA GLY C 36 -28.56 11.28 30.63
C GLY C 36 -29.71 10.30 30.62
N ARG C 37 -29.38 9.03 30.83
CA ARG C 37 -30.36 7.98 30.82
C ARG C 37 -29.76 6.80 31.60
N PRO C 38 -30.45 6.29 32.61
CA PRO C 38 -29.89 5.19 33.39
C PRO C 38 -29.86 3.90 32.58
N ARG C 39 -28.66 3.37 32.37
CA ARG C 39 -28.48 2.20 31.53
C ARG C 39 -28.76 0.89 32.25
N HIS C 40 -29.24 0.94 33.49
CA HIS C 40 -29.58 -0.25 34.24
C HIS C 40 -30.73 0.07 35.20
N GLN C 41 -31.17 -0.94 35.91
CA GLN C 41 -32.39 -0.83 36.70
C GLN C 41 -32.16 -0.07 38.00
N GLY C 42 -33.25 0.45 38.55
CA GLY C 42 -33.24 1.07 39.86
C GLY C 42 -33.72 0.10 40.91
N VAL C 43 -33.27 0.30 42.15
CA VAL C 43 -33.56 -0.60 43.26
C VAL C 43 -34.23 0.11 44.42
N MET C 44 -33.69 1.26 44.83
CA MET C 44 -34.22 1.96 46.00
C MET C 44 -35.60 2.55 45.72
N VAL C 45 -36.57 2.11 46.50
CA VAL C 45 -37.95 2.57 46.40
C VAL C 45 -38.04 3.94 47.06
N GLY C 46 -38.72 4.88 46.40
CA GLY C 46 -38.80 6.22 46.93
C GLY C 46 -37.52 7.01 46.76
N MET C 47 -37.20 7.37 45.52
CA MET C 47 -35.99 8.14 45.25
C MET C 47 -36.23 9.35 44.36
N GLY C 48 -37.31 9.35 43.58
CA GLY C 48 -37.43 10.28 42.49
C GLY C 48 -36.96 9.59 41.23
N GLN C 49 -35.69 9.79 40.88
CA GLN C 49 -34.92 9.08 39.84
C GLN C 49 -35.68 8.96 38.51
N LYS C 50 -35.94 10.13 37.94
CA LYS C 50 -36.54 10.22 36.62
C LYS C 50 -35.57 9.71 35.56
N ASP C 51 -36.12 9.34 34.41
CA ASP C 51 -35.35 8.77 33.30
C ASP C 51 -34.92 9.90 32.36
N SER C 52 -34.34 10.96 32.94
CA SER C 52 -33.80 12.09 32.21
C SER C 52 -32.87 12.87 33.11
N TYR C 53 -31.64 13.10 32.66
CA TYR C 53 -30.70 13.94 33.40
C TYR C 53 -30.01 14.82 32.38
N VAL C 54 -30.25 16.11 32.46
CA VAL C 54 -29.82 17.06 31.45
C VAL C 54 -28.93 18.11 32.08
N GLY C 55 -27.92 18.53 31.35
CA GLY C 55 -27.02 19.56 31.84
C GLY C 55 -26.08 19.02 32.89
N ASP C 56 -25.62 19.91 33.77
CA ASP C 56 -24.58 19.58 34.74
C ASP C 56 -25.06 18.59 35.79
N GLU C 57 -26.39 18.49 35.99
CA GLU C 57 -26.97 17.45 36.84
C GLU C 57 -26.61 16.06 36.32
N ALA C 58 -26.57 15.88 35.00
CA ALA C 58 -26.10 14.62 34.45
C ALA C 58 -24.63 14.37 34.79
N GLN C 59 -23.82 15.44 34.81
CA GLN C 59 -22.44 15.26 35.25
C GLN C 59 -22.34 15.04 36.75
N SER C 60 -23.40 15.31 37.52
CA SER C 60 -23.39 14.87 38.90
C SER C 60 -23.61 13.38 39.02
N LYS C 61 -24.25 12.75 38.03
CA LYS C 61 -24.60 11.34 38.10
C LYS C 61 -24.03 10.56 36.92
N ARG C 62 -22.95 11.05 36.32
CA ARG C 62 -22.43 10.49 35.08
C ARG C 62 -21.86 9.09 35.24
N GLY C 63 -21.63 8.62 36.47
CA GLY C 63 -21.22 7.25 36.66
C GLY C 63 -22.28 6.23 36.31
N ILE C 64 -23.56 6.60 36.39
CA ILE C 64 -24.63 5.63 36.18
C ILE C 64 -25.46 5.95 34.97
N LEU C 65 -24.94 6.78 34.06
CA LEU C 65 -25.71 7.21 32.90
C LEU C 65 -24.95 6.87 31.63
N THR C 66 -25.70 6.78 30.54
CA THR C 66 -25.11 6.75 29.20
C THR C 66 -25.27 8.16 28.61
N LEU C 67 -24.19 8.92 28.64
CA LEU C 67 -24.22 10.29 28.17
C LEU C 67 -24.30 10.32 26.65
N LYS C 68 -25.05 11.28 26.13
CA LYS C 68 -25.32 11.32 24.70
C LYS C 68 -25.55 12.77 24.29
N TYR C 69 -24.60 13.32 23.55
CA TYR C 69 -24.73 14.66 23.00
C TYR C 69 -25.81 14.65 21.93
N PRO C 70 -26.89 15.42 22.09
CA PRO C 70 -27.98 15.40 21.12
C PRO C 70 -27.64 16.09 19.81
N ILE C 71 -26.63 16.96 19.79
CA ILE C 71 -26.22 17.65 18.58
C ILE C 71 -24.79 17.24 18.26
N GLU C 72 -24.54 16.87 17.00
CA GLU C 72 -23.27 16.31 16.57
C GLU C 72 -22.81 17.04 15.33
N HIS C 73 -21.60 17.62 15.41
CA HIS C 73 -20.99 18.42 14.34
C HIS C 73 -21.88 19.59 13.92
N GLY C 74 -22.58 20.18 14.88
CA GLY C 74 -23.54 21.23 14.60
C GLY C 74 -24.86 20.76 14.04
N ILE C 75 -25.04 19.46 13.84
CA ILE C 75 -26.27 18.90 13.29
C ILE C 75 -27.03 18.23 14.41
N ILE C 76 -28.28 18.65 14.62
CA ILE C 76 -29.10 18.07 15.67
C ILE C 76 -29.59 16.70 15.22
N THR C 77 -29.28 15.67 16.02
CA THR C 77 -29.64 14.30 15.69
C THR C 77 -30.98 13.90 16.28
N ASN C 78 -31.15 14.07 17.59
CA ASN C 78 -32.38 13.68 18.27
C ASN C 78 -33.13 14.93 18.69
N TRP C 79 -34.29 15.16 18.06
CA TRP C 79 -35.05 16.38 18.31
C TRP C 79 -35.74 16.37 19.66
N ASP C 80 -36.16 15.18 20.12
CA ASP C 80 -36.74 15.06 21.45
C ASP C 80 -35.73 15.36 22.56
N ASP C 81 -34.50 14.89 22.41
CA ASP C 81 -33.46 15.16 23.39
C ASP C 81 -33.05 16.63 23.40
N MET C 82 -32.97 17.24 22.22
CA MET C 82 -32.69 18.67 22.15
C MET C 82 -33.86 19.48 22.69
N GLU C 83 -35.08 18.95 22.59
CA GLU C 83 -36.22 19.58 23.24
C GLU C 83 -36.14 19.48 24.75
N LYS C 84 -35.56 18.39 25.26
CA LYS C 84 -35.28 18.31 26.70
C LYS C 84 -34.22 19.34 27.09
N ILE C 85 -33.22 19.54 26.23
CA ILE C 85 -32.16 20.51 26.53
C ILE C 85 -32.70 21.92 26.54
N TRP C 86 -33.58 22.25 25.60
CA TRP C 86 -34.21 23.57 25.57
C TRP C 86 -35.18 23.77 26.72
N HIS C 87 -35.92 22.71 27.08
CA HIS C 87 -36.87 22.79 28.18
C HIS C 87 -36.15 23.03 29.50
N HIS C 88 -35.05 22.32 29.72
CA HIS C 88 -34.20 22.57 30.87
C HIS C 88 -33.51 23.91 30.78
N THR C 89 -33.25 24.38 29.57
CA THR C 89 -32.56 25.66 29.38
C THR C 89 -33.44 26.82 29.80
N PHE C 90 -34.63 26.93 29.22
CA PHE C 90 -35.48 28.07 29.52
C PHE C 90 -36.21 27.92 30.85
N TYR C 91 -36.64 26.71 31.20
CA TYR C 91 -37.52 26.56 32.36
C TYR C 91 -36.81 26.28 33.66
N ASN C 92 -35.57 25.78 33.63
CA ASN C 92 -34.88 25.41 34.86
C ASN C 92 -33.65 26.26 35.14
N GLU C 93 -32.70 26.33 34.21
CA GLU C 93 -31.48 27.08 34.46
C GLU C 93 -31.70 28.58 34.33
N LEU C 94 -32.10 29.03 33.14
CA LEU C 94 -32.35 30.44 32.92
C LEU C 94 -33.60 30.91 33.64
N ARG C 95 -34.59 30.02 33.78
CA ARG C 95 -35.78 30.20 34.63
C ARG C 95 -36.59 31.43 34.19
N VAL C 96 -37.14 31.31 32.98
CA VAL C 96 -37.94 32.37 32.37
C VAL C 96 -38.87 31.72 31.35
N ALA C 97 -40.01 32.36 31.10
CA ALA C 97 -40.98 31.82 30.17
C ALA C 97 -40.64 32.23 28.74
N PRO C 98 -40.58 31.30 27.79
CA PRO C 98 -40.25 31.67 26.41
C PRO C 98 -41.37 32.39 25.69
N GLU C 99 -42.58 32.38 26.24
CA GLU C 99 -43.75 32.98 25.59
C GLU C 99 -43.63 34.50 25.50
N GLU C 100 -42.88 35.12 26.40
CA GLU C 100 -42.84 36.58 26.47
C GLU C 100 -41.52 37.16 25.97
N HIS C 101 -40.65 36.36 25.38
CA HIS C 101 -39.33 36.84 25.00
C HIS C 101 -38.94 36.38 23.59
N PRO C 102 -38.39 37.28 22.76
CA PRO C 102 -37.81 36.85 21.50
C PRO C 102 -36.56 36.01 21.75
N THR C 103 -36.26 35.12 20.81
CA THR C 103 -35.12 34.23 20.97
C THR C 103 -34.15 34.33 19.81
N LEU C 104 -32.88 34.18 20.12
CA LEU C 104 -31.79 34.31 19.16
C LEU C 104 -30.99 33.02 19.20
N LEU C 105 -31.30 32.12 18.28
CA LEU C 105 -30.58 30.87 18.15
C LEU C 105 -29.28 31.10 17.41
N THR C 106 -28.43 30.07 17.40
CA THR C 106 -27.19 30.07 16.63
C THR C 106 -27.04 28.74 15.91
N GLU C 107 -26.36 28.77 14.76
CA GLU C 107 -26.04 27.54 14.06
C GLU C 107 -24.76 27.74 13.25
N ALA C 108 -24.39 26.69 12.53
CA ALA C 108 -23.26 26.69 11.62
C ALA C 108 -23.70 27.05 10.22
N PRO C 109 -22.85 27.70 9.44
CA PRO C 109 -23.06 27.75 7.99
C PRO C 109 -22.82 26.38 7.38
N LEU C 110 -23.31 26.24 6.13
CA LEU C 110 -23.32 24.98 5.39
C LEU C 110 -24.01 23.87 6.17
N ASN C 111 -25.09 24.23 6.84
CA ASN C 111 -25.90 23.36 7.67
C ASN C 111 -26.91 22.65 6.78
N PRO C 112 -27.26 21.40 7.09
CA PRO C 112 -28.48 20.83 6.51
C PRO C 112 -29.68 21.64 6.95
N LYS C 113 -30.49 22.05 5.97
CA LYS C 113 -31.52 23.05 6.20
C LYS C 113 -32.70 22.53 7.00
N ALA C 114 -32.81 21.22 7.22
CA ALA C 114 -33.85 20.70 8.10
C ALA C 114 -33.53 21.00 9.57
N ASN C 115 -32.24 21.22 9.88
CA ASN C 115 -31.86 21.64 11.22
C ASN C 115 -32.38 23.05 11.51
N ARG C 116 -32.14 23.96 10.57
CA ARG C 116 -32.61 25.33 10.69
C ARG C 116 -34.14 25.39 10.68
N GLU C 117 -34.76 24.67 9.75
CA GLU C 117 -36.20 24.74 9.55
C GLU C 117 -36.95 24.08 10.69
N LYS C 118 -36.55 22.86 11.07
CA LYS C 118 -37.18 22.19 12.20
C LYS C 118 -36.84 22.85 13.53
N MET C 119 -35.70 23.53 13.61
CA MET C 119 -35.40 24.31 14.80
C MET C 119 -36.35 25.49 14.94
N THR C 120 -36.67 26.15 13.82
CA THR C 120 -37.66 27.21 13.87
C THR C 120 -39.05 26.66 14.17
N GLN C 121 -39.35 25.47 13.66
CA GLN C 121 -40.65 24.83 13.90
C GLN C 121 -40.82 24.47 15.37
N ILE C 122 -39.77 23.97 16.01
CA ILE C 122 -39.88 23.67 17.44
C ILE C 122 -39.94 24.96 18.25
N MET C 123 -39.21 26.01 17.85
CA MET C 123 -39.25 27.26 18.61
C MET C 123 -40.60 27.96 18.52
N PHE C 124 -41.31 27.85 17.39
CA PHE C 124 -42.62 28.49 17.35
C PHE C 124 -43.75 27.58 17.82
N GLU C 125 -43.73 26.30 17.49
CA GLU C 125 -44.89 25.46 17.77
C GLU C 125 -44.91 24.99 19.21
N THR C 126 -43.74 24.67 19.78
CA THR C 126 -43.71 24.10 21.12
C THR C 126 -43.58 25.16 22.20
N PHE C 127 -42.56 26.01 22.12
CA PHE C 127 -42.30 27.00 23.16
C PHE C 127 -43.05 28.31 22.95
N ASN C 128 -43.51 28.56 21.73
CA ASN C 128 -44.39 29.69 21.38
C ASN C 128 -43.74 31.04 21.68
N VAL C 129 -42.54 31.22 21.16
CA VAL C 129 -41.83 32.49 21.28
C VAL C 129 -42.51 33.50 20.36
N PRO C 130 -42.47 34.79 20.68
CA PRO C 130 -43.05 35.77 19.75
C PRO C 130 -42.15 36.07 18.56
N ALA C 131 -40.84 36.00 18.74
CA ALA C 131 -39.90 36.28 17.66
C ALA C 131 -38.73 35.32 17.79
N MET C 132 -37.98 35.19 16.70
CA MET C 132 -36.97 34.15 16.60
C MET C 132 -35.99 34.54 15.50
N TYR C 133 -34.72 34.19 15.68
CA TYR C 133 -33.74 34.46 14.62
C TYR C 133 -32.67 33.37 14.64
N VAL C 134 -32.08 33.09 13.48
CA VAL C 134 -31.11 32.01 13.34
C VAL C 134 -29.75 32.63 13.04
N ALA C 135 -28.98 32.90 14.07
CA ALA C 135 -27.74 33.65 13.91
C ALA C 135 -26.59 32.73 13.49
N ILE C 136 -25.70 33.25 12.65
CA ILE C 136 -24.47 32.54 12.33
C ILE C 136 -23.49 32.71 13.48
N GLN C 137 -22.86 31.61 13.88
CA GLN C 137 -21.92 31.58 15.00
C GLN C 137 -20.69 32.47 14.77
N ALA C 138 -20.09 32.38 13.58
CA ALA C 138 -18.85 33.10 13.30
C ALA C 138 -19.07 34.61 13.16
N VAL C 139 -20.20 35.03 12.60
CA VAL C 139 -20.49 36.45 12.45
C VAL C 139 -20.66 37.09 13.83
N LEU C 140 -21.32 36.39 14.74
CA LEU C 140 -21.44 36.85 16.12
C LEU C 140 -20.09 36.84 16.82
N SER C 141 -19.22 35.90 16.47
CA SER C 141 -17.85 35.95 16.96
C SER C 141 -17.09 37.16 16.44
N LEU C 142 -17.52 37.73 15.31
CA LEU C 142 -16.92 38.99 14.88
C LEU C 142 -17.63 40.19 15.50
N TYR C 143 -18.89 40.05 15.93
CA TYR C 143 -19.55 41.14 16.64
C TYR C 143 -18.91 41.40 17.99
N ALA C 144 -18.51 40.34 18.71
CA ALA C 144 -17.90 40.56 20.01
C ALA C 144 -16.47 41.07 19.90
N SER C 145 -15.85 40.95 18.72
CA SER C 145 -14.50 41.46 18.54
C SER C 145 -14.47 42.97 18.34
N GLY C 146 -15.63 43.62 18.20
CA GLY C 146 -15.66 45.05 18.03
C GLY C 146 -15.27 45.52 16.65
N ARG C 147 -15.19 44.63 15.68
CA ARG C 147 -14.77 44.97 14.33
C ARG C 147 -15.91 44.70 13.35
N THR C 148 -15.76 45.29 12.17
CA THR C 148 -16.64 45.01 11.04
C THR C 148 -15.91 44.35 9.88
N THR C 149 -14.59 44.19 10.02
CA THR C 149 -13.77 43.56 8.99
C THR C 149 -12.86 42.53 9.64
N GLY C 150 -12.89 41.31 9.13
CA GLY C 150 -12.02 40.26 9.59
C GLY C 150 -12.50 38.90 9.12
N ILE C 151 -11.58 37.95 9.10
CA ILE C 151 -11.88 36.55 8.85
C ILE C 151 -11.97 35.85 10.20
N VAL C 152 -12.98 34.99 10.35
CA VAL C 152 -13.35 34.46 11.65
C VAL C 152 -13.04 32.98 11.72
N LEU C 153 -12.18 32.61 12.66
CA LEU C 153 -11.97 31.25 13.10
C LEU C 153 -12.56 31.09 14.48
N ASP C 154 -13.46 30.13 14.66
CA ASP C 154 -13.95 29.89 16.02
C ASP C 154 -13.65 28.49 16.54
N SER C 155 -13.89 27.45 15.74
CA SER C 155 -13.54 26.05 16.05
C SER C 155 -14.22 25.57 17.35
N GLY C 156 -15.54 25.42 17.28
CA GLY C 156 -16.28 24.92 18.42
C GLY C 156 -16.09 23.43 18.71
N ASP C 157 -17.08 22.78 19.29
CA ASP C 157 -16.92 21.37 19.63
C ASP C 157 -17.11 20.46 18.42
N GLY C 158 -17.87 20.89 17.42
CA GLY C 158 -18.12 20.02 16.29
C GLY C 158 -17.89 20.63 14.92
N VAL C 159 -17.46 21.88 14.85
CA VAL C 159 -17.40 22.58 13.58
C VAL C 159 -16.37 23.71 13.67
N THR C 160 -15.79 24.07 12.53
CA THR C 160 -15.02 25.30 12.39
C THR C 160 -15.37 25.93 11.04
N HIS C 161 -15.25 27.26 10.96
CA HIS C 161 -15.87 28.00 9.86
C HIS C 161 -14.87 28.74 8.98
N ASN C 162 -14.06 29.64 9.54
CA ASN C 162 -13.25 30.61 8.79
C ASN C 162 -14.11 31.40 7.80
N VAL C 163 -15.00 32.21 8.35
CA VAL C 163 -15.91 33.03 7.55
C VAL C 163 -15.25 34.40 7.35
N PRO C 164 -14.89 34.78 6.12
CA PRO C 164 -14.33 36.11 5.89
C PRO C 164 -15.41 37.15 5.68
N ILE C 165 -15.24 38.31 6.34
CA ILE C 165 -16.19 39.40 6.27
C ILE C 165 -15.40 40.68 6.04
N TYR C 166 -15.79 41.46 5.04
CA TYR C 166 -15.11 42.72 4.74
C TYR C 166 -16.12 43.86 4.77
N GLU C 167 -15.94 44.76 5.75
CA GLU C 167 -16.65 46.04 5.85
C GLU C 167 -18.16 45.87 5.88
N GLY C 168 -18.63 44.95 6.72
CA GLY C 168 -20.05 44.69 6.80
C GLY C 168 -20.57 43.67 5.82
N TYR C 169 -19.79 43.31 4.81
CA TYR C 169 -20.19 42.35 3.80
C TYR C 169 -19.43 41.05 4.04
N ALA C 170 -20.14 39.95 4.13
CA ALA C 170 -19.49 38.66 4.16
C ALA C 170 -19.20 38.17 2.74
N LEU C 171 -18.34 37.17 2.64
CA LEU C 171 -17.97 36.57 1.37
C LEU C 171 -18.49 35.14 1.39
N PRO C 172 -19.71 34.90 0.90
CA PRO C 172 -20.31 33.56 1.02
C PRO C 172 -19.67 32.53 0.11
N HIS C 173 -18.97 32.93 -0.94
CA HIS C 173 -18.29 31.96 -1.78
C HIS C 173 -16.97 31.51 -1.18
N ALA C 174 -16.33 32.34 -0.37
CA ALA C 174 -15.06 32.02 0.26
C ALA C 174 -15.25 31.34 1.62
N ILE C 175 -16.46 30.89 1.93
CA ILE C 175 -16.73 30.31 3.22
C ILE C 175 -16.17 28.89 3.27
N MET C 176 -15.95 28.37 4.47
CA MET C 176 -15.37 27.06 4.65
C MET C 176 -16.13 26.36 5.76
N ARG C 177 -16.02 25.03 5.82
CA ARG C 177 -16.55 24.27 6.95
C ARG C 177 -15.75 22.98 7.04
N LEU C 178 -14.96 22.86 8.10
CA LEU C 178 -14.22 21.64 8.38
C LEU C 178 -14.80 20.98 9.62
N ASP C 179 -15.00 19.67 9.54
CA ASP C 179 -15.66 18.91 10.61
C ASP C 179 -14.69 18.41 11.65
N LEU C 180 -13.47 18.93 11.68
CA LEU C 180 -12.47 18.58 12.68
C LEU C 180 -12.52 19.61 13.80
N ALA C 181 -12.90 19.16 14.99
CA ALA C 181 -13.07 20.09 16.09
C ALA C 181 -12.75 19.36 17.40
N GLY C 182 -13.16 19.96 18.52
CA GLY C 182 -12.71 19.52 19.83
C GLY C 182 -13.19 18.14 20.25
N ARG C 183 -14.31 17.68 19.72
CA ARG C 183 -14.78 16.35 20.08
C ARG C 183 -13.94 15.27 19.40
N ASP C 184 -13.51 15.54 18.16
CA ASP C 184 -12.60 14.62 17.49
C ASP C 184 -11.22 14.64 18.14
N LEU C 185 -10.82 15.79 18.69
CA LEU C 185 -9.58 15.85 19.45
C LEU C 185 -9.72 15.11 20.76
N THR C 186 -10.94 15.08 21.32
CA THR C 186 -11.17 14.31 22.54
C THR C 186 -11.09 12.81 22.26
N ASP C 187 -11.63 12.37 21.12
CA ASP C 187 -11.55 10.97 20.77
C ASP C 187 -10.13 10.55 20.43
N TYR C 188 -9.38 11.42 19.74
CA TYR C 188 -7.98 11.12 19.45
C TYR C 188 -7.13 11.12 20.71
N LEU C 189 -7.45 12.01 21.66
CA LEU C 189 -6.74 12.03 22.93
C LEU C 189 -7.05 10.77 23.73
N MET C 190 -8.28 10.29 23.66
CA MET C 190 -8.64 9.03 24.30
C MET C 190 -7.90 7.87 23.66
N LYS C 191 -7.69 7.93 22.35
CA LYS C 191 -6.96 6.88 21.65
C LYS C 191 -5.48 6.86 22.04
N ILE C 192 -4.85 8.03 22.12
CA ILE C 192 -3.43 8.04 22.47
C ILE C 192 -3.18 7.88 23.97
N LEU C 193 -4.17 8.18 24.82
CA LEU C 193 -4.04 7.80 26.21
C LEU C 193 -4.23 6.30 26.38
N THR C 194 -5.02 5.67 25.50
CA THR C 194 -5.03 4.21 25.44
C THR C 194 -3.68 3.69 24.96
N GLU C 195 -3.00 4.45 24.10
CA GLU C 195 -1.66 4.07 23.66
C GLU C 195 -0.65 4.15 24.80
N ARG C 196 -0.78 5.17 25.67
CA ARG C 196 0.14 5.25 26.81
C ARG C 196 -0.15 4.17 27.84
N GLY C 197 -1.42 3.88 28.11
CA GLY C 197 -1.72 2.86 29.09
C GLY C 197 -2.96 3.09 29.91
N TYR C 198 -3.57 4.26 29.79
CA TYR C 198 -4.79 4.58 30.51
C TYR C 198 -5.99 4.33 29.59
N SER C 199 -6.75 3.30 29.88
CA SER C 199 -7.85 2.89 29.02
C SER C 199 -9.13 3.62 29.44
N PHE C 200 -9.63 4.46 28.54
CA PHE C 200 -10.90 5.15 28.73
C PHE C 200 -11.85 4.71 27.63
N VAL C 201 -12.98 4.13 28.00
CA VAL C 201 -13.94 3.65 27.01
C VAL C 201 -15.36 4.11 27.30
N THR C 202 -15.69 4.50 28.52
CA THR C 202 -17.03 4.91 28.86
C THR C 202 -17.22 6.36 28.45
N THR C 203 -18.48 6.74 28.19
CA THR C 203 -18.80 8.12 27.85
C THR C 203 -18.51 9.05 29.02
N ALA C 204 -18.68 8.57 30.25
CA ALA C 204 -18.24 9.32 31.41
C ALA C 204 -16.72 9.43 31.46
N GLU C 205 -16.02 8.35 31.09
CA GLU C 205 -14.58 8.41 30.96
C GLU C 205 -14.15 9.30 29.81
N ARG C 206 -14.95 9.35 28.75
CA ARG C 206 -14.73 10.30 27.66
C ARG C 206 -14.87 11.73 28.14
N GLU C 207 -15.80 11.97 29.07
CA GLU C 207 -15.93 13.29 29.69
C GLU C 207 -14.71 13.62 30.54
N ILE C 208 -14.12 12.62 31.19
CA ILE C 208 -12.89 12.82 31.95
C ILE C 208 -11.73 13.16 31.01
N VAL C 209 -11.69 12.51 29.85
CA VAL C 209 -10.69 12.82 28.83
C VAL C 209 -10.87 14.24 28.32
N ARG C 210 -12.12 14.69 28.20
CA ARG C 210 -12.38 16.09 27.84
C ARG C 210 -11.87 17.03 28.92
N ASP C 211 -11.97 16.61 30.19
CA ASP C 211 -11.46 17.43 31.28
C ASP C 211 -9.94 17.53 31.23
N ILE C 212 -9.26 16.43 30.93
CA ILE C 212 -7.80 16.43 30.81
C ILE C 212 -7.35 17.26 29.63
N LYS C 213 -8.16 17.26 28.55
CA LYS C 213 -7.87 18.10 27.39
C LYS C 213 -7.99 19.57 27.74
N GLU C 214 -9.03 19.94 28.50
CA GLU C 214 -9.22 21.34 28.86
C GLU C 214 -8.13 21.82 29.82
N LYS C 215 -7.73 20.97 30.76
CA LYS C 215 -6.81 21.45 31.79
C LYS C 215 -5.36 21.42 31.35
N LEU C 216 -4.94 20.40 30.60
CA LEU C 216 -3.53 20.06 30.58
C LEU C 216 -3.05 19.80 29.15
N CYS C 217 -3.31 20.75 28.24
CA CYS C 217 -2.79 20.64 26.88
C CYS C 217 -2.25 21.99 26.43
N TYR C 218 -1.21 21.95 25.60
CA TYR C 218 -0.73 23.13 24.89
C TYR C 218 -0.36 22.74 23.47
N VAL C 219 0.08 23.72 22.69
CA VAL C 219 -0.09 23.68 21.24
C VAL C 219 1.18 23.26 20.49
N ALA C 220 2.36 23.28 21.14
CA ALA C 220 3.65 22.89 20.55
C ALA C 220 4.01 23.71 19.31
N LEU C 221 4.39 24.98 19.53
CA LEU C 221 4.83 25.95 18.51
C LEU C 221 5.66 25.40 17.37
N ASP C 222 6.64 24.56 17.67
CA ASP C 222 7.33 23.75 16.67
C ASP C 222 7.20 22.29 17.06
N PHE C 223 6.41 21.54 16.31
CA PHE C 223 6.03 20.19 16.73
C PHE C 223 7.20 19.21 16.63
N GLU C 224 8.16 19.46 15.75
CA GLU C 224 9.26 18.52 15.58
C GLU C 224 10.23 18.60 16.76
N ASN C 225 10.66 19.82 17.12
CA ASN C 225 11.58 19.96 18.25
C ASN C 225 10.86 19.74 19.57
N GLU C 226 9.55 19.98 19.63
CA GLU C 226 8.81 19.64 20.84
C GLU C 226 8.67 18.13 20.97
N MET C 227 8.54 17.43 19.85
CA MET C 227 8.47 15.98 19.87
C MET C 227 9.81 15.37 20.27
N ALA C 228 10.91 15.94 19.76
CA ALA C 228 12.23 15.49 20.20
C ALA C 228 12.50 15.88 21.65
N THR C 229 11.89 16.96 22.13
CA THR C 229 12.04 17.35 23.52
C THR C 229 11.29 16.40 24.44
N ALA C 230 10.06 16.02 24.06
CA ALA C 230 9.31 15.04 24.83
C ALA C 230 9.94 13.67 24.78
N ALA C 231 10.59 13.33 23.67
CA ALA C 231 11.36 12.10 23.61
C ALA C 231 12.67 12.21 24.37
N SER C 232 13.14 13.43 24.64
CA SER C 232 14.43 13.61 25.30
C SER C 232 14.34 13.39 26.80
N SER C 233 13.55 14.22 27.49
CA SER C 233 13.54 14.25 28.94
C SER C 233 12.11 14.17 29.46
N SER C 234 11.99 14.18 30.78
CA SER C 234 10.70 14.13 31.47
C SER C 234 10.32 15.48 32.07
N SER C 235 10.72 16.58 31.42
CA SER C 235 10.29 17.91 31.84
C SER C 235 8.89 18.24 31.39
N LEU C 236 8.30 17.41 30.52
CA LEU C 236 6.96 17.60 30.01
C LEU C 236 5.95 16.65 30.64
N GLU C 237 6.42 15.64 31.36
CA GLU C 237 5.54 14.71 32.04
C GLU C 237 4.80 15.43 33.16
N LYS C 238 3.47 15.36 33.11
CA LYS C 238 2.69 16.06 34.11
C LYS C 238 1.63 15.11 34.66
N SER C 239 1.48 15.12 35.98
CA SER C 239 0.51 14.26 36.64
C SER C 239 -0.81 15.00 36.82
N TYR C 240 -1.90 14.30 36.53
CA TYR C 240 -3.24 14.82 36.73
C TYR C 240 -4.01 13.80 37.55
N GLU C 241 -4.58 14.24 38.67
CA GLU C 241 -5.36 13.34 39.51
C GLU C 241 -6.72 13.13 38.87
N LEU C 242 -7.01 11.88 38.51
CA LEU C 242 -8.34 11.51 38.06
C LEU C 242 -9.31 11.61 39.23
N PRO C 243 -10.61 11.74 38.93
CA PRO C 243 -11.59 11.58 40.01
C PRO C 243 -11.57 10.18 40.56
N ASP C 244 -11.54 10.09 41.88
CA ASP C 244 -11.52 8.86 42.68
C ASP C 244 -10.27 8.02 42.37
N GLY C 245 -9.12 8.56 42.78
CA GLY C 245 -7.95 7.73 42.94
C GLY C 245 -6.75 7.97 42.04
N GLN C 246 -6.54 7.03 41.12
CA GLN C 246 -5.28 6.86 40.40
C GLN C 246 -4.92 8.08 39.56
N VAL C 247 -3.73 8.61 39.78
CA VAL C 247 -3.24 9.76 39.03
C VAL C 247 -2.69 9.27 37.71
N ILE C 248 -2.63 10.18 36.74
CA ILE C 248 -2.04 9.90 35.44
C ILE C 248 -0.83 10.81 35.27
N THR C 249 -0.03 10.51 34.24
CA THR C 249 1.14 11.32 33.93
C THR C 249 1.31 11.29 32.41
N ILE C 250 1.04 12.42 31.76
CA ILE C 250 1.07 12.49 30.31
C ILE C 250 2.35 13.17 29.86
N GLY C 251 2.86 12.71 28.71
CA GLY C 251 4.07 13.25 28.12
C GLY C 251 3.83 13.92 26.78
N ASN C 252 4.11 13.20 25.70
CA ASN C 252 3.89 13.74 24.36
C ASN C 252 2.42 13.83 23.98
N GLU C 253 1.53 13.22 24.76
CA GLU C 253 0.10 13.37 24.55
C GLU C 253 -0.40 14.73 24.96
N ARG C 254 0.42 15.50 25.69
CA ARG C 254 0.03 16.84 26.12
C ARG C 254 -0.05 17.80 24.94
N PHE C 255 0.72 17.56 23.88
CA PHE C 255 0.71 18.45 22.74
C PHE C 255 0.35 17.78 21.42
N ARG C 256 0.26 16.45 21.38
CA ARG C 256 -0.21 15.81 20.15
C ARG C 256 -1.72 15.89 19.98
N CYS C 257 -2.45 16.37 20.99
CA CYS C 257 -3.89 16.56 20.81
C CYS C 257 -4.22 17.76 19.91
N PRO C 258 -3.72 18.99 20.13
CA PRO C 258 -4.08 20.06 19.20
C PRO C 258 -3.26 20.09 17.93
N GLU C 259 -2.19 19.31 17.84
CA GLU C 259 -1.48 19.19 16.58
C GLU C 259 -2.32 18.45 15.56
N THR C 260 -3.20 17.55 16.02
CA THR C 260 -4.21 16.95 15.16
C THR C 260 -5.13 18.00 14.56
N LEU C 261 -5.45 19.04 15.33
CA LEU C 261 -6.22 20.16 14.81
C LEU C 261 -5.44 20.91 13.74
N PHE C 262 -4.12 21.03 13.91
CA PHE C 262 -3.30 21.64 12.88
C PHE C 262 -2.81 20.65 11.84
N GLN C 263 -3.11 19.38 11.98
CA GLN C 263 -2.65 18.38 11.03
C GLN C 263 -3.61 17.19 11.07
N PRO C 264 -4.64 17.18 10.23
CA PRO C 264 -5.69 16.15 10.33
C PRO C 264 -5.29 14.79 9.81
N SER C 265 -4.05 14.61 9.35
CA SER C 265 -3.59 13.28 8.94
C SER C 265 -3.35 12.36 10.13
N PHE C 266 -3.23 12.92 11.34
CA PHE C 266 -3.11 12.07 12.52
C PHE C 266 -4.41 11.34 12.82
N ILE C 267 -5.54 11.98 12.53
CA ILE C 267 -6.83 11.36 12.76
C ILE C 267 -7.35 10.80 11.44
N GLY C 268 -6.52 10.88 10.39
CA GLY C 268 -6.83 10.26 9.13
C GLY C 268 -7.96 10.90 8.35
N MET C 269 -8.35 12.11 8.73
CA MET C 269 -9.42 12.84 8.07
C MET C 269 -8.77 13.68 6.98
N GLU C 270 -9.20 13.48 5.74
CA GLU C 270 -8.58 14.15 4.59
C GLU C 270 -8.91 15.63 4.62
N SER C 271 -7.93 16.45 4.98
CA SER C 271 -8.13 17.89 5.05
C SER C 271 -6.78 18.58 4.87
N ALA C 272 -6.79 19.89 5.04
CA ALA C 272 -5.59 20.70 4.89
C ALA C 272 -5.13 21.31 6.21
N GLY C 273 -5.90 21.16 7.27
CA GLY C 273 -5.58 21.79 8.54
C GLY C 273 -6.25 23.14 8.68
N ILE C 274 -6.18 23.66 9.90
CA ILE C 274 -6.78 24.95 10.20
C ILE C 274 -6.04 26.07 9.48
N HIS C 275 -4.71 26.06 9.56
CA HIS C 275 -3.88 27.13 9.00
C HIS C 275 -3.94 27.19 7.48
N GLU C 276 -4.28 26.10 6.80
CA GLU C 276 -4.46 26.16 5.36
C GLU C 276 -5.90 26.37 4.94
N THR C 277 -6.88 26.09 5.80
CA THR C 277 -8.24 26.52 5.49
C THR C 277 -8.39 28.02 5.67
N THR C 278 -7.65 28.61 6.60
CA THR C 278 -7.62 30.07 6.69
C THR C 278 -7.00 30.69 5.44
N TYR C 279 -5.85 30.16 5.02
CA TYR C 279 -5.16 30.73 3.87
C TYR C 279 -5.93 30.47 2.58
N ASN C 280 -6.61 29.33 2.48
CA ASN C 280 -7.46 29.09 1.33
C ASN C 280 -8.70 29.96 1.35
N SER C 281 -9.25 30.25 2.53
CA SER C 281 -10.38 31.17 2.60
C SER C 281 -9.97 32.60 2.30
N ILE C 282 -8.70 32.95 2.55
CA ILE C 282 -8.23 34.27 2.17
C ILE C 282 -7.95 34.33 0.67
N MET C 283 -7.35 33.28 0.11
CA MET C 283 -7.05 33.27 -1.32
C MET C 283 -8.30 33.13 -2.18
N LYS C 284 -9.40 32.60 -1.64
CA LYS C 284 -10.66 32.65 -2.38
C LYS C 284 -11.27 34.05 -2.41
N CYS C 285 -10.89 34.92 -1.48
CA CYS C 285 -11.35 36.29 -1.52
C CYS C 285 -10.60 37.06 -2.60
N ASP C 286 -11.03 38.29 -2.85
CA ASP C 286 -10.44 39.09 -3.89
C ASP C 286 -9.10 39.68 -3.46
N ILE C 287 -8.51 40.51 -4.32
CA ILE C 287 -7.14 40.92 -4.12
C ILE C 287 -7.05 42.03 -3.09
N ASP C 288 -8.02 42.95 -3.09
CA ASP C 288 -7.93 44.17 -2.30
C ASP C 288 -8.61 44.06 -0.94
N ILE C 289 -8.61 42.86 -0.34
CA ILE C 289 -9.30 42.61 0.92
C ILE C 289 -8.27 42.08 1.91
N ARG C 290 -7.20 41.50 1.36
CA ARG C 290 -6.45 40.48 2.09
C ARG C 290 -5.62 41.04 3.24
N LYS C 291 -5.08 42.26 3.11
CA LYS C 291 -4.35 42.84 4.23
C LYS C 291 -5.29 43.24 5.36
N ASP C 292 -6.56 43.51 5.06
CA ASP C 292 -7.54 43.70 6.11
C ASP C 292 -7.97 42.38 6.72
N LEU C 293 -7.80 41.27 5.99
CA LEU C 293 -7.97 39.97 6.59
C LEU C 293 -6.75 39.50 7.34
N TYR C 294 -5.58 40.05 7.01
CA TYR C 294 -4.35 39.68 7.70
C TYR C 294 -4.22 40.42 9.02
N ALA C 295 -4.63 41.68 9.06
CA ALA C 295 -4.54 42.48 10.26
C ALA C 295 -5.68 42.24 11.23
N ASN C 296 -6.70 41.48 10.84
CA ASN C 296 -7.88 41.27 11.67
C ASN C 296 -8.31 39.82 11.65
N ASN C 297 -7.36 38.90 11.72
CA ASN C 297 -7.71 37.48 11.77
C ASN C 297 -8.15 37.15 13.19
N VAL C 298 -9.41 36.74 13.32
CA VAL C 298 -10.03 36.52 14.62
C VAL C 298 -10.01 35.03 14.92
N MET C 299 -9.70 34.68 16.17
CA MET C 299 -9.53 33.29 16.61
C MET C 299 -10.29 33.10 17.92
N SER C 300 -11.57 33.46 17.90
CA SER C 300 -12.26 33.70 19.16
C SER C 300 -13.50 32.84 19.37
N GLY C 301 -13.37 31.53 19.21
CA GLY C 301 -14.41 30.62 19.66
C GLY C 301 -13.88 29.66 20.69
N GLY C 302 -14.45 28.46 20.74
CA GLY C 302 -13.96 27.41 21.62
C GLY C 302 -12.70 26.78 21.06
N THR C 303 -12.18 25.81 21.82
CA THR C 303 -11.02 24.96 21.48
C THR C 303 -9.79 25.75 21.04
N THR C 304 -9.67 27.01 21.46
CA THR C 304 -8.51 27.82 21.17
C THR C 304 -7.85 28.31 22.44
N MET C 305 -8.28 27.80 23.60
CA MET C 305 -7.69 28.18 24.87
C MET C 305 -6.41 27.42 25.18
N TYR C 306 -5.90 26.67 24.22
CA TYR C 306 -4.59 26.08 24.36
C TYR C 306 -3.53 27.19 24.34
N PRO C 307 -2.56 27.16 25.24
CA PRO C 307 -1.58 28.25 25.33
C PRO C 307 -0.66 28.30 24.11
N GLY C 308 -0.53 29.50 23.54
CA GLY C 308 0.39 29.72 22.45
C GLY C 308 -0.13 29.38 21.07
N ILE C 309 -1.42 29.09 20.94
CA ILE C 309 -1.99 28.73 19.64
C ILE C 309 -1.99 29.93 18.68
N ALA C 310 -1.98 31.15 19.22
CA ALA C 310 -1.82 32.32 18.37
C ALA C 310 -0.40 32.41 17.82
N ASP C 311 0.58 31.88 18.57
CA ASP C 311 1.95 31.92 18.10
C ASP C 311 2.18 30.88 17.00
N ARG C 312 1.57 29.71 17.14
CA ARG C 312 1.61 28.71 16.07
C ARG C 312 0.81 29.18 14.87
N MET C 313 -0.28 29.90 15.12
CA MET C 313 -1.16 30.35 14.05
C MET C 313 -0.49 31.43 13.23
N GLN C 314 0.00 32.48 13.89
CA GLN C 314 0.72 33.55 13.22
C GLN C 314 2.04 33.03 12.63
N LYS C 315 2.70 32.12 13.33
CA LYS C 315 3.97 31.59 12.86
C LYS C 315 3.79 30.71 11.63
N GLU C 316 2.62 30.12 11.46
CA GLU C 316 2.37 29.32 10.27
C GLU C 316 1.79 30.13 9.11
N ILE C 317 0.86 31.05 9.39
CA ILE C 317 0.31 31.89 8.32
C ILE C 317 1.36 32.84 7.76
N THR C 318 2.32 33.27 8.60
CA THR C 318 3.46 34.04 8.10
C THR C 318 4.29 33.23 7.10
N ALA C 319 4.43 31.92 7.34
CA ALA C 319 5.08 31.06 6.38
C ALA C 319 4.23 30.83 5.12
N LEU C 320 2.91 30.97 5.21
CA LEU C 320 2.06 30.77 4.05
C LEU C 320 1.82 32.06 3.27
N ALA C 321 1.43 33.12 3.96
CA ALA C 321 1.15 34.39 3.30
C ALA C 321 2.44 35.03 2.80
N PRO C 322 2.37 35.86 1.76
CA PRO C 322 3.57 36.57 1.30
C PRO C 322 4.06 37.58 2.32
N SER C 323 5.30 38.02 2.13
CA SER C 323 5.96 38.89 3.09
C SER C 323 5.39 40.30 3.05
N THR C 324 5.92 41.14 3.95
CA THR C 324 5.48 42.51 4.21
C THR C 324 4.00 42.62 4.60
N MET C 325 3.42 41.52 5.09
CA MET C 325 2.06 41.50 5.59
C MET C 325 2.11 41.39 7.10
N LYS C 326 1.17 42.06 7.76
CA LYS C 326 1.09 42.08 9.22
C LYS C 326 0.02 41.08 9.65
N ILE C 327 0.44 39.88 9.99
CA ILE C 327 -0.48 38.83 10.43
C ILE C 327 -0.78 39.08 11.89
N LYS C 328 -1.97 39.60 12.17
CA LYS C 328 -2.40 39.88 13.54
C LYS C 328 -3.48 38.87 13.89
N ILE C 329 -3.10 37.82 14.62
CA ILE C 329 -4.04 36.84 15.11
C ILE C 329 -4.68 37.43 16.36
N ILE C 330 -5.89 37.97 16.21
CA ILE C 330 -6.58 38.58 17.34
C ILE C 330 -7.18 37.47 18.19
N ALA C 331 -6.64 37.30 19.40
CA ALA C 331 -7.13 36.30 20.34
C ALA C 331 -7.52 37.00 21.64
N PRO C 332 -8.72 37.55 21.72
CA PRO C 332 -9.16 38.18 22.97
C PRO C 332 -9.46 37.10 23.99
N PRO C 333 -8.92 37.22 25.21
CA PRO C 333 -9.07 36.14 26.21
C PRO C 333 -10.49 35.92 26.71
N GLU C 334 -11.47 36.71 26.26
CA GLU C 334 -12.87 36.46 26.52
C GLU C 334 -13.49 35.45 25.56
N ARG C 335 -12.69 34.71 24.80
CA ARG C 335 -13.25 33.71 23.90
C ARG C 335 -13.73 32.49 24.70
N LYS C 336 -14.38 31.58 23.97
CA LYS C 336 -15.30 30.50 24.33
C LYS C 336 -16.68 31.07 24.70
N TYR C 337 -16.79 32.38 24.86
CA TYR C 337 -18.05 33.03 25.20
C TYR C 337 -18.43 34.09 24.18
N SER C 338 -17.53 34.43 23.25
CA SER C 338 -17.71 35.57 22.37
C SER C 338 -18.82 35.37 21.35
N VAL C 339 -19.22 34.14 21.08
CA VAL C 339 -20.37 33.94 20.22
C VAL C 339 -21.65 34.29 20.97
N TRP C 340 -21.69 34.02 22.27
CA TRP C 340 -22.80 34.50 23.08
C TRP C 340 -22.74 36.01 23.23
N ILE C 341 -21.54 36.57 23.36
CA ILE C 341 -21.40 38.01 23.57
C ILE C 341 -21.83 38.76 22.32
N GLY C 342 -21.47 38.24 21.14
CA GLY C 342 -21.99 38.81 19.90
C GLY C 342 -23.49 38.59 19.76
N GLY C 343 -24.01 37.51 20.36
CA GLY C 343 -25.46 37.38 20.46
C GLY C 343 -26.09 38.47 21.31
N SER C 344 -25.41 38.85 22.39
CA SER C 344 -25.92 39.89 23.27
C SER C 344 -25.87 41.25 22.61
N ILE C 345 -24.80 41.52 21.85
CA ILE C 345 -24.69 42.78 21.13
C ILE C 345 -25.74 42.86 20.03
N LEU C 346 -25.77 41.85 19.15
CA LEU C 346 -26.67 41.88 18.00
C LEU C 346 -28.14 41.83 18.41
N ALA C 347 -28.44 41.15 19.50
CA ALA C 347 -29.80 41.18 20.01
C ALA C 347 -30.15 42.52 20.66
N SER C 348 -29.15 43.32 21.03
CA SER C 348 -29.42 44.61 21.65
C SER C 348 -29.30 45.80 20.69
N LEU C 349 -29.07 45.57 19.39
CA LEU C 349 -29.06 46.69 18.46
C LEU C 349 -30.46 47.23 18.20
N SER C 350 -30.48 48.49 17.77
CA SER C 350 -31.72 49.16 17.39
C SER C 350 -32.21 48.77 16.00
N THR C 351 -31.29 48.50 15.07
CA THR C 351 -31.66 48.17 13.71
C THR C 351 -32.24 46.75 13.60
N PHE C 352 -31.91 45.88 14.54
CA PHE C 352 -32.24 44.47 14.44
C PHE C 352 -33.73 44.19 14.63
N GLN C 353 -34.49 45.13 15.19
CA GLN C 353 -35.86 44.83 15.59
C GLN C 353 -36.86 44.71 14.44
N GLN C 354 -36.45 44.88 13.19
CA GLN C 354 -37.31 44.51 12.07
C GLN C 354 -36.76 43.34 11.28
N MET C 355 -35.74 42.66 11.81
CA MET C 355 -35.23 41.42 11.22
C MET C 355 -35.68 40.19 11.98
N TRP C 356 -36.55 40.32 12.97
CA TRP C 356 -37.05 39.16 13.69
C TRP C 356 -38.04 38.39 12.86
N ILE C 357 -37.77 37.10 12.68
CA ILE C 357 -38.77 36.18 12.14
C ILE C 357 -39.81 36.01 13.24
N THR C 358 -40.99 36.57 13.03
CA THR C 358 -41.99 36.62 14.09
C THR C 358 -43.18 35.74 13.76
N LYS C 359 -43.97 35.45 14.80
CA LYS C 359 -45.23 34.77 14.62
C LYS C 359 -46.21 35.73 13.94
N GLN C 360 -47.15 35.14 13.18
CA GLN C 360 -48.10 35.69 12.21
C GLN C 360 -47.37 36.04 10.90
N GLU C 361 -46.04 36.04 10.89
CA GLU C 361 -45.25 35.99 9.67
C GLU C 361 -44.67 34.61 9.44
N TYR C 362 -44.40 33.88 10.52
CA TYR C 362 -44.13 32.45 10.42
C TYR C 362 -45.32 31.69 9.87
N ASP C 363 -46.51 32.00 10.38
CA ASP C 363 -47.72 31.30 9.96
C ASP C 363 -48.16 31.70 8.57
N GLU C 364 -47.68 32.84 8.06
CA GLU C 364 -48.05 33.31 6.74
C GLU C 364 -47.46 32.45 5.63
N ALA C 365 -46.18 32.11 5.74
CA ALA C 365 -45.50 31.36 4.69
C ALA C 365 -44.92 30.03 5.17
N GLY C 366 -45.29 29.59 6.37
CA GLY C 366 -44.83 28.32 6.87
C GLY C 366 -43.38 28.35 7.33
N PRO C 367 -42.78 27.18 7.53
CA PRO C 367 -41.41 27.12 8.07
C PRO C 367 -40.31 27.45 7.08
N SER C 368 -40.63 27.69 5.81
CA SER C 368 -39.61 28.04 4.84
C SER C 368 -39.21 29.50 4.89
N ILE C 369 -39.88 30.31 5.72
CA ILE C 369 -39.68 31.75 5.77
C ILE C 369 -38.27 32.11 6.23
N VAL C 370 -37.62 31.20 6.96
CA VAL C 370 -36.25 31.39 7.44
C VAL C 370 -35.28 31.48 6.27
N HIS C 371 -35.58 30.80 5.18
CA HIS C 371 -34.71 30.86 4.02
C HIS C 371 -34.94 32.08 3.15
N ARG C 372 -35.80 33.01 3.56
CA ARG C 372 -35.96 34.26 2.83
C ARG C 372 -35.85 35.50 3.69
N LYS C 373 -36.03 35.39 5.00
CA LYS C 373 -35.83 36.53 5.90
C LYS C 373 -34.45 36.53 6.55
N CYS C 374 -33.96 35.37 6.97
CA CYS C 374 -32.79 35.33 7.83
C CYS C 374 -31.50 35.47 7.03
N PHE C 375 -31.24 34.53 6.12
CA PHE C 375 -30.11 34.67 5.20
C PHE C 375 -30.51 34.21 3.80
N ASP D 1 8.18 -2.16 -32.59
CA ASP D 1 6.94 -2.11 -31.83
C ASP D 1 5.78 -1.64 -32.71
N GLU D 2 5.95 -0.48 -33.34
CA GLU D 2 4.95 0.08 -34.25
C GLU D 2 5.59 0.26 -35.62
N ASP D 3 4.91 -0.22 -36.66
CA ASP D 3 5.39 -0.14 -38.03
C ASP D 3 4.89 1.08 -38.76
N GLU D 4 4.49 2.14 -38.04
CA GLU D 4 3.88 3.31 -38.65
C GLU D 4 4.56 4.58 -38.12
N THR D 5 4.33 5.67 -38.84
CA THR D 5 4.71 7.01 -38.41
C THR D 5 3.47 7.85 -38.10
N THR D 6 2.47 7.23 -37.49
CA THR D 6 1.21 7.90 -37.19
C THR D 6 1.40 8.89 -36.05
N ALA D 7 0.92 10.12 -36.25
CA ALA D 7 1.06 11.16 -35.25
C ALA D 7 0.17 10.88 -34.05
N LEU D 8 0.69 11.17 -32.87
CA LEU D 8 -0.05 11.00 -31.63
C LEU D 8 -0.80 12.29 -31.31
N VAL D 9 -2.09 12.14 -31.04
CA VAL D 9 -2.91 13.26 -30.61
C VAL D 9 -3.17 13.04 -29.13
N CYS D 10 -2.40 13.70 -28.28
CA CYS D 10 -2.58 13.67 -26.84
C CYS D 10 -3.26 14.96 -26.41
N ASP D 11 -4.33 14.82 -25.63
CA ASP D 11 -5.21 15.95 -25.32
C ASP D 11 -5.59 15.87 -23.85
N ASN D 12 -4.92 16.66 -23.02
CA ASN D 12 -5.40 17.02 -21.70
C ASN D 12 -5.76 18.50 -21.76
N GLY D 13 -7.05 18.80 -21.81
CA GLY D 13 -7.46 20.17 -21.73
C GLY D 13 -7.23 20.71 -20.32
N SER D 14 -8.05 20.29 -19.37
CA SER D 14 -7.73 20.53 -17.97
C SER D 14 -8.14 19.40 -17.03
N GLY D 15 -8.98 18.48 -17.48
CA GLY D 15 -9.57 17.55 -16.53
C GLY D 15 -9.80 16.11 -16.95
N LEU D 16 -9.45 15.75 -18.18
CA LEU D 16 -9.73 14.42 -18.68
C LEU D 16 -8.75 14.11 -19.82
N VAL D 17 -7.86 13.16 -19.61
CA VAL D 17 -6.87 12.83 -20.63
C VAL D 17 -7.52 11.94 -21.69
N LYS D 18 -7.49 12.39 -22.93
CA LYS D 18 -7.93 11.60 -24.07
C LYS D 18 -6.81 11.64 -25.10
N ALA D 19 -6.45 10.46 -25.61
CA ALA D 19 -5.31 10.34 -26.50
C ALA D 19 -5.60 9.28 -27.55
N GLY D 20 -4.88 9.37 -28.66
CA GLY D 20 -5.03 8.36 -29.69
C GLY D 20 -4.15 8.66 -30.89
N PHE D 21 -4.47 7.99 -32.00
CA PHE D 21 -3.69 8.09 -33.21
C PHE D 21 -4.31 9.12 -34.16
N ALA D 22 -3.50 9.59 -35.10
CA ALA D 22 -4.00 10.48 -36.13
C ALA D 22 -4.82 9.70 -37.15
N GLY D 23 -5.85 10.35 -37.68
CA GLY D 23 -6.73 9.71 -38.64
C GLY D 23 -7.58 8.62 -38.02
N ASP D 24 -8.27 8.95 -36.93
CA ASP D 24 -9.08 7.97 -36.22
C ASP D 24 -10.34 8.66 -35.73
N ASP D 25 -11.40 7.88 -35.54
CA ASP D 25 -12.67 8.45 -35.14
C ASP D 25 -12.74 8.65 -33.63
N ALA D 26 -12.55 7.58 -32.87
CA ALA D 26 -12.64 7.65 -31.42
C ALA D 26 -11.24 7.71 -30.80
N PRO D 27 -11.08 8.48 -29.73
CA PRO D 27 -9.80 8.46 -29.00
C PRO D 27 -9.59 7.12 -28.32
N ARG D 28 -8.38 6.59 -28.43
CA ARG D 28 -8.12 5.22 -28.01
C ARG D 28 -8.01 5.12 -26.49
N ALA D 29 -7.32 6.06 -25.85
CA ALA D 29 -7.09 6.01 -24.41
C ALA D 29 -7.77 7.20 -23.76
N VAL D 30 -8.87 6.93 -23.06
CA VAL D 30 -9.61 7.96 -22.33
C VAL D 30 -9.58 7.59 -20.86
N PHE D 31 -9.01 8.45 -20.03
CA PHE D 31 -8.92 8.21 -18.60
C PHE D 31 -8.80 9.55 -17.88
N PRO D 32 -9.24 9.62 -16.62
CA PRO D 32 -9.18 10.90 -15.90
C PRO D 32 -7.77 11.31 -15.55
N SER D 33 -7.56 12.63 -15.50
CA SER D 33 -6.25 13.23 -15.24
C SER D 33 -6.03 13.40 -13.73
N ILE D 34 -5.83 12.29 -13.05
CA ILE D 34 -5.57 12.31 -11.61
C ILE D 34 -4.31 11.51 -11.33
N VAL D 35 -3.61 11.90 -10.27
CA VAL D 35 -2.51 11.12 -9.71
C VAL D 35 -2.89 10.81 -8.26
N GLY D 36 -2.68 9.57 -7.86
CA GLY D 36 -3.01 9.16 -6.52
C GLY D 36 -1.78 9.01 -5.65
N ARG D 37 -2.01 9.02 -4.35
CA ARG D 37 -0.93 8.91 -3.38
C ARG D 37 -1.54 8.44 -2.07
N PRO D 38 -1.04 7.35 -1.49
CA PRO D 38 -1.64 6.85 -0.25
C PRO D 38 -1.34 7.78 0.92
N ARG D 39 -2.40 8.32 1.52
CA ARG D 39 -2.26 9.31 2.57
C ARG D 39 -1.99 8.69 3.94
N HIS D 40 -1.82 7.37 4.02
CA HIS D 40 -1.50 6.71 5.26
C HIS D 40 -0.65 5.48 4.96
N GLN D 41 -0.25 4.79 6.03
CA GLN D 41 0.75 3.74 5.92
C GLN D 41 0.16 2.46 5.35
N GLY D 42 1.05 1.61 4.83
CA GLY D 42 0.67 0.29 4.39
C GLY D 42 1.02 -0.75 5.45
N VAL D 43 0.30 -1.86 5.45
CA VAL D 43 0.43 -2.89 6.46
C VAL D 43 0.75 -4.24 5.86
N MET D 44 0.02 -4.65 4.83
CA MET D 44 0.20 -5.98 4.24
C MET D 44 1.53 -6.09 3.51
N VAL D 45 2.36 -7.03 3.97
CA VAL D 45 3.66 -7.28 3.37
C VAL D 45 3.45 -8.10 2.11
N GLY D 46 4.15 -7.72 1.04
CA GLY D 46 3.96 -8.41 -0.22
C GLY D 46 2.67 -8.02 -0.92
N MET D 47 2.58 -6.80 -1.42
CA MET D 47 1.38 -6.34 -2.11
C MET D 47 1.68 -5.67 -3.44
N GLY D 48 2.89 -5.17 -3.63
CA GLY D 48 3.14 -4.23 -4.72
C GLY D 48 3.05 -2.83 -4.15
N GLN D 49 1.86 -2.22 -4.29
CA GLN D 49 1.41 -0.97 -3.66
C GLN D 49 2.45 0.16 -3.78
N LYS D 50 2.69 0.52 -5.04
CA LYS D 50 3.56 1.64 -5.35
C LYS D 50 2.90 2.95 -4.91
N ASP D 51 3.73 3.98 -4.74
CA ASP D 51 3.28 5.29 -4.27
C ASP D 51 2.93 6.17 -5.47
N SER D 52 2.14 5.63 -6.39
CA SER D 52 1.65 6.34 -7.55
C SER D 52 0.46 5.59 -8.13
N TYR D 53 -0.66 6.27 -8.31
CA TYR D 53 -1.83 5.70 -8.96
C TYR D 53 -2.38 6.74 -9.91
N VAL D 54 -2.29 6.47 -11.19
CA VAL D 54 -2.61 7.44 -12.22
C VAL D 54 -3.73 6.91 -13.11
N GLY D 55 -4.59 7.81 -13.54
CA GLY D 55 -5.68 7.41 -14.41
C GLY D 55 -6.77 6.69 -13.66
N ASP D 56 -7.51 5.83 -14.38
CA ASP D 56 -8.68 5.18 -13.84
C ASP D 56 -8.33 4.15 -12.76
N GLU D 57 -7.08 3.67 -12.76
CA GLU D 57 -6.59 2.83 -11.66
C GLU D 57 -6.66 3.56 -10.33
N ALA D 58 -6.41 4.87 -10.32
CA ALA D 58 -6.60 5.66 -9.11
C ALA D 58 -8.06 5.69 -8.70
N GLN D 59 -8.98 5.74 -9.67
CA GLN D 59 -10.38 5.64 -9.33
C GLN D 59 -10.78 4.24 -8.89
N SER D 60 -9.95 3.23 -9.15
CA SER D 60 -10.22 1.94 -8.53
C SER D 60 -9.86 1.94 -7.06
N LYS D 61 -8.95 2.82 -6.64
CA LYS D 61 -8.47 2.83 -5.26
C LYS D 61 -8.67 4.19 -4.60
N ARG D 62 -9.65 4.95 -5.07
CA ARG D 62 -9.83 6.33 -4.63
C ARG D 62 -10.25 6.47 -3.19
N GLY D 63 -10.69 5.38 -2.55
CA GLY D 63 -10.99 5.44 -1.12
C GLY D 63 -9.77 5.65 -0.25
N ILE D 64 -8.58 5.24 -0.71
CA ILE D 64 -7.39 5.31 0.13
C ILE D 64 -6.35 6.26 -0.42
N LEU D 65 -6.74 7.16 -1.32
CA LEU D 65 -5.81 8.06 -1.96
C LEU D 65 -6.22 9.51 -1.73
N THR D 66 -5.26 10.40 -1.85
CA THR D 66 -5.53 11.83 -1.96
C THR D 66 -5.41 12.21 -3.43
N LEU D 67 -6.56 12.34 -4.09
CA LEU D 67 -6.58 12.64 -5.51
C LEU D 67 -6.17 14.08 -5.75
N LYS D 68 -5.44 14.31 -6.83
CA LYS D 68 -4.86 15.63 -7.09
C LYS D 68 -4.72 15.81 -8.59
N TYR D 69 -5.55 16.68 -9.14
CA TYR D 69 -5.45 17.04 -10.54
C TYR D 69 -4.17 17.83 -10.78
N PRO D 70 -3.24 17.33 -11.60
CA PRO D 70 -1.98 18.03 -11.81
C PRO D 70 -2.09 19.30 -12.64
N ILE D 71 -3.17 19.45 -13.40
CA ILE D 71 -3.38 20.64 -14.22
C ILE D 71 -4.66 21.32 -13.73
N GLU D 72 -4.57 22.64 -13.51
CA GLU D 72 -5.65 23.40 -12.91
C GLU D 72 -5.91 24.63 -13.76
N HIS D 73 -7.16 24.77 -14.21
CA HIS D 73 -7.62 25.85 -15.10
C HIS D 73 -6.79 25.93 -16.37
N GLY D 74 -6.39 24.77 -16.90
CA GLY D 74 -5.52 24.71 -18.05
C GLY D 74 -4.07 25.00 -17.78
N ILE D 75 -3.70 25.29 -16.53
CA ILE D 75 -2.33 25.61 -16.16
C ILE D 75 -1.76 24.41 -15.41
N ILE D 76 -0.65 23.89 -15.91
CA ILE D 76 0.00 22.74 -15.27
C ILE D 76 0.72 23.23 -14.01
N THR D 77 0.37 22.64 -12.86
CA THR D 77 0.94 23.02 -11.58
C THR D 77 2.16 22.18 -11.23
N ASN D 78 2.02 20.87 -11.23
CA ASN D 78 3.10 19.96 -10.85
C ASN D 78 3.61 19.25 -12.10
N TRP D 79 4.84 19.57 -12.51
CA TRP D 79 5.39 19.02 -13.75
C TRP D 79 5.76 17.56 -13.61
N ASP D 80 6.21 17.14 -12.42
CA ASP D 80 6.49 15.74 -12.16
C ASP D 80 5.25 14.87 -12.23
N ASP D 81 4.13 15.34 -11.67
CA ASP D 81 2.88 14.61 -11.73
C ASP D 81 2.32 14.53 -13.14
N MET D 82 2.42 15.62 -13.90
CA MET D 82 2.01 15.59 -15.30
C MET D 82 2.94 14.71 -16.13
N GLU D 83 4.20 14.58 -15.71
CA GLU D 83 5.09 13.64 -16.35
C GLU D 83 4.70 12.19 -16.05
N LYS D 84 4.15 11.95 -14.85
CA LYS D 84 3.57 10.64 -14.56
C LYS D 84 2.34 10.39 -15.43
N ILE D 85 1.54 11.43 -15.66
CA ILE D 85 0.33 11.28 -16.48
C ILE D 85 0.71 10.99 -17.93
N TRP D 86 1.73 11.66 -18.45
CA TRP D 86 2.18 11.40 -19.81
C TRP D 86 2.86 10.05 -19.93
N HIS D 87 3.62 9.65 -18.91
CA HIS D 87 4.29 8.35 -18.92
C HIS D 87 3.28 7.21 -18.92
N HIS D 88 2.25 7.33 -18.09
CA HIS D 88 1.15 6.37 -18.12
C HIS D 88 0.34 6.49 -19.40
N THR D 89 0.31 7.66 -20.00
CA THR D 89 -0.47 7.85 -21.23
C THR D 89 0.16 7.12 -22.40
N PHE D 90 1.43 7.40 -22.69
CA PHE D 90 2.06 6.78 -23.83
C PHE D 90 2.51 5.34 -23.57
N TYR D 91 2.97 5.04 -22.37
CA TYR D 91 3.60 3.75 -22.14
C TYR D 91 2.65 2.68 -21.63
N ASN D 92 1.52 3.04 -21.04
CA ASN D 92 0.62 2.05 -20.45
C ASN D 92 -0.72 1.97 -21.15
N GLU D 93 -1.44 3.09 -21.26
CA GLU D 93 -2.77 3.04 -21.86
C GLU D 93 -2.70 2.94 -23.37
N LEU D 94 -2.10 3.95 -24.01
CA LEU D 94 -1.98 3.95 -25.46
C LEU D 94 -0.96 2.92 -25.94
N ARG D 95 0.06 2.65 -25.13
CA ARG D 95 1.01 1.54 -25.28
C ARG D 95 1.75 1.64 -26.62
N VAL D 96 2.56 2.70 -26.72
CA VAL D 96 3.35 2.99 -27.91
C VAL D 96 4.55 3.83 -27.48
N ALA D 97 5.62 3.75 -28.25
CA ALA D 97 6.84 4.49 -27.91
C ALA D 97 6.77 5.90 -28.49
N PRO D 98 7.02 6.93 -27.68
CA PRO D 98 6.96 8.31 -28.20
C PRO D 98 8.13 8.66 -29.11
N GLU D 99 9.19 7.86 -29.13
CA GLU D 99 10.38 8.16 -29.91
C GLU D 99 10.12 8.10 -31.41
N GLU D 100 9.12 7.33 -31.84
CA GLU D 100 8.90 7.11 -33.27
C GLU D 100 7.67 7.83 -33.80
N HIS D 101 7.04 8.70 -33.01
CA HIS D 101 5.79 9.32 -33.43
C HIS D 101 5.76 10.81 -33.13
N PRO D 102 5.32 11.63 -34.07
CA PRO D 102 5.07 13.05 -33.77
C PRO D 102 3.90 13.18 -32.81
N THR D 103 3.91 14.25 -32.02
CA THR D 103 2.88 14.45 -31.02
C THR D 103 2.18 15.80 -31.20
N LEU D 104 0.89 15.79 -30.90
CA LEU D 104 0.03 16.95 -31.07
C LEU D 104 -0.62 17.25 -29.72
N LEU D 105 -0.01 18.16 -28.97
CA LEU D 105 -0.54 18.60 -27.69
C LEU D 105 -1.67 19.59 -27.91
N THR D 106 -2.37 19.91 -26.83
CA THR D 106 -3.41 20.93 -26.82
C THR D 106 -3.25 21.80 -25.60
N GLU D 107 -3.66 23.07 -25.72
CA GLU D 107 -3.68 23.95 -24.56
C GLU D 107 -4.77 25.01 -24.76
N ALA D 108 -4.86 25.91 -23.79
CA ALA D 108 -5.75 27.04 -23.82
C ALA D 108 -5.06 28.27 -24.39
N PRO D 109 -5.80 29.15 -25.07
CA PRO D 109 -5.28 30.49 -25.33
C PRO D 109 -5.21 31.29 -24.04
N LEU D 110 -4.46 32.39 -24.10
CA LEU D 110 -4.15 33.26 -22.96
C LEU D 110 -3.54 32.46 -21.82
N ASN D 111 -2.67 31.52 -22.18
CA ASN D 111 -1.96 30.64 -21.28
C ASN D 111 -0.72 31.33 -20.78
N PRO D 112 -0.31 31.11 -19.52
CA PRO D 112 1.06 31.44 -19.15
C PRO D 112 2.05 30.66 -20.00
N LYS D 113 2.99 31.37 -20.59
CA LYS D 113 3.84 30.80 -21.64
C LYS D 113 4.87 29.82 -21.12
N ALA D 114 5.08 29.73 -19.80
CA ALA D 114 5.95 28.69 -19.26
C ALA D 114 5.29 27.32 -19.34
N ASN D 115 3.95 27.28 -19.41
CA ASN D 115 3.24 26.02 -19.61
C ASN D 115 3.52 25.47 -21.00
N ARG D 116 3.39 26.34 -22.01
CA ARG D 116 3.67 25.96 -23.39
C ARG D 116 5.14 25.61 -23.58
N GLU D 117 6.03 26.45 -23.04
CA GLU D 117 7.46 26.30 -23.26
C GLU D 117 8.02 25.09 -22.51
N LYS D 118 7.68 24.97 -21.23
CA LYS D 118 8.12 23.80 -20.47
C LYS D 118 7.43 22.53 -20.91
N MET D 119 6.23 22.63 -21.48
CA MET D 119 5.59 21.46 -22.07
C MET D 119 6.36 20.97 -23.29
N THR D 120 6.83 21.90 -24.12
CA THR D 120 7.67 21.52 -25.25
C THR D 120 9.02 20.98 -24.79
N GLN D 121 9.54 21.54 -23.70
CA GLN D 121 10.82 21.08 -23.15
C GLN D 121 10.72 19.66 -22.61
N ILE D 122 9.61 19.32 -21.94
CA ILE D 122 9.43 17.96 -21.47
C ILE D 122 9.18 17.00 -22.64
N MET D 123 8.44 17.45 -23.67
CA MET D 123 8.18 16.57 -24.80
C MET D 123 9.43 16.27 -25.62
N PHE D 124 10.37 17.21 -25.72
CA PHE D 124 11.59 16.88 -26.46
C PHE D 124 12.68 16.26 -25.61
N GLU D 125 12.86 16.74 -24.38
CA GLU D 125 14.03 16.29 -23.61
C GLU D 125 13.78 14.94 -22.96
N THR D 126 12.58 14.69 -22.47
CA THR D 126 12.30 13.47 -21.73
C THR D 126 11.83 12.34 -22.62
N PHE D 127 10.77 12.56 -23.38
CA PHE D 127 10.17 11.50 -24.19
C PHE D 127 10.80 11.39 -25.58
N ASN D 128 11.49 12.43 -26.03
CA ASN D 128 12.29 12.45 -27.27
C ASN D 128 11.44 12.15 -28.50
N VAL D 129 10.36 12.91 -28.65
CA VAL D 129 9.51 12.81 -29.83
C VAL D 129 10.25 13.44 -31.01
N PRO D 130 10.01 13.00 -32.25
CA PRO D 130 10.65 13.65 -33.38
C PRO D 130 10.01 14.98 -33.75
N ALA D 131 8.70 15.11 -33.55
CA ALA D 131 7.99 16.33 -33.89
C ALA D 131 6.95 16.59 -32.82
N MET D 132 6.46 17.83 -32.78
CA MET D 132 5.63 18.28 -31.67
C MET D 132 4.87 19.51 -32.13
N TYR D 133 3.64 19.67 -31.65
CA TYR D 133 2.89 20.88 -31.97
C TYR D 133 1.97 21.23 -30.81
N VAL D 134 1.68 22.52 -30.63
CA VAL D 134 0.89 22.99 -29.51
C VAL D 134 -0.44 23.54 -30.04
N ALA D 135 -1.44 22.68 -30.10
CA ALA D 135 -2.69 23.03 -30.76
C ALA D 135 -3.60 23.81 -29.81
N ILE D 136 -4.35 24.76 -30.37
CA ILE D 136 -5.38 25.44 -29.60
C ILE D 136 -6.61 24.54 -29.54
N GLN D 137 -7.19 24.41 -28.33
CA GLN D 137 -8.34 23.55 -28.08
C GLN D 137 -9.57 23.95 -28.88
N ALA D 138 -9.90 25.24 -28.91
CA ALA D 138 -11.11 25.73 -29.55
C ALA D 138 -11.05 25.64 -31.07
N VAL D 139 -9.88 25.88 -31.66
CA VAL D 139 -9.72 25.79 -33.12
C VAL D 139 -9.92 24.36 -33.58
N LEU D 140 -9.40 23.41 -32.82
CA LEU D 140 -9.63 22.00 -33.09
C LEU D 140 -11.09 21.63 -32.89
N SER D 141 -11.75 22.27 -31.93
CA SER D 141 -13.20 22.09 -31.80
C SER D 141 -13.96 22.65 -32.99
N LEU D 142 -13.37 23.58 -33.75
CA LEU D 142 -13.98 23.99 -34.99
C LEU D 142 -13.57 23.10 -36.17
N TYR D 143 -12.42 22.41 -36.06
CA TYR D 143 -12.06 21.45 -37.11
C TYR D 143 -13.01 20.26 -37.14
N ALA D 144 -13.42 19.77 -35.96
CA ALA D 144 -14.33 18.62 -35.94
C ALA D 144 -15.74 19.01 -36.35
N SER D 145 -16.08 20.30 -36.34
CA SER D 145 -17.40 20.73 -36.75
C SER D 145 -17.56 20.76 -38.26
N GLY D 146 -16.49 20.55 -39.01
CA GLY D 146 -16.57 20.57 -40.46
C GLY D 146 -16.71 21.94 -41.07
N ARG D 147 -16.47 22.99 -40.30
CA ARG D 147 -16.62 24.36 -40.79
C ARG D 147 -15.28 25.07 -40.75
N THR D 148 -15.23 26.19 -41.48
CA THR D 148 -14.11 27.11 -41.43
C THR D 148 -14.49 28.46 -40.87
N THR D 149 -15.77 28.66 -40.58
CA THR D 149 -16.27 29.90 -40.03
C THR D 149 -17.19 29.60 -38.85
N GLY D 150 -16.90 30.22 -37.71
CA GLY D 150 -17.73 30.09 -36.53
C GLY D 150 -17.01 30.58 -35.30
N ILE D 151 -17.80 30.92 -34.28
CA ILE D 151 -17.30 31.24 -32.95
C ILE D 151 -17.41 30.00 -32.10
N VAL D 152 -16.37 29.71 -31.31
CA VAL D 152 -16.24 28.43 -30.65
C VAL D 152 -16.39 28.61 -29.15
N LEU D 153 -17.38 27.92 -28.60
CA LEU D 153 -17.54 27.70 -27.17
C LEU D 153 -17.25 26.23 -26.88
N ASP D 154 -16.31 25.96 -25.98
CA ASP D 154 -16.08 24.57 -25.61
C ASP D 154 -16.34 24.29 -24.14
N SER D 155 -15.82 25.12 -23.22
CA SER D 155 -16.07 25.05 -21.77
C SER D 155 -15.64 23.71 -21.19
N GLY D 156 -14.33 23.48 -21.17
CA GLY D 156 -13.80 22.26 -20.57
C GLY D 156 -13.88 22.20 -19.05
N ASP D 157 -12.97 21.47 -18.41
CA ASP D 157 -13.05 21.34 -16.96
C ASP D 157 -12.50 22.57 -16.24
N GLY D 158 -11.60 23.31 -16.86
CA GLY D 158 -11.00 24.45 -16.18
C GLY D 158 -10.99 25.76 -16.94
N VAL D 159 -11.54 25.79 -18.15
CA VAL D 159 -11.40 26.96 -19.01
C VAL D 159 -12.55 26.98 -20.02
N THR D 160 -12.90 28.17 -20.47
CA THR D 160 -13.75 28.35 -21.65
C THR D 160 -13.20 29.51 -22.48
N HIS D 161 -13.44 29.45 -23.80
CA HIS D 161 -12.70 30.30 -24.72
C HIS D 161 -13.55 31.30 -25.48
N ASN D 162 -14.56 30.84 -26.23
CA ASN D 162 -15.29 31.64 -27.22
C ASN D 162 -14.33 32.33 -28.20
N VAL D 163 -13.67 31.49 -29.01
CA VAL D 163 -12.72 31.96 -30.01
C VAL D 163 -13.46 32.17 -31.33
N PRO D 164 -13.59 33.39 -31.83
CA PRO D 164 -14.23 33.59 -33.13
C PRO D 164 -13.25 33.44 -34.28
N ILE D 165 -13.69 32.71 -35.31
CA ILE D 165 -12.88 32.43 -36.49
C ILE D 165 -13.73 32.70 -37.72
N TYR D 166 -13.23 33.50 -38.65
CA TYR D 166 -13.96 33.80 -39.87
C TYR D 166 -13.13 33.40 -41.08
N GLU D 167 -13.61 32.41 -41.82
CA GLU D 167 -13.09 32.00 -43.13
C GLU D 167 -11.61 31.64 -43.08
N GLY D 168 -11.23 30.83 -42.11
CA GLY D 168 -9.85 30.45 -41.95
C GLY D 168 -9.02 31.41 -41.13
N TYR D 169 -9.51 32.59 -40.84
CA TYR D 169 -8.79 33.58 -40.06
C TYR D 169 -9.44 33.68 -38.69
N ALA D 170 -8.64 33.55 -37.65
CA ALA D 170 -9.14 33.81 -36.31
C ALA D 170 -9.06 35.29 -36.00
N LEU D 171 -9.77 35.70 -34.94
CA LEU D 171 -9.77 37.09 -34.49
C LEU D 171 -9.11 37.10 -33.11
N PRO D 172 -7.80 37.32 -33.04
CA PRO D 172 -7.09 37.22 -31.76
C PRO D 172 -7.39 38.36 -30.81
N HIS D 173 -7.90 39.49 -31.28
CA HIS D 173 -8.27 40.57 -30.38
C HIS D 173 -9.63 40.35 -29.74
N ALA D 174 -10.51 39.61 -30.41
CA ALA D 174 -11.84 39.32 -29.89
C ALA D 174 -11.88 38.05 -29.07
N ILE D 175 -10.72 37.52 -28.68
CA ILE D 175 -10.67 36.27 -27.95
C ILE D 175 -11.06 36.51 -26.49
N MET D 176 -11.48 35.45 -25.81
CA MET D 176 -11.94 35.56 -24.44
C MET D 176 -11.36 34.38 -23.66
N ARG D 177 -11.33 34.50 -22.34
CA ARG D 177 -10.97 33.37 -21.48
C ARG D 177 -11.63 33.60 -20.13
N LEU D 178 -12.61 32.78 -19.80
CA LEU D 178 -13.26 32.81 -18.50
C LEU D 178 -12.88 31.56 -17.73
N ASP D 179 -12.52 31.72 -16.46
CA ASP D 179 -12.04 30.63 -15.62
C ASP D 179 -13.15 29.89 -14.90
N LEU D 180 -14.39 30.09 -15.32
CA LEU D 180 -15.54 29.39 -14.76
C LEU D 180 -15.84 28.18 -15.62
N ALA D 181 -15.69 26.99 -15.06
CA ALA D 181 -15.87 25.78 -15.85
C ALA D 181 -16.38 24.68 -14.93
N GLY D 182 -16.29 23.43 -15.40
CA GLY D 182 -16.97 22.32 -14.76
C GLY D 182 -16.43 21.95 -13.38
N ARG D 183 -15.18 22.26 -13.09
CA ARG D 183 -14.65 21.95 -11.76
C ARG D 183 -15.20 22.92 -10.72
N ASP D 184 -15.37 24.19 -11.10
CA ASP D 184 -16.02 25.14 -10.22
C ASP D 184 -17.49 24.82 -10.04
N LEU D 185 -18.13 24.26 -11.07
CA LEU D 185 -19.50 23.81 -10.92
C LEU D 185 -19.57 22.58 -10.02
N THR D 186 -18.51 21.76 -10.02
CA THR D 186 -18.46 20.62 -9.12
C THR D 186 -18.31 21.07 -7.67
N ASP D 187 -17.49 22.10 -7.44
CA ASP D 187 -17.33 22.61 -6.08
C ASP D 187 -18.60 23.32 -5.59
N TYR D 188 -19.27 24.06 -6.49
CA TYR D 188 -20.53 24.69 -6.11
C TYR D 188 -21.62 23.66 -5.87
N LEU D 189 -21.62 22.58 -6.66
CA LEU D 189 -22.58 21.51 -6.44
C LEU D 189 -22.33 20.80 -5.12
N MET D 190 -21.05 20.64 -4.76
CA MET D 190 -20.70 20.08 -3.46
C MET D 190 -21.15 21.00 -2.33
N LYS D 191 -21.07 22.32 -2.55
CA LYS D 191 -21.52 23.28 -1.55
C LYS D 191 -23.03 23.23 -1.36
N ILE D 192 -23.80 23.16 -2.45
CA ILE D 192 -25.24 23.16 -2.28
C ILE D 192 -25.79 21.78 -1.90
N LEU D 193 -25.05 20.70 -2.17
CA LEU D 193 -25.44 19.43 -1.59
C LEU D 193 -25.12 19.38 -0.11
N THR D 194 -24.09 20.12 0.32
CA THR D 194 -23.91 20.33 1.75
C THR D 194 -25.06 21.16 2.32
N GLU D 195 -25.61 22.08 1.51
CA GLU D 195 -26.78 22.85 1.94
C GLU D 195 -28.01 21.97 2.09
N ARG D 196 -28.19 20.98 1.21
CA ARG D 196 -29.33 20.08 1.35
C ARG D 196 -29.16 19.14 2.53
N GLY D 197 -27.95 18.62 2.74
CA GLY D 197 -27.76 17.72 3.85
C GLY D 197 -26.76 16.61 3.64
N TYR D 198 -26.27 16.46 2.41
CA TYR D 198 -25.28 15.45 2.09
C TYR D 198 -23.89 16.09 2.10
N SER D 199 -23.09 15.74 3.10
CA SER D 199 -21.79 16.37 3.31
C SER D 199 -20.74 15.61 2.52
N PHE D 200 -20.15 16.26 1.53
CA PHE D 200 -19.03 15.71 0.77
C PHE D 200 -17.83 16.61 0.98
N VAL D 201 -16.74 16.06 1.50
CA VAL D 201 -15.54 16.84 1.76
C VAL D 201 -14.28 16.19 1.22
N THR D 202 -14.28 14.88 0.98
CA THR D 202 -13.09 14.20 0.51
C THR D 202 -12.97 14.40 -1.00
N THR D 203 -11.73 14.32 -1.51
CA THR D 203 -11.50 14.42 -2.95
C THR D 203 -12.16 13.25 -3.68
N ALA D 204 -12.20 12.08 -3.06
CA ALA D 204 -12.97 10.98 -3.62
C ALA D 204 -14.46 11.27 -3.59
N GLU D 205 -14.94 11.90 -2.51
CA GLU D 205 -16.31 12.35 -2.46
C GLU D 205 -16.59 13.46 -3.46
N ARG D 206 -15.58 14.30 -3.71
CA ARG D 206 -15.67 15.31 -4.78
C ARG D 206 -15.79 14.64 -6.15
N GLU D 207 -15.12 13.50 -6.33
CA GLU D 207 -15.27 12.73 -7.56
C GLU D 207 -16.68 12.16 -7.68
N ILE D 208 -17.28 11.76 -6.55
CA ILE D 208 -18.66 11.29 -6.56
C ILE D 208 -19.62 12.42 -6.90
N VAL D 209 -19.34 13.64 -6.41
CA VAL D 209 -20.13 14.81 -6.77
C VAL D 209 -20.00 15.11 -8.26
N ARG D 210 -18.81 14.88 -8.82
CA ARG D 210 -18.63 15.02 -10.27
C ARG D 210 -19.46 13.98 -11.02
N ASP D 211 -19.59 12.79 -10.45
CA ASP D 211 -20.42 11.76 -11.08
C ASP D 211 -21.90 12.15 -11.04
N ILE D 212 -22.37 12.72 -9.93
CA ILE D 212 -23.76 13.15 -9.82
C ILE D 212 -24.02 14.32 -10.77
N LYS D 213 -23.01 15.16 -10.98
CA LYS D 213 -23.14 16.26 -11.94
C LYS D 213 -23.25 15.74 -13.36
N GLU D 214 -22.46 14.73 -13.71
CA GLU D 214 -22.50 14.17 -15.06
C GLU D 214 -23.82 13.44 -15.32
N LYS D 215 -24.32 12.72 -14.32
CA LYS D 215 -25.49 11.89 -14.57
C LYS D 215 -26.80 12.65 -14.49
N LEU D 216 -26.92 13.58 -13.54
CA LEU D 216 -28.24 13.97 -13.08
C LEU D 216 -28.38 15.49 -12.98
N CYS D 217 -28.04 16.20 -14.06
CA CYS D 217 -28.23 17.64 -14.09
C CYS D 217 -28.82 18.05 -15.43
N TYR D 218 -29.64 19.09 -15.42
CA TYR D 218 -30.08 19.76 -16.63
C TYR D 218 -30.08 21.26 -16.41
N VAL D 219 -30.45 22.01 -17.44
CA VAL D 219 -29.97 23.38 -17.60
C VAL D 219 -30.99 24.44 -17.19
N ALA D 220 -32.28 24.08 -17.02
CA ALA D 220 -33.36 24.99 -16.62
C ALA D 220 -33.53 26.18 -17.55
N LEU D 221 -34.09 25.92 -18.75
CA LEU D 221 -34.40 26.89 -19.80
C LEU D 221 -34.90 28.26 -19.33
N ASP D 222 -35.83 28.27 -18.37
CA ASP D 222 -36.18 29.50 -17.67
C ASP D 222 -35.98 29.24 -16.17
N PHE D 223 -34.96 29.87 -15.60
CA PHE D 223 -34.55 29.53 -14.24
C PHE D 223 -35.55 29.99 -13.18
N GLU D 224 -36.30 31.05 -13.47
CA GLU D 224 -37.24 31.56 -12.47
C GLU D 224 -38.44 30.64 -12.31
N ASN D 225 -39.07 30.26 -13.43
CA ASN D 225 -40.22 29.35 -13.35
C ASN D 225 -39.79 27.94 -13.01
N GLU D 226 -38.56 27.55 -13.35
CA GLU D 226 -38.07 26.25 -12.92
C GLU D 226 -37.78 26.26 -11.43
N MET D 227 -37.34 27.39 -10.89
CA MET D 227 -37.12 27.52 -9.46
C MET D 227 -38.43 27.50 -8.70
N ALA D 228 -39.45 28.18 -9.22
CA ALA D 228 -40.77 28.10 -8.62
C ALA D 228 -41.39 26.73 -8.79
N THR D 229 -41.02 26.01 -9.84
CA THR D 229 -41.51 24.65 -10.04
C THR D 229 -40.89 23.69 -9.04
N ALA D 230 -39.57 23.82 -8.81
CA ALA D 230 -38.89 23.00 -7.81
C ALA D 230 -39.35 23.36 -6.40
N ALA D 231 -39.70 24.62 -6.16
CA ALA D 231 -40.30 24.99 -4.89
C ALA D 231 -41.75 24.54 -4.79
N SER D 232 -42.39 24.25 -5.92
CA SER D 232 -43.80 23.89 -5.90
C SER D 232 -44.01 22.44 -5.49
N SER D 233 -43.50 21.50 -6.29
CA SER D 233 -43.80 20.09 -6.12
C SER D 233 -42.52 19.28 -6.10
N SER D 234 -42.69 17.97 -5.93
CA SER D 234 -41.58 17.02 -5.91
C SER D 234 -41.50 16.20 -7.19
N SER D 235 -41.86 16.79 -8.33
CA SER D 235 -41.69 16.14 -9.62
C SER D 235 -40.26 16.22 -10.12
N LEU D 236 -39.41 17.02 -9.48
CA LEU D 236 -38.02 17.18 -9.85
C LEU D 236 -37.08 16.46 -8.91
N GLU D 237 -37.58 15.97 -7.78
CA GLU D 237 -36.76 15.22 -6.85
C GLU D 237 -36.37 13.89 -7.46
N LYS D 238 -35.06 13.63 -7.51
CA LYS D 238 -34.59 12.41 -8.15
C LYS D 238 -33.59 11.74 -7.22
N SER D 239 -33.72 10.43 -7.07
CA SER D 239 -32.83 9.66 -6.21
C SER D 239 -31.68 9.10 -7.03
N TYR D 240 -30.48 9.22 -6.47
CA TYR D 240 -29.28 8.65 -7.06
C TYR D 240 -28.59 7.80 -6.02
N GLU D 241 -28.34 6.54 -6.35
CA GLU D 241 -27.66 5.64 -5.42
C GLU D 241 -26.18 5.97 -5.41
N LEU D 242 -25.68 6.40 -4.25
CA LEU D 242 -24.26 6.56 -4.05
C LEU D 242 -23.57 5.21 -4.09
N PRO D 243 -22.26 5.17 -4.35
CA PRO D 243 -21.52 3.93 -4.14
C PRO D 243 -21.51 3.56 -2.67
N ASP D 244 -21.82 2.29 -2.42
CA ASP D 244 -21.88 1.67 -1.10
C ASP D 244 -22.92 2.34 -0.20
N GLY D 245 -24.18 2.15 -0.59
CA GLY D 245 -25.26 2.35 0.36
C GLY D 245 -26.25 3.47 0.11
N GLN D 246 -26.16 4.52 0.92
CA GLN D 246 -27.21 5.51 1.10
C GLN D 246 -27.50 6.28 -0.19
N VAL D 247 -28.76 6.27 -0.58
CA VAL D 247 -29.21 6.99 -1.77
C VAL D 247 -29.41 8.45 -1.42
N ILE D 248 -29.35 9.31 -2.44
CA ILE D 248 -29.62 10.73 -2.28
C ILE D 248 -30.85 11.07 -3.09
N THR D 249 -31.37 12.27 -2.87
CA THR D 249 -32.52 12.76 -3.61
C THR D 249 -32.36 14.26 -3.77
N ILE D 250 -32.08 14.71 -4.99
CA ILE D 250 -31.81 16.11 -5.26
C ILE D 250 -33.03 16.77 -5.87
N GLY D 251 -33.23 18.04 -5.54
CA GLY D 251 -34.32 18.83 -6.05
C GLY D 251 -33.87 19.99 -6.90
N ASN D 252 -33.84 21.19 -6.31
CA ASN D 252 -33.39 22.37 -7.04
C ASN D 252 -31.89 22.39 -7.31
N GLU D 253 -31.13 21.51 -6.67
CA GLU D 253 -29.72 21.36 -6.97
C GLU D 253 -29.47 20.69 -8.31
N ARG D 254 -30.51 20.10 -8.90
CA ARG D 254 -30.38 19.45 -10.19
C ARG D 254 -30.16 20.46 -11.31
N PHE D 255 -30.64 21.68 -11.14
CA PHE D 255 -30.48 22.69 -12.18
C PHE D 255 -29.78 23.96 -11.72
N ARG D 256 -29.53 24.13 -10.42
CA ARG D 256 -28.73 25.27 -9.99
C ARG D 256 -27.24 25.08 -10.22
N CYS D 257 -26.81 23.89 -10.61
CA CYS D 257 -25.39 23.72 -10.96
C CYS D 257 -25.02 24.38 -12.28
N PRO D 258 -25.69 24.14 -13.43
CA PRO D 258 -25.26 24.83 -14.65
C PRO D 258 -25.78 26.24 -14.78
N GLU D 259 -26.71 26.67 -13.92
CA GLU D 259 -27.11 28.07 -13.91
C GLU D 259 -25.98 28.95 -13.40
N THR D 260 -25.14 28.40 -12.51
CA THR D 260 -23.91 29.07 -12.12
C THR D 260 -23.00 29.32 -13.32
N LEU D 261 -22.98 28.38 -14.26
CA LEU D 261 -22.24 28.59 -15.51
C LEU D 261 -22.85 29.71 -16.33
N PHE D 262 -24.18 29.83 -16.31
CA PHE D 262 -24.83 30.96 -16.98
C PHE D 262 -24.96 32.19 -16.10
N GLN D 263 -24.55 32.12 -14.84
CA GLN D 263 -24.68 33.25 -13.94
C GLN D 263 -23.63 33.13 -12.84
N PRO D 264 -22.44 33.71 -13.04
CA PRO D 264 -21.34 33.48 -12.10
C PRO D 264 -21.46 34.22 -10.78
N SER D 265 -22.54 34.97 -10.56
CA SER D 265 -22.75 35.62 -9.28
C SER D 265 -23.13 34.62 -8.19
N PHE D 266 -23.57 33.42 -8.56
CA PHE D 266 -23.85 32.40 -7.56
C PHE D 266 -22.57 31.90 -6.90
N ILE D 267 -21.49 31.86 -7.67
CA ILE D 267 -20.21 31.39 -7.14
C ILE D 267 -19.36 32.62 -6.80
N GLY D 268 -19.96 33.81 -6.96
CA GLY D 268 -19.30 35.04 -6.53
C GLY D 268 -18.12 35.46 -7.36
N MET D 269 -17.96 34.86 -8.55
CA MET D 269 -16.85 35.19 -9.44
C MET D 269 -17.35 36.29 -10.36
N GLU D 270 -16.64 37.42 -10.37
CA GLU D 270 -17.07 38.60 -11.13
C GLU D 270 -16.91 38.33 -12.61
N SER D 271 -18.03 38.11 -13.29
CA SER D 271 -18.03 37.85 -14.72
C SER D 271 -19.37 38.25 -15.31
N ALA D 272 -19.54 37.94 -16.59
CA ALA D 272 -20.75 38.26 -17.31
C ALA D 272 -21.56 37.04 -17.70
N GLY D 273 -21.03 35.84 -17.47
CA GLY D 273 -21.69 34.63 -17.89
C GLY D 273 -21.22 34.18 -19.26
N ILE D 274 -21.61 32.95 -19.60
CA ILE D 274 -21.24 32.39 -20.90
C ILE D 274 -21.93 33.13 -22.03
N HIS D 275 -23.23 33.36 -21.90
CA HIS D 275 -24.03 33.97 -22.96
C HIS D 275 -23.65 35.42 -23.23
N GLU D 276 -23.06 36.12 -22.27
CA GLU D 276 -22.58 37.46 -22.54
C GLU D 276 -21.10 37.51 -22.93
N THR D 277 -20.31 36.49 -22.61
CA THR D 277 -18.98 36.44 -23.20
C THR D 277 -19.04 36.06 -24.67
N THR D 278 -20.02 35.27 -25.07
CA THR D 278 -20.23 35.03 -26.50
C THR D 278 -20.64 36.30 -27.21
N TYR D 279 -21.60 37.04 -26.65
CA TYR D 279 -22.09 38.24 -27.30
C TYR D 279 -21.03 39.34 -27.29
N ASN D 280 -20.22 39.40 -26.23
CA ASN D 280 -19.12 40.36 -26.22
C ASN D 280 -18.02 39.96 -27.19
N SER D 281 -17.77 38.66 -27.36
CA SER D 281 -16.79 38.23 -28.35
C SER D 281 -17.29 38.45 -29.77
N ILE D 282 -18.60 38.46 -29.98
CA ILE D 282 -19.14 38.80 -31.29
C ILE D 282 -19.08 40.30 -31.52
N MET D 283 -19.42 41.09 -30.50
CA MET D 283 -19.40 42.54 -30.67
C MET D 283 -17.99 43.10 -30.74
N LYS D 284 -16.98 42.39 -30.25
CA LYS D 284 -15.61 42.82 -30.50
C LYS D 284 -15.17 42.55 -31.93
N CYS D 285 -15.84 41.64 -32.64
CA CYS D 285 -15.53 41.42 -34.04
C CYS D 285 -16.11 42.56 -34.88
N ASP D 286 -15.78 42.55 -36.17
CA ASP D 286 -16.21 43.62 -37.04
C ASP D 286 -17.67 43.43 -37.45
N ILE D 287 -18.14 44.32 -38.32
CA ILE D 287 -19.58 44.39 -38.60
C ILE D 287 -20.00 43.29 -39.56
N ASP D 288 -19.17 42.97 -40.54
CA ASP D 288 -19.57 42.09 -41.64
C ASP D 288 -19.18 40.64 -41.40
N ILE D 289 -19.18 40.18 -40.14
CA ILE D 289 -18.76 38.84 -39.78
C ILE D 289 -19.91 38.18 -39.03
N ARG D 290 -20.77 39.00 -38.44
CA ARG D 290 -21.54 38.58 -37.28
C ARG D 290 -22.65 37.61 -37.61
N LYS D 291 -23.29 37.72 -38.79
CA LYS D 291 -24.30 36.73 -39.15
C LYS D 291 -23.68 35.38 -39.47
N ASP D 292 -22.42 35.36 -39.89
CA ASP D 292 -21.71 34.09 -40.02
C ASP D 292 -21.28 33.56 -38.67
N LEU D 293 -21.16 34.42 -37.66
CA LEU D 293 -20.97 33.94 -36.31
C LEU D 293 -22.28 33.55 -35.63
N TYR D 294 -23.41 34.07 -36.13
CA TYR D 294 -24.70 33.73 -35.56
C TYR D 294 -25.20 32.40 -36.11
N ALA D 295 -24.94 32.13 -37.39
CA ALA D 295 -25.39 30.90 -38.02
C ALA D 295 -24.47 29.73 -37.74
N ASN D 296 -23.31 29.97 -37.12
CA ASN D 296 -22.32 28.91 -36.91
C ASN D 296 -21.73 28.99 -35.52
N ASN D 297 -22.56 29.24 -34.52
CA ASN D 297 -22.08 29.27 -33.14
C ASN D 297 -21.92 27.83 -32.67
N VAL D 298 -20.69 27.46 -32.35
CA VAL D 298 -20.34 26.09 -32.00
C VAL D 298 -20.26 25.97 -30.49
N MET D 299 -20.79 24.87 -29.96
CA MET D 299 -20.90 24.64 -28.52
C MET D 299 -20.42 23.22 -28.21
N SER D 300 -19.21 22.90 -28.67
CA SER D 300 -18.83 21.49 -28.81
C SER D 300 -17.59 21.10 -28.03
N GLY D 301 -17.53 21.44 -26.75
CA GLY D 301 -16.51 20.87 -25.89
C GLY D 301 -17.14 20.09 -24.74
N GLY D 302 -16.47 20.05 -23.61
CA GLY D 302 -17.02 19.43 -22.42
C GLY D 302 -18.05 20.32 -21.75
N THR D 303 -18.61 19.82 -20.65
CA THR D 303 -19.57 20.50 -19.76
C THR D 303 -20.76 21.12 -20.50
N THR D 304 -21.10 20.60 -21.67
CA THR D 304 -22.26 21.06 -22.42
C THR D 304 -23.23 19.93 -22.68
N MET D 305 -23.01 18.77 -22.06
CA MET D 305 -23.89 17.63 -22.21
C MET D 305 -25.11 17.71 -21.32
N TYR D 306 -25.32 18.84 -20.66
CA TYR D 306 -26.56 19.08 -19.95
C TYR D 306 -27.69 19.21 -20.95
N PRO D 307 -28.83 18.57 -20.72
CA PRO D 307 -29.92 18.58 -21.71
C PRO D 307 -30.55 19.96 -21.84
N GLY D 308 -30.70 20.41 -23.09
CA GLY D 308 -31.38 21.65 -23.39
C GLY D 308 -30.54 22.90 -23.27
N ILE D 309 -29.21 22.77 -23.10
CA ILE D 309 -28.35 23.93 -22.97
C ILE D 309 -28.27 24.72 -24.28
N ALA D 310 -28.54 24.08 -25.42
CA ALA D 310 -28.65 24.82 -26.67
C ALA D 310 -29.92 25.65 -26.71
N ASP D 311 -30.96 25.21 -26.01
CA ASP D 311 -32.20 25.98 -25.98
C ASP D 311 -32.06 27.20 -25.09
N ARG D 312 -31.38 27.06 -23.96
CA ARG D 312 -31.07 28.20 -23.12
C ARG D 312 -30.09 29.14 -23.81
N MET D 313 -29.16 28.56 -24.57
CA MET D 313 -28.13 29.35 -25.23
C MET D 313 -28.72 30.18 -26.36
N GLN D 314 -29.46 29.53 -27.26
CA GLN D 314 -30.14 30.23 -28.35
C GLN D 314 -31.22 31.17 -27.82
N LYS D 315 -31.91 30.74 -26.75
CA LYS D 315 -32.99 31.54 -26.18
C LYS D 315 -32.45 32.79 -25.51
N GLU D 316 -31.21 32.75 -25.03
CA GLU D 316 -30.61 33.93 -24.43
C GLU D 316 -29.89 34.83 -25.42
N ILE D 317 -29.16 34.25 -26.38
CA ILE D 317 -28.48 35.05 -27.40
C ILE D 317 -29.49 35.72 -28.32
N THR D 318 -30.65 35.09 -28.56
CA THR D 318 -31.73 35.75 -29.28
C THR D 318 -32.22 37.00 -28.55
N ALA D 319 -32.27 36.94 -27.22
CA ALA D 319 -32.60 38.13 -26.44
C ALA D 319 -31.47 39.16 -26.44
N LEU D 320 -30.23 38.76 -26.68
CA LEU D 320 -29.13 39.72 -26.71
C LEU D 320 -28.87 40.27 -28.11
N ALA D 321 -28.76 39.40 -29.10
CA ALA D 321 -28.49 39.83 -30.47
C ALA D 321 -29.71 40.53 -31.05
N PRO D 322 -29.50 41.44 -32.02
CA PRO D 322 -30.65 42.09 -32.67
C PRO D 322 -31.45 41.10 -33.50
N SER D 323 -32.66 41.52 -33.86
CA SER D 323 -33.60 40.64 -34.52
C SER D 323 -33.21 40.39 -35.98
N THR D 324 -34.01 39.55 -36.63
CA THR D 324 -33.80 39.03 -38.00
C THR D 324 -32.46 38.33 -38.17
N MET D 325 -31.88 37.84 -37.08
CA MET D 325 -30.67 37.04 -37.10
C MET D 325 -31.03 35.60 -36.79
N LYS D 326 -30.33 34.67 -37.44
CA LYS D 326 -30.58 33.24 -37.27
C LYS D 326 -29.52 32.69 -36.33
N ILE D 327 -29.87 32.59 -35.06
CA ILE D 327 -28.95 32.08 -34.04
C ILE D 327 -29.00 30.56 -34.11
N LYS D 328 -27.97 29.96 -34.70
CA LYS D 328 -27.88 28.51 -34.83
C LYS D 328 -26.80 28.03 -33.86
N ILE D 329 -27.21 27.54 -32.71
CA ILE D 329 -26.28 26.95 -31.75
C ILE D 329 -26.00 25.53 -32.22
N ILE D 330 -24.85 25.34 -32.87
CA ILE D 330 -24.50 24.03 -33.39
C ILE D 330 -23.98 23.18 -32.24
N ALA D 331 -24.75 22.16 -31.86
CA ALA D 331 -24.37 21.24 -30.78
C ALA D 331 -24.35 19.82 -31.34
N PRO D 332 -23.26 19.41 -31.97
CA PRO D 332 -23.17 18.04 -32.46
C PRO D 332 -22.99 17.08 -31.29
N PRO D 333 -23.80 16.02 -31.19
CA PRO D 333 -23.74 15.15 -30.01
C PRO D 333 -22.44 14.36 -29.85
N GLU D 334 -21.49 14.48 -30.77
CA GLU D 334 -20.15 13.93 -30.62
C GLU D 334 -19.23 14.83 -29.80
N ARG D 335 -19.76 15.83 -29.09
CA ARG D 335 -18.92 16.69 -28.27
C ARG D 335 -18.48 15.95 -27.01
N LYS D 336 -17.58 16.60 -26.26
CA LYS D 336 -16.65 16.15 -25.22
C LYS D 336 -15.47 15.43 -25.85
N TYR D 337 -15.54 15.10 -27.13
CA TYR D 337 -14.47 14.41 -27.84
C TYR D 337 -13.99 15.19 -29.05
N SER D 338 -14.70 16.25 -29.43
CA SER D 338 -14.45 16.94 -30.69
C SER D 338 -13.14 17.70 -30.72
N VAL D 339 -12.56 18.01 -29.57
CA VAL D 339 -11.23 18.60 -29.59
C VAL D 339 -10.20 17.54 -29.95
N TRP D 340 -10.40 16.29 -29.51
CA TRP D 340 -9.55 15.20 -29.97
C TRP D 340 -9.81 14.90 -31.44
N ILE D 341 -11.07 15.00 -31.87
CA ILE D 341 -11.41 14.67 -33.25
C ILE D 341 -10.81 15.70 -34.19
N GLY D 342 -10.85 16.97 -33.81
CA GLY D 342 -10.13 17.99 -34.57
C GLY D 342 -8.63 17.81 -34.51
N GLY D 343 -8.13 17.23 -33.41
CA GLY D 343 -6.73 16.81 -33.38
C GLY D 343 -6.44 15.73 -34.40
N SER D 344 -7.36 14.80 -34.57
CA SER D 344 -7.18 13.71 -35.53
C SER D 344 -7.23 14.22 -36.96
N ILE D 345 -8.14 15.16 -37.24
CA ILE D 345 -8.23 15.74 -38.57
C ILE D 345 -6.99 16.56 -38.88
N LEU D 346 -6.65 17.52 -38.00
CA LEU D 346 -5.54 18.43 -38.26
C LEU D 346 -4.20 17.70 -38.28
N ALA D 347 -4.06 16.64 -37.49
CA ALA D 347 -2.85 15.84 -37.56
C ALA D 347 -2.81 14.99 -38.82
N SER D 348 -3.95 14.77 -39.49
CA SER D 348 -3.96 13.96 -40.71
C SER D 348 -4.01 14.78 -41.99
N LEU D 349 -3.91 16.12 -41.92
CA LEU D 349 -3.86 16.90 -43.15
C LEU D 349 -2.50 16.77 -43.83
N SER D 350 -2.52 17.04 -45.14
CA SER D 350 -1.32 17.05 -45.96
C SER D 350 -0.51 18.33 -45.80
N THR D 351 -1.16 19.46 -45.58
CA THR D 351 -0.46 20.73 -45.46
C THR D 351 0.27 20.86 -44.13
N PHE D 352 -0.16 20.12 -43.11
CA PHE D 352 0.35 20.31 -41.75
C PHE D 352 1.79 19.82 -41.58
N GLN D 353 2.30 18.99 -42.50
CA GLN D 353 3.58 18.32 -42.27
C GLN D 353 4.80 19.21 -42.39
N GLN D 354 4.66 20.50 -42.70
CA GLN D 354 5.77 21.44 -42.54
C GLN D 354 5.54 22.45 -41.44
N MET D 355 4.52 22.25 -40.61
CA MET D 355 4.29 23.06 -39.44
C MET D 355 4.70 22.37 -38.14
N TRP D 356 5.31 21.20 -38.22
CA TRP D 356 5.77 20.51 -37.03
C TRP D 356 7.00 21.18 -36.46
N ILE D 357 6.92 21.56 -35.18
CA ILE D 357 8.11 21.94 -34.42
C ILE D 357 8.90 20.66 -34.20
N THR D 358 10.02 20.52 -34.89
CA THR D 358 10.76 19.28 -34.88
C THR D 358 12.09 19.42 -34.15
N LYS D 359 12.65 18.27 -33.79
CA LYS D 359 14.01 18.23 -33.26
C LYS D 359 14.99 18.55 -34.37
N GLN D 360 16.14 19.15 -33.98
CA GLN D 360 17.20 19.81 -34.72
C GLN D 360 16.74 21.20 -35.19
N GLU D 361 15.45 21.51 -35.07
CA GLU D 361 14.95 22.87 -35.12
C GLU D 361 14.59 23.39 -33.74
N TYR D 362 14.18 22.48 -32.85
CA TYR D 362 14.09 22.80 -31.42
C TYR D 362 15.46 23.14 -30.86
N ASP D 363 16.47 22.35 -31.20
CA ASP D 363 17.80 22.55 -30.66
C ASP D 363 18.50 23.75 -31.28
N GLU D 364 18.00 24.23 -32.42
CA GLU D 364 18.60 25.37 -33.10
C GLU D 364 18.36 26.67 -32.34
N ALA D 365 17.13 26.90 -31.88
CA ALA D 365 16.79 28.15 -31.23
C ALA D 365 16.27 27.96 -29.81
N GLY D 366 16.42 26.76 -29.24
CA GLY D 366 16.00 26.53 -27.88
C GLY D 366 14.50 26.41 -27.73
N PRO D 367 14.01 26.49 -26.48
CA PRO D 367 12.57 26.27 -26.24
C PRO D 367 11.68 27.45 -26.61
N SER D 368 12.23 28.58 -27.05
CA SER D 368 11.42 29.72 -27.43
C SER D 368 10.86 29.60 -28.84
N ILE D 369 11.24 28.55 -29.58
CA ILE D 369 10.86 28.39 -30.98
C ILE D 369 9.35 28.22 -31.15
N VAL D 370 8.67 27.77 -30.10
CA VAL D 370 7.22 27.60 -30.12
C VAL D 370 6.52 28.94 -30.27
N HIS D 371 7.13 30.01 -29.77
CA HIS D 371 6.53 31.32 -29.90
C HIS D 371 6.80 31.98 -31.26
N ARG D 372 7.44 31.28 -32.19
CA ARG D 372 7.62 31.81 -33.53
C ARG D 372 7.18 30.86 -34.64
N LYS D 373 7.08 29.56 -34.37
CA LYS D 373 6.56 28.62 -35.35
C LYS D 373 5.09 28.31 -35.15
N CYS D 374 4.66 28.14 -33.90
CA CYS D 374 3.33 27.58 -33.65
C CYS D 374 2.25 28.64 -33.79
N PHE D 375 2.30 29.68 -32.96
CA PHE D 375 1.39 30.81 -33.13
C PHE D 375 2.14 32.12 -32.90
N ASP E 1 -23.83 80.09 1.53
CA ASP E 1 -22.79 79.06 1.47
C ASP E 1 -21.54 79.60 0.79
N GLU E 2 -21.70 80.13 -0.42
CA GLU E 2 -20.60 80.72 -1.18
C GLU E 2 -20.94 82.17 -1.49
N ASP E 3 -20.01 83.07 -1.21
CA ASP E 3 -20.20 84.50 -1.44
C ASP E 3 -19.68 84.97 -2.79
N GLU E 4 -19.57 84.06 -3.76
CA GLU E 4 -19.00 84.37 -5.06
C GLU E 4 -19.90 83.87 -6.17
N THR E 5 -19.66 84.40 -7.38
CA THR E 5 -20.27 83.91 -8.60
C THR E 5 -19.23 83.24 -9.49
N THR E 6 -18.31 82.49 -8.88
CA THR E 6 -17.23 81.86 -9.62
C THR E 6 -17.77 80.69 -10.44
N ALA E 7 -17.40 80.63 -11.71
CA ALA E 7 -17.86 79.57 -12.59
C ALA E 7 -17.23 78.24 -12.23
N LEU E 8 -18.03 77.18 -12.32
CA LEU E 8 -17.55 75.84 -12.05
C LEU E 8 -17.02 75.22 -13.34
N VAL E 9 -15.82 74.68 -13.27
CA VAL E 9 -15.23 73.96 -14.39
C VAL E 9 -15.27 72.49 -13.99
N CYS E 10 -16.28 71.77 -14.47
CA CYS E 10 -16.41 70.34 -14.26
C CYS E 10 -15.98 69.62 -15.53
N ASP E 11 -15.10 68.64 -15.38
CA ASP E 11 -14.45 68.02 -16.53
C ASP E 11 -14.37 66.52 -16.29
N ASN E 12 -15.29 65.78 -16.91
CA ASN E 12 -15.14 64.36 -17.12
C ASN E 12 -14.94 64.16 -18.62
N GLY E 13 -13.72 63.89 -19.03
CA GLY E 13 -13.49 63.57 -20.42
C GLY E 13 -14.07 62.20 -20.74
N SER E 14 -13.43 61.13 -20.26
CA SER E 14 -14.07 59.82 -20.29
C SER E 14 -13.75 58.96 -19.09
N GLY E 15 -12.72 59.30 -18.31
CA GLY E 15 -12.26 58.36 -17.32
C GLY E 15 -11.78 58.87 -15.97
N LEU E 16 -11.81 60.18 -15.76
CA LEU E 16 -11.29 60.75 -14.52
C LEU E 16 -11.95 62.10 -14.29
N VAL E 17 -12.76 62.21 -13.24
CA VAL E 17 -13.46 63.45 -12.97
C VAL E 17 -12.51 64.43 -12.29
N LYS E 18 -12.32 65.59 -12.90
CA LYS E 18 -11.57 66.68 -12.30
C LYS E 18 -12.44 67.93 -12.38
N ALA E 19 -12.55 68.63 -11.26
CA ALA E 19 -13.45 69.78 -11.17
C ALA E 19 -12.83 70.83 -10.28
N GLY E 20 -13.29 72.07 -10.46
CA GLY E 20 -12.82 73.14 -9.61
C GLY E 20 -13.45 74.46 -9.99
N PHE E 21 -12.83 75.53 -9.52
CA PHE E 21 -13.34 76.88 -9.70
C PHE E 21 -12.65 77.54 -10.89
N ALA E 22 -13.29 78.58 -11.41
CA ALA E 22 -12.70 79.37 -12.48
C ALA E 22 -11.60 80.26 -11.92
N GLY E 23 -10.55 80.46 -12.71
CA GLY E 23 -9.42 81.27 -12.29
C GLY E 23 -8.61 80.60 -11.21
N ASP E 24 -8.21 79.35 -11.45
CA ASP E 24 -7.47 78.60 -10.45
C ASP E 24 -6.42 77.76 -11.18
N ASP E 25 -5.35 77.43 -10.47
CA ASP E 25 -4.25 76.68 -11.08
C ASP E 25 -4.54 75.18 -11.09
N ALA E 26 -4.76 74.60 -9.91
CA ALA E 26 -5.00 73.18 -9.80
C ALA E 26 -6.48 72.88 -9.65
N PRO E 27 -6.96 71.80 -10.25
CA PRO E 27 -8.35 71.39 -10.02
C PRO E 27 -8.54 70.92 -8.60
N ARG E 28 -9.63 71.37 -7.99
CA ARG E 28 -9.81 71.16 -6.56
C ARG E 28 -10.24 69.73 -6.24
N ALA E 29 -11.16 69.17 -7.02
CA ALA E 29 -11.68 67.82 -6.75
C ALA E 29 -11.29 66.91 -7.90
N VAL E 30 -10.33 66.01 -7.65
CA VAL E 30 -9.90 65.02 -8.62
C VAL E 30 -10.18 63.65 -8.05
N PHE E 31 -11.02 62.88 -8.75
CA PHE E 31 -11.37 61.54 -8.31
C PHE E 31 -11.81 60.72 -9.52
N PRO E 32 -11.65 59.40 -9.47
CA PRO E 32 -12.01 58.57 -10.63
C PRO E 32 -13.51 58.50 -10.87
N SER E 33 -13.87 58.36 -12.14
CA SER E 33 -15.26 58.33 -12.58
C SER E 33 -15.80 56.91 -12.53
N ILE E 34 -16.03 56.40 -11.33
CA ILE E 34 -16.58 55.08 -11.14
C ILE E 34 -17.77 55.17 -10.19
N VAL E 35 -18.73 54.26 -10.38
CA VAL E 35 -19.82 54.06 -9.45
C VAL E 35 -19.72 52.61 -8.98
N GLY E 36 -19.88 52.40 -7.68
CA GLY E 36 -19.79 51.07 -7.12
C GLY E 36 -21.16 50.53 -6.75
N ARG E 37 -21.21 49.21 -6.61
CA ARG E 37 -22.45 48.53 -6.28
C ARG E 37 -22.08 47.18 -5.69
N PRO E 38 -22.57 46.85 -4.50
CA PRO E 38 -22.20 45.57 -3.89
C PRO E 38 -22.84 44.41 -4.63
N ARG E 39 -21.99 43.52 -5.16
CA ARG E 39 -22.47 42.43 -5.99
C ARG E 39 -22.95 41.23 -5.18
N HIS E 40 -22.99 41.34 -3.85
CA HIS E 40 -23.48 40.28 -3.00
C HIS E 40 -24.11 40.90 -1.75
N GLN E 41 -24.65 40.04 -0.89
CA GLN E 41 -25.47 40.48 0.22
C GLN E 41 -24.63 41.04 1.35
N GLY E 42 -25.29 41.84 2.19
CA GLY E 42 -24.68 42.33 3.41
C GLY E 42 -25.13 41.50 4.60
N VAL E 43 -24.29 41.45 5.64
CA VAL E 43 -24.52 40.63 6.80
C VAL E 43 -24.56 41.43 8.09
N MET E 44 -23.57 42.31 8.29
CA MET E 44 -23.47 43.07 9.54
C MET E 44 -24.60 44.09 9.66
N VAL E 45 -25.39 43.93 10.72
CA VAL E 45 -26.51 44.83 11.01
C VAL E 45 -25.95 46.10 11.62
N GLY E 46 -26.43 47.25 11.17
CA GLY E 46 -25.90 48.51 11.65
C GLY E 46 -24.54 48.85 11.08
N MET E 47 -24.49 49.18 9.80
CA MET E 47 -23.23 49.52 9.14
C MET E 47 -23.32 50.80 8.33
N GLY E 48 -24.51 51.21 7.91
CA GLY E 48 -24.62 52.21 6.87
C GLY E 48 -24.81 51.48 5.56
N GLN E 49 -23.70 51.28 4.83
CA GLN E 49 -23.54 50.44 3.64
C GLN E 49 -24.65 50.66 2.61
N LYS E 50 -24.66 51.88 2.09
CA LYS E 50 -25.56 52.25 1.02
C LYS E 50 -25.17 51.53 -0.28
N ASP E 51 -26.12 51.44 -1.19
CA ASP E 51 -25.94 50.74 -2.46
C ASP E 51 -25.45 51.73 -3.51
N SER E 52 -24.42 52.49 -3.18
CA SER E 52 -23.77 53.44 -4.08
C SER E 52 -22.40 53.80 -3.52
N TYR E 53 -21.36 53.66 -4.31
CA TYR E 53 -20.03 54.09 -3.94
C TYR E 53 -19.41 54.76 -5.14
N VAL E 54 -19.19 56.06 -5.03
CA VAL E 54 -18.78 56.87 -6.16
C VAL E 54 -17.44 57.53 -5.84
N GLY E 55 -16.61 57.66 -6.86
CA GLY E 55 -15.33 58.30 -6.69
C GLY E 55 -14.35 57.42 -5.95
N ASP E 56 -13.39 58.05 -5.28
CA ASP E 56 -12.28 57.32 -4.65
C ASP E 56 -12.73 56.47 -3.48
N GLU E 57 -13.89 56.80 -2.89
CA GLU E 57 -14.50 55.95 -1.88
C GLU E 57 -14.80 54.56 -2.42
N ALA E 58 -15.21 54.47 -3.69
CA ALA E 58 -15.36 53.17 -4.33
C ALA E 58 -14.03 52.43 -4.42
N GLN E 59 -12.95 53.16 -4.68
CA GLN E 59 -11.64 52.53 -4.66
C GLN E 59 -11.19 52.17 -3.25
N SER E 60 -11.82 52.72 -2.22
CA SER E 60 -11.55 52.21 -0.88
C SER E 60 -12.21 50.86 -0.65
N LYS E 61 -13.29 50.56 -1.39
CA LYS E 61 -14.04 49.33 -1.18
C LYS E 61 -14.14 48.49 -2.44
N ARG E 62 -13.18 48.65 -3.35
CA ARG E 62 -13.26 48.03 -4.67
C ARG E 62 -13.16 46.51 -4.65
N GLY E 63 -12.76 45.92 -3.52
CA GLY E 63 -12.78 44.47 -3.41
C GLY E 63 -14.17 43.87 -3.41
N ILE E 64 -15.17 44.63 -2.95
CA ILE E 64 -16.51 44.08 -2.81
C ILE E 64 -17.51 44.75 -3.73
N LEU E 65 -17.05 45.42 -4.78
CA LEU E 65 -17.92 46.15 -5.67
C LEU E 65 -17.72 45.67 -7.10
N THR E 66 -18.75 45.90 -7.92
CA THR E 66 -18.62 45.79 -9.37
C THR E 66 -18.47 47.21 -9.92
N LEU E 67 -17.23 47.56 -10.24
CA LEU E 67 -16.94 48.90 -10.73
C LEU E 67 -17.45 49.06 -12.15
N LYS E 68 -17.95 50.25 -12.46
CA LYS E 68 -18.61 50.48 -13.74
C LYS E 68 -18.45 51.95 -14.12
N TYR E 69 -17.63 52.20 -15.12
CA TYR E 69 -17.47 53.54 -15.65
C TYR E 69 -18.75 53.97 -16.35
N PRO E 70 -19.42 55.03 -15.89
CA PRO E 70 -20.69 55.43 -16.51
C PRO E 70 -20.53 56.07 -17.88
N ILE E 71 -19.34 56.55 -18.22
CA ILE E 71 -19.10 57.15 -19.52
C ILE E 71 -18.04 56.32 -20.24
N GLU E 72 -18.32 55.99 -21.50
CA GLU E 72 -17.49 55.07 -22.28
C GLU E 72 -17.19 55.70 -23.61
N HIS E 73 -15.90 55.85 -23.92
CA HIS E 73 -15.39 56.48 -25.14
C HIS E 73 -15.94 57.89 -25.33
N GLY E 74 -16.08 58.62 -24.22
CA GLY E 74 -16.67 59.93 -24.23
C GLY E 74 -18.17 59.96 -24.36
N ILE E 75 -18.82 58.81 -24.45
CA ILE E 75 -20.27 58.73 -24.60
C ILE E 75 -20.85 58.26 -23.27
N ILE E 76 -21.77 59.05 -22.72
CA ILE E 76 -22.40 58.70 -21.45
C ILE E 76 -23.41 57.59 -21.69
N THR E 77 -23.26 56.48 -20.99
CA THR E 77 -24.12 55.32 -21.15
C THR E 77 -25.30 55.34 -20.17
N ASN E 78 -25.01 55.45 -18.88
CA ASN E 78 -26.03 55.44 -17.85
C ASN E 78 -26.18 56.84 -17.26
N TRP E 79 -27.32 57.47 -17.53
CA TRP E 79 -27.52 58.86 -17.11
C TRP E 79 -27.76 58.97 -15.60
N ASP E 80 -28.40 57.97 -15.00
CA ASP E 80 -28.56 57.94 -13.55
C ASP E 80 -27.24 57.81 -12.81
N ASP E 81 -26.33 56.98 -13.30
CA ASP E 81 -25.01 56.83 -12.69
C ASP E 81 -24.16 58.08 -12.86
N MET E 82 -24.23 58.72 -14.02
CA MET E 82 -23.53 59.99 -14.22
C MET E 82 -24.15 61.09 -13.37
N GLU E 83 -25.45 60.99 -13.08
CA GLU E 83 -26.08 61.92 -12.16
C GLU E 83 -25.59 61.69 -10.73
N LYS E 84 -25.29 60.44 -10.38
CA LYS E 84 -24.64 60.17 -9.10
C LYS E 84 -23.24 60.77 -9.06
N ILE E 85 -22.52 60.70 -10.19
CA ILE E 85 -21.17 61.23 -10.26
C ILE E 85 -21.19 62.75 -10.13
N TRP E 86 -22.15 63.41 -10.78
CA TRP E 86 -22.27 64.86 -10.66
C TRP E 86 -22.75 65.28 -9.29
N HIS E 87 -23.65 64.51 -8.69
CA HIS E 87 -24.16 64.81 -7.36
C HIS E 87 -23.05 64.72 -6.32
N HIS E 88 -22.23 63.66 -6.41
CA HIS E 88 -21.06 63.54 -5.57
C HIS E 88 -20.01 64.58 -5.91
N THR E 89 -19.97 65.04 -7.17
CA THR E 89 -18.99 66.02 -7.58
C THR E 89 -19.27 67.38 -6.96
N PHE E 90 -20.47 67.92 -7.17
CA PHE E 90 -20.77 69.25 -6.66
C PHE E 90 -21.09 69.24 -5.17
N TYR E 91 -21.77 68.22 -4.67
CA TYR E 91 -22.27 68.28 -3.30
C TYR E 91 -21.33 67.70 -2.26
N ASN E 92 -20.41 66.83 -2.64
CA ASN E 92 -19.55 66.17 -1.67
C ASN E 92 -18.09 66.55 -1.79
N GLU E 93 -17.49 66.37 -2.97
CA GLU E 93 -16.07 66.66 -3.12
C GLU E 93 -15.81 68.15 -3.22
N LEU E 94 -16.36 68.79 -4.24
CA LEU E 94 -16.18 70.22 -4.43
C LEU E 94 -16.94 71.02 -3.38
N ARG E 95 -18.08 70.50 -2.92
CA ARG E 95 -18.84 70.99 -1.77
C ARG E 95 -19.29 72.44 -1.98
N VAL E 96 -20.17 72.60 -2.97
CA VAL E 96 -20.72 73.90 -3.35
C VAL E 96 -22.07 73.66 -4.02
N ALA E 97 -22.95 74.65 -3.95
CA ALA E 97 -24.28 74.52 -4.53
C ALA E 97 -24.25 74.90 -6.00
N PRO E 98 -24.78 74.07 -6.90
CA PRO E 98 -24.77 74.40 -8.32
C PRO E 98 -25.74 75.50 -8.69
N GLU E 99 -26.68 75.84 -7.81
CA GLU E 99 -27.71 76.83 -8.11
C GLU E 99 -27.13 78.24 -8.27
N GLU E 100 -25.99 78.52 -7.66
CA GLU E 100 -25.44 79.87 -7.66
C GLU E 100 -24.21 80.04 -8.54
N HIS E 101 -23.86 79.03 -9.35
CA HIS E 101 -22.63 79.08 -10.13
C HIS E 101 -22.84 78.62 -11.55
N PRO E 102 -22.31 79.35 -12.54
CA PRO E 102 -22.30 78.83 -13.91
C PRO E 102 -21.38 77.62 -14.02
N THR E 103 -21.68 76.74 -14.96
CA THR E 103 -20.91 75.51 -15.13
C THR E 103 -20.34 75.39 -16.54
N LEU E 104 -19.16 74.81 -16.60
CA LEU E 104 -18.41 74.64 -17.84
C LEU E 104 -18.11 73.16 -18.01
N LEU E 105 -18.96 72.48 -18.76
CA LEU E 105 -18.77 71.08 -19.05
C LEU E 105 -17.73 70.92 -20.16
N THR E 106 -17.32 69.67 -20.40
CA THR E 106 -16.42 69.33 -21.49
C THR E 106 -16.94 68.07 -22.18
N GLU E 107 -16.67 67.96 -23.48
CA GLU E 107 -16.99 66.74 -24.20
C GLU E 107 -16.01 66.57 -25.37
N ALA E 108 -16.24 65.51 -26.13
CA ALA E 108 -15.48 65.21 -27.33
C ALA E 108 -16.18 65.78 -28.56
N PRO E 109 -15.42 66.17 -29.58
CA PRO E 109 -16.02 66.39 -30.90
C PRO E 109 -16.44 65.06 -31.51
N LEU E 110 -17.29 65.17 -32.54
CA LEU E 110 -17.92 64.04 -33.21
C LEU E 110 -18.68 63.17 -32.21
N ASN E 111 -19.34 63.81 -31.27
CA ASN E 111 -20.11 63.20 -30.21
C ASN E 111 -21.51 62.91 -30.73
N PRO E 112 -22.15 61.83 -30.30
CA PRO E 112 -23.59 61.73 -30.46
C PRO E 112 -24.28 62.85 -29.72
N LYS E 113 -25.16 63.57 -30.43
CA LYS E 113 -25.68 64.84 -29.93
C LYS E 113 -26.68 64.67 -28.79
N ALA E 114 -27.15 63.45 -28.51
CA ALA E 114 -27.99 63.24 -27.34
C ALA E 114 -27.18 63.32 -26.05
N ASN E 115 -25.87 63.09 -26.14
CA ASN E 115 -24.99 63.27 -24.99
C ASN E 115 -24.91 64.74 -24.60
N ARG E 116 -24.66 65.59 -25.60
CA ARG E 116 -24.60 67.03 -25.39
C ARG E 116 -25.95 67.59 -24.95
N GLU E 117 -27.01 67.17 -25.62
CA GLU E 117 -28.35 67.72 -25.39
C GLU E 117 -28.91 67.26 -24.05
N LYS E 118 -28.84 65.95 -23.77
CA LYS E 118 -29.30 65.45 -22.49
C LYS E 118 -28.39 65.87 -21.35
N MET E 119 -27.11 66.13 -21.63
CA MET E 119 -26.23 66.68 -20.61
C MET E 119 -26.66 68.10 -20.22
N THR E 120 -27.05 68.90 -21.21
CA THR E 120 -27.58 70.23 -20.91
C THR E 120 -28.93 70.14 -20.20
N GLN E 121 -29.74 69.14 -20.56
CA GLN E 121 -31.04 68.95 -19.93
C GLN E 121 -30.89 68.57 -18.45
N ILE E 122 -29.92 67.71 -18.14
CA ILE E 122 -29.69 67.36 -16.73
C ILE E 122 -29.09 68.54 -15.98
N MET E 123 -28.20 69.31 -16.62
CA MET E 123 -27.61 70.46 -15.93
C MET E 123 -28.61 71.56 -15.63
N PHE E 124 -29.61 71.77 -16.49
CA PHE E 124 -30.60 72.80 -16.16
C PHE E 124 -31.77 72.28 -15.34
N GLU E 125 -32.27 71.09 -15.63
CA GLU E 125 -33.51 70.65 -14.98
C GLU E 125 -33.25 70.12 -13.57
N THR E 126 -32.15 69.40 -13.37
CA THR E 126 -31.92 68.75 -12.09
C THR E 126 -31.14 69.65 -11.13
N PHE E 127 -29.96 70.12 -11.55
CA PHE E 127 -29.10 70.89 -10.66
C PHE E 127 -29.39 72.38 -10.68
N ASN E 128 -30.10 72.86 -11.72
CA ASN E 128 -30.61 74.23 -11.83
C ASN E 128 -29.48 75.26 -11.77
N VAL E 129 -28.50 75.08 -12.64
CA VAL E 129 -27.41 76.04 -12.77
C VAL E 129 -27.95 77.28 -13.49
N PRO E 130 -27.40 78.46 -13.23
CA PRO E 130 -27.87 79.64 -13.98
C PRO E 130 -27.30 79.71 -15.39
N ALA E 131 -26.09 79.21 -15.61
CA ALA E 131 -25.47 79.24 -16.93
C ALA E 131 -24.71 77.95 -17.12
N MET E 132 -24.40 77.65 -18.38
CA MET E 132 -23.86 76.35 -18.74
C MET E 132 -23.18 76.49 -20.09
N TYR E 133 -22.11 75.72 -20.30
CA TYR E 133 -21.45 75.72 -21.60
C TYR E 133 -20.84 74.36 -21.87
N VAL E 134 -20.74 73.98 -23.13
CA VAL E 134 -20.27 72.66 -23.53
C VAL E 134 -18.93 72.81 -24.25
N ALA E 135 -17.84 72.75 -23.49
CA ALA E 135 -16.53 73.06 -24.04
C ALA E 135 -15.94 71.85 -24.75
N ILE E 136 -15.20 72.11 -25.83
CA ILE E 136 -14.43 71.06 -26.48
C ILE E 136 -13.15 70.82 -25.70
N GLN E 137 -12.84 69.56 -25.46
CA GLN E 137 -11.68 69.14 -24.67
C GLN E 137 -10.35 69.60 -25.29
N ALA E 138 -10.18 69.41 -26.60
CA ALA E 138 -8.92 69.70 -27.26
C ALA E 138 -8.65 71.20 -27.37
N VAL E 139 -9.69 72.00 -27.59
CA VAL E 139 -9.52 73.45 -27.69
C VAL E 139 -9.07 74.03 -26.35
N LEU E 140 -9.62 73.50 -25.26
CA LEU E 140 -9.17 73.87 -23.92
C LEU E 140 -7.76 73.39 -23.66
N SER E 141 -7.39 72.24 -24.22
CA SER E 141 -6.01 71.80 -24.16
C SER E 141 -5.08 72.73 -24.93
N LEU E 142 -5.60 73.49 -25.89
CA LEU E 142 -4.78 74.51 -26.52
C LEU E 142 -4.83 75.84 -25.76
N TYR E 143 -5.88 76.08 -24.98
CA TYR E 143 -5.91 77.27 -24.13
C TYR E 143 -4.85 77.21 -23.04
N ALA E 144 -4.64 76.04 -22.44
CA ALA E 144 -3.64 75.96 -21.39
C ALA E 144 -2.21 75.99 -21.94
N SER E 145 -2.04 75.75 -23.24
CA SER E 145 -0.72 75.80 -23.83
C SER E 145 -0.24 77.23 -24.08
N GLY E 146 -1.11 78.22 -23.89
CA GLY E 146 -0.72 79.61 -24.09
C GLY E 146 -0.61 80.01 -25.54
N ARG E 147 -1.12 79.21 -26.46
CA ARG E 147 -1.03 79.49 -27.88
C ARG E 147 -2.41 79.68 -28.48
N THR E 148 -2.44 80.27 -29.67
CA THR E 148 -3.64 80.37 -30.47
C THR E 148 -3.55 79.58 -31.76
N THR E 149 -2.39 79.00 -32.03
CA THR E 149 -2.15 78.21 -33.23
C THR E 149 -1.49 76.90 -32.85
N GLY E 150 -2.08 75.79 -33.29
CA GLY E 150 -1.50 74.48 -33.07
C GLY E 150 -2.51 73.39 -33.33
N ILE E 151 -2.00 72.20 -33.59
CA ILE E 151 -2.82 70.98 -33.70
C ILE E 151 -2.74 70.26 -32.35
N VAL E 152 -3.89 69.77 -31.89
CA VAL E 152 -4.01 69.31 -30.51
C VAL E 152 -4.20 67.80 -30.50
N LEU E 153 -3.28 67.11 -29.84
CA LEU E 153 -3.41 65.72 -29.45
C LEU E 153 -3.59 65.68 -27.93
N ASP E 154 -4.67 65.04 -27.47
CA ASP E 154 -4.81 64.89 -26.03
C ASP E 154 -4.83 63.44 -25.57
N SER E 155 -5.63 62.58 -26.22
CA SER E 155 -5.68 61.13 -25.98
C SER E 155 -6.07 60.80 -24.54
N GLY E 156 -7.32 61.11 -24.20
CA GLY E 156 -7.82 60.78 -22.87
C GLY E 156 -8.06 59.30 -22.60
N ASP E 157 -9.00 58.98 -21.73
CA ASP E 157 -9.21 57.57 -21.41
C ASP E 157 -10.04 56.85 -22.48
N GLY E 158 -10.87 57.58 -23.22
CA GLY E 158 -11.72 56.92 -24.20
C GLY E 158 -11.72 57.51 -25.59
N VAL E 159 -10.93 58.56 -25.83
CA VAL E 159 -11.02 59.29 -27.09
C VAL E 159 -9.69 60.01 -27.34
N THR E 160 -9.39 60.23 -28.62
CA THR E 160 -8.33 61.16 -29.02
C THR E 160 -8.82 61.96 -30.22
N HIS E 161 -8.30 63.19 -30.37
CA HIS E 161 -8.93 64.15 -31.26
C HIS E 161 -8.05 64.59 -32.43
N ASN E 162 -6.86 65.13 -32.16
CA ASN E 162 -6.03 65.84 -33.15
C ASN E 162 -6.83 66.93 -33.86
N VAL E 163 -7.19 67.95 -33.10
CA VAL E 163 -7.97 69.08 -33.62
C VAL E 163 -6.99 70.16 -34.06
N PRO E 164 -6.91 70.49 -35.35
CA PRO E 164 -6.02 71.58 -35.77
C PRO E 164 -6.71 72.93 -35.68
N ILE E 165 -5.99 73.91 -35.15
CA ILE E 165 -6.49 75.26 -34.96
C ILE E 165 -5.43 76.23 -35.46
N TYR E 166 -5.81 77.16 -36.33
CA TYR E 166 -4.88 78.14 -36.86
C TYR E 166 -5.39 79.54 -36.56
N GLU E 167 -4.65 80.26 -35.71
CA GLU E 167 -4.83 81.70 -35.45
C GLU E 167 -6.23 82.03 -34.95
N GLY E 168 -6.72 81.26 -33.99
CA GLY E 168 -8.05 81.46 -33.48
C GLY E 168 -9.14 80.74 -34.23
N TYR E 169 -8.86 80.22 -35.41
CA TYR E 169 -9.83 79.51 -36.22
C TYR E 169 -9.50 78.03 -36.18
N ALA E 170 -10.49 77.21 -35.86
CA ALA E 170 -10.32 75.77 -35.97
C ALA E 170 -10.63 75.33 -37.40
N LEU E 171 -10.21 74.11 -37.72
CA LEU E 171 -10.46 73.50 -39.02
C LEU E 171 -11.39 72.33 -38.80
N PRO E 172 -12.71 72.53 -38.89
CA PRO E 172 -13.65 71.46 -38.56
C PRO E 172 -13.69 70.33 -39.57
N HIS E 173 -13.23 70.56 -40.80
CA HIS E 173 -13.19 69.49 -41.77
C HIS E 173 -11.98 68.58 -41.59
N ALA E 174 -10.89 69.11 -41.03
CA ALA E 174 -9.68 68.34 -40.80
C ALA E 174 -9.67 67.68 -39.42
N ILE E 175 -10.82 67.62 -38.75
CA ILE E 175 -10.88 67.07 -37.41
C ILE E 175 -10.84 65.55 -37.49
N MET E 176 -10.45 64.91 -36.40
CA MET E 176 -10.31 63.47 -36.35
C MET E 176 -10.91 62.98 -35.04
N ARG E 177 -11.23 61.68 -34.98
CA ARG E 177 -11.64 61.06 -33.72
C ARG E 177 -11.32 59.57 -33.82
N LEU E 178 -10.33 59.14 -33.05
CA LEU E 178 -9.99 57.72 -32.96
C LEU E 178 -10.37 57.21 -31.58
N ASP E 179 -11.01 56.03 -31.55
CA ASP E 179 -11.54 55.46 -30.32
C ASP E 179 -10.52 54.59 -29.58
N LEU E 180 -9.25 54.70 -29.95
CA LEU E 180 -8.18 53.97 -29.28
C LEU E 180 -7.56 54.89 -28.23
N ALA E 181 -7.69 54.50 -26.97
CA ALA E 181 -7.23 55.35 -25.89
C ALA E 181 -6.79 54.48 -24.73
N GLY E 182 -6.64 55.09 -23.55
CA GLY E 182 -6.00 54.43 -22.42
C GLY E 182 -6.75 53.27 -21.83
N ARG E 183 -8.08 53.23 -21.99
CA ARG E 183 -8.84 52.10 -21.47
C ARG E 183 -8.63 50.87 -22.32
N ASP E 184 -8.53 51.05 -23.63
CA ASP E 184 -8.20 49.95 -24.52
C ASP E 184 -6.77 49.47 -24.32
N LEU E 185 -5.87 50.39 -23.95
CA LEU E 185 -4.52 49.98 -23.59
C LEU E 185 -4.50 49.24 -22.26
N THR E 186 -5.44 49.57 -21.38
CA THR E 186 -5.55 48.83 -20.12
C THR E 186 -6.06 47.42 -20.36
N ASP E 187 -7.02 47.26 -21.28
CA ASP E 187 -7.51 45.93 -21.59
C ASP E 187 -6.47 45.10 -22.33
N TYR E 188 -5.71 45.72 -23.23
CA TYR E 188 -4.65 45.00 -23.91
C TYR E 188 -3.52 44.64 -22.96
N LEU E 189 -3.23 45.52 -22.00
CA LEU E 189 -2.21 45.21 -21.00
C LEU E 189 -2.67 44.07 -20.09
N MET E 190 -3.97 44.04 -19.79
CA MET E 190 -4.52 42.92 -19.02
C MET E 190 -4.42 41.61 -19.82
N LYS E 191 -4.61 41.70 -21.14
CA LYS E 191 -4.49 40.53 -21.98
C LYS E 191 -3.06 40.00 -22.05
N ILE E 192 -2.07 40.89 -22.19
CA ILE E 192 -0.70 40.40 -22.29
C ILE E 192 -0.10 40.07 -20.94
N LEU E 193 -0.63 40.62 -19.84
CA LEU E 193 -0.23 40.12 -18.54
C LEU E 193 -0.85 38.75 -18.27
N THR E 194 -2.03 38.49 -18.85
CA THR E 194 -2.53 37.11 -18.85
C THR E 194 -1.63 36.22 -19.69
N GLU E 195 -1.03 36.78 -20.75
CA GLU E 195 -0.07 36.01 -21.55
C GLU E 195 1.19 35.68 -20.77
N ARG E 196 1.66 36.61 -19.93
CA ARG E 196 2.85 36.31 -19.12
C ARG E 196 2.53 35.32 -18.02
N GLY E 197 1.38 35.44 -17.37
CA GLY E 197 1.05 34.51 -16.32
C GLY E 197 0.26 35.08 -15.16
N TYR E 198 0.05 36.38 -15.14
CA TYR E 198 -0.72 37.04 -14.10
C TYR E 198 -2.14 37.25 -14.62
N SER E 199 -3.09 36.51 -14.07
CA SER E 199 -4.46 36.53 -14.55
C SER E 199 -5.23 37.61 -13.81
N PHE E 200 -5.68 38.64 -14.53
CA PHE E 200 -6.53 39.67 -14.00
C PHE E 200 -7.85 39.65 -14.76
N VAL E 201 -8.94 39.45 -14.04
CA VAL E 201 -10.26 39.38 -14.68
C VAL E 201 -11.30 40.25 -14.00
N THR E 202 -11.10 40.64 -12.74
CA THR E 202 -12.07 41.44 -12.03
C THR E 202 -11.89 42.90 -12.42
N THR E 203 -12.97 43.68 -12.30
CA THR E 203 -12.90 45.11 -12.57
C THR E 203 -11.99 45.82 -11.57
N ALA E 204 -11.94 45.33 -10.34
CA ALA E 204 -10.95 45.82 -9.39
C ALA E 204 -9.54 45.42 -9.80
N GLU E 205 -9.38 44.20 -10.33
CA GLU E 205 -8.10 43.80 -10.88
C GLU E 205 -7.76 44.58 -12.13
N ARG E 206 -8.77 44.96 -12.91
CA ARG E 206 -8.57 45.86 -14.04
C ARG E 206 -8.09 47.23 -13.59
N GLU E 207 -8.58 47.69 -12.43
CA GLU E 207 -8.08 48.92 -11.85
C GLU E 207 -6.61 48.79 -11.41
N ILE E 208 -6.23 47.60 -10.93
CA ILE E 208 -4.84 47.35 -10.58
C ILE E 208 -3.97 47.35 -11.83
N VAL E 209 -4.48 46.79 -12.94
CA VAL E 209 -3.76 46.83 -14.21
C VAL E 209 -3.61 48.27 -14.69
N ARG E 210 -4.62 49.11 -14.45
CA ARG E 210 -4.50 50.53 -14.76
C ARG E 210 -3.43 51.19 -13.91
N ASP E 211 -3.28 50.74 -12.66
CA ASP E 211 -2.22 51.27 -11.80
C ASP E 211 -0.84 50.87 -12.31
N ILE E 212 -0.68 49.63 -12.76
CA ILE E 212 0.59 49.16 -13.30
C ILE E 212 0.92 49.89 -14.59
N LYS E 213 -0.11 50.22 -15.38
CA LYS E 213 0.09 51.00 -16.60
C LYS E 213 0.56 52.41 -16.27
N GLU E 214 -0.03 53.04 -15.26
CA GLU E 214 0.38 54.39 -14.90
C GLU E 214 1.78 54.43 -14.33
N LYS E 215 2.15 53.43 -13.52
CA LYS E 215 3.43 53.51 -12.83
C LYS E 215 4.58 53.04 -13.69
N LEU E 216 4.40 51.99 -14.48
CA LEU E 216 5.55 51.21 -14.92
C LEU E 216 5.49 50.91 -16.42
N CYS E 217 5.30 51.95 -17.24
CA CYS E 217 5.33 51.78 -18.68
C CYS E 217 6.13 52.90 -19.31
N TYR E 218 6.82 52.59 -20.42
CA TYR E 218 7.42 53.59 -21.28
C TYR E 218 7.21 53.20 -22.73
N VAL E 219 7.70 54.04 -23.64
CA VAL E 219 7.12 54.16 -24.98
C VAL E 219 7.90 53.40 -26.06
N ALA E 220 9.15 52.99 -25.79
CA ALA E 220 10.01 52.25 -26.72
C ALA E 220 10.25 52.99 -28.04
N LEU E 221 11.06 54.05 -27.99
CA LEU E 221 11.49 54.89 -29.11
C LEU E 221 11.72 54.17 -30.43
N ASP E 222 12.41 53.04 -30.41
CA ASP E 222 12.46 52.13 -31.56
C ASP E 222 11.99 50.76 -31.09
N PHE E 223 10.80 50.36 -31.55
CA PHE E 223 10.14 49.18 -30.99
C PHE E 223 10.83 47.88 -31.39
N GLU E 224 11.51 47.87 -32.53
CA GLU E 224 12.15 46.64 -32.99
C GLU E 224 13.39 46.32 -32.15
N ASN E 225 14.27 47.30 -31.99
CA ASN E 225 15.48 47.06 -31.18
C ASN E 225 15.15 47.00 -29.69
N GLU E 226 14.07 47.64 -29.27
CA GLU E 226 13.65 47.48 -27.88
C GLU E 226 13.06 46.10 -27.65
N MET E 227 12.39 45.55 -28.67
CA MET E 227 11.84 44.21 -28.58
C MET E 227 12.96 43.17 -28.58
N ALA E 228 13.99 43.38 -29.41
CA ALA E 228 15.16 42.50 -29.37
C ALA E 228 15.95 42.68 -28.08
N THR E 229 15.90 43.86 -27.48
CA THR E 229 16.57 44.09 -26.21
C THR E 229 15.84 43.37 -25.07
N ALA E 230 14.51 43.44 -25.06
CA ALA E 230 13.73 42.71 -24.06
C ALA E 230 13.84 41.20 -24.26
N ALA E 231 13.98 40.75 -25.50
CA ALA E 231 14.25 39.34 -25.75
C ALA E 231 15.69 38.97 -25.42
N SER E 232 16.59 39.95 -25.33
CA SER E 232 18.00 39.66 -25.10
C SER E 232 18.27 39.37 -23.63
N SER E 233 18.05 40.36 -22.77
CA SER E 233 18.47 40.30 -21.38
C SER E 233 17.31 40.65 -20.46
N SER E 234 17.60 40.60 -19.16
CA SER E 234 16.62 40.93 -18.12
C SER E 234 16.91 42.29 -17.48
N SER E 235 17.43 43.24 -18.25
CA SER E 235 17.61 44.60 -17.76
C SER E 235 16.32 45.40 -17.79
N LEU E 236 15.28 44.87 -18.42
CA LEU E 236 13.99 45.53 -18.51
C LEU E 236 12.96 44.91 -17.59
N GLU E 237 13.26 43.76 -17.00
CA GLU E 237 12.34 43.12 -16.06
C GLU E 237 12.24 43.96 -14.79
N LYS E 238 11.02 44.33 -14.43
CA LYS E 238 10.84 45.17 -13.27
C LYS E 238 9.74 44.59 -12.40
N SER E 239 9.99 44.55 -11.10
CA SER E 239 9.03 44.02 -10.15
C SER E 239 8.14 45.12 -9.60
N TYR E 240 6.85 44.84 -9.54
CA TYR E 240 5.87 45.75 -8.96
C TYR E 240 5.08 44.99 -7.92
N GLU E 241 5.05 45.51 -6.70
CA GLU E 241 4.30 44.86 -5.63
C GLU E 241 2.82 45.15 -5.83
N LEU E 242 2.04 44.08 -6.05
CA LEU E 242 0.61 44.20 -6.07
C LEU E 242 0.09 44.53 -4.67
N PRO E 243 -1.11 45.10 -4.56
CA PRO E 243 -1.74 45.19 -3.24
C PRO E 243 -2.02 43.82 -2.68
N ASP E 244 -1.63 43.64 -1.41
CA ASP E 244 -1.79 42.42 -0.63
C ASP E 244 -1.04 41.23 -1.26
N GLY E 245 0.29 41.35 -1.23
CA GLY E 245 1.12 40.17 -1.41
C GLY E 245 2.01 40.07 -2.63
N GLN E 246 1.62 39.18 -3.54
CA GLN E 246 2.49 38.66 -4.60
C GLN E 246 2.96 39.75 -5.54
N VAL E 247 4.27 39.85 -5.70
CA VAL E 247 4.87 40.83 -6.60
C VAL E 247 4.82 40.27 -8.02
N ILE E 248 4.89 41.17 -8.99
CA ILE E 248 4.95 40.81 -10.39
C ILE E 248 6.28 41.29 -10.95
N THR E 249 6.60 40.82 -12.15
CA THR E 249 7.83 41.22 -12.83
C THR E 249 7.52 41.25 -14.33
N ILE E 250 7.48 42.44 -14.90
CA ILE E 250 7.09 42.60 -16.29
C ILE E 250 8.34 42.85 -17.13
N GLY E 251 8.32 42.34 -18.36
CA GLY E 251 9.40 42.50 -19.30
C GLY E 251 9.01 43.29 -20.53
N ASN E 252 8.71 42.60 -21.63
CA ASN E 252 8.31 43.26 -22.85
C ASN E 252 6.91 43.86 -22.78
N GLU E 253 6.13 43.52 -21.75
CA GLU E 253 4.83 44.14 -21.54
C GLU E 253 4.96 45.57 -21.03
N ARG E 254 6.16 45.97 -20.62
CA ARG E 254 6.38 47.33 -20.13
C ARG E 254 6.28 48.34 -21.26
N PHE E 255 6.58 47.94 -22.49
CA PHE E 255 6.54 48.86 -23.62
C PHE E 255 5.61 48.44 -24.74
N ARG E 256 5.08 47.22 -24.71
CA ARG E 256 4.08 46.86 -25.72
C ARG E 256 2.70 47.44 -25.43
N CYS E 257 2.50 48.04 -24.26
CA CYS E 257 1.23 48.72 -24.02
C CYS E 257 1.07 50.01 -24.82
N PRO E 258 1.99 50.98 -24.79
CA PRO E 258 1.74 52.19 -25.61
C PRO E 258 2.12 52.04 -27.06
N GLU E 259 2.80 50.95 -27.44
CA GLU E 259 3.02 50.70 -28.86
C GLU E 259 1.73 50.35 -29.56
N THR E 260 0.77 49.76 -28.83
CA THR E 260 -0.58 49.57 -29.33
C THR E 260 -1.24 50.90 -29.66
N LEU E 261 -0.95 51.94 -28.86
CA LEU E 261 -1.43 53.27 -29.16
C LEU E 261 -0.79 53.81 -30.44
N PHE E 262 0.49 53.49 -30.67
CA PHE E 262 1.13 53.86 -31.92
C PHE E 262 0.93 52.84 -33.03
N GLN E 263 0.28 51.72 -32.76
CA GLN E 263 0.08 50.70 -33.77
C GLN E 263 -1.16 49.88 -33.41
N PRO E 264 -2.34 50.27 -33.90
CA PRO E 264 -3.58 49.64 -33.46
C PRO E 264 -3.83 48.25 -34.02
N SER E 265 -2.92 47.72 -34.83
CA SER E 265 -3.06 46.35 -35.32
C SER E 265 -2.80 45.32 -34.22
N PHE E 266 -2.15 45.71 -33.13
CA PHE E 266 -1.98 44.80 -32.00
C PHE E 266 -3.30 44.51 -31.32
N ILE E 267 -4.19 45.50 -31.27
CA ILE E 267 -5.49 45.32 -30.64
C ILE E 267 -6.52 45.05 -31.74
N GLY E 268 -6.05 44.94 -32.98
CA GLY E 268 -6.92 44.54 -34.08
C GLY E 268 -7.93 45.56 -34.50
N MET E 269 -7.78 46.80 -34.06
CA MET E 269 -8.69 47.88 -34.40
C MET E 269 -8.14 48.54 -35.66
N GLU E 270 -8.95 48.58 -36.71
CA GLU E 270 -8.52 49.10 -38.01
C GLU E 270 -8.32 50.59 -37.93
N SER E 271 -7.07 51.03 -37.91
CA SER E 271 -6.74 52.43 -37.84
C SER E 271 -5.35 52.66 -38.43
N ALA E 272 -4.88 53.89 -38.30
CA ALA E 272 -3.59 54.28 -38.83
C ALA E 272 -2.58 54.60 -37.74
N GLY E 273 -3.01 54.64 -36.49
CA GLY E 273 -2.14 55.04 -35.39
C GLY E 273 -2.26 56.52 -35.09
N ILE E 274 -1.66 56.90 -33.97
CA ILE E 274 -1.68 58.31 -33.54
C ILE E 274 -0.86 59.16 -34.49
N HIS E 275 0.36 58.71 -34.82
CA HIS E 275 1.28 59.49 -35.63
C HIS E 275 0.81 59.68 -37.06
N GLU E 276 -0.06 58.80 -37.57
CA GLU E 276 -0.62 59.02 -38.89
C GLU E 276 -1.96 59.72 -38.87
N THR E 277 -2.68 59.71 -37.74
CA THR E 277 -3.85 60.59 -37.66
C THR E 277 -3.44 62.04 -37.49
N THR E 278 -2.31 62.29 -36.85
CA THR E 278 -1.77 63.64 -36.82
C THR E 278 -1.37 64.11 -38.21
N TYR E 279 -0.64 63.27 -38.94
CA TYR E 279 -0.17 63.65 -40.26
C TYR E 279 -1.32 63.76 -41.25
N ASN E 280 -2.34 62.90 -41.10
CA ASN E 280 -3.51 63.05 -41.95
C ASN E 280 -4.33 64.26 -41.59
N SER E 281 -4.39 64.63 -40.30
CA SER E 281 -5.08 65.85 -39.93
C SER E 281 -4.32 67.10 -40.39
N ILE E 282 -3.01 67.00 -40.54
CA ILE E 282 -2.24 68.12 -41.09
C ILE E 282 -2.42 68.19 -42.60
N MET E 283 -2.39 67.03 -43.28
CA MET E 283 -2.54 67.03 -44.72
C MET E 283 -3.96 67.37 -45.17
N LYS E 284 -4.97 67.19 -44.32
CA LYS E 284 -6.29 67.69 -44.64
C LYS E 284 -6.38 69.21 -44.54
N CYS E 285 -5.49 69.84 -43.79
CA CYS E 285 -5.45 71.30 -43.74
C CYS E 285 -4.84 71.85 -45.02
N ASP E 286 -4.89 73.17 -45.16
CA ASP E 286 -4.40 73.80 -46.37
C ASP E 286 -2.88 73.89 -46.36
N ILE E 287 -2.34 74.54 -47.39
CA ILE E 287 -0.91 74.47 -47.63
C ILE E 287 -0.15 75.42 -46.70
N ASP E 288 -0.72 76.60 -46.45
CA ASP E 288 -0.01 77.67 -45.76
C ASP E 288 -0.25 77.69 -44.26
N ILE E 289 -0.48 76.52 -43.65
CA ILE E 289 -0.82 76.42 -42.23
C ILE E 289 0.22 75.50 -41.58
N ARG E 290 0.83 74.66 -42.40
CA ARG E 290 1.38 73.40 -41.89
C ARG E 290 2.65 73.59 -41.07
N LYS E 291 3.50 74.57 -41.39
CA LYS E 291 4.67 74.78 -40.54
C LYS E 291 4.30 75.39 -39.20
N ASP E 292 3.16 76.09 -39.12
CA ASP E 292 2.64 76.51 -37.84
C ASP E 292 2.00 75.35 -37.09
N LEU E 293 1.58 74.31 -37.80
CA LEU E 293 1.16 73.11 -37.13
C LEU E 293 2.32 72.20 -36.76
N TYR E 294 3.45 72.36 -37.44
CA TYR E 294 4.64 71.57 -37.14
C TYR E 294 5.40 72.13 -35.94
N ALA E 295 5.44 73.45 -35.83
CA ALA E 295 6.15 74.10 -34.73
C ALA E 295 5.32 74.17 -33.46
N ASN E 296 4.05 73.81 -33.51
CA ASN E 296 3.16 73.95 -32.35
C ASN E 296 2.28 72.72 -32.20
N ASN E 297 2.84 71.53 -32.38
CA ASN E 297 2.08 70.30 -32.19
C ASN E 297 1.99 70.04 -30.69
N VAL E 298 0.77 70.06 -30.17
CA VAL E 298 0.52 69.96 -28.75
C VAL E 298 0.13 68.52 -28.41
N MET E 299 0.66 68.01 -27.30
CA MET E 299 0.48 66.62 -26.89
C MET E 299 0.11 66.59 -25.40
N SER E 300 -0.92 67.34 -25.05
CA SER E 300 -1.10 67.71 -23.65
C SER E 300 -2.43 67.28 -23.05
N GLY E 301 -2.80 66.03 -23.21
CA GLY E 301 -3.90 65.48 -22.45
C GLY E 301 -3.45 64.33 -21.57
N GLY E 302 -4.35 63.37 -21.33
CA GLY E 302 -3.99 62.17 -20.61
C GLY E 302 -3.23 61.19 -21.48
N THR E 303 -2.86 60.06 -20.88
CA THR E 303 -2.20 58.90 -21.53
C THR E 303 -0.96 59.28 -22.33
N THR E 304 -0.31 60.40 -22.01
CA THR E 304 0.91 60.81 -22.66
C THR E 304 2.04 60.97 -21.66
N MET E 305 1.83 60.54 -20.42
CA MET E 305 2.84 60.62 -19.38
C MET E 305 3.83 59.46 -19.45
N TYR E 306 3.76 58.66 -20.50
CA TYR E 306 4.78 57.67 -20.74
C TYR E 306 6.09 58.38 -21.10
N PRO E 307 7.23 57.96 -20.54
CA PRO E 307 8.48 58.67 -20.78
C PRO E 307 8.97 58.51 -22.21
N GLY E 308 9.32 59.63 -22.84
CA GLY E 308 9.91 59.63 -24.16
C GLY E 308 8.92 59.56 -25.30
N ILE E 309 7.62 59.72 -25.04
CA ILE E 309 6.62 59.65 -26.09
C ILE E 309 6.72 60.85 -27.05
N ALA E 310 7.30 61.96 -26.59
CA ALA E 310 7.59 63.06 -27.48
C ALA E 310 8.73 62.72 -28.42
N ASP E 311 9.64 61.86 -27.99
CA ASP E 311 10.76 61.47 -28.84
C ASP E 311 10.30 60.50 -29.93
N ARG E 312 9.41 59.58 -29.57
CA ARG E 312 8.80 58.70 -30.57
C ARG E 312 7.90 59.49 -31.49
N MET E 313 7.22 60.50 -30.96
CA MET E 313 6.27 61.29 -31.73
C MET E 313 6.98 62.16 -32.76
N GLN E 314 7.97 62.93 -32.30
CA GLN E 314 8.78 63.75 -33.19
C GLN E 314 9.60 62.89 -34.13
N LYS E 315 10.11 61.75 -33.63
CA LYS E 315 10.94 60.87 -34.43
C LYS E 315 10.12 60.19 -35.53
N GLU E 316 8.83 60.02 -35.33
CA GLU E 316 7.98 59.43 -36.35
C GLU E 316 7.40 60.46 -37.32
N ILE E 317 6.96 61.62 -36.80
CA ILE E 317 6.42 62.66 -37.67
C ILE E 317 7.52 63.25 -38.56
N THR E 318 8.77 63.29 -38.07
CA THR E 318 9.90 63.68 -38.90
C THR E 318 10.08 62.72 -40.07
N ALA E 319 9.84 61.43 -39.85
CA ALA E 319 9.86 60.46 -40.94
C ALA E 319 8.66 60.62 -41.87
N LEU E 320 7.54 61.16 -41.40
CA LEU E 320 6.38 61.33 -42.25
C LEU E 320 6.36 62.68 -42.96
N ALA E 321 6.57 63.77 -42.22
CA ALA E 321 6.54 65.10 -42.80
C ALA E 321 7.77 65.31 -43.68
N PRO E 322 7.67 66.19 -44.69
CA PRO E 322 8.85 66.50 -45.51
C PRO E 322 9.91 67.23 -44.71
N SER E 323 11.11 67.26 -45.29
CA SER E 323 12.28 67.78 -44.59
C SER E 323 12.22 69.31 -44.51
N THR E 324 13.24 69.87 -43.83
CA THR E 324 13.39 71.29 -43.49
C THR E 324 12.20 71.84 -42.70
N MET E 325 11.46 70.96 -42.01
CA MET E 325 10.38 71.35 -41.12
C MET E 325 10.83 71.12 -39.69
N LYS E 326 10.39 72.02 -38.80
CA LYS E 326 10.76 71.95 -37.40
C LYS E 326 9.59 71.34 -36.63
N ILE E 327 9.67 70.04 -36.39
CA ILE E 327 8.63 69.32 -35.66
C ILE E 327 8.86 69.55 -34.18
N LYS E 328 8.06 70.42 -33.59
CA LYS E 328 8.16 70.72 -32.15
C LYS E 328 6.96 70.09 -31.47
N ILE E 329 7.17 68.92 -30.86
CA ILE E 329 6.13 68.28 -30.07
C ILE E 329 6.12 68.96 -28.71
N ILE E 330 5.17 69.86 -28.51
CA ILE E 330 5.08 70.59 -27.25
C ILE E 330 4.43 69.68 -26.22
N ALA E 331 5.21 69.26 -25.22
CA ALA E 331 4.72 68.41 -24.14
C ALA E 331 4.98 69.11 -22.81
N PRO E 332 4.11 70.02 -22.40
CA PRO E 332 4.27 70.66 -21.10
C PRO E 332 3.96 69.68 -19.99
N PRO E 333 4.84 69.52 -19.00
CA PRO E 333 4.63 68.48 -17.96
C PRO E 333 3.43 68.71 -17.05
N GLU E 334 2.69 69.79 -17.22
CA GLU E 334 1.42 70.01 -16.54
C GLU E 334 0.25 69.32 -17.23
N ARG E 335 0.50 68.41 -18.18
CA ARG E 335 -0.60 67.71 -18.84
C ARG E 335 -1.20 66.67 -17.90
N LYS E 336 -2.30 66.07 -18.37
CA LYS E 336 -3.38 65.32 -17.70
C LYS E 336 -4.31 66.28 -16.97
N TYR E 337 -3.94 67.55 -16.82
CA TYR E 337 -4.75 68.54 -16.15
C TYR E 337 -5.04 69.73 -17.04
N SER E 338 -4.38 69.83 -18.21
CA SER E 338 -4.43 71.03 -19.04
C SER E 338 -5.79 71.27 -19.66
N VAL E 339 -6.63 70.25 -19.77
CA VAL E 339 -7.98 70.50 -20.24
C VAL E 339 -8.79 71.20 -19.16
N TRP E 340 -8.54 70.86 -17.88
CA TRP E 340 -9.15 71.63 -16.80
C TRP E 340 -8.55 73.02 -16.72
N ILE E 341 -7.25 73.15 -16.97
CA ILE E 341 -6.58 74.44 -16.87
C ILE E 341 -7.09 75.37 -17.96
N GLY E 342 -7.28 74.86 -19.17
CA GLY E 342 -7.92 75.64 -20.21
C GLY E 342 -9.38 75.94 -19.89
N GLY E 343 -10.03 75.05 -19.13
CA GLY E 343 -11.34 75.39 -18.59
C GLY E 343 -11.29 76.55 -17.64
N SER E 344 -10.24 76.62 -16.81
CA SER E 344 -10.10 77.70 -15.86
C SER E 344 -9.80 79.02 -16.56
N ILE E 345 -8.98 78.98 -17.60
CA ILE E 345 -8.67 80.19 -18.36
C ILE E 345 -9.90 80.68 -19.11
N LEU E 346 -10.52 79.79 -19.90
CA LEU E 346 -11.65 80.19 -20.74
C LEU E 346 -12.86 80.60 -19.91
N ALA E 347 -13.04 79.97 -18.75
CA ALA E 347 -14.11 80.41 -17.86
C ALA E 347 -13.79 81.74 -17.18
N SER E 348 -12.52 82.15 -17.15
CA SER E 348 -12.16 83.41 -16.52
C SER E 348 -11.93 84.55 -17.51
N LEU E 349 -12.19 84.36 -18.81
CA LEU E 349 -12.08 85.48 -19.74
C LEU E 349 -13.22 86.46 -19.60
N SER E 350 -12.96 87.69 -20.03
CA SER E 350 -13.95 88.74 -20.05
C SER E 350 -14.92 88.64 -21.21
N THR E 351 -14.46 88.15 -22.37
CA THR E 351 -15.31 88.05 -23.54
C THR E 351 -16.33 86.91 -23.43
N PHE E 352 -16.03 85.91 -22.59
CA PHE E 352 -16.84 84.70 -22.55
C PHE E 352 -18.22 84.91 -21.92
N GLN E 353 -18.42 86.00 -21.18
CA GLN E 353 -19.64 86.14 -20.38
C GLN E 353 -20.90 86.43 -21.19
N GLN E 354 -20.84 86.55 -22.50
CA GLN E 354 -22.06 86.55 -23.30
C GLN E 354 -22.18 85.31 -24.18
N MET E 355 -21.34 84.30 -23.96
CA MET E 355 -21.47 83.02 -24.63
C MET E 355 -22.06 81.95 -23.73
N TRP E 356 -22.50 82.29 -22.53
CA TRP E 356 -23.12 81.31 -21.65
C TRP E 356 -24.52 80.96 -22.14
N ILE E 357 -24.76 79.67 -22.35
CA ILE E 357 -26.11 79.16 -22.52
C ILE E 357 -26.78 79.27 -21.16
N THR E 358 -27.71 80.20 -21.02
CA THR E 358 -28.29 80.49 -19.72
C THR E 358 -29.75 80.07 -19.65
N LYS E 359 -30.24 79.98 -18.42
CA LYS E 359 -31.66 79.76 -18.19
C LYS E 359 -32.41 81.03 -18.58
N GLN E 360 -33.67 80.84 -19.00
CA GLN E 360 -34.63 81.73 -19.67
C GLN E 360 -34.23 81.92 -21.14
N GLU E 361 -33.05 81.47 -21.54
CA GLU E 361 -32.71 81.27 -22.94
C GLU E 361 -32.70 79.80 -23.29
N TYR E 362 -32.40 78.93 -22.31
CA TYR E 362 -32.65 77.51 -22.45
C TYR E 362 -34.13 77.22 -22.59
N ASP E 363 -34.95 77.87 -21.76
CA ASP E 363 -36.39 77.62 -21.78
C ASP E 363 -37.06 78.25 -22.99
N GLU E 364 -36.39 79.19 -23.65
CA GLU E 364 -36.96 79.86 -24.82
C GLU E 364 -37.04 78.92 -26.02
N ALA E 365 -35.97 78.17 -26.29
CA ALA E 365 -35.91 77.32 -27.47
C ALA E 365 -35.69 75.85 -27.14
N GLY E 366 -35.82 75.47 -25.87
CA GLY E 366 -35.68 74.08 -25.50
C GLY E 366 -34.24 73.61 -25.48
N PRO E 367 -34.04 72.29 -25.44
CA PRO E 367 -32.67 71.76 -25.32
C PRO E 367 -31.87 71.78 -26.61
N SER E 368 -32.44 72.21 -27.73
CA SER E 368 -31.69 72.26 -28.98
C SER E 368 -30.84 73.52 -29.10
N ILE E 369 -30.93 74.43 -28.12
CA ILE E 369 -30.25 75.74 -28.19
C ILE E 369 -28.73 75.57 -28.18
N VAL E 370 -28.23 74.44 -27.65
CA VAL E 370 -26.81 74.16 -27.60
C VAL E 370 -26.24 74.01 -29.01
N HIS E 371 -27.06 73.54 -29.95
CA HIS E 371 -26.60 73.38 -31.32
C HIS E 371 -26.65 74.67 -32.12
N ARG E 372 -27.00 75.81 -31.49
CA ARG E 372 -26.94 77.09 -32.19
C ARG E 372 -26.17 78.16 -31.44
N LYS E 373 -25.99 78.03 -30.13
CA LYS E 373 -25.17 78.97 -29.37
C LYS E 373 -23.75 78.48 -29.16
N CYS E 374 -23.58 77.19 -28.87
CA CYS E 374 -22.29 76.71 -28.39
C CYS E 374 -21.31 76.48 -29.54
N PHE E 375 -21.66 75.58 -30.46
CA PHE E 375 -20.87 75.41 -31.68
C PHE E 375 -21.79 75.19 -32.87
N VAL F 1 56.47 -38.80 -25.14
CA VAL F 1 56.86 -37.39 -25.20
C VAL F 1 57.30 -37.02 -26.61
N LYS F 2 57.41 -38.02 -27.48
CA LYS F 2 57.92 -37.81 -28.82
C LYS F 2 56.83 -37.52 -29.85
N SER F 3 55.58 -37.83 -29.54
CA SER F 3 54.48 -37.56 -30.45
C SER F 3 53.57 -36.47 -29.88
N SER F 4 52.77 -35.89 -30.76
CA SER F 4 51.90 -34.78 -30.42
C SER F 4 50.69 -34.79 -31.34
N LEU F 5 49.62 -34.13 -30.90
CA LEU F 5 48.41 -34.05 -31.70
C LEU F 5 48.57 -32.96 -32.77
N LEU F 6 49.59 -32.13 -32.62
CA LEU F 6 49.88 -31.10 -33.62
C LEU F 6 50.33 -31.68 -34.95
N ASP F 7 50.98 -32.83 -34.94
CA ASP F 7 51.36 -33.50 -36.18
C ASP F 7 50.12 -34.08 -36.85
N ASN F 8 50.07 -33.97 -38.18
CA ASN F 8 48.97 -34.46 -39.03
C ASN F 8 47.62 -33.86 -38.62
N MET F 9 47.61 -32.60 -38.22
CA MET F 9 46.41 -31.97 -37.67
C MET F 9 45.54 -31.41 -38.78
N ILE F 10 44.30 -31.89 -38.86
CA ILE F 10 43.32 -31.35 -39.79
C ILE F 10 42.65 -30.15 -39.13
N GLY F 11 42.77 -28.99 -39.77
CA GLY F 11 42.28 -27.78 -39.14
C GLY F 11 43.17 -27.41 -37.98
N VAL F 12 42.55 -26.99 -36.88
CA VAL F 12 43.23 -26.77 -35.62
C VAL F 12 42.61 -27.71 -34.59
N GLY F 13 43.44 -28.57 -34.00
CA GLY F 13 42.93 -29.61 -33.12
C GLY F 13 42.41 -29.12 -31.78
N ASP F 14 42.97 -28.04 -31.26
CA ASP F 14 42.56 -27.50 -29.97
C ASP F 14 42.21 -26.02 -30.12
N THR F 15 41.01 -25.66 -29.67
CA THR F 15 40.42 -24.36 -29.97
C THR F 15 41.07 -23.23 -29.18
N VAL F 16 41.80 -23.53 -28.09
CA VAL F 16 42.64 -22.53 -27.45
C VAL F 16 43.74 -22.04 -28.39
N LEU F 17 44.16 -22.88 -29.34
CA LEU F 17 45.11 -22.48 -30.37
C LEU F 17 44.43 -21.81 -31.57
N LEU F 18 43.09 -21.76 -31.61
CA LEU F 18 42.41 -21.16 -32.75
C LEU F 18 42.53 -19.64 -32.71
N GLU F 19 42.93 -19.04 -33.84
CA GLU F 19 43.07 -17.60 -33.98
C GLU F 19 42.55 -17.17 -35.34
N PRO F 20 41.79 -16.06 -35.43
CA PRO F 20 41.24 -15.25 -34.34
C PRO F 20 40.02 -15.93 -33.71
N LEU F 21 39.57 -15.41 -32.57
CA LEU F 21 38.57 -16.10 -31.77
C LEU F 21 37.19 -15.48 -31.96
N ASN F 22 36.37 -16.13 -32.78
CA ASN F 22 34.94 -15.86 -32.81
C ASN F 22 34.22 -17.15 -33.15
N GLU F 23 32.91 -17.04 -33.34
CA GLU F 23 32.13 -18.19 -33.78
C GLU F 23 32.37 -18.50 -35.25
N GLU F 24 32.71 -17.48 -36.04
CA GLU F 24 32.79 -17.63 -37.49
C GLU F 24 33.97 -18.50 -37.89
N THR F 25 35.11 -18.35 -37.21
CA THR F 25 36.24 -19.23 -37.47
C THR F 25 35.99 -20.63 -36.92
N PHE F 26 35.21 -20.73 -35.84
CA PHE F 26 35.05 -22.01 -35.17
C PHE F 26 34.09 -22.92 -35.91
N ILE F 27 33.06 -22.33 -36.53
CA ILE F 27 32.17 -23.09 -37.42
C ILE F 27 32.95 -23.65 -38.59
N ASP F 28 33.88 -22.86 -39.13
CA ASP F 28 34.73 -23.33 -40.21
C ASP F 28 35.70 -24.41 -39.73
N ASN F 29 36.10 -24.35 -38.46
CA ASN F 29 36.99 -25.38 -37.92
C ASN F 29 36.26 -26.72 -37.79
N LEU F 30 35.06 -26.71 -37.21
CA LEU F 30 34.28 -27.93 -37.11
C LEU F 30 33.81 -28.41 -38.48
N LYS F 31 33.67 -27.48 -39.42
CA LYS F 31 33.28 -27.84 -40.79
C LYS F 31 34.42 -28.59 -41.49
N LYS F 32 35.62 -28.02 -41.46
CA LYS F 32 36.73 -28.65 -42.16
C LYS F 32 37.25 -29.88 -41.44
N ARG F 33 36.94 -30.03 -40.14
CA ARG F 33 37.27 -31.29 -39.47
C ARG F 33 36.21 -32.34 -39.71
N PHE F 34 34.94 -31.94 -39.77
CA PHE F 34 33.86 -32.88 -40.01
C PHE F 34 33.88 -33.38 -41.45
N ASP F 35 34.39 -32.57 -42.37
CA ASP F 35 34.52 -33.01 -43.76
C ASP F 35 35.58 -34.09 -43.88
N HIS F 36 36.70 -33.96 -43.16
CA HIS F 36 37.75 -34.96 -43.16
C HIS F 36 37.51 -36.05 -42.12
N ASN F 37 36.28 -36.18 -41.62
CA ASN F 37 35.83 -37.23 -40.69
C ASN F 37 36.64 -37.20 -39.40
N GLU F 38 36.90 -36.00 -38.89
CA GLU F 38 37.47 -35.80 -37.57
C GLU F 38 36.40 -35.11 -36.74
N ILE F 39 35.77 -35.86 -35.83
CA ILE F 39 34.59 -35.38 -35.12
C ILE F 39 34.88 -35.04 -33.68
N TYR F 40 36.13 -35.04 -33.26
CA TYR F 40 36.49 -34.69 -31.89
C TYR F 40 37.44 -33.51 -31.87
N THR F 41 37.20 -32.58 -30.95
CA THR F 41 37.98 -31.36 -30.87
C THR F 41 37.99 -30.88 -29.43
N TYR F 42 39.18 -30.66 -28.87
CA TYR F 42 39.28 -30.31 -27.47
C TYR F 42 39.20 -28.80 -27.24
N ILE F 43 38.83 -28.44 -26.02
CA ILE F 43 39.03 -27.10 -25.46
C ILE F 43 39.65 -27.31 -24.10
N GLY F 44 40.97 -27.22 -24.01
CA GLY F 44 41.61 -27.44 -22.72
C GLY F 44 41.63 -28.91 -22.38
N SER F 45 40.75 -29.31 -21.44
CA SER F 45 40.49 -30.71 -21.17
C SER F 45 39.08 -31.12 -21.57
N VAL F 46 38.44 -30.35 -22.45
CA VAL F 46 37.03 -30.54 -22.81
C VAL F 46 36.93 -31.26 -24.15
N VAL F 47 36.08 -32.27 -24.20
CA VAL F 47 35.83 -33.02 -25.42
C VAL F 47 34.64 -32.40 -26.13
N ILE F 48 34.84 -32.00 -27.38
CA ILE F 48 33.75 -31.67 -28.28
C ILE F 48 33.54 -32.86 -29.22
N SER F 49 32.33 -33.42 -29.18
CA SER F 49 31.94 -34.51 -30.04
C SER F 49 30.88 -34.03 -31.02
N VAL F 50 31.00 -34.48 -32.27
CA VAL F 50 30.01 -34.21 -33.29
C VAL F 50 29.47 -35.54 -33.79
N ASN F 51 28.15 -35.66 -33.83
CA ASN F 51 27.50 -36.91 -34.22
C ASN F 51 27.64 -37.12 -35.73
N PRO F 52 28.25 -38.22 -36.18
CA PRO F 52 28.38 -38.46 -37.62
C PRO F 52 27.22 -39.23 -38.24
N TYR F 53 26.36 -39.82 -37.39
CA TYR F 53 25.21 -40.63 -37.80
C TYR F 53 25.61 -41.82 -38.66
N ARG F 54 26.74 -42.43 -38.30
CA ARG F 54 27.22 -43.68 -38.88
C ARG F 54 28.29 -44.25 -37.95
N SER F 55 28.63 -45.51 -38.17
CA SER F 55 29.63 -46.20 -37.36
C SER F 55 31.01 -45.90 -37.92
N LEU F 56 31.78 -45.08 -37.20
CA LEU F 56 33.13 -44.76 -37.63
C LEU F 56 34.11 -45.84 -37.14
N PRO F 57 35.17 -46.12 -37.92
CA PRO F 57 36.11 -47.18 -37.52
C PRO F 57 37.16 -46.74 -36.52
N ILE F 58 36.95 -45.62 -35.85
CA ILE F 58 37.87 -45.14 -34.83
C ILE F 58 37.60 -45.75 -33.46
N TYR F 59 36.70 -46.73 -33.39
CA TYR F 59 36.36 -47.39 -32.13
C TYR F 59 36.78 -48.85 -32.10
N SER F 60 37.82 -49.21 -32.86
CA SER F 60 38.26 -50.58 -32.91
C SER F 60 38.98 -50.95 -31.60
N PRO F 61 38.97 -52.23 -31.23
CA PRO F 61 39.80 -52.67 -30.09
C PRO F 61 41.29 -52.53 -30.33
N GLU F 62 41.71 -52.47 -31.59
CA GLU F 62 43.10 -52.15 -31.93
C GLU F 62 43.45 -50.74 -31.47
N LYS F 63 42.56 -49.77 -31.71
CA LYS F 63 42.83 -48.40 -31.31
C LYS F 63 42.63 -48.18 -29.81
N VAL F 64 42.04 -49.14 -29.10
CA VAL F 64 41.98 -49.06 -27.64
C VAL F 64 43.38 -49.15 -27.05
N GLU F 65 44.21 -50.03 -27.61
CA GLU F 65 45.60 -50.14 -27.19
C GLU F 65 46.39 -48.88 -27.54
N ASP F 66 46.06 -48.24 -28.67
CA ASP F 66 46.73 -47.00 -29.05
C ASP F 66 46.33 -45.86 -28.11
N TYR F 67 45.05 -45.77 -27.77
CA TYR F 67 44.57 -44.64 -26.97
C TYR F 67 44.88 -44.84 -25.48
N ARG F 68 45.28 -46.04 -25.08
CA ARG F 68 45.49 -46.31 -23.67
C ARG F 68 46.87 -45.85 -23.22
N ASN F 69 46.90 -45.14 -22.08
CA ASN F 69 48.09 -44.77 -21.33
C ASN F 69 49.11 -43.95 -22.10
N ARG F 70 48.67 -43.27 -23.16
CA ARG F 70 49.40 -42.12 -23.65
C ARG F 70 48.91 -40.90 -22.88
N ASN F 71 49.64 -39.80 -22.99
CA ASN F 71 49.20 -38.59 -22.34
C ASN F 71 48.04 -37.96 -23.11
N PHE F 72 47.46 -36.92 -22.50
CA PHE F 72 46.36 -36.20 -23.14
C PHE F 72 46.84 -35.45 -24.38
N TYR F 73 48.10 -35.03 -24.37
CA TYR F 73 48.64 -34.20 -25.44
C TYR F 73 49.20 -35.02 -26.60
N GLU F 74 49.49 -36.29 -26.38
CA GLU F 74 50.38 -37.04 -27.28
C GLU F 74 49.69 -37.61 -28.51
N LEU F 75 48.41 -37.36 -28.73
CA LEU F 75 47.66 -38.11 -29.74
C LEU F 75 46.43 -37.33 -30.17
N SER F 76 45.93 -37.67 -31.38
CA SER F 76 44.80 -37.04 -32.07
C SER F 76 43.55 -37.10 -31.21
N PRO F 77 42.63 -36.09 -31.32
CA PRO F 77 41.47 -36.05 -30.41
C PRO F 77 40.50 -37.21 -30.55
N HIS F 78 40.12 -37.77 -29.41
CA HIS F 78 39.17 -38.88 -29.34
C HIS F 78 38.57 -38.90 -27.94
N ILE F 79 37.39 -39.49 -27.82
CA ILE F 79 36.63 -39.42 -26.58
C ILE F 79 37.23 -40.36 -25.51
N PHE F 80 37.81 -41.50 -25.95
CA PHE F 80 38.45 -42.46 -25.06
C PHE F 80 39.57 -41.84 -24.25
N ALA F 81 40.30 -40.89 -24.85
CA ALA F 81 41.39 -40.21 -24.17
C ALA F 81 40.89 -39.46 -22.94
N LEU F 82 39.63 -39.01 -22.97
CA LEU F 82 39.04 -38.49 -21.73
C LEU F 82 38.84 -39.59 -20.72
N SER F 83 38.21 -40.70 -21.15
CA SER F 83 37.97 -41.82 -20.26
C SER F 83 39.28 -42.47 -19.81
N ASP F 84 40.31 -42.40 -20.65
CA ASP F 84 41.61 -42.94 -20.26
C ASP F 84 42.30 -42.04 -19.25
N GLU F 85 41.92 -40.76 -19.20
CA GLU F 85 42.38 -39.93 -18.09
C GLU F 85 41.60 -40.23 -16.83
N ALA F 86 40.26 -40.19 -16.93
CA ALA F 86 39.36 -40.33 -15.78
C ALA F 86 39.61 -41.62 -15.02
N TYR F 87 39.70 -42.74 -15.76
CA TYR F 87 39.93 -44.04 -15.15
C TYR F 87 41.27 -44.08 -14.41
N ARG F 88 42.31 -43.46 -14.97
CA ARG F 88 43.60 -43.52 -14.28
C ARG F 88 43.58 -42.60 -13.07
N SER F 89 42.78 -41.51 -13.13
CA SER F 89 42.61 -40.68 -11.95
C SER F 89 41.76 -41.39 -10.92
N LEU F 90 40.99 -42.39 -11.35
CA LEU F 90 40.33 -43.28 -10.43
C LEU F 90 41.28 -44.40 -9.99
N ARG F 91 42.18 -44.84 -10.87
CA ARG F 91 42.93 -46.05 -10.58
C ARG F 91 44.19 -45.76 -9.78
N ASP F 92 45.09 -44.96 -10.33
CA ASP F 92 46.38 -44.70 -9.70
C ASP F 92 46.30 -43.66 -8.60
N GLN F 93 45.22 -42.87 -8.55
CA GLN F 93 45.09 -41.80 -7.58
C GLN F 93 43.99 -42.03 -6.56
N ASP F 94 43.09 -43.00 -6.81
CA ASP F 94 41.98 -43.36 -5.93
C ASP F 94 41.07 -42.20 -5.60
N LYS F 95 40.69 -41.43 -6.61
CA LYS F 95 39.81 -40.29 -6.46
C LYS F 95 38.57 -40.51 -7.31
N ASP F 96 37.40 -40.24 -6.72
CA ASP F 96 36.12 -40.48 -7.39
C ASP F 96 35.95 -39.58 -8.59
N GLN F 97 35.37 -40.11 -9.66
CA GLN F 97 35.24 -39.35 -10.89
C GLN F 97 33.77 -39.20 -11.26
N CYS F 98 33.53 -38.29 -12.20
CA CYS F 98 32.21 -38.09 -12.78
C CYS F 98 32.40 -37.49 -14.16
N ILE F 99 31.65 -38.00 -15.13
CA ILE F 99 31.79 -37.61 -16.52
C ILE F 99 30.45 -37.04 -16.97
N LEU F 100 30.46 -35.77 -17.33
CA LEU F 100 29.26 -34.99 -17.58
C LEU F 100 29.04 -34.86 -19.08
N ILE F 101 27.83 -35.15 -19.53
CA ILE F 101 27.47 -35.06 -20.94
C ILE F 101 26.41 -33.98 -21.06
N THR F 102 26.71 -32.96 -21.85
CA THR F 102 25.83 -31.81 -22.01
C THR F 102 25.51 -31.60 -23.47
N GLY F 103 24.23 -31.50 -23.78
CA GLY F 103 23.78 -31.32 -25.14
C GLY F 103 22.29 -31.58 -25.21
N GLU F 104 21.80 -31.65 -26.43
CA GLU F 104 20.39 -31.95 -26.68
C GLU F 104 20.25 -33.30 -27.34
N SER F 105 19.03 -33.85 -27.24
CA SER F 105 18.79 -35.21 -27.72
C SER F 105 18.86 -35.26 -29.24
N GLY F 106 19.51 -36.29 -29.75
CA GLY F 106 19.82 -36.37 -31.16
C GLY F 106 21.19 -35.85 -31.54
N ALA F 107 22.00 -35.45 -30.57
CA ALA F 107 23.37 -35.02 -30.83
C ALA F 107 24.41 -36.03 -30.40
N GLY F 108 23.99 -37.14 -29.79
CA GLY F 108 24.89 -38.21 -29.44
C GLY F 108 25.24 -38.35 -27.98
N LYS F 109 24.31 -38.07 -27.06
CA LYS F 109 24.61 -38.21 -25.64
C LYS F 109 24.66 -39.68 -25.23
N THR F 110 23.65 -40.45 -25.64
CA THR F 110 23.56 -41.86 -25.29
C THR F 110 24.70 -42.66 -25.91
N GLU F 111 25.11 -42.27 -27.12
CA GLU F 111 26.28 -42.86 -27.75
C GLU F 111 27.54 -42.57 -26.95
N ALA F 112 27.66 -41.34 -26.44
CA ALA F 112 28.84 -41.00 -25.65
C ALA F 112 28.88 -41.76 -24.33
N SER F 113 27.71 -42.00 -23.73
CA SER F 113 27.65 -42.87 -22.55
C SER F 113 28.08 -44.29 -22.89
N LYS F 114 27.61 -44.79 -24.03
CA LYS F 114 27.95 -46.14 -24.47
C LYS F 114 29.45 -46.29 -24.74
N LEU F 115 30.07 -45.26 -25.29
CA LEU F 115 31.48 -45.36 -25.67
C LEU F 115 32.41 -45.15 -24.48
N VAL F 116 32.04 -44.24 -23.58
CA VAL F 116 32.81 -44.08 -22.34
C VAL F 116 32.75 -45.36 -21.51
N MET F 117 31.55 -45.88 -21.29
CA MET F 117 31.41 -47.10 -20.51
C MET F 117 31.96 -48.31 -21.26
N SER F 118 32.05 -48.22 -22.59
CA SER F 118 32.66 -49.29 -23.37
C SER F 118 34.17 -49.32 -23.18
N TYR F 119 34.81 -48.14 -23.13
CA TYR F 119 36.24 -48.10 -22.84
C TYR F 119 36.53 -48.58 -21.42
N VAL F 120 35.67 -48.19 -20.47
CA VAL F 120 35.84 -48.66 -19.09
C VAL F 120 35.57 -50.15 -19.01
N ALA F 121 34.69 -50.66 -19.88
CA ALA F 121 34.48 -52.11 -19.96
C ALA F 121 35.67 -52.80 -20.59
N ALA F 122 36.47 -52.07 -21.38
CA ALA F 122 37.65 -52.67 -21.98
C ALA F 122 38.79 -52.77 -20.98
N VAL F 123 39.14 -51.65 -20.33
CA VAL F 123 40.42 -51.59 -19.62
C VAL F 123 40.35 -51.84 -18.12
N CYS F 124 39.19 -52.24 -17.59
CA CYS F 124 39.09 -52.39 -16.14
C CYS F 124 39.67 -53.71 -15.64
N GLY F 125 39.80 -54.72 -16.50
CA GLY F 125 40.30 -56.00 -16.10
C GLY F 125 39.25 -57.06 -15.83
N LYS F 126 38.04 -56.65 -15.43
CA LYS F 126 36.92 -57.59 -15.26
C LYS F 126 35.80 -57.04 -16.15
N GLY F 127 35.85 -57.39 -17.43
CA GLY F 127 34.99 -56.74 -18.40
C GLY F 127 33.56 -57.28 -18.39
N ALA F 128 33.38 -58.53 -17.95
CA ALA F 128 32.07 -59.14 -18.01
C ALA F 128 31.12 -58.56 -16.97
N GLU F 129 31.67 -58.06 -15.86
CA GLU F 129 30.84 -57.42 -14.84
C GLU F 129 30.33 -56.08 -15.34
N VAL F 130 31.20 -55.30 -15.98
CA VAL F 130 30.81 -54.00 -16.51
C VAL F 130 29.89 -54.16 -17.71
N ASN F 131 30.07 -55.26 -18.46
CA ASN F 131 29.11 -55.57 -19.52
C ASN F 131 27.78 -56.06 -18.96
N GLN F 132 27.81 -56.68 -17.78
CA GLN F 132 26.57 -57.18 -17.19
C GLN F 132 25.74 -56.04 -16.60
N VAL F 133 26.40 -55.11 -15.89
CA VAL F 133 25.70 -53.92 -15.41
C VAL F 133 25.32 -53.03 -16.58
N LYS F 134 26.21 -52.96 -17.58
CA LYS F 134 26.01 -52.16 -18.78
C LYS F 134 24.79 -52.61 -19.58
N GLU F 135 24.61 -53.92 -19.73
CA GLU F 135 23.53 -54.45 -20.55
C GLU F 135 22.16 -54.18 -19.91
N GLN F 136 22.10 -54.21 -18.58
CA GLN F 136 20.87 -53.85 -17.90
C GLN F 136 20.69 -52.33 -17.83
N LEU F 137 21.78 -51.58 -17.96
CA LEU F 137 21.65 -50.13 -18.01
C LEU F 137 21.10 -49.66 -19.35
N LEU F 138 21.71 -50.14 -20.45
CA LEU F 138 21.21 -49.83 -21.78
C LEU F 138 19.87 -50.50 -22.03
N GLN F 139 19.59 -51.60 -21.34
CA GLN F 139 18.27 -52.21 -21.40
C GLN F 139 17.24 -51.35 -20.68
N SER F 140 17.62 -50.80 -19.53
CA SER F 140 16.73 -49.93 -18.77
C SER F 140 16.63 -48.53 -19.36
N THR F 141 17.46 -48.20 -20.34
CA THR F 141 17.39 -46.87 -20.94
C THR F 141 16.09 -46.60 -21.71
N PRO F 142 15.59 -47.46 -22.62
CA PRO F 142 14.31 -47.12 -23.27
C PRO F 142 13.11 -47.17 -22.35
N VAL F 143 13.20 -47.92 -21.24
CA VAL F 143 12.17 -47.89 -20.22
C VAL F 143 12.03 -46.49 -19.64
N LEU F 144 13.15 -45.87 -19.26
CA LEU F 144 13.12 -44.49 -18.77
C LEU F 144 12.77 -43.53 -19.90
N GLU F 145 13.13 -43.89 -21.14
CA GLU F 145 12.82 -43.04 -22.28
C GLU F 145 11.33 -43.02 -22.60
N ALA F 146 10.60 -44.04 -22.17
CA ALA F 146 9.14 -43.97 -22.28
C ALA F 146 8.57 -42.93 -21.33
N PHE F 147 9.14 -42.83 -20.12
CA PHE F 147 8.59 -41.97 -19.09
C PHE F 147 9.19 -40.58 -19.07
N GLY F 148 10.24 -40.33 -19.84
CA GLY F 148 10.97 -39.09 -19.66
C GLY F 148 11.33 -38.31 -20.91
N ASN F 149 10.69 -38.64 -22.03
CA ASN F 149 10.92 -37.91 -23.28
C ASN F 149 9.64 -37.28 -23.78
N ALA F 150 9.79 -36.21 -24.56
CA ALA F 150 8.66 -35.56 -25.19
C ALA F 150 9.10 -34.87 -26.46
N LYS F 151 8.22 -34.90 -27.46
CA LYS F 151 8.41 -34.06 -28.63
C LYS F 151 8.18 -32.60 -28.26
N THR F 152 9.16 -31.76 -28.60
CA THR F 152 9.08 -30.33 -28.33
C THR F 152 8.87 -29.60 -29.65
N VAL F 153 8.92 -28.26 -29.57
CA VAL F 153 8.69 -27.43 -30.75
C VAL F 153 9.81 -27.63 -31.76
N ARG F 154 11.03 -27.84 -31.26
CA ARG F 154 12.21 -27.91 -32.11
C ARG F 154 12.87 -29.28 -32.12
N ASN F 155 12.37 -30.24 -31.34
CA ASN F 155 12.89 -31.60 -31.36
C ASN F 155 11.75 -32.56 -31.61
N ASP F 156 12.05 -33.66 -32.32
CA ASP F 156 11.11 -34.75 -32.41
C ASP F 156 11.11 -35.59 -31.13
N ASN F 157 12.22 -35.55 -30.39
CA ASN F 157 12.43 -36.40 -29.23
C ASN F 157 13.47 -35.70 -28.36
N SER F 158 13.13 -35.42 -27.11
CA SER F 158 13.97 -34.59 -26.27
C SER F 158 13.99 -35.12 -24.84
N SER F 159 15.16 -35.11 -24.22
CA SER F 159 15.27 -35.55 -22.84
C SER F 159 14.94 -34.42 -21.89
N ARG F 160 14.01 -34.68 -20.97
CA ARG F 160 13.50 -33.64 -20.08
C ARG F 160 13.75 -34.03 -18.63
N PHE F 161 14.87 -34.69 -18.39
CA PHE F 161 15.37 -34.96 -17.06
C PHE F 161 16.87 -35.21 -17.18
N GLY F 162 17.54 -35.31 -16.04
CA GLY F 162 18.95 -35.65 -15.97
C GLY F 162 19.13 -37.02 -15.33
N LYS F 163 19.89 -37.87 -16.00
CA LYS F 163 20.09 -39.24 -15.56
C LYS F 163 21.53 -39.40 -15.09
N TYR F 164 21.69 -39.85 -13.85
CA TYR F 164 23.02 -40.03 -13.27
C TYR F 164 23.28 -41.51 -13.02
N MET F 165 24.53 -41.92 -13.19
CA MET F 165 24.91 -43.33 -13.11
C MET F 165 26.15 -43.51 -12.24
N ASP F 166 25.98 -44.19 -11.11
CA ASP F 166 27.08 -44.65 -10.29
C ASP F 166 27.67 -45.90 -10.90
N ILE F 167 28.96 -45.86 -11.22
CA ILE F 167 29.72 -47.05 -11.58
C ILE F 167 30.70 -47.29 -10.43
N GLU F 168 30.35 -48.21 -9.54
CA GLU F 168 31.04 -48.40 -8.29
C GLU F 168 32.04 -49.55 -8.40
N PHE F 169 33.27 -49.27 -7.99
CA PHE F 169 34.39 -50.19 -8.02
C PHE F 169 34.87 -50.48 -6.60
N ASP F 170 35.51 -51.63 -6.44
CA ASP F 170 36.27 -51.90 -5.23
C ASP F 170 37.46 -50.95 -5.13
N PHE F 171 37.89 -50.68 -3.91
CA PHE F 171 39.03 -49.80 -3.65
C PHE F 171 40.33 -50.31 -4.26
N LYS F 172 40.50 -51.62 -4.36
CA LYS F 172 41.65 -52.18 -5.06
C LYS F 172 41.51 -52.12 -6.57
N GLY F 173 40.29 -51.98 -7.08
CA GLY F 173 40.10 -51.80 -8.50
C GLY F 173 39.21 -52.84 -9.18
N ASP F 174 38.30 -53.46 -8.42
CA ASP F 174 37.46 -54.43 -9.09
C ASP F 174 36.02 -53.93 -9.16
N PRO F 175 35.31 -54.23 -10.26
CA PRO F 175 33.95 -53.69 -10.43
C PRO F 175 32.96 -54.28 -9.45
N LEU F 176 32.16 -53.41 -8.83
CA LEU F 176 31.14 -53.80 -7.89
C LEU F 176 29.72 -53.63 -8.41
N GLY F 177 29.35 -52.45 -8.88
CA GLY F 177 27.98 -52.29 -9.35
C GLY F 177 27.74 -50.87 -9.86
N GLY F 178 26.55 -50.36 -9.57
CA GLY F 178 26.14 -49.06 -10.06
C GLY F 178 24.74 -48.73 -9.61
N VAL F 179 24.45 -47.42 -9.57
CA VAL F 179 23.18 -46.90 -9.05
C VAL F 179 22.68 -45.78 -9.95
N ILE F 180 21.50 -45.95 -10.51
CA ILE F 180 20.84 -44.90 -11.31
C ILE F 180 20.19 -43.92 -10.35
N SER F 181 20.32 -42.62 -10.64
CA SER F 181 19.65 -41.57 -9.87
C SER F 181 19.04 -40.57 -10.84
N ASN F 182 17.74 -40.32 -10.69
CA ASN F 182 17.06 -39.33 -11.51
C ASN F 182 17.16 -37.94 -10.90
N TYR F 183 17.12 -36.93 -11.76
CA TYR F 183 17.19 -35.55 -11.31
C TYR F 183 16.35 -34.69 -12.24
N LEU F 184 15.62 -33.74 -11.62
CA LEU F 184 14.95 -32.65 -12.30
C LEU F 184 13.90 -33.12 -13.29
N LEU F 185 12.93 -33.89 -12.82
CA LEU F 185 11.85 -34.33 -13.69
C LEU F 185 10.90 -33.16 -13.94
N GLU F 186 10.77 -32.79 -15.21
CA GLU F 186 9.88 -31.70 -15.64
C GLU F 186 8.44 -32.18 -15.54
N LYS F 187 7.91 -32.11 -14.32
CA LYS F 187 6.60 -32.69 -14.05
C LYS F 187 5.47 -31.77 -14.48
N SER F 188 5.76 -30.49 -14.73
CA SER F 188 4.77 -29.51 -15.14
C SER F 188 4.23 -29.80 -16.54
N ARG F 189 4.97 -30.61 -17.31
CA ARG F 189 4.49 -31.05 -18.60
C ARG F 189 3.32 -32.03 -18.46
N VAL F 190 3.20 -32.70 -17.31
CA VAL F 190 2.21 -33.75 -17.14
C VAL F 190 0.80 -33.20 -17.14
N VAL F 191 0.61 -32.04 -16.52
CA VAL F 191 -0.74 -31.48 -16.41
C VAL F 191 -1.06 -30.46 -17.49
N LYS F 192 -0.05 -29.88 -18.13
CA LYS F 192 -0.28 -28.92 -19.21
C LYS F 192 0.93 -28.86 -20.11
N GLN F 193 0.72 -28.88 -21.41
CA GLN F 193 1.79 -28.74 -22.36
C GLN F 193 1.66 -27.42 -23.11
N PRO F 194 2.79 -26.80 -23.46
CA PRO F 194 2.74 -25.74 -24.48
C PRO F 194 2.31 -26.33 -25.81
N ARG F 195 1.66 -25.50 -26.62
CA ARG F 195 1.12 -25.98 -27.89
C ARG F 195 2.25 -26.25 -28.87
N GLY F 196 1.98 -27.17 -29.81
CA GLY F 196 3.01 -27.69 -30.67
C GLY F 196 3.94 -28.67 -30.00
N GLU F 197 3.62 -29.15 -28.81
CA GLU F 197 4.44 -30.10 -28.09
C GLU F 197 3.65 -31.32 -27.67
N ARG F 198 4.33 -32.19 -26.94
CA ARG F 198 3.84 -33.51 -26.60
C ARG F 198 4.03 -33.76 -25.10
N ASN F 199 3.16 -34.61 -24.54
CA ASN F 199 3.33 -35.15 -23.20
C ASN F 199 4.48 -36.17 -23.18
N PHE F 200 4.67 -36.82 -22.04
CA PHE F 200 5.65 -37.91 -22.00
C PHE F 200 5.14 -39.10 -22.81
N HIS F 201 6.08 -39.85 -23.37
CA HIS F 201 5.77 -40.81 -24.41
C HIS F 201 4.96 -42.00 -23.91
N VAL F 202 4.97 -42.25 -22.59
CA VAL F 202 4.37 -43.46 -22.05
C VAL F 202 2.83 -43.38 -22.13
N PHE F 203 2.29 -42.17 -22.20
CA PHE F 203 0.84 -42.03 -22.34
C PHE F 203 0.39 -42.39 -23.75
N TYR F 204 1.12 -41.90 -24.74
CA TYR F 204 0.80 -42.17 -26.14
C TYR F 204 1.06 -43.62 -26.49
N GLN F 205 2.14 -44.19 -25.95
CA GLN F 205 2.43 -45.60 -26.19
C GLN F 205 1.45 -46.50 -25.44
N LEU F 206 0.99 -46.05 -24.27
CA LEU F 206 0.03 -46.84 -23.51
C LEU F 206 -1.33 -46.85 -24.19
N LEU F 207 -1.76 -45.71 -24.72
CA LEU F 207 -3.06 -45.68 -25.39
C LEU F 207 -3.02 -46.33 -26.75
N SER F 208 -1.93 -46.13 -27.50
CA SER F 208 -1.85 -46.65 -28.85
C SER F 208 -1.40 -48.10 -28.92
N GLY F 209 -0.75 -48.62 -27.88
CA GLY F 209 -0.12 -49.92 -27.98
C GLY F 209 -0.73 -51.04 -27.17
N ALA F 210 -1.74 -50.74 -26.37
CA ALA F 210 -2.30 -51.77 -25.51
C ALA F 210 -3.43 -52.52 -26.21
N SER F 211 -3.90 -53.58 -25.56
CA SER F 211 -4.93 -54.45 -26.09
C SER F 211 -6.31 -54.02 -25.59
N GLU F 212 -7.33 -54.78 -25.98
CA GLU F 212 -8.69 -54.47 -25.55
C GLU F 212 -8.90 -54.81 -24.08
N GLU F 213 -8.37 -55.95 -23.64
CA GLU F 213 -8.58 -56.38 -22.26
C GLU F 213 -7.82 -55.48 -21.28
N LEU F 214 -6.69 -54.94 -21.70
CA LEU F 214 -5.89 -54.10 -20.81
C LEU F 214 -6.53 -52.72 -20.70
N LEU F 215 -7.06 -52.18 -21.80
CA LEU F 215 -7.68 -50.87 -21.75
C LEU F 215 -9.09 -50.95 -21.18
N HIS F 216 -9.70 -52.14 -21.18
CA HIS F 216 -10.93 -52.33 -20.43
C HIS F 216 -10.64 -52.46 -18.94
N LYS F 217 -9.51 -53.05 -18.58
CA LYS F 217 -9.15 -53.13 -17.18
C LYS F 217 -8.74 -51.77 -16.64
N LEU F 218 -8.06 -50.97 -17.46
CA LEU F 218 -7.66 -49.63 -17.04
C LEU F 218 -8.74 -48.60 -17.28
N LYS F 219 -9.85 -49.00 -17.93
CA LYS F 219 -11.00 -48.14 -18.23
C LYS F 219 -10.59 -46.91 -19.05
N LEU F 220 -9.73 -47.13 -20.04
CA LEU F 220 -9.15 -46.07 -20.84
C LEU F 220 -9.77 -46.05 -22.23
N GLU F 221 -10.36 -44.92 -22.58
CA GLU F 221 -10.61 -44.64 -23.99
C GLU F 221 -9.29 -44.41 -24.69
N ARG F 222 -9.20 -44.82 -25.96
CA ARG F 222 -7.96 -44.71 -26.70
C ARG F 222 -7.96 -43.57 -27.70
N ASP F 223 -9.03 -42.78 -27.78
CA ASP F 223 -9.00 -41.56 -28.56
C ASP F 223 -8.33 -40.47 -27.75
N PHE F 224 -7.49 -39.65 -28.39
CA PHE F 224 -6.75 -38.62 -27.68
C PHE F 224 -7.58 -37.36 -27.50
N SER F 225 -8.77 -37.31 -28.09
CA SER F 225 -9.66 -36.17 -27.90
C SER F 225 -10.39 -36.21 -26.57
N ARG F 226 -10.40 -37.36 -25.89
CA ARG F 226 -11.19 -37.54 -24.68
C ARG F 226 -10.35 -37.42 -23.41
N TYR F 227 -9.35 -36.54 -23.42
CA TYR F 227 -8.52 -36.30 -22.25
C TYR F 227 -8.17 -34.82 -22.19
N ASN F 228 -8.19 -34.26 -20.99
CA ASN F 228 -7.79 -32.87 -20.82
C ASN F 228 -6.28 -32.70 -20.74
N TYR F 229 -5.54 -33.78 -20.54
CA TYR F 229 -4.09 -33.73 -20.48
C TYR F 229 -3.45 -34.05 -21.81
N LEU F 230 -4.24 -34.34 -22.84
CA LEU F 230 -3.72 -34.69 -24.15
C LEU F 230 -4.48 -33.92 -25.22
N SER F 231 -3.77 -33.51 -26.26
CA SER F 231 -4.38 -32.86 -27.41
C SER F 231 -4.33 -33.79 -28.63
N LEU F 232 -5.24 -33.54 -29.57
CA LEU F 232 -5.32 -34.33 -30.78
C LEU F 232 -4.26 -33.93 -31.82
N ASP F 233 -3.69 -32.73 -31.69
CA ASP F 233 -2.79 -32.20 -32.71
C ASP F 233 -1.45 -32.94 -32.70
N SER F 234 -0.88 -33.16 -31.52
CA SER F 234 0.37 -33.90 -31.40
C SER F 234 0.14 -35.36 -31.04
N ALA F 235 -1.00 -35.93 -31.45
CA ALA F 235 -1.27 -37.33 -31.18
C ALA F 235 -0.41 -38.24 -32.05
N LYS F 236 0.14 -37.71 -33.14
CA LYS F 236 0.87 -38.52 -34.10
C LYS F 236 1.87 -37.65 -34.86
N VAL F 237 3.11 -38.12 -34.92
CA VAL F 237 4.09 -37.61 -35.87
C VAL F 237 4.61 -38.79 -36.67
N ASN F 238 5.51 -38.51 -37.60
CA ASN F 238 6.14 -39.55 -38.39
C ASN F 238 7.53 -39.84 -37.86
N GLY F 239 8.02 -41.04 -38.14
CA GLY F 239 9.31 -41.47 -37.65
C GLY F 239 9.28 -42.17 -36.31
N VAL F 240 8.23 -41.98 -35.50
CA VAL F 240 8.08 -42.65 -34.22
C VAL F 240 6.74 -43.35 -34.21
N ASP F 241 6.75 -44.66 -33.98
CA ASP F 241 5.55 -45.49 -33.92
C ASP F 241 5.36 -45.94 -32.47
N ASP F 242 4.26 -45.47 -31.87
CA ASP F 242 4.09 -45.63 -30.43
C ASP F 242 3.69 -47.05 -30.05
N ALA F 243 2.95 -47.73 -30.93
CA ALA F 243 2.34 -49.00 -30.59
C ALA F 243 3.37 -50.11 -30.48
N ALA F 244 4.33 -50.15 -31.41
CA ALA F 244 5.40 -51.15 -31.32
C ALA F 244 6.37 -50.80 -30.20
N ASN F 245 6.58 -49.49 -29.96
CA ASN F 245 7.47 -49.06 -28.90
C ASN F 245 6.90 -49.37 -27.53
N PHE F 246 5.58 -49.50 -27.42
CA PHE F 246 4.99 -49.90 -26.14
C PHE F 246 5.35 -51.33 -25.79
N ARG F 247 5.26 -52.24 -26.76
CA ARG F 247 5.68 -53.62 -26.54
C ARG F 247 7.19 -53.70 -26.36
N THR F 248 7.94 -52.77 -26.96
CA THR F 248 9.36 -52.65 -26.68
C THR F 248 9.61 -52.27 -25.23
N VAL F 249 8.78 -51.38 -24.67
CA VAL F 249 8.99 -50.91 -23.30
C VAL F 249 8.55 -51.97 -22.30
N ARG F 250 7.46 -52.66 -22.59
CA ARG F 250 7.01 -53.73 -21.68
C ARG F 250 7.96 -54.93 -21.74
N ASN F 251 8.47 -55.24 -22.95
CA ASN F 251 9.47 -56.28 -23.09
C ASN F 251 10.75 -55.93 -22.35
N ALA F 252 11.23 -54.69 -22.53
CA ALA F 252 12.45 -54.22 -21.89
C ALA F 252 12.29 -54.15 -20.38
N MET F 253 11.07 -53.84 -19.92
CA MET F 253 10.77 -53.84 -18.50
C MET F 253 10.79 -55.26 -17.94
N GLN F 254 10.35 -56.23 -18.74
CA GLN F 254 10.47 -57.63 -18.32
C GLN F 254 11.93 -58.09 -18.31
N ILE F 255 12.74 -57.58 -19.24
CA ILE F 255 14.15 -57.96 -19.28
C ILE F 255 14.90 -57.35 -18.09
N VAL F 256 14.57 -56.11 -17.73
CA VAL F 256 15.21 -55.52 -16.56
C VAL F 256 14.61 -56.12 -15.28
N GLY F 257 13.48 -56.81 -15.40
CA GLY F 257 13.19 -57.82 -14.39
C GLY F 257 11.97 -57.66 -13.52
N PHE F 258 10.88 -57.14 -14.07
CA PHE F 258 9.67 -56.96 -13.27
C PHE F 258 8.71 -58.09 -13.59
N SER F 259 7.82 -58.39 -12.65
CA SER F 259 6.81 -59.41 -12.88
C SER F 259 5.63 -58.83 -13.64
N ASP F 260 4.71 -59.72 -14.02
CA ASP F 260 3.53 -59.29 -14.77
C ASP F 260 2.57 -58.41 -13.95
N PRO F 261 2.13 -58.75 -12.72
CA PRO F 261 1.23 -57.81 -12.03
C PRO F 261 1.94 -56.58 -11.48
N GLU F 262 3.27 -56.63 -11.36
CA GLU F 262 4.02 -55.45 -10.96
C GLU F 262 3.98 -54.39 -12.05
N ALA F 263 4.38 -54.77 -13.27
CA ALA F 263 4.35 -53.85 -14.41
C ALA F 263 2.92 -53.48 -14.77
N GLU F 264 1.99 -54.41 -14.58
CA GLU F 264 0.58 -54.10 -14.79
C GLU F 264 0.09 -53.08 -13.77
N SER F 265 0.62 -53.14 -12.55
CA SER F 265 0.26 -52.16 -11.53
C SER F 265 0.87 -50.79 -11.84
N VAL F 266 2.07 -50.79 -12.43
CA VAL F 266 2.66 -49.54 -12.94
C VAL F 266 1.77 -48.94 -14.02
N LEU F 267 1.21 -49.79 -14.88
CA LEU F 267 0.27 -49.31 -15.88
C LEU F 267 -1.04 -48.83 -15.25
N GLU F 268 -1.40 -49.40 -14.08
CA GLU F 268 -2.57 -48.91 -13.36
C GLU F 268 -2.33 -47.49 -12.85
N VAL F 269 -1.11 -47.22 -12.36
CA VAL F 269 -0.84 -45.90 -11.81
C VAL F 269 -0.69 -44.86 -12.93
N VAL F 270 -0.06 -45.25 -14.05
CA VAL F 270 0.02 -44.36 -15.21
C VAL F 270 -1.37 -44.08 -15.76
N ALA F 271 -2.23 -45.10 -15.78
CA ALA F 271 -3.61 -44.93 -16.20
C ALA F 271 -4.38 -44.05 -15.21
N ALA F 272 -3.94 -44.03 -13.95
CA ALA F 272 -4.56 -43.14 -12.97
C ALA F 272 -4.13 -41.70 -13.18
N VAL F 273 -2.85 -41.49 -13.54
CA VAL F 273 -2.33 -40.14 -13.78
C VAL F 273 -2.99 -39.53 -15.00
N LEU F 274 -3.09 -40.30 -16.09
CA LEU F 274 -3.80 -39.82 -17.26
C LEU F 274 -5.30 -39.70 -16.99
N LYS F 275 -5.81 -40.60 -16.17
CA LYS F 275 -7.25 -40.69 -15.96
C LYS F 275 -7.75 -39.61 -15.02
N LEU F 276 -6.84 -38.97 -14.28
CA LEU F 276 -7.24 -37.91 -13.35
C LEU F 276 -7.62 -36.63 -14.08
N GLY F 277 -7.24 -36.50 -15.35
CA GLY F 277 -7.40 -35.27 -16.11
C GLY F 277 -8.83 -34.87 -16.43
N ASN F 278 -9.76 -35.80 -16.47
CA ASN F 278 -11.12 -35.47 -16.87
C ASN F 278 -12.02 -35.10 -15.68
N ILE F 279 -11.44 -34.85 -14.52
CA ILE F 279 -12.20 -34.37 -13.37
C ILE F 279 -12.20 -32.85 -13.38
N GLU F 280 -13.40 -32.26 -13.40
CA GLU F 280 -13.53 -30.82 -13.41
C GLU F 280 -14.37 -30.38 -12.23
N PHE F 281 -14.23 -29.12 -11.86
CA PHE F 281 -14.89 -28.57 -10.68
C PHE F 281 -15.88 -27.49 -11.08
N LYS F 282 -16.66 -27.06 -10.10
CA LYS F 282 -17.66 -26.02 -10.23
C LYS F 282 -17.90 -25.44 -8.84
N PRO F 283 -18.29 -24.17 -8.72
CA PRO F 283 -18.53 -23.61 -7.40
C PRO F 283 -19.83 -24.11 -6.79
N GLU F 284 -19.77 -24.43 -5.50
CA GLU F 284 -20.96 -24.82 -4.75
C GLU F 284 -21.76 -23.59 -4.35
N SER F 285 -23.02 -23.53 -4.78
CA SER F 285 -23.85 -22.39 -4.47
C SER F 285 -25.27 -22.80 -4.09
N ARG F 286 -25.55 -24.12 -4.05
CA ARG F 286 -26.87 -24.63 -3.63
C ARG F 286 -26.63 -25.80 -2.68
N MET F 287 -26.46 -25.52 -1.38
CA MET F 287 -26.52 -24.19 -0.78
C MET F 287 -25.16 -23.50 -0.80
N ASN F 288 -25.17 -22.18 -0.65
CA ASN F 288 -23.96 -21.39 -0.68
C ASN F 288 -23.46 -21.20 0.75
N GLY F 289 -22.60 -22.11 1.19
CA GLY F 289 -21.81 -21.82 2.37
C GLY F 289 -20.70 -22.81 2.63
N LEU F 290 -19.46 -22.34 2.73
CA LEU F 290 -19.05 -21.01 2.26
C LEU F 290 -17.77 -21.12 1.46
N ASP F 291 -17.84 -20.71 0.19
CA ASP F 291 -16.77 -20.84 -0.81
C ASP F 291 -16.29 -22.29 -0.92
N GLU F 292 -17.21 -23.16 -1.32
CA GLU F 292 -16.98 -24.59 -1.38
C GLU F 292 -16.80 -25.00 -2.84
N SER F 293 -15.87 -25.92 -3.07
CA SER F 293 -15.66 -26.47 -4.41
C SER F 293 -16.46 -27.76 -4.57
N LYS F 294 -16.89 -28.02 -5.79
CA LYS F 294 -17.71 -29.17 -6.11
C LYS F 294 -17.13 -29.89 -7.33
N ILE F 295 -17.19 -31.21 -7.34
CA ILE F 295 -16.82 -31.95 -8.54
C ILE F 295 -17.97 -31.87 -9.55
N LYS F 296 -17.65 -32.10 -10.81
CA LYS F 296 -18.67 -32.00 -11.85
C LYS F 296 -19.41 -33.33 -12.04
N ASP F 297 -18.67 -34.43 -12.17
CA ASP F 297 -19.28 -35.72 -12.41
C ASP F 297 -18.59 -36.75 -11.53
N LYS F 298 -19.28 -37.86 -11.30
CA LYS F 298 -18.79 -38.94 -10.46
C LYS F 298 -18.35 -40.17 -11.24
N ASN F 299 -18.75 -40.30 -12.50
CA ASN F 299 -18.51 -41.52 -13.27
C ASN F 299 -17.03 -41.72 -13.56
N GLU F 300 -16.32 -40.62 -13.85
CA GLU F 300 -14.87 -40.69 -13.97
C GLU F 300 -14.23 -41.00 -12.63
N LEU F 301 -14.69 -40.34 -11.58
CA LEU F 301 -14.09 -40.46 -10.26
C LEU F 301 -14.31 -41.84 -9.67
N LYS F 302 -15.46 -42.46 -9.92
CA LYS F 302 -15.72 -43.78 -9.37
C LYS F 302 -14.91 -44.85 -10.09
N GLU F 303 -14.53 -44.59 -11.35
CA GLU F 303 -13.66 -45.52 -12.06
C GLU F 303 -12.22 -45.35 -11.61
N ILE F 304 -11.83 -44.12 -11.25
CA ILE F 304 -10.51 -43.90 -10.66
C ILE F 304 -10.43 -44.57 -9.28
N CYS F 305 -11.47 -44.41 -8.48
CA CYS F 305 -11.49 -44.98 -7.14
C CYS F 305 -11.58 -46.49 -7.19
N GLU F 306 -12.28 -47.04 -8.20
CA GLU F 306 -12.33 -48.48 -8.37
C GLU F 306 -10.99 -49.02 -8.88
N LEU F 307 -10.30 -48.21 -9.69
CA LEU F 307 -8.99 -48.61 -10.20
C LEU F 307 -7.94 -48.61 -9.08
N THR F 308 -8.06 -47.66 -8.15
CA THR F 308 -7.11 -47.54 -7.06
C THR F 308 -7.57 -48.24 -5.78
N SER F 309 -8.76 -48.86 -5.81
CA SER F 309 -9.35 -49.59 -4.67
C SER F 309 -9.50 -48.70 -3.44
N ILE F 310 -10.14 -47.56 -3.62
CA ILE F 310 -10.43 -46.65 -2.53
C ILE F 310 -11.91 -46.29 -2.60
N ASP F 311 -12.50 -45.98 -1.45
CA ASP F 311 -13.87 -45.50 -1.44
C ASP F 311 -13.94 -44.07 -1.97
N GLN F 312 -15.09 -43.74 -2.57
CA GLN F 312 -15.19 -42.51 -3.35
C GLN F 312 -15.34 -41.28 -2.45
N VAL F 313 -16.02 -41.41 -1.32
CA VAL F 313 -16.36 -40.24 -0.50
C VAL F 313 -15.11 -39.70 0.20
N VAL F 314 -14.10 -40.54 0.41
CA VAL F 314 -12.85 -40.08 1.02
C VAL F 314 -12.11 -39.16 0.06
N LEU F 315 -12.02 -39.54 -1.20
CA LEU F 315 -11.32 -38.75 -2.19
C LEU F 315 -12.13 -37.53 -2.63
N GLU F 316 -13.45 -37.66 -2.69
CA GLU F 316 -14.33 -36.51 -2.95
C GLU F 316 -14.21 -35.48 -1.83
N ARG F 317 -14.04 -35.94 -0.59
CA ARG F 317 -13.64 -35.04 0.49
C ARG F 317 -12.26 -34.46 0.21
N ALA F 318 -11.35 -35.28 -0.33
CA ALA F 318 -9.96 -34.90 -0.42
C ALA F 318 -9.68 -33.87 -1.51
N PHE F 319 -10.59 -33.71 -2.47
CA PHE F 319 -10.38 -32.63 -3.43
C PHE F 319 -10.89 -31.28 -2.92
N SER F 320 -11.90 -31.26 -2.07
CA SER F 320 -12.57 -30.03 -1.70
C SER F 320 -12.17 -29.50 -0.34
N PHE F 321 -11.73 -30.35 0.59
CA PHE F 321 -11.45 -29.92 1.95
C PHE F 321 -9.97 -30.14 2.25
N ARG F 322 -9.41 -29.25 3.05
CA ARG F 322 -8.11 -29.49 3.66
C ARG F 322 -8.29 -29.48 5.17
N THR F 323 -7.60 -30.38 5.87
CA THR F 323 -7.77 -30.52 7.30
C THR F 323 -6.61 -29.88 8.04
N VAL F 324 -6.94 -29.04 9.02
CA VAL F 324 -5.99 -28.49 9.96
C VAL F 324 -6.10 -29.29 11.25
N GLU F 325 -4.98 -29.85 11.69
CA GLU F 325 -4.96 -30.66 12.89
C GLU F 325 -4.52 -29.81 14.07
N ALA F 326 -4.33 -30.48 15.21
CA ALA F 326 -3.83 -29.86 16.42
C ALA F 326 -3.21 -30.94 17.29
N LYS F 327 -2.96 -30.59 18.55
CA LYS F 327 -2.57 -31.61 19.51
C LYS F 327 -3.75 -32.52 19.86
N GLN F 328 -4.96 -31.97 19.83
CA GLN F 328 -6.13 -32.67 20.32
C GLN F 328 -7.26 -32.79 19.31
N GLU F 329 -7.17 -32.12 18.16
CA GLU F 329 -8.32 -32.08 17.26
C GLU F 329 -7.84 -31.88 15.83
N LYS F 330 -8.78 -32.08 14.90
CA LYS F 330 -8.58 -31.73 13.50
C LYS F 330 -9.93 -31.34 12.91
N VAL F 331 -9.90 -30.45 11.93
CA VAL F 331 -11.12 -29.89 11.37
C VAL F 331 -10.88 -29.64 9.88
N SER F 332 -11.93 -29.82 9.07
CA SER F 332 -11.83 -29.69 7.63
C SER F 332 -12.39 -28.34 7.21
N THR F 333 -11.55 -27.51 6.61
CA THR F 333 -11.96 -26.25 6.01
C THR F 333 -11.98 -26.41 4.49
N THR F 334 -12.67 -25.49 3.83
CA THR F 334 -12.93 -25.65 2.41
C THR F 334 -11.78 -25.11 1.57
N LEU F 335 -11.60 -25.72 0.41
CA LEU F 335 -10.79 -25.16 -0.66
C LEU F 335 -11.72 -24.46 -1.64
N ASN F 336 -11.20 -23.47 -2.35
CA ASN F 336 -12.02 -22.85 -3.39
C ASN F 336 -11.89 -23.62 -4.70
N VAL F 337 -12.34 -22.98 -5.77
CA VAL F 337 -12.38 -23.64 -7.08
C VAL F 337 -10.98 -23.83 -7.63
N ALA F 338 -10.18 -22.76 -7.60
CA ALA F 338 -8.86 -22.77 -8.21
C ALA F 338 -7.91 -23.71 -7.48
N GLN F 339 -7.91 -23.65 -6.15
CA GLN F 339 -7.04 -24.53 -5.36
C GLN F 339 -7.46 -25.99 -5.48
N ALA F 340 -8.72 -26.24 -5.84
CA ALA F 340 -9.12 -27.60 -6.19
C ALA F 340 -8.46 -28.02 -7.51
N TYR F 341 -8.39 -27.11 -8.48
CA TYR F 341 -7.70 -27.44 -9.73
C TYR F 341 -6.21 -27.70 -9.51
N TYR F 342 -5.55 -26.85 -8.72
CA TYR F 342 -4.13 -27.04 -8.49
C TYR F 342 -3.87 -28.22 -7.55
N ALA F 343 -4.86 -28.58 -6.72
CA ALA F 343 -4.73 -29.79 -5.92
C ALA F 343 -4.78 -31.03 -6.80
N ARG F 344 -5.69 -31.04 -7.78
CA ARG F 344 -5.78 -32.17 -8.71
C ARG F 344 -4.52 -32.27 -9.57
N ASP F 345 -4.05 -31.14 -10.09
CA ASP F 345 -2.87 -31.15 -10.96
C ASP F 345 -1.62 -31.52 -10.17
N ALA F 346 -1.52 -31.06 -8.92
CA ALA F 346 -0.37 -31.39 -8.10
C ALA F 346 -0.38 -32.87 -7.71
N LEU F 347 -1.58 -33.43 -7.50
CA LEU F 347 -1.69 -34.86 -7.25
C LEU F 347 -1.26 -35.66 -8.47
N ALA F 348 -1.62 -35.18 -9.66
CA ALA F 348 -1.22 -35.85 -10.89
C ALA F 348 0.29 -35.83 -11.09
N LYS F 349 0.91 -34.65 -11.09
CA LYS F 349 2.33 -34.57 -11.42
C LYS F 349 3.21 -35.10 -10.29
N ASN F 350 2.78 -34.97 -9.04
CA ASN F 350 3.52 -35.60 -7.96
C ASN F 350 3.38 -37.10 -7.94
N LEU F 351 2.21 -37.62 -8.32
CA LEU F 351 2.03 -39.05 -8.44
C LEU F 351 2.90 -39.63 -9.54
N TYR F 352 2.99 -38.92 -10.66
CA TYR F 352 3.81 -39.37 -11.78
C TYR F 352 5.30 -39.29 -11.45
N SER F 353 5.72 -38.21 -10.78
CA SER F 353 7.13 -38.05 -10.47
C SER F 353 7.60 -39.05 -9.44
N ARG F 354 6.78 -39.29 -8.40
CA ARG F 354 7.17 -40.27 -7.40
C ARG F 354 7.07 -41.69 -7.95
N LEU F 355 6.18 -41.90 -8.94
CA LEU F 355 6.17 -43.17 -9.66
C LEU F 355 7.46 -43.37 -10.43
N PHE F 356 7.97 -42.29 -11.04
CA PHE F 356 9.21 -42.37 -11.80
C PHE F 356 10.40 -42.63 -10.89
N SER F 357 10.42 -42.00 -9.71
CA SER F 357 11.49 -42.26 -8.75
C SER F 357 11.41 -43.66 -8.18
N TRP F 358 10.20 -44.18 -7.97
CA TRP F 358 10.06 -45.56 -7.52
C TRP F 358 10.48 -46.53 -8.62
N LEU F 359 10.28 -46.14 -9.88
CA LEU F 359 10.74 -46.93 -10.99
C LEU F 359 12.25 -47.03 -11.02
N VAL F 360 12.93 -45.89 -10.82
CA VAL F 360 14.40 -45.89 -10.76
C VAL F 360 14.88 -46.69 -9.55
N ASN F 361 14.19 -46.57 -8.42
CA ASN F 361 14.54 -47.30 -7.21
C ASN F 361 14.41 -48.81 -7.42
N ARG F 362 13.36 -49.24 -8.11
CA ARG F 362 13.15 -50.66 -8.30
C ARG F 362 14.06 -51.21 -9.39
N ILE F 363 14.50 -50.37 -10.33
CA ILE F 363 15.54 -50.79 -11.27
C ILE F 363 16.89 -50.93 -10.57
N ASN F 364 17.13 -50.13 -9.53
CA ASN F 364 18.41 -50.16 -8.81
C ASN F 364 18.69 -51.47 -8.08
N GLU F 365 17.71 -52.35 -7.91
CA GLU F 365 17.92 -53.60 -7.21
C GLU F 365 18.77 -54.56 -8.02
N SER F 366 18.64 -54.53 -9.35
CA SER F 366 19.28 -55.55 -10.18
C SER F 366 20.75 -55.25 -10.42
N ILE F 367 21.13 -53.97 -10.38
CA ILE F 367 22.48 -53.57 -10.78
C ILE F 367 23.37 -53.17 -9.63
N LYS F 368 22.83 -53.09 -8.41
CA LYS F 368 23.62 -52.60 -7.29
C LYS F 368 24.59 -53.66 -6.79
N ALA F 369 25.48 -53.24 -5.88
CA ALA F 369 26.41 -54.17 -5.26
C ALA F 369 25.69 -55.05 -4.25
N GLN F 370 26.34 -56.16 -3.88
CA GLN F 370 25.74 -57.11 -2.97
C GLN F 370 25.74 -56.61 -1.52
N THR F 371 26.89 -56.16 -1.03
CA THR F 371 27.03 -55.71 0.35
C THR F 371 27.42 -54.24 0.37
N LYS F 372 27.69 -53.74 1.57
CA LYS F 372 28.08 -52.35 1.79
C LYS F 372 29.52 -52.32 2.26
N VAL F 373 30.44 -52.04 1.33
CA VAL F 373 31.86 -52.04 1.64
C VAL F 373 32.49 -50.70 1.24
N ARG F 374 33.79 -50.56 1.49
CA ARG F 374 34.55 -49.44 0.99
C ARG F 374 34.66 -49.53 -0.53
N LYS F 375 34.55 -48.39 -1.19
CA LYS F 375 34.45 -48.39 -2.65
C LYS F 375 35.01 -47.08 -3.19
N LYS F 376 35.23 -47.04 -4.49
CA LYS F 376 35.50 -45.80 -5.21
C LYS F 376 34.72 -45.85 -6.52
N VAL F 377 34.19 -44.70 -6.92
CA VAL F 377 33.12 -44.65 -7.89
C VAL F 377 33.47 -43.67 -9.01
N MET F 378 33.15 -44.06 -10.25
CA MET F 378 33.11 -43.17 -11.40
C MET F 378 31.66 -43.07 -11.83
N GLY F 379 31.11 -41.87 -11.81
CA GLY F 379 29.75 -41.65 -12.25
C GLY F 379 29.69 -41.00 -13.62
N VAL F 380 28.49 -41.02 -14.21
CA VAL F 380 28.21 -40.38 -15.47
C VAL F 380 26.93 -39.57 -15.32
N LEU F 381 27.04 -38.26 -15.47
CA LEU F 381 25.89 -37.37 -15.37
C LEU F 381 25.49 -36.95 -16.77
N ASP F 382 24.41 -37.55 -17.28
CA ASP F 382 23.85 -37.19 -18.57
C ASP F 382 22.79 -36.13 -18.33
N ILE F 383 23.10 -34.88 -18.67
CA ILE F 383 22.19 -33.78 -18.41
C ILE F 383 21.81 -33.16 -19.75
N TYR F 384 20.59 -32.65 -19.83
CA TYR F 384 20.09 -32.00 -21.03
C TYR F 384 20.77 -30.64 -21.22
N GLY F 385 20.54 -30.04 -22.38
CA GLY F 385 21.19 -28.79 -22.70
C GLY F 385 20.30 -27.57 -22.54
N PHE F 386 20.83 -26.46 -23.02
CA PHE F 386 20.17 -25.16 -22.95
C PHE F 386 19.00 -25.09 -23.92
N GLU F 387 18.01 -24.24 -23.61
CA GLU F 387 16.81 -24.11 -24.44
C GLU F 387 16.60 -22.66 -24.87
N ILE F 388 16.23 -22.46 -26.13
CA ILE F 388 15.60 -21.24 -26.63
C ILE F 388 14.46 -21.64 -27.54
N PHE F 389 13.25 -21.22 -27.19
CA PHE F 389 12.12 -21.23 -28.10
C PHE F 389 11.82 -19.80 -28.51
N GLU F 390 10.71 -19.62 -29.23
CA GLU F 390 10.14 -18.28 -29.33
C GLU F 390 9.43 -17.93 -28.03
N ASP F 391 8.74 -18.91 -27.44
CA ASP F 391 8.04 -18.74 -26.17
C ASP F 391 8.65 -19.66 -25.14
N ASN F 392 9.31 -19.09 -24.14
CA ASN F 392 10.00 -19.84 -23.11
C ASN F 392 9.24 -19.69 -21.80
N SER F 393 8.60 -20.77 -21.37
CA SER F 393 7.76 -20.78 -20.19
C SER F 393 8.59 -21.14 -18.95
N PHE F 394 7.90 -21.47 -17.86
CA PHE F 394 8.56 -21.71 -16.58
C PHE F 394 9.44 -22.95 -16.60
N GLU F 395 9.07 -23.95 -17.39
CA GLU F 395 9.89 -25.15 -17.53
C GLU F 395 11.26 -24.81 -18.10
N GLN F 396 11.29 -24.04 -19.19
CA GLN F 396 12.55 -23.63 -19.79
C GLN F 396 13.30 -22.66 -18.89
N PHE F 397 12.58 -21.99 -17.98
CA PHE F 397 13.23 -21.13 -17.00
C PHE F 397 14.02 -21.94 -15.99
N ILE F 398 13.42 -23.02 -15.47
CA ILE F 398 14.15 -23.91 -14.56
C ILE F 398 15.30 -24.60 -15.28
N ILE F 399 15.06 -25.00 -16.54
CA ILE F 399 16.08 -25.62 -17.39
C ILE F 399 17.30 -24.71 -17.54
N ASN F 400 17.06 -23.48 -17.97
CA ASN F 400 18.16 -22.56 -18.25
C ASN F 400 18.81 -22.11 -16.96
N TYR F 401 18.07 -22.13 -15.85
CA TYR F 401 18.69 -21.81 -14.58
C TYR F 401 19.66 -22.90 -14.15
N CYS F 402 19.27 -24.16 -14.32
CA CYS F 402 20.17 -25.25 -13.99
C CYS F 402 21.42 -25.22 -14.86
N ASN F 403 21.27 -24.83 -16.13
CA ASN F 403 22.45 -24.68 -16.97
C ASN F 403 23.27 -23.45 -16.59
N GLU F 404 22.65 -22.44 -15.97
CA GLU F 404 23.44 -21.34 -15.39
C GLU F 404 24.29 -21.83 -14.24
N LYS F 405 23.73 -22.68 -13.38
CA LYS F 405 24.51 -23.20 -12.25
C LYS F 405 25.66 -24.07 -12.73
N LEU F 406 25.39 -24.91 -13.74
CA LEU F 406 26.43 -25.79 -14.27
C LEU F 406 27.53 -25.01 -14.96
N GLN F 407 27.16 -23.97 -15.72
CA GLN F 407 28.15 -23.09 -16.32
C GLN F 407 28.95 -22.35 -15.26
N GLN F 408 28.31 -21.99 -14.14
CA GLN F 408 28.99 -21.26 -13.08
C GLN F 408 30.05 -22.13 -12.40
N ILE F 409 29.69 -23.36 -12.05
CA ILE F 409 30.67 -24.23 -11.41
C ILE F 409 31.75 -24.66 -12.40
N PHE F 410 31.43 -24.66 -13.70
CA PHE F 410 32.41 -25.01 -14.72
C PHE F 410 33.47 -23.92 -14.87
N ILE F 411 33.03 -22.66 -14.96
CA ILE F 411 33.98 -21.56 -15.09
C ILE F 411 34.74 -21.34 -13.78
N GLU F 412 34.09 -21.59 -12.64
CA GLU F 412 34.76 -21.41 -11.36
C GLU F 412 35.87 -22.44 -11.15
N LEU F 413 35.57 -23.71 -11.44
CA LEU F 413 36.60 -24.74 -11.35
C LEU F 413 37.67 -24.55 -12.42
N THR F 414 37.29 -23.98 -13.56
CA THR F 414 38.25 -23.63 -14.61
C THR F 414 39.25 -22.59 -14.12
N LEU F 415 38.76 -21.49 -13.54
CA LEU F 415 39.63 -20.41 -13.12
C LEU F 415 40.49 -20.81 -11.92
N LYS F 416 39.93 -21.60 -11.01
CA LYS F 416 40.72 -22.10 -9.88
C LYS F 416 41.79 -23.06 -10.36
N GLU F 417 41.49 -23.87 -11.38
CA GLU F 417 42.47 -24.79 -11.93
C GLU F 417 43.60 -24.04 -12.65
N GLU F 418 43.25 -23.04 -13.46
CA GLU F 418 44.26 -22.28 -14.19
C GLU F 418 45.14 -21.49 -13.24
N GLN F 419 44.53 -20.65 -12.39
CA GLN F 419 45.29 -19.85 -11.42
C GLN F 419 46.10 -20.72 -10.47
N GLU F 420 45.59 -21.92 -10.17
CA GLU F 420 46.38 -22.92 -9.47
C GLU F 420 47.65 -23.26 -10.24
N GLU F 421 47.54 -23.46 -11.56
CA GLU F 421 48.72 -23.83 -12.35
C GLU F 421 49.71 -22.68 -12.48
N TYR F 422 49.23 -21.45 -12.66
CA TYR F 422 50.14 -20.32 -12.81
C TYR F 422 50.78 -19.95 -11.47
N ILE F 423 50.13 -20.32 -10.37
CA ILE F 423 50.80 -20.22 -9.07
C ILE F 423 51.82 -21.35 -8.90
N ARG F 424 51.54 -22.54 -9.47
CA ARG F 424 52.52 -23.63 -9.44
C ARG F 424 53.80 -23.28 -10.17
N GLU F 425 53.69 -22.77 -11.40
CA GLU F 425 54.87 -22.51 -12.21
C GLU F 425 55.47 -21.13 -11.97
N ASP F 426 55.00 -20.40 -10.95
CA ASP F 426 55.58 -19.15 -10.46
C ASP F 426 55.61 -18.06 -11.53
N ILE F 427 54.44 -17.85 -12.15
CA ILE F 427 54.30 -16.90 -13.26
C ILE F 427 53.22 -15.88 -12.87
N GLU F 428 53.52 -14.61 -13.13
CA GLU F 428 52.61 -13.52 -12.79
C GLU F 428 51.34 -13.59 -13.64
N TRP F 429 50.21 -13.71 -12.96
CA TRP F 429 48.91 -13.79 -13.63
C TRP F 429 48.51 -12.45 -14.22
N THR F 430 48.03 -12.47 -15.46
CA THR F 430 47.35 -11.33 -16.06
C THR F 430 45.86 -11.58 -16.02
N HIS F 431 45.07 -10.52 -15.90
CA HIS F 431 43.64 -10.68 -15.70
C HIS F 431 42.94 -10.96 -17.02
N ILE F 432 41.90 -11.79 -16.95
CA ILE F 432 41.12 -12.17 -18.12
C ILE F 432 39.67 -11.77 -17.88
N ASP F 433 39.01 -11.30 -18.93
CA ASP F 433 37.61 -10.91 -18.84
C ASP F 433 36.71 -12.06 -19.25
N TYR F 434 35.72 -12.35 -18.40
CA TYR F 434 34.80 -13.44 -18.68
C TYR F 434 33.41 -13.02 -18.21
N PHE F 435 32.41 -13.70 -18.75
CA PHE F 435 31.04 -13.43 -18.33
C PHE F 435 30.79 -14.00 -16.95
N ASN F 436 30.21 -13.17 -16.08
CA ASN F 436 29.94 -13.57 -14.70
C ASN F 436 28.60 -14.32 -14.67
N ASN F 437 28.65 -15.61 -14.36
CA ASN F 437 27.43 -16.38 -14.20
C ASN F 437 26.82 -16.22 -12.82
N ALA F 438 27.59 -15.74 -11.85
CA ALA F 438 27.14 -15.76 -10.46
C ALA F 438 26.08 -14.71 -10.19
N ILE F 439 26.00 -13.66 -11.02
CA ILE F 439 24.99 -12.64 -10.78
C ILE F 439 23.72 -12.96 -11.56
N ILE F 440 23.78 -13.89 -12.51
CA ILE F 440 22.56 -14.42 -13.10
C ILE F 440 21.92 -15.42 -12.15
N CYS F 441 22.73 -16.32 -11.61
CA CYS F 441 22.29 -17.23 -10.55
C CYS F 441 21.77 -16.44 -9.36
N ASP F 442 22.53 -15.43 -8.92
CA ASP F 442 22.10 -14.55 -7.83
C ASP F 442 20.87 -13.74 -8.23
N LEU F 443 20.72 -13.45 -9.51
CA LEU F 443 19.53 -12.76 -10.00
C LEU F 443 18.30 -13.66 -9.92
N ILE F 444 18.50 -14.98 -9.86
CA ILE F 444 17.35 -15.88 -9.85
C ILE F 444 17.08 -16.43 -8.45
N GLU F 445 18.14 -16.74 -7.68
CA GLU F 445 18.01 -17.59 -6.50
C GLU F 445 18.09 -16.86 -5.17
N ASN F 446 18.25 -15.54 -5.17
CA ASN F 446 18.44 -14.81 -3.93
C ASN F 446 17.18 -14.89 -3.07
N ASN F 447 17.37 -15.16 -1.78
CA ASN F 447 16.24 -15.47 -0.90
C ASN F 447 15.41 -14.22 -0.61
N THR F 448 15.93 -13.03 -0.89
CA THR F 448 15.18 -11.80 -0.78
C THR F 448 14.91 -11.14 -2.12
N ASN F 449 15.87 -11.17 -3.05
CA ASN F 449 15.75 -10.46 -4.30
C ASN F 449 15.73 -11.35 -5.54
N GLY F 450 15.68 -12.66 -5.38
CA GLY F 450 15.70 -13.53 -6.54
C GLY F 450 14.34 -13.63 -7.19
N ILE F 451 14.32 -14.34 -8.32
CA ILE F 451 13.06 -14.54 -9.04
C ILE F 451 12.25 -15.62 -8.35
N LEU F 452 12.89 -16.70 -7.94
CA LEU F 452 12.17 -17.83 -7.35
C LEU F 452 11.66 -17.50 -5.95
N ALA F 453 12.30 -16.55 -5.27
CA ALA F 453 11.77 -16.09 -3.99
C ALA F 453 10.49 -15.30 -4.20
N MET F 454 10.43 -14.52 -5.27
CA MET F 454 9.21 -13.79 -5.58
C MET F 454 8.11 -14.73 -6.03
N LEU F 455 8.48 -15.80 -6.75
CA LEU F 455 7.48 -16.76 -7.20
C LEU F 455 6.94 -17.57 -6.03
N ASP F 456 7.82 -17.97 -5.10
CA ASP F 456 7.39 -18.63 -3.87
C ASP F 456 6.56 -17.71 -3.00
N GLU F 457 6.83 -16.41 -3.06
CA GLU F 457 5.98 -15.45 -2.38
C GLU F 457 4.59 -15.38 -2.98
N GLU F 458 4.49 -15.21 -4.30
CA GLU F 458 3.19 -15.09 -4.97
C GLU F 458 2.38 -16.38 -4.87
N CYS F 459 3.05 -17.53 -4.86
CA CYS F 459 2.35 -18.78 -4.62
C CYS F 459 1.94 -18.90 -3.15
N LEU F 460 2.77 -18.36 -2.25
CA LEU F 460 2.51 -18.55 -0.82
C LEU F 460 1.35 -17.71 -0.34
N ARG F 461 1.45 -16.39 -0.48
CA ARG F 461 0.35 -15.52 -0.08
C ARG F 461 -0.76 -15.59 -1.13
N PRO F 462 -2.01 -15.66 -0.72
CA PRO F 462 -3.09 -15.38 -1.68
C PRO F 462 -3.50 -13.92 -1.62
N GLY F 463 -3.54 -13.28 -2.79
CA GLY F 463 -3.99 -11.91 -2.89
C GLY F 463 -4.79 -11.68 -4.15
N THR F 464 -5.44 -12.75 -4.64
CA THR F 464 -5.93 -12.86 -6.02
C THR F 464 -4.80 -12.53 -7.00
N VAL F 465 -3.81 -13.43 -7.04
CA VAL F 465 -2.59 -13.17 -7.78
C VAL F 465 -2.69 -13.70 -9.20
N THR F 466 -2.11 -12.95 -10.14
CA THR F 466 -2.11 -13.32 -11.55
C THR F 466 -0.70 -13.20 -12.09
N ASP F 467 -0.58 -13.30 -13.40
CA ASP F 467 0.73 -13.21 -14.04
C ASP F 467 1.23 -11.77 -14.09
N GLU F 468 0.34 -10.83 -14.42
CA GLU F 468 0.73 -9.43 -14.56
C GLU F 468 1.09 -8.80 -13.22
N THR F 469 0.46 -9.26 -12.13
CA THR F 469 0.87 -8.79 -10.81
C THR F 469 2.24 -9.33 -10.43
N PHE F 470 2.56 -10.56 -10.86
CA PHE F 470 3.90 -11.10 -10.60
C PHE F 470 4.95 -10.36 -11.41
N LEU F 471 4.62 -10.01 -12.65
CA LEU F 471 5.51 -9.16 -13.45
C LEU F 471 5.68 -7.78 -12.81
N GLU F 472 4.60 -7.27 -12.18
CA GLU F 472 4.70 -6.01 -11.46
C GLU F 472 5.65 -6.11 -10.28
N LYS F 473 5.63 -7.25 -9.58
CA LYS F 473 6.54 -7.45 -8.46
C LYS F 473 7.98 -7.57 -8.94
N LEU F 474 8.19 -8.28 -10.06
CA LEU F 474 9.54 -8.39 -10.64
C LEU F 474 10.05 -7.04 -11.10
N ASN F 475 9.17 -6.21 -11.65
CA ASN F 475 9.54 -4.85 -12.04
C ASN F 475 9.88 -4.02 -10.81
N GLN F 476 9.24 -4.31 -9.67
CA GLN F 476 9.52 -3.54 -8.48
C GLN F 476 10.87 -3.89 -7.87
N VAL F 477 11.12 -5.17 -7.60
CA VAL F 477 12.27 -5.52 -6.76
C VAL F 477 13.42 -6.10 -7.57
N CYS F 478 13.15 -6.65 -8.76
CA CYS F 478 14.20 -7.36 -9.48
C CYS F 478 14.86 -6.52 -10.56
N ALA F 479 14.31 -5.35 -10.86
CA ALA F 479 14.81 -4.52 -11.95
C ALA F 479 15.95 -3.61 -11.53
N THR F 480 16.36 -3.65 -10.27
CA THR F 480 17.51 -2.86 -9.82
C THR F 480 18.84 -3.47 -10.24
N HIS F 481 18.82 -4.66 -10.84
CA HIS F 481 20.01 -5.35 -11.30
C HIS F 481 20.22 -5.04 -12.78
N GLN F 482 21.48 -5.12 -13.21
CA GLN F 482 21.85 -4.74 -14.57
C GLN F 482 21.33 -5.74 -15.61
N HIS F 483 21.48 -7.03 -15.35
CA HIS F 483 21.25 -8.05 -16.36
C HIS F 483 19.80 -8.52 -16.42
N PHE F 484 18.96 -8.13 -15.47
CA PHE F 484 17.53 -8.25 -15.67
C PHE F 484 17.08 -7.21 -16.68
N GLU F 485 16.01 -7.54 -17.42
CA GLU F 485 15.55 -6.66 -18.47
C GLU F 485 14.05 -6.82 -18.64
N SER F 486 13.34 -5.70 -18.62
CA SER F 486 11.89 -5.71 -18.75
C SER F 486 11.45 -4.51 -19.56
N ARG F 487 10.13 -4.40 -19.74
CA ARG F 487 9.52 -3.33 -20.51
C ARG F 487 8.90 -2.24 -19.66
N MET F 488 8.08 -2.60 -18.67
CA MET F 488 7.47 -1.64 -17.76
C MET F 488 8.48 -1.01 -16.80
N SER F 489 9.68 -1.58 -16.69
CA SER F 489 10.74 -1.00 -15.90
C SER F 489 12.01 -1.04 -16.74
N LYS F 490 12.70 0.09 -17.00
CA LYS F 490 12.65 1.48 -16.42
C LYS F 490 12.65 1.60 -14.88
N CYS F 491 13.75 1.23 -14.20
CA CYS F 491 15.05 0.94 -14.80
C CYS F 491 15.26 -0.51 -15.23
N SER F 492 16.31 -0.72 -16.03
CA SER F 492 16.66 -1.99 -16.67
C SER F 492 15.53 -2.57 -17.52
N ARG F 493 15.18 -1.95 -18.66
CA ARG F 493 15.94 -0.86 -19.28
C ARG F 493 15.05 0.32 -19.61
N PHE F 494 15.69 1.47 -19.82
CA PHE F 494 14.96 2.69 -20.14
C PHE F 494 14.36 2.62 -21.55
N LEU F 495 15.01 1.87 -22.43
CA LEU F 495 14.70 1.97 -23.85
C LEU F 495 13.43 1.20 -24.20
N ASN F 496 12.80 1.62 -25.28
CA ASN F 496 11.56 1.00 -25.77
C ASN F 496 11.87 0.04 -26.91
N ASP F 497 12.55 -1.04 -26.55
CA ASP F 497 13.15 -1.91 -27.55
C ASP F 497 12.10 -2.76 -28.24
N THR F 498 12.18 -2.80 -29.57
CA THR F 498 11.29 -3.61 -30.38
C THR F 498 11.69 -5.08 -30.22
N THR F 499 10.76 -5.96 -30.59
CA THR F 499 10.74 -7.39 -30.28
C THR F 499 10.92 -7.66 -28.78
N LEU F 500 10.46 -6.74 -27.94
CA LEU F 500 10.32 -6.96 -26.50
C LEU F 500 8.88 -6.64 -26.15
N PRO F 501 8.01 -7.63 -26.09
CA PRO F 501 6.58 -7.37 -25.85
C PRO F 501 6.29 -7.00 -24.40
N HIS F 502 5.00 -6.96 -24.07
CA HIS F 502 4.61 -6.88 -22.68
C HIS F 502 4.25 -8.28 -22.19
N SER F 503 4.10 -8.40 -20.86
CA SER F 503 3.87 -9.66 -20.14
C SER F 503 4.99 -10.67 -20.42
N CYS F 504 6.23 -10.21 -20.35
CA CYS F 504 7.42 -11.02 -20.58
C CYS F 504 8.61 -10.29 -20.00
N PHE F 505 9.76 -10.97 -19.94
CA PHE F 505 10.99 -10.30 -19.53
C PHE F 505 12.18 -11.02 -20.14
N ARG F 506 13.29 -10.30 -20.25
CA ARG F 506 14.53 -10.86 -20.81
C ARG F 506 15.53 -11.09 -19.70
N ILE F 507 16.28 -12.19 -19.83
CA ILE F 507 17.44 -12.45 -18.98
C ILE F 507 18.65 -12.58 -19.88
N GLN F 508 19.70 -11.82 -19.61
CA GLN F 508 20.92 -11.92 -20.38
C GLN F 508 21.73 -13.10 -19.84
N HIS F 509 21.52 -14.26 -20.44
CA HIS F 509 22.21 -15.48 -20.07
C HIS F 509 23.62 -15.52 -20.66
N TYR F 510 24.37 -16.57 -20.30
CA TYR F 510 25.68 -16.79 -20.90
C TYR F 510 25.54 -17.11 -22.38
N ALA F 511 24.42 -17.72 -22.76
CA ALA F 511 24.06 -17.92 -24.16
C ALA F 511 23.51 -16.66 -24.81
N GLY F 512 23.19 -15.64 -24.03
CA GLY F 512 22.64 -14.41 -24.59
C GLY F 512 21.27 -14.16 -24.01
N LYS F 513 20.64 -13.11 -24.52
CA LYS F 513 19.35 -12.66 -24.01
C LYS F 513 18.24 -13.65 -24.40
N VAL F 514 17.49 -14.09 -23.41
CA VAL F 514 16.40 -15.04 -23.58
C VAL F 514 15.12 -14.39 -23.07
N LEU F 515 14.07 -14.45 -23.88
CA LEU F 515 12.78 -13.89 -23.52
C LEU F 515 11.90 -14.95 -22.87
N TYR F 516 11.28 -14.61 -21.76
CA TYR F 516 10.41 -15.49 -21.00
C TYR F 516 9.03 -14.89 -20.92
N GLN F 517 8.04 -15.63 -21.43
CA GLN F 517 6.65 -15.20 -21.32
C GLN F 517 6.13 -15.51 -19.92
N VAL F 518 5.52 -14.49 -19.31
CA VAL F 518 5.12 -14.55 -17.90
C VAL F 518 3.86 -15.38 -17.68
N GLU F 519 3.21 -15.81 -18.77
CA GLU F 519 1.95 -16.53 -18.69
C GLU F 519 2.13 -17.90 -18.05
N GLY F 520 1.50 -18.10 -16.89
CA GLY F 520 1.46 -19.40 -16.27
C GLY F 520 2.56 -19.70 -15.28
N PHE F 521 3.29 -18.70 -14.81
CA PHE F 521 4.33 -18.95 -13.81
C PHE F 521 3.72 -19.33 -12.47
N VAL F 522 2.77 -18.51 -11.99
CA VAL F 522 2.12 -18.77 -10.70
C VAL F 522 1.25 -20.02 -10.78
N ASP F 523 0.74 -20.31 -11.98
CA ASP F 523 -0.02 -21.53 -12.18
C ASP F 523 0.87 -22.76 -12.06
N LYS F 524 2.12 -22.65 -12.52
CA LYS F 524 3.01 -23.80 -12.51
C LYS F 524 3.92 -23.87 -11.29
N ASN F 525 3.87 -22.88 -10.40
CA ASN F 525 4.56 -23.04 -9.13
C ASN F 525 3.70 -23.81 -8.12
N ASN F 526 2.39 -23.90 -8.35
CA ASN F 526 1.47 -24.49 -7.39
C ASN F 526 1.71 -25.99 -7.25
N ASP F 527 2.14 -26.40 -6.06
CA ASP F 527 2.48 -27.78 -5.81
C ASP F 527 1.89 -28.20 -4.46
N LEU F 528 0.61 -27.88 -4.24
CA LEU F 528 0.03 -28.22 -2.95
C LEU F 528 -0.38 -29.70 -2.94
N LEU F 529 0.30 -30.46 -2.11
CA LEU F 529 0.11 -31.88 -1.95
C LEU F 529 -0.25 -32.16 -0.49
N TYR F 530 -1.24 -31.43 0.02
CA TYR F 530 -1.61 -31.42 1.43
C TYR F 530 -2.05 -32.77 1.97
N ARG F 531 -2.22 -32.85 3.29
CA ARG F 531 -2.17 -34.12 4.00
C ARG F 531 -3.34 -35.04 3.67
N ASP F 532 -4.45 -34.49 3.18
CA ASP F 532 -5.61 -35.35 2.92
C ASP F 532 -5.42 -36.18 1.67
N LEU F 533 -4.65 -35.67 0.71
CA LEU F 533 -4.35 -36.45 -0.49
C LEU F 533 -3.38 -37.58 -0.17
N SER F 534 -2.39 -37.30 0.68
CA SER F 534 -1.40 -38.32 1.01
C SER F 534 -1.99 -39.38 1.94
N GLN F 535 -2.80 -38.95 2.91
CA GLN F 535 -3.45 -39.92 3.79
C GLN F 535 -4.53 -40.69 3.04
N ALA F 536 -5.18 -40.05 2.08
CA ALA F 536 -6.20 -40.72 1.28
C ALA F 536 -5.58 -41.77 0.37
N MET F 537 -4.51 -41.41 -0.34
CA MET F 537 -3.88 -42.38 -1.23
C MET F 537 -3.05 -43.40 -0.46
N TRP F 538 -2.66 -43.10 0.77
CA TRP F 538 -2.11 -44.14 1.64
C TRP F 538 -3.20 -45.11 2.08
N LYS F 539 -4.42 -44.59 2.25
CA LYS F 539 -5.56 -45.44 2.63
C LYS F 539 -6.01 -46.35 1.49
N ALA F 540 -5.67 -46.00 0.24
CA ALA F 540 -6.14 -46.76 -0.91
C ALA F 540 -5.52 -48.16 -0.95
N GLY F 541 -6.30 -49.11 -1.45
CA GLY F 541 -5.95 -50.52 -1.34
C GLY F 541 -4.79 -50.97 -2.20
N HIS F 542 -4.38 -50.16 -3.17
CA HIS F 542 -3.26 -50.54 -4.02
C HIS F 542 -1.95 -50.41 -3.25
N ALA F 543 -1.16 -51.48 -3.25
CA ALA F 543 0.07 -51.50 -2.46
C ALA F 543 1.15 -50.61 -3.06
N LEU F 544 1.08 -50.36 -4.37
CA LEU F 544 2.07 -49.48 -5.00
C LEU F 544 1.86 -48.05 -4.54
N ILE F 545 0.60 -47.63 -4.42
CA ILE F 545 0.30 -46.25 -4.04
C ILE F 545 0.62 -46.04 -2.56
N LYS F 546 0.50 -47.10 -1.76
CA LYS F 546 1.06 -47.06 -0.41
C LYS F 546 2.58 -46.95 -0.45
N SER F 547 3.21 -47.63 -1.41
CA SER F 547 4.65 -47.58 -1.52
C SER F 547 5.17 -46.26 -2.05
N LEU F 548 4.31 -45.43 -2.65
CA LEU F 548 4.70 -44.13 -3.16
C LEU F 548 4.63 -43.04 -2.11
N PHE F 549 3.70 -43.14 -1.16
CA PHE F 549 3.45 -42.08 -0.18
C PHE F 549 3.68 -42.64 1.21
N PRO F 550 4.94 -42.69 1.68
CA PRO F 550 5.18 -43.18 3.04
C PRO F 550 4.78 -42.18 4.11
N GLU F 551 4.59 -40.91 3.77
CA GLU F 551 4.18 -39.90 4.72
C GLU F 551 2.67 -39.79 4.86
N GLY F 552 1.92 -40.63 4.17
CA GLY F 552 0.47 -40.67 4.29
C GLY F 552 -0.03 -41.41 5.50
N ASN F 553 0.85 -41.97 6.31
CA ASN F 553 0.47 -42.60 7.56
C ASN F 553 0.21 -41.52 8.60
N PRO F 554 -0.97 -41.48 9.22
CA PRO F 554 -1.21 -40.49 10.28
C PRO F 554 -0.48 -40.77 11.58
N ALA F 555 0.02 -41.99 11.77
CA ALA F 555 0.93 -42.30 12.86
C ALA F 555 2.26 -41.57 12.71
N LYS F 556 2.64 -41.24 11.49
CA LYS F 556 3.78 -40.39 11.20
C LYS F 556 3.28 -38.96 11.07
N VAL F 557 3.67 -38.10 12.00
CA VAL F 557 3.28 -36.70 11.98
C VAL F 557 3.83 -36.06 10.71
N ASN F 558 2.99 -35.25 10.05
CA ASN F 558 3.19 -34.97 8.62
C ASN F 558 4.47 -34.22 8.36
N LEU F 559 4.52 -32.92 8.67
CA LEU F 559 5.55 -32.17 9.40
C LEU F 559 5.18 -30.69 9.25
N LYS F 560 6.13 -29.83 9.60
CA LYS F 560 6.29 -28.58 8.84
C LYS F 560 6.29 -28.98 7.37
N ARG F 561 5.26 -28.60 6.63
CA ARG F 561 5.02 -29.18 5.30
C ARG F 561 4.26 -28.21 4.40
N PRO F 562 4.96 -27.26 3.77
CA PRO F 562 4.31 -26.44 2.75
C PRO F 562 4.64 -26.92 1.34
N PRO F 563 4.03 -26.28 0.32
CA PRO F 563 4.61 -26.24 -1.04
C PRO F 563 5.95 -25.47 -1.10
N THR F 564 6.73 -25.30 -2.21
CA THR F 564 6.37 -25.12 -3.63
C THR F 564 7.19 -25.90 -4.64
N ALA F 565 6.95 -25.61 -5.92
CA ALA F 565 7.67 -26.29 -6.99
C ALA F 565 9.08 -25.75 -7.15
N GLY F 566 9.21 -24.42 -7.26
CA GLY F 566 10.52 -23.82 -7.47
C GLY F 566 11.47 -24.00 -6.31
N SER F 567 10.93 -24.20 -5.11
CA SER F 567 11.77 -24.59 -3.98
C SER F 567 12.31 -26.00 -4.15
N GLN F 568 11.49 -26.89 -4.72
CA GLN F 568 11.93 -28.27 -4.97
C GLN F 568 12.98 -28.32 -6.06
N PHE F 569 12.78 -27.57 -7.15
CA PHE F 569 13.78 -27.55 -8.21
C PHE F 569 15.04 -26.80 -7.77
N LYS F 570 14.90 -25.80 -6.91
CA LYS F 570 16.06 -25.09 -6.40
C LYS F 570 16.89 -25.98 -5.48
N ALA F 571 16.23 -26.71 -4.59
CA ALA F 571 16.93 -27.62 -3.69
C ALA F 571 17.46 -28.84 -4.45
N SER F 572 16.84 -29.17 -5.58
CA SER F 572 17.30 -30.31 -6.36
C SER F 572 18.52 -29.94 -7.20
N VAL F 573 18.55 -28.72 -7.74
CA VAL F 573 19.74 -28.25 -8.45
C VAL F 573 20.88 -28.03 -7.46
N ALA F 574 20.57 -27.55 -6.27
CA ALA F 574 21.61 -27.37 -5.26
C ALA F 574 22.12 -28.71 -4.75
N THR F 575 21.25 -29.70 -4.63
CA THR F 575 21.65 -31.01 -4.12
C THR F 575 22.44 -31.78 -5.16
N LEU F 576 21.96 -31.79 -6.42
CA LEU F 576 22.70 -32.40 -7.53
C LEU F 576 24.03 -31.69 -7.76
N MET F 577 24.05 -30.38 -7.54
CA MET F 577 25.29 -29.62 -7.65
C MET F 577 26.25 -30.02 -6.54
N LYS F 578 25.73 -30.29 -5.34
CA LYS F 578 26.57 -30.71 -4.22
C LYS F 578 27.19 -32.08 -4.46
N ASN F 579 26.33 -33.07 -4.80
CA ASN F 579 26.83 -34.42 -5.07
C ASN F 579 27.69 -34.46 -6.31
N LEU F 580 27.48 -33.51 -7.23
CA LEU F 580 28.34 -33.41 -8.40
C LEU F 580 29.72 -32.89 -8.03
N GLN F 581 29.79 -31.80 -7.30
CA GLN F 581 31.06 -31.17 -7.02
C GLN F 581 31.86 -31.88 -5.93
N THR F 582 31.26 -32.84 -5.22
CA THR F 582 32.06 -33.69 -4.34
C THR F 582 32.91 -34.71 -5.11
N LYS F 583 32.69 -34.88 -6.41
CA LYS F 583 33.49 -35.74 -7.27
C LYS F 583 34.32 -34.89 -8.22
N ASN F 584 35.09 -35.56 -9.08
CA ASN F 584 35.98 -34.87 -10.00
C ASN F 584 35.34 -34.78 -11.38
N PRO F 585 35.10 -33.58 -11.89
CA PRO F 585 34.43 -33.46 -13.19
C PRO F 585 35.35 -33.68 -14.39
N ASN F 586 34.87 -34.48 -15.33
CA ASN F 586 35.42 -34.57 -16.67
C ASN F 586 34.25 -34.40 -17.63
N TYR F 587 34.53 -33.92 -18.83
CA TYR F 587 33.48 -33.13 -19.46
C TYR F 587 33.35 -33.40 -20.96
N ILE F 588 32.10 -33.41 -21.44
CA ILE F 588 31.74 -33.67 -22.83
C ILE F 588 30.57 -32.76 -23.20
N ARG F 589 30.70 -32.04 -24.32
CA ARG F 589 29.56 -31.38 -24.95
C ARG F 589 29.32 -32.00 -26.31
N CYS F 590 28.06 -32.25 -26.64
CA CYS F 590 27.68 -32.90 -27.90
C CYS F 590 26.99 -31.90 -28.80
N ILE F 591 27.26 -32.00 -30.10
CA ILE F 591 26.74 -31.07 -31.09
C ILE F 591 26.10 -31.89 -32.21
N LYS F 592 24.88 -31.56 -32.58
CA LYS F 592 24.33 -32.10 -33.81
C LYS F 592 24.73 -31.21 -34.99
N PRO F 593 25.20 -31.78 -36.11
CA PRO F 593 25.55 -30.94 -37.26
C PRO F 593 24.39 -30.58 -38.17
N ASN F 594 23.24 -31.24 -38.01
CA ASN F 594 22.04 -30.85 -38.73
C ASN F 594 20.84 -31.19 -37.86
N ASP F 595 19.66 -30.82 -38.35
CA ASP F 595 18.41 -31.20 -37.72
C ASP F 595 17.71 -32.34 -38.44
N LYS F 596 18.42 -33.07 -39.32
CA LYS F 596 17.81 -34.09 -40.14
C LYS F 596 18.45 -35.47 -40.01
N LYS F 597 19.45 -35.63 -39.12
CA LYS F 597 20.09 -36.90 -38.78
C LYS F 597 20.75 -37.56 -40.00
N ALA F 598 21.50 -36.77 -40.76
CA ALA F 598 22.19 -37.23 -41.95
C ALA F 598 23.69 -37.20 -41.73
N ALA F 599 24.44 -37.83 -42.64
CA ALA F 599 25.86 -38.06 -42.41
C ALA F 599 26.72 -36.96 -43.02
N HIS F 600 26.24 -36.30 -44.07
CA HIS F 600 27.05 -35.35 -44.82
C HIS F 600 26.41 -33.98 -44.94
N ILE F 601 25.46 -33.64 -44.10
CA ILE F 601 24.85 -32.32 -44.10
C ILE F 601 25.41 -31.52 -42.92
N PHE F 602 25.98 -30.36 -43.21
CA PHE F 602 26.48 -29.46 -42.17
C PHE F 602 25.80 -28.11 -42.35
N SER F 603 24.89 -27.78 -41.43
CA SER F 603 24.17 -26.52 -41.45
C SER F 603 24.87 -25.57 -40.50
N GLU F 604 25.48 -24.52 -41.05
CA GLU F 604 26.32 -23.63 -40.25
C GLU F 604 25.50 -22.80 -39.27
N SER F 605 24.28 -22.41 -39.65
CA SER F 605 23.46 -21.57 -38.79
C SER F 605 22.97 -22.34 -37.56
N LEU F 606 22.66 -23.63 -37.72
CA LEU F 606 22.21 -24.42 -36.59
C LEU F 606 23.36 -24.74 -35.65
N VAL F 607 24.53 -25.06 -36.20
CA VAL F 607 25.71 -25.34 -35.39
C VAL F 607 26.16 -24.09 -34.65
N CYS F 608 25.95 -22.91 -35.24
CA CYS F 608 26.17 -21.64 -34.54
C CYS F 608 25.29 -21.55 -33.29
N HIS F 609 24.02 -21.94 -33.40
CA HIS F 609 23.15 -21.97 -32.24
C HIS F 609 23.58 -23.04 -31.24
N GLN F 610 24.20 -24.12 -31.72
CA GLN F 610 24.71 -25.14 -30.82
C GLN F 610 25.91 -24.64 -30.04
N ILE F 611 26.72 -23.78 -30.66
CA ILE F 611 27.84 -23.16 -29.94
C ILE F 611 27.32 -22.14 -28.94
N ARG F 612 26.28 -21.41 -29.32
CA ARG F 612 25.73 -20.38 -28.43
C ARG F 612 25.06 -21.00 -27.21
N TYR F 613 24.28 -22.06 -27.40
CA TYR F 613 23.55 -22.67 -26.29
C TYR F 613 24.50 -23.30 -25.29
N LEU F 614 25.52 -24.00 -25.77
CA LEU F 614 26.51 -24.61 -24.88
C LEU F 614 27.52 -23.60 -24.38
N GLY F 615 27.80 -22.56 -25.13
CA GLY F 615 28.77 -21.56 -24.69
C GLY F 615 30.20 -22.02 -24.80
N LEU F 616 30.61 -22.53 -25.96
CA LEU F 616 31.99 -22.97 -26.13
C LEU F 616 32.94 -21.79 -26.25
N LEU F 617 32.42 -20.63 -26.67
CA LEU F 617 33.28 -19.49 -26.97
C LEU F 617 33.88 -18.89 -25.70
N GLU F 618 33.05 -18.71 -24.66
CA GLU F 618 33.56 -18.20 -23.40
C GLU F 618 34.39 -19.25 -22.68
N ASN F 619 34.15 -20.53 -22.98
CA ASN F 619 35.03 -21.60 -22.53
C ASN F 619 36.43 -21.40 -23.08
N VAL F 620 36.55 -21.12 -24.39
CA VAL F 620 37.86 -20.88 -24.97
C VAL F 620 38.48 -19.61 -24.40
N ARG F 621 37.65 -18.59 -24.20
CA ARG F 621 38.11 -17.31 -23.68
C ARG F 621 38.67 -17.43 -22.26
N VAL F 622 38.12 -18.36 -21.48
CA VAL F 622 38.65 -18.55 -20.13
C VAL F 622 39.78 -19.58 -20.06
N ARG F 623 39.84 -20.54 -20.99
CA ARG F 623 40.97 -21.47 -20.98
C ARG F 623 42.23 -20.83 -21.55
N ARG F 624 42.07 -19.80 -22.38
CA ARG F 624 43.23 -19.20 -23.05
C ARG F 624 44.04 -18.31 -22.09
N ALA F 625 43.46 -17.98 -20.94
CA ALA F 625 43.48 -16.67 -20.31
C ALA F 625 44.74 -15.82 -20.48
N GLY F 626 45.89 -16.30 -20.03
CA GLY F 626 47.08 -15.51 -20.21
C GLY F 626 47.99 -15.99 -21.33
N TYR F 627 48.27 -17.28 -21.34
CA TYR F 627 49.21 -17.89 -22.28
C TYR F 627 48.50 -19.02 -22.99
N ALA F 628 48.36 -18.91 -24.30
CA ALA F 628 47.48 -19.80 -25.05
C ALA F 628 48.07 -21.17 -25.35
N PHE F 629 49.34 -21.41 -24.99
CA PHE F 629 49.89 -22.75 -25.12
C PHE F 629 50.96 -22.95 -24.07
N ARG F 630 51.15 -24.19 -23.64
CA ARG F 630 52.18 -24.51 -22.66
C ARG F 630 52.51 -25.99 -22.75
N GLN F 631 53.75 -26.33 -22.35
CA GLN F 631 54.14 -27.73 -22.20
C GLN F 631 55.42 -27.80 -21.39
N ALA F 632 55.76 -29.01 -20.95
CA ALA F 632 56.99 -29.19 -20.18
C ALA F 632 58.22 -29.00 -21.05
N TYR F 633 59.36 -28.79 -20.39
CA TYR F 633 60.60 -28.48 -21.12
C TYR F 633 61.11 -29.67 -21.91
N GLU F 634 60.86 -30.88 -21.40
CA GLU F 634 61.37 -32.07 -22.08
C GLU F 634 60.68 -32.38 -23.41
N PRO F 635 59.34 -32.39 -23.56
CA PRO F 635 58.81 -32.62 -24.91
C PRO F 635 59.02 -31.44 -25.85
N CYS F 636 59.26 -30.25 -25.29
CA CYS F 636 59.59 -29.10 -26.11
C CYS F 636 60.99 -29.24 -26.70
N LEU F 637 61.95 -29.65 -25.87
CA LEU F 637 63.32 -29.83 -26.35
C LEU F 637 63.42 -31.02 -27.29
N GLU F 638 62.74 -32.13 -26.96
CA GLU F 638 62.74 -33.30 -27.82
C GLU F 638 61.98 -33.03 -29.11
N ARG F 639 61.00 -32.13 -29.07
CA ARG F 639 60.27 -31.81 -30.29
C ARG F 639 61.09 -30.88 -31.18
N TYR F 640 61.75 -29.89 -30.60
CA TYR F 640 62.44 -28.87 -31.40
C TYR F 640 63.95 -28.86 -31.20
N LYS F 641 64.59 -30.02 -31.07
CA LYS F 641 66.05 -30.02 -30.95
C LYS F 641 66.74 -29.76 -32.28
N MET F 642 66.05 -30.01 -33.40
CA MET F 642 66.70 -29.92 -34.71
C MET F 642 66.78 -28.51 -35.26
N LEU F 643 66.23 -27.51 -34.56
CA LEU F 643 66.28 -26.13 -35.02
C LEU F 643 67.47 -25.36 -34.46
N CYS F 644 68.26 -25.98 -33.59
CA CYS F 644 69.40 -25.33 -32.96
C CYS F 644 70.64 -26.18 -33.15
N LYS F 645 71.73 -25.54 -33.56
CA LYS F 645 73.00 -26.21 -33.76
C LYS F 645 73.74 -26.48 -32.46
N GLN F 646 73.23 -26.01 -31.34
CA GLN F 646 73.75 -26.38 -30.03
C GLN F 646 72.95 -27.50 -29.37
N THR F 647 71.78 -27.84 -29.91
CA THR F 647 71.01 -28.98 -29.44
C THR F 647 71.02 -30.12 -30.44
N TRP F 648 71.58 -29.91 -31.63
CA TRP F 648 71.63 -30.94 -32.66
C TRP F 648 73.06 -31.43 -32.79
N PRO F 649 73.32 -32.73 -32.56
CA PRO F 649 72.35 -33.74 -32.12
C PRO F 649 72.20 -33.77 -30.60
N HIS F 650 72.87 -32.86 -29.90
CA HIS F 650 72.87 -32.85 -28.44
C HIS F 650 73.37 -31.49 -27.95
N TRP F 651 72.83 -31.01 -26.83
CA TRP F 651 71.62 -31.56 -26.20
C TRP F 651 70.46 -30.53 -26.04
N LYS F 652 70.59 -29.32 -25.47
CA LYS F 652 71.69 -28.77 -24.67
C LYS F 652 71.22 -28.67 -23.23
N GLY F 653 71.94 -29.32 -22.31
CA GLY F 653 71.48 -29.47 -20.95
C GLY F 653 71.81 -28.28 -20.05
N PRO F 654 70.92 -27.94 -19.11
CA PRO F 654 69.60 -28.52 -18.84
C PRO F 654 68.54 -28.02 -19.82
N ALA F 655 67.32 -28.58 -19.73
CA ALA F 655 66.33 -28.42 -20.80
C ALA F 655 65.85 -26.98 -20.94
N ARG F 656 65.78 -26.24 -19.84
CA ARG F 656 65.44 -24.83 -19.90
C ARG F 656 66.50 -24.04 -20.65
N SER F 657 67.76 -24.40 -20.48
CA SER F 657 68.83 -23.71 -21.19
C SER F 657 68.82 -24.07 -22.68
N GLY F 658 68.42 -25.30 -23.00
CA GLY F 658 68.36 -25.70 -24.39
C GLY F 658 67.21 -25.04 -25.13
N VAL F 659 66.07 -24.91 -24.47
CA VAL F 659 64.97 -24.14 -25.03
C VAL F 659 65.35 -22.67 -25.13
N GLU F 660 66.17 -22.18 -24.19
CA GLU F 660 66.59 -20.78 -24.21
C GLU F 660 67.53 -20.49 -25.37
N VAL F 661 68.53 -21.35 -25.60
CA VAL F 661 69.44 -21.13 -26.72
C VAL F 661 68.75 -21.45 -28.04
N LEU F 662 67.72 -22.30 -27.99
CA LEU F 662 66.86 -22.51 -29.14
C LEU F 662 66.14 -21.22 -29.54
N PHE F 663 65.54 -20.54 -28.55
CA PHE F 663 64.87 -19.28 -28.80
C PHE F 663 65.85 -18.18 -29.20
N ASN F 664 67.06 -18.21 -28.65
CA ASN F 664 68.04 -17.18 -28.95
C ASN F 664 68.63 -17.34 -30.34
N GLU F 665 68.75 -18.57 -30.83
CA GLU F 665 69.14 -18.73 -32.23
C GLU F 665 67.97 -18.42 -33.16
N LEU F 666 66.77 -18.87 -32.81
CA LEU F 666 65.61 -18.68 -33.68
C LEU F 666 65.00 -17.28 -33.59
N GLU F 667 65.60 -16.38 -32.80
CA GLU F 667 65.28 -14.96 -32.72
C GLU F 667 63.83 -14.70 -32.33
N ILE F 668 63.39 -15.35 -31.25
CA ILE F 668 62.04 -15.17 -30.73
C ILE F 668 62.05 -14.00 -29.75
N PRO F 669 61.10 -13.07 -29.85
CA PRO F 669 61.04 -11.96 -28.89
C PRO F 669 60.74 -12.44 -27.48
N VAL F 670 61.18 -11.67 -26.49
CA VAL F 670 61.08 -12.05 -25.08
C VAL F 670 59.63 -12.07 -24.62
N GLU F 671 58.79 -11.19 -25.17
CA GLU F 671 57.39 -11.11 -24.80
C GLU F 671 56.54 -12.24 -25.40
N GLU F 672 57.13 -13.18 -26.12
CA GLU F 672 56.41 -14.30 -26.71
C GLU F 672 56.28 -15.47 -25.76
N TYR F 673 57.08 -15.54 -24.70
CA TYR F 673 57.21 -16.75 -23.92
C TYR F 673 57.48 -16.38 -22.46
N SER F 674 57.44 -17.39 -21.61
CA SER F 674 57.87 -17.24 -20.23
C SER F 674 58.32 -18.59 -19.70
N PHE F 675 59.32 -18.56 -18.82
CA PHE F 675 59.89 -19.77 -18.24
C PHE F 675 59.18 -20.06 -16.92
N GLY F 676 58.48 -21.18 -16.85
CA GLY F 676 57.98 -21.68 -15.60
C GLY F 676 59.01 -22.52 -14.90
N ARG F 677 58.58 -23.14 -13.80
CA ARG F 677 59.48 -24.02 -13.06
C ARG F 677 59.69 -25.36 -13.75
N SER F 678 58.67 -25.88 -14.41
CA SER F 678 58.79 -27.18 -15.05
C SER F 678 58.16 -27.18 -16.44
N LYS F 679 57.70 -26.01 -16.89
CA LYS F 679 57.05 -25.87 -18.19
C LYS F 679 57.50 -24.59 -18.88
N ILE F 680 57.55 -24.65 -20.20
CA ILE F 680 57.71 -23.50 -21.06
C ILE F 680 56.31 -23.00 -21.44
N PHE F 681 56.16 -21.67 -21.43
CA PHE F 681 54.88 -20.99 -21.60
C PHE F 681 54.89 -20.11 -22.85
N ILE F 682 53.82 -20.20 -23.64
CA ILE F 682 53.71 -19.57 -24.95
C ILE F 682 52.42 -18.76 -24.99
N ARG F 683 52.53 -17.48 -25.42
CA ARG F 683 51.45 -16.53 -25.24
C ARG F 683 50.40 -16.62 -26.34
N ASN F 684 50.82 -16.65 -27.60
CA ASN F 684 49.95 -16.61 -28.77
C ASN F 684 50.44 -17.70 -29.71
N PRO F 685 49.56 -18.45 -30.36
CA PRO F 685 50.00 -19.44 -31.36
C PRO F 685 50.71 -18.90 -32.60
N ARG F 686 50.96 -17.58 -32.73
CA ARG F 686 51.81 -17.09 -33.81
C ARG F 686 53.21 -17.69 -33.73
N THR F 687 53.76 -17.76 -32.50
CA THR F 687 55.06 -18.38 -32.29
C THR F 687 54.99 -19.88 -32.50
N LEU F 688 53.87 -20.48 -32.11
CA LEU F 688 53.72 -21.93 -32.18
C LEU F 688 53.67 -22.41 -33.62
N PHE F 689 52.80 -21.82 -34.44
CA PHE F 689 52.74 -22.19 -35.86
C PHE F 689 53.98 -21.76 -36.62
N GLN F 690 54.69 -20.72 -36.15
CA GLN F 690 56.00 -20.40 -36.72
C GLN F 690 56.98 -21.55 -36.50
N LEU F 691 57.03 -22.08 -35.27
CA LEU F 691 57.95 -23.17 -34.96
C LEU F 691 57.53 -24.46 -35.65
N GLU F 692 56.22 -24.66 -35.84
CA GLU F 692 55.75 -25.82 -36.60
C GLU F 692 56.14 -25.71 -38.06
N ASP F 693 56.18 -24.48 -38.58
CA ASP F 693 56.62 -24.26 -39.95
C ASP F 693 58.11 -24.58 -40.10
N LEU F 694 58.94 -24.15 -39.14
CA LEU F 694 60.38 -24.41 -39.23
C LEU F 694 60.69 -25.90 -39.04
N ARG F 695 59.99 -26.55 -38.11
CA ARG F 695 60.18 -27.99 -37.91
C ARG F 695 59.72 -28.78 -39.12
N LYS F 696 58.61 -28.35 -39.74
CA LYS F 696 58.15 -28.92 -41.00
C LYS F 696 59.17 -28.73 -42.11
N GLN F 697 59.94 -27.64 -42.07
CA GLN F 697 61.00 -27.45 -43.05
C GLN F 697 62.16 -28.40 -42.82
N ARG F 698 62.61 -28.57 -41.56
CA ARG F 698 63.80 -29.38 -41.33
C ARG F 698 63.52 -30.88 -41.41
N LEU F 699 62.24 -31.27 -41.33
CA LEU F 699 61.88 -32.69 -41.39
C LEU F 699 62.27 -33.31 -42.73
N GLU F 700 62.07 -32.58 -43.83
CA GLU F 700 62.46 -33.06 -45.16
C GLU F 700 63.97 -33.16 -45.28
N ASP F 701 64.70 -32.31 -44.57
CA ASP F 701 66.15 -32.40 -44.57
C ASP F 701 66.63 -33.64 -43.83
N LEU F 702 65.93 -34.02 -42.76
CA LEU F 702 66.31 -35.24 -42.06
C LEU F 702 66.01 -36.49 -42.88
N ALA F 703 64.84 -36.54 -43.53
CA ALA F 703 64.50 -37.68 -44.37
C ALA F 703 65.40 -37.74 -45.61
N THR F 704 65.81 -36.56 -46.10
CA THR F 704 66.75 -36.50 -47.22
C THR F 704 68.12 -37.02 -46.81
N LEU F 705 68.53 -36.73 -45.56
CA LEU F 705 69.79 -37.25 -45.04
C LEU F 705 69.76 -38.77 -44.93
N ILE F 706 68.62 -39.31 -44.45
CA ILE F 706 68.49 -40.76 -44.32
C ILE F 706 68.50 -41.44 -45.68
N GLN F 707 67.78 -40.89 -46.65
CA GLN F 707 67.74 -41.50 -47.98
C GLN F 707 69.08 -41.34 -48.70
N LYS F 708 69.82 -40.29 -48.38
CA LYS F 708 71.14 -40.08 -48.98
C LYS F 708 72.15 -41.11 -48.46
N ILE F 709 72.21 -41.29 -47.14
CA ILE F 709 73.17 -42.23 -46.57
C ILE F 709 72.75 -43.68 -46.88
N TYR F 710 71.44 -43.93 -46.98
CA TYR F 710 70.97 -45.27 -47.34
C TYR F 710 71.29 -45.62 -48.79
N ARG F 711 70.93 -44.72 -49.73
CA ARG F 711 71.20 -44.98 -51.14
C ARG F 711 72.70 -44.98 -51.41
N GLY F 712 73.46 -44.20 -50.65
CA GLY F 712 74.91 -44.28 -50.73
C GLY F 712 75.46 -45.59 -50.18
N TRP F 713 74.76 -46.18 -49.21
CA TRP F 713 75.13 -47.52 -48.76
C TRP F 713 74.83 -48.55 -49.85
N LYS F 714 73.78 -48.31 -50.64
CA LYS F 714 73.47 -49.22 -51.74
C LYS F 714 74.44 -49.10 -52.89
N CYS F 715 74.79 -47.87 -53.27
CA CYS F 715 75.70 -47.68 -54.41
C CYS F 715 77.13 -48.04 -54.03
N ARG F 716 77.52 -47.74 -52.79
CA ARG F 716 78.81 -48.20 -52.28
C ARG F 716 78.86 -49.72 -52.17
N THR F 717 77.74 -50.34 -51.77
CA THR F 717 77.69 -51.80 -51.67
C THR F 717 77.77 -52.45 -53.05
N HIS F 718 77.08 -51.87 -54.04
CA HIS F 718 77.15 -52.39 -55.41
C HIS F 718 78.53 -52.16 -56.01
N PHE F 719 79.21 -51.11 -55.59
CA PHE F 719 80.58 -50.85 -56.03
C PHE F 719 81.55 -51.87 -55.42
N LEU F 720 81.32 -52.24 -54.15
CA LEU F 720 82.18 -53.22 -53.51
C LEU F 720 81.93 -54.64 -54.04
N LEU F 721 80.68 -54.94 -54.41
CA LEU F 721 80.40 -56.22 -55.06
C LEU F 721 80.99 -56.25 -56.46
N MET F 722 80.94 -55.11 -57.16
CA MET F 722 81.50 -55.03 -58.50
C MET F 722 83.03 -55.14 -58.47
N LYS F 723 83.66 -54.63 -57.41
CA LYS F 723 85.08 -54.90 -57.21
C LYS F 723 85.31 -56.35 -56.80
N GLY F 724 84.37 -56.93 -56.05
CA GLY F 724 84.50 -58.32 -55.63
C GLY F 724 84.35 -59.33 -56.74
N LEU F 725 83.72 -58.95 -57.86
CA LEU F 725 83.64 -59.84 -59.00
C LEU F 725 84.79 -59.64 -59.96
N ASN F 726 85.07 -58.39 -60.33
CA ASN F 726 86.14 -58.06 -61.28
C ASN F 726 87.17 -57.20 -60.55
N ASP F 727 88.41 -57.70 -60.48
CA ASP F 727 89.46 -56.97 -59.80
C ASP F 727 89.92 -55.76 -60.60
N ILE F 728 89.98 -55.91 -61.93
CA ILE F 728 90.30 -54.81 -62.84
C ILE F 728 89.19 -54.73 -63.87
N PHE F 729 88.89 -53.52 -64.33
CA PHE F 729 87.75 -53.33 -65.23
C PHE F 729 88.20 -53.17 -66.68
N ALA G 1 91.02 -26.77 -53.42
CA ALA G 1 91.99 -27.35 -52.50
C ALA G 1 93.36 -27.51 -53.17
N ASP G 2 94.15 -28.46 -52.66
CA ASP G 2 95.52 -28.62 -53.15
C ASP G 2 95.62 -29.34 -54.50
N GLN G 3 95.18 -30.61 -54.66
CA GLN G 3 94.16 -31.39 -53.94
C GLN G 3 94.46 -32.89 -53.99
N LEU G 4 93.77 -33.66 -53.14
CA LEU G 4 93.47 -35.07 -53.41
C LEU G 4 94.66 -36.02 -53.59
N THR G 5 95.26 -36.48 -52.50
CA THR G 5 96.31 -37.50 -52.49
C THR G 5 95.91 -38.74 -53.29
N GLU G 6 96.95 -39.49 -53.70
CA GLU G 6 96.88 -40.44 -54.81
C GLU G 6 95.95 -41.63 -54.54
N GLU G 7 95.84 -42.05 -53.28
CA GLU G 7 95.05 -43.24 -52.96
C GLU G 7 93.56 -43.00 -53.17
N GLN G 8 93.14 -41.74 -53.22
CA GLN G 8 91.78 -41.42 -53.64
C GLN G 8 91.71 -41.17 -55.14
N ILE G 9 92.83 -40.78 -55.76
CA ILE G 9 92.87 -40.57 -57.21
C ILE G 9 92.63 -41.88 -57.94
N ALA G 10 93.21 -42.98 -57.42
CA ALA G 10 93.05 -44.28 -58.05
C ALA G 10 91.61 -44.78 -57.98
N GLU G 11 90.96 -44.55 -56.84
CA GLU G 11 89.55 -44.96 -56.69
C GLU G 11 88.64 -44.09 -57.54
N PHE G 12 88.92 -42.79 -57.61
CA PHE G 12 88.13 -41.89 -58.45
C PHE G 12 88.34 -42.18 -59.93
N LYS G 13 89.50 -42.75 -60.27
CA LYS G 13 89.81 -43.04 -61.66
C LYS G 13 89.20 -44.38 -62.09
N GLU G 14 89.18 -45.37 -61.19
CA GLU G 14 88.55 -46.63 -61.56
C GLU G 14 87.03 -46.52 -61.53
N ALA G 15 86.48 -45.73 -60.61
CA ALA G 15 85.05 -45.44 -60.65
C ALA G 15 84.72 -44.47 -61.77
N PHE G 16 85.68 -43.65 -62.18
CA PHE G 16 85.49 -42.74 -63.30
C PHE G 16 85.50 -43.49 -64.62
N SER G 17 86.27 -44.58 -64.68
CA SER G 17 86.36 -45.36 -65.91
C SER G 17 85.30 -46.46 -65.96
N LEU G 18 84.72 -46.79 -64.80
CA LEU G 18 83.74 -47.87 -64.75
C LEU G 18 82.43 -47.48 -65.44
N PHE G 19 81.95 -46.26 -65.20
CA PHE G 19 80.68 -45.81 -65.76
C PHE G 19 80.85 -45.06 -67.07
N ASP G 20 81.90 -45.38 -67.83
CA ASP G 20 82.12 -44.88 -69.19
C ASP G 20 81.87 -46.05 -70.14
N LYS G 21 80.78 -45.97 -70.92
CA LYS G 21 80.41 -47.05 -71.81
C LYS G 21 80.50 -46.70 -73.29
N ASP G 22 80.76 -45.44 -73.63
CA ASP G 22 80.90 -45.06 -75.03
C ASP G 22 82.35 -44.95 -75.50
N GLY G 23 83.31 -45.13 -74.60
CA GLY G 23 84.70 -44.95 -74.96
C GLY G 23 85.12 -43.51 -75.08
N ASP G 24 84.53 -42.61 -74.28
CA ASP G 24 84.80 -41.19 -74.37
C ASP G 24 85.99 -40.76 -73.53
N GLY G 25 86.13 -41.30 -72.32
CA GLY G 25 87.04 -40.74 -71.35
C GLY G 25 86.34 -39.91 -70.29
N THR G 26 85.01 -39.98 -70.24
CA THR G 26 84.23 -39.32 -69.20
C THR G 26 82.94 -40.11 -68.99
N ILE G 27 82.35 -39.92 -67.81
CA ILE G 27 81.12 -40.62 -67.48
C ILE G 27 79.96 -40.04 -68.26
N THR G 28 78.83 -40.75 -68.25
CA THR G 28 77.59 -40.17 -68.76
C THR G 28 76.92 -39.35 -67.66
N THR G 29 76.08 -38.41 -68.08
CA THR G 29 75.59 -37.38 -67.17
C THR G 29 74.33 -37.77 -66.43
N LYS G 30 73.67 -38.86 -66.82
CA LYS G 30 72.53 -39.37 -66.06
C LYS G 30 73.01 -40.17 -64.86
N GLU G 31 74.20 -40.74 -64.94
CA GLU G 31 74.79 -41.59 -63.93
C GLU G 31 75.77 -40.83 -63.03
N LEU G 32 75.90 -39.52 -63.26
CA LEU G 32 76.79 -38.59 -62.54
C LEU G 32 76.74 -38.67 -61.02
N GLY G 33 75.55 -38.89 -60.46
CA GLY G 33 75.44 -39.04 -59.02
C GLY G 33 75.91 -40.38 -58.50
N THR G 34 75.63 -41.45 -59.24
CA THR G 34 75.95 -42.80 -58.76
C THR G 34 77.45 -43.07 -58.89
N VAL G 35 78.14 -42.27 -59.72
CA VAL G 35 79.60 -42.21 -59.68
C VAL G 35 80.05 -41.76 -58.31
N MET G 36 79.46 -40.68 -57.81
CA MET G 36 79.88 -40.08 -56.55
C MET G 36 79.39 -40.90 -55.36
N ARG G 37 78.32 -41.66 -55.54
CA ARG G 37 77.75 -42.41 -54.43
C ARG G 37 78.29 -43.84 -54.39
N SER G 38 78.85 -44.30 -55.50
CA SER G 38 79.51 -45.60 -55.49
C SER G 38 80.84 -45.53 -54.76
N LEU G 39 81.46 -44.35 -54.73
CA LEU G 39 82.71 -44.18 -54.00
C LEU G 39 82.48 -43.76 -52.55
N GLY G 40 81.28 -43.32 -52.20
CA GLY G 40 80.95 -43.04 -50.81
C GLY G 40 80.96 -41.60 -50.38
N GLN G 41 81.02 -40.64 -51.32
CA GLN G 41 80.95 -39.25 -50.92
C GLN G 41 79.53 -38.79 -50.63
N ASN G 42 78.57 -39.19 -51.47
CA ASN G 42 77.13 -38.99 -51.33
C ASN G 42 76.71 -37.53 -51.25
N PRO G 43 76.70 -36.78 -52.35
CA PRO G 43 75.99 -35.50 -52.36
C PRO G 43 74.50 -35.69 -52.58
N THR G 44 73.73 -34.68 -52.19
CA THR G 44 72.31 -34.67 -52.50
C THR G 44 72.09 -34.36 -53.98
N GLU G 45 70.84 -34.55 -54.43
CA GLU G 45 70.56 -34.42 -55.85
C GLU G 45 70.52 -32.96 -56.30
N ALA G 46 69.92 -32.08 -55.48
CA ALA G 46 69.79 -30.69 -55.87
C ALA G 46 71.12 -29.95 -55.80
N GLU G 47 71.95 -30.30 -54.80
CA GLU G 47 73.29 -29.72 -54.71
C GLU G 47 74.18 -30.23 -55.82
N LEU G 48 73.94 -31.49 -56.25
CA LEU G 48 74.60 -32.00 -57.45
C LEU G 48 74.16 -31.22 -58.69
N GLN G 49 72.89 -30.83 -58.75
CA GLN G 49 72.39 -30.08 -59.89
C GLN G 49 72.98 -28.67 -59.93
N ASP G 50 73.12 -28.04 -58.78
CA ASP G 50 73.77 -26.73 -58.71
C ASP G 50 75.25 -26.83 -59.05
N MET G 51 75.91 -27.87 -58.52
CA MET G 51 77.34 -28.02 -58.74
C MET G 51 77.65 -28.38 -60.19
N ILE G 52 76.74 -29.08 -60.87
CA ILE G 52 76.97 -29.40 -62.27
C ILE G 52 76.55 -28.23 -63.16
N ASN G 53 75.61 -27.40 -62.70
CA ASN G 53 75.25 -26.22 -63.47
C ASN G 53 76.23 -25.07 -63.26
N GLU G 54 77.12 -25.19 -62.28
CA GLU G 54 78.16 -24.19 -62.10
C GLU G 54 79.20 -24.25 -63.23
N VAL G 55 79.57 -25.45 -63.64
CA VAL G 55 80.66 -25.60 -64.58
C VAL G 55 80.16 -25.79 -66.01
N ASP G 56 78.88 -26.16 -66.15
CA ASP G 56 78.31 -26.33 -67.49
C ASP G 56 77.64 -25.04 -67.94
N ALA G 57 77.83 -24.72 -69.23
CA ALA G 57 77.15 -23.60 -69.85
C ALA G 57 76.38 -24.04 -71.09
N ASP G 58 76.15 -25.35 -71.24
CA ASP G 58 75.43 -25.89 -72.39
C ASP G 58 74.16 -26.63 -72.03
N GLY G 59 73.97 -27.03 -70.77
CA GLY G 59 72.77 -27.73 -70.36
C GLY G 59 72.86 -29.22 -70.56
N ASN G 60 74.08 -29.76 -70.46
CA ASN G 60 74.28 -31.20 -70.60
C ASN G 60 74.98 -31.85 -69.41
N GLY G 61 75.90 -31.17 -68.73
CA GLY G 61 76.59 -31.72 -67.58
C GLY G 61 77.88 -32.45 -67.93
N THR G 62 78.38 -32.29 -69.15
CA THR G 62 79.55 -33.03 -69.59
C THR G 62 80.81 -32.44 -68.95
N ILE G 63 81.48 -33.24 -68.13
CA ILE G 63 82.70 -32.82 -67.45
C ILE G 63 83.84 -33.76 -67.80
N ASP G 64 85.02 -33.51 -67.23
CA ASP G 64 86.17 -34.38 -67.38
C ASP G 64 86.69 -34.75 -66.00
N PHE G 65 87.82 -35.44 -65.98
CA PHE G 65 88.37 -35.96 -64.73
C PHE G 65 88.92 -34.89 -63.77
N PRO G 66 89.62 -33.82 -64.20
CA PRO G 66 90.02 -32.80 -63.20
C PRO G 66 88.86 -32.00 -62.63
N GLU G 67 87.80 -31.76 -63.41
CA GLU G 67 86.62 -31.11 -62.87
C GLU G 67 85.92 -31.99 -61.84
N PHE G 68 85.93 -33.31 -62.09
CA PHE G 68 85.39 -34.26 -61.12
C PHE G 68 86.23 -34.29 -59.84
N LEU G 69 87.55 -34.19 -59.97
CA LEU G 69 88.42 -34.10 -58.80
C LEU G 69 88.16 -32.82 -58.02
N THR G 70 87.89 -31.72 -58.73
CA THR G 70 87.51 -30.46 -58.08
C THR G 70 86.23 -30.63 -57.29
N MET G 71 85.24 -31.30 -57.88
CA MET G 71 83.98 -31.58 -57.19
C MET G 71 84.17 -32.52 -56.00
N MET G 72 85.22 -33.36 -56.03
CA MET G 72 85.46 -34.25 -54.89
C MET G 72 86.18 -33.55 -53.76
N ALA G 73 87.07 -32.61 -54.07
CA ALA G 73 87.73 -31.85 -53.00
C ALA G 73 86.78 -30.80 -52.42
N ARG G 74 85.73 -30.43 -53.17
CA ARG G 74 84.70 -29.58 -52.59
C ARG G 74 83.87 -30.33 -51.56
N LYS G 75 83.44 -31.54 -51.90
CA LYS G 75 82.56 -32.32 -51.05
C LYS G 75 83.30 -33.19 -50.04
N MET G 76 84.63 -33.20 -50.07
CA MET G 76 85.40 -34.09 -49.21
C MET G 76 85.28 -33.72 -47.74
N LYS G 77 85.09 -32.44 -47.44
CA LYS G 77 84.91 -31.98 -46.07
C LYS G 77 83.48 -32.16 -45.57
N ASP G 78 82.58 -32.68 -46.40
CA ASP G 78 81.17 -32.83 -46.05
C ASP G 78 80.80 -34.24 -45.62
N THR G 79 81.75 -35.01 -45.09
CA THR G 79 81.47 -36.36 -44.61
C THR G 79 80.56 -36.32 -43.38
N ASP G 80 79.44 -37.02 -43.47
CA ASP G 80 78.38 -36.92 -42.47
C ASP G 80 78.77 -37.65 -41.17
N SER G 81 77.88 -37.58 -40.20
CA SER G 81 78.13 -38.13 -38.88
C SER G 81 77.17 -39.26 -38.56
N GLU G 82 77.48 -39.98 -37.48
CA GLU G 82 76.73 -41.17 -37.08
C GLU G 82 75.60 -40.80 -36.13
N GLU G 83 75.92 -40.02 -35.10
CA GLU G 83 74.93 -39.61 -34.11
C GLU G 83 73.90 -38.66 -34.70
N GLU G 84 74.29 -37.92 -35.75
CA GLU G 84 73.36 -36.98 -36.37
C GLU G 84 72.23 -37.70 -37.08
N ILE G 85 72.57 -38.70 -37.91
CA ILE G 85 71.52 -39.45 -38.60
C ILE G 85 70.77 -40.34 -37.62
N ARG G 86 71.45 -40.82 -36.56
CA ARG G 86 70.77 -41.69 -35.59
C ARG G 86 69.72 -40.92 -34.80
N GLU G 87 70.06 -39.69 -34.38
CA GLU G 87 69.07 -38.82 -33.79
C GLU G 87 68.01 -38.38 -34.80
N ALA G 88 68.35 -38.34 -36.09
CA ALA G 88 67.33 -38.09 -37.10
C ALA G 88 66.33 -39.24 -37.18
N PHE G 89 66.78 -40.48 -36.98
CA PHE G 89 65.85 -41.59 -36.82
C PHE G 89 65.03 -41.45 -35.54
N ARG G 90 65.66 -40.97 -34.47
CA ARG G 90 64.96 -40.77 -33.21
C ARG G 90 63.95 -39.63 -33.26
N VAL G 91 64.03 -38.75 -34.25
CA VAL G 91 62.93 -37.83 -34.51
C VAL G 91 61.69 -38.60 -34.98
N PHE G 92 61.86 -39.59 -35.85
CA PHE G 92 60.73 -40.32 -36.40
C PHE G 92 60.14 -41.35 -35.45
N ASP G 93 60.79 -41.63 -34.33
CA ASP G 93 60.18 -42.44 -33.29
C ASP G 93 59.12 -41.59 -32.59
N LYS G 94 57.88 -42.07 -32.55
CA LYS G 94 56.80 -41.34 -31.91
C LYS G 94 56.41 -41.95 -30.57
N ASP G 95 56.80 -43.19 -30.31
CA ASP G 95 56.42 -43.91 -29.11
C ASP G 95 57.52 -43.93 -28.05
N GLY G 96 58.75 -43.64 -28.42
CA GLY G 96 59.84 -43.61 -27.46
C GLY G 96 60.28 -44.96 -26.94
N ASN G 97 60.07 -46.02 -27.71
CA ASN G 97 60.40 -47.38 -27.27
C ASN G 97 61.60 -47.96 -28.02
N GLY G 98 62.15 -47.26 -29.00
CA GLY G 98 63.16 -47.84 -29.86
C GLY G 98 62.63 -48.62 -31.03
N TYR G 99 61.32 -48.83 -31.09
CA TYR G 99 60.67 -49.52 -32.20
C TYR G 99 60.21 -48.50 -33.23
N ILE G 100 60.18 -48.91 -34.50
CA ILE G 100 59.69 -48.02 -35.55
C ILE G 100 58.85 -48.82 -36.53
N SER G 101 57.74 -48.21 -36.94
CA SER G 101 56.78 -48.86 -37.83
C SER G 101 57.36 -48.93 -39.25
N ALA G 102 57.17 -50.08 -39.90
CA ALA G 102 57.70 -50.26 -41.25
C ALA G 102 56.86 -49.55 -42.28
N ALA G 103 55.53 -49.53 -42.10
CA ALA G 103 54.63 -48.93 -43.08
C ALA G 103 54.76 -47.41 -43.06
N GLU G 104 54.91 -46.83 -41.87
CA GLU G 104 55.15 -45.39 -41.78
C GLU G 104 56.55 -45.04 -42.27
N LEU G 105 57.49 -45.98 -42.16
CA LEU G 105 58.79 -45.81 -42.80
C LEU G 105 58.65 -45.81 -44.32
N ARG G 106 57.72 -46.60 -44.85
CA ARG G 106 57.43 -46.54 -46.28
C ARG G 106 56.81 -45.22 -46.67
N HIS G 107 55.91 -44.70 -45.81
CA HIS G 107 55.22 -43.45 -46.12
C HIS G 107 56.18 -42.27 -46.12
N VAL G 108 57.04 -42.20 -45.10
CA VAL G 108 58.03 -41.14 -45.02
C VAL G 108 59.07 -41.28 -46.13
N MET G 109 59.60 -42.48 -46.31
CA MET G 109 60.71 -42.66 -47.24
C MET G 109 60.26 -42.83 -48.68
N THR G 110 58.96 -42.80 -48.96
CA THR G 110 58.47 -42.66 -50.33
C THR G 110 57.72 -41.36 -50.56
N ASN G 111 57.49 -40.56 -49.52
CA ASN G 111 56.85 -39.26 -49.69
C ASN G 111 57.77 -38.08 -49.38
N LEU G 112 58.91 -38.30 -48.75
CA LEU G 112 59.81 -37.21 -48.37
C LEU G 112 61.22 -37.50 -48.89
N GLY G 113 61.91 -36.41 -49.23
CA GLY G 113 63.30 -36.53 -49.65
C GLY G 113 63.45 -36.79 -51.14
N GLU G 114 64.36 -37.71 -51.47
CA GLU G 114 64.58 -38.08 -52.86
C GLU G 114 63.61 -39.16 -53.32
N LYS G 115 62.70 -39.60 -52.44
CA LYS G 115 61.58 -40.49 -52.75
C LYS G 115 62.01 -41.85 -53.31
N LEU G 116 62.61 -42.68 -52.44
CA LEU G 116 62.98 -44.05 -52.74
C LEU G 116 61.84 -44.83 -53.40
N THR G 117 62.20 -45.71 -54.34
CA THR G 117 61.23 -46.51 -55.06
C THR G 117 60.76 -47.68 -54.20
N ASP G 118 59.94 -48.55 -54.81
CA ASP G 118 59.30 -49.63 -54.07
C ASP G 118 60.31 -50.72 -53.69
N GLU G 119 61.21 -51.07 -54.62
CA GLU G 119 62.18 -52.13 -54.36
C GLU G 119 63.23 -51.68 -53.35
N GLU G 120 63.48 -50.37 -53.25
CA GLU G 120 64.53 -49.87 -52.39
C GLU G 120 64.06 -49.77 -50.94
N VAL G 121 62.80 -49.38 -50.74
CA VAL G 121 62.29 -49.29 -49.37
C VAL G 121 61.78 -50.66 -48.90
N ASP G 122 61.30 -51.49 -49.83
CA ASP G 122 60.95 -52.87 -49.48
C ASP G 122 62.21 -53.66 -49.14
N GLU G 123 63.27 -53.48 -49.92
CA GLU G 123 64.56 -54.06 -49.59
C GLU G 123 65.14 -53.45 -48.32
N MET G 124 64.79 -52.19 -48.03
CA MET G 124 65.24 -51.54 -46.80
C MET G 124 64.65 -52.21 -45.57
N ILE G 125 63.35 -52.52 -45.62
CA ILE G 125 62.72 -53.17 -44.48
C ILE G 125 63.11 -54.64 -44.41
N ARG G 126 63.35 -55.27 -45.57
CA ARG G 126 63.77 -56.67 -45.54
C ARG G 126 65.22 -56.82 -45.08
N GLU G 127 66.04 -55.78 -45.25
CA GLU G 127 67.37 -55.80 -44.65
C GLU G 127 67.31 -55.37 -43.19
N ALA G 128 66.29 -54.59 -42.82
CA ALA G 128 66.18 -54.14 -41.44
C ALA G 128 65.76 -55.27 -40.51
N ASP G 129 64.81 -56.10 -40.95
CA ASP G 129 64.38 -57.24 -40.15
C ASP G 129 64.01 -58.37 -41.11
N ILE G 130 64.68 -59.51 -40.97
CA ILE G 130 64.48 -60.61 -41.90
C ILE G 130 63.23 -61.40 -41.52
N ASP G 131 62.82 -61.33 -40.24
CA ASP G 131 61.68 -62.11 -39.79
C ASP G 131 60.37 -61.42 -40.14
N GLY G 132 60.30 -60.11 -39.94
CA GLY G 132 59.08 -59.35 -40.23
C GLY G 132 58.00 -59.53 -39.18
N ASP G 133 56.84 -58.89 -39.36
CA ASP G 133 56.55 -58.00 -40.49
C ASP G 133 55.80 -56.77 -40.00
N GLY G 134 56.14 -55.61 -40.56
CA GLY G 134 55.43 -54.37 -40.27
C GLY G 134 56.00 -53.54 -39.14
N GLN G 135 56.97 -54.06 -38.39
CA GLN G 135 57.55 -53.32 -37.28
C GLN G 135 59.01 -53.72 -37.13
N VAL G 136 59.91 -52.73 -37.28
CA VAL G 136 61.33 -52.99 -37.34
C VAL G 136 62.06 -52.17 -36.29
N ASN G 137 63.35 -52.47 -36.14
CA ASN G 137 64.29 -51.75 -35.31
C ASN G 137 65.22 -50.93 -36.17
N TYR G 138 65.95 -50.02 -35.53
CA TYR G 138 66.89 -49.16 -36.25
C TYR G 138 68.28 -49.08 -35.64
N GLU G 139 68.45 -49.50 -34.38
CA GLU G 139 69.68 -49.14 -33.65
C GLU G 139 70.88 -49.95 -34.13
N GLU G 140 70.65 -51.12 -34.73
CA GLU G 140 71.75 -51.84 -35.37
C GLU G 140 71.71 -51.63 -36.88
N PHE G 141 70.58 -51.14 -37.37
CA PHE G 141 70.40 -50.83 -38.79
C PHE G 141 71.25 -49.62 -39.18
N VAL G 142 71.41 -48.68 -38.26
CA VAL G 142 72.28 -47.53 -38.47
C VAL G 142 73.75 -47.94 -38.48
N GLN G 143 74.09 -49.03 -37.77
CA GLN G 143 75.46 -49.51 -37.80
C GLN G 143 75.73 -50.22 -39.12
N MET G 144 74.70 -50.82 -39.70
CA MET G 144 74.86 -51.49 -40.98
C MET G 144 74.97 -50.51 -42.14
N MET G 145 74.22 -49.41 -42.13
CA MET G 145 74.29 -48.54 -43.29
C MET G 145 75.48 -47.58 -43.27
N THR G 146 75.99 -47.21 -42.10
CA THR G 146 77.00 -46.15 -42.02
C THR G 146 78.44 -46.64 -42.11
N ALA G 147 78.66 -47.78 -42.77
CA ALA G 147 80.01 -48.27 -43.06
C ALA G 147 80.33 -48.00 -44.52
N LYS G 148 81.49 -47.39 -44.77
CA LYS G 148 81.95 -47.16 -46.13
C LYS G 148 82.59 -48.43 -46.69
PB ADP H . -28.96 -14.03 59.78
O1B ADP H . -28.27 -14.23 58.45
O2B ADP H . -29.80 -15.20 60.23
O3B ADP H . -29.61 -12.67 59.92
PA ADP H . -27.13 -12.62 61.34
O1A ADP H . -26.83 -11.73 60.15
O2A ADP H . -27.98 -12.13 62.47
O3A ADP H . -27.73 -14.00 60.79
O5' ADP H . -25.74 -13.17 61.94
C5' ADP H . -25.76 -14.36 62.71
C4' ADP H . -24.34 -14.80 62.98
O4' ADP H . -23.64 -13.73 63.61
C3' ADP H . -24.28 -16.00 63.91
O3' ADP H . -23.46 -17.01 63.32
C2' ADP H . -23.55 -15.51 65.14
O2' ADP H . -22.57 -16.46 65.54
C1' ADP H . -22.89 -14.22 64.71
N9 ADP H . -22.94 -13.25 65.83
C8 ADP H . -24.07 -12.77 66.38
N7 ADP H . -23.77 -11.90 67.39
C5 ADP H . -22.44 -11.84 67.49
C6 ADP H . -21.46 -11.12 68.34
N6 ADP H . -21.88 -10.28 69.31
N1 ADP H . -20.16 -11.33 68.09
C2 ADP H . -19.73 -12.16 67.13
N3 ADP H . -20.55 -12.85 66.32
C4 ADP H . -21.89 -12.73 66.45
MG MG I . -28.05 -11.53 58.38
PB ADP J . -5.95 -16.30 22.38
O1B ADP J . -6.33 -14.84 22.51
O2B ADP J . -5.10 -16.82 23.52
O3B ADP J . -5.49 -16.68 21.00
PA ADP J . -8.15 -17.65 21.32
O1A ADP J . -8.30 -16.58 20.27
O2A ADP J . -7.54 -18.99 20.99
O3A ADP J . -7.36 -17.02 22.57
O5' ADP J . -9.58 -17.89 22.02
C5' ADP J . -9.62 -18.59 23.26
C4' ADP J . -11.00 -18.42 23.85
O4' ADP J . -11.95 -18.93 22.92
C3' ADP J . -11.15 -19.19 25.15
O3' ADP J . -11.63 -18.33 26.18
C2' ADP J . -12.25 -20.20 24.89
O2' ADP J . -13.17 -20.16 25.95
C1' ADP J . -12.90 -19.75 23.59
N9 ADP J . -13.20 -20.93 22.78
C8 ADP J . -12.30 -21.75 22.23
N7 ADP J . -12.89 -22.76 21.55
C5 ADP J . -14.22 -22.59 21.66
C6 ADP J . -15.42 -23.29 21.18
N6 ADP J . -15.32 -24.41 20.43
N1 ADP J . -16.62 -22.78 21.53
C2 ADP J . -16.73 -21.67 22.28
N3 ADP J . -15.68 -20.98 22.74
C4 ADP J . -14.41 -21.38 22.47
MG MG K . -6.72 -15.16 19.63
PB ADP L . -20.17 25.37 21.54
O1B ADP L . -19.98 24.98 20.09
O2B ADP L . -21.19 24.55 22.29
O3B ADP L . -20.25 26.86 21.77
PA ADP L . -17.60 26.01 22.44
O1A ADP L . -17.39 26.82 21.18
O2A ADP L . -17.86 26.68 23.75
O3A ADP L . -18.76 24.93 22.17
O5' ADP L . -16.37 25.00 22.61
C5' ADP L . -16.50 23.94 23.54
C4' ADP L . -15.33 23.00 23.39
O4' ADP L . -14.12 23.70 23.68
C3' ADP L . -15.42 21.84 24.38
O3' ADP L . -15.54 20.61 23.67
C2' ADP L . -14.13 21.85 25.15
O2' ADP L . -13.50 20.58 25.06
C1' ADP L . -13.25 22.91 24.48
N9 ADP L . -12.64 23.72 25.55
C8 ADP L . -13.31 24.51 26.40
N7 ADP L . -12.47 25.12 27.27
C5 ADP L . -11.23 24.70 26.98
C6 ADP L . -9.87 24.96 27.51
N6 ADP L . -9.68 25.80 28.56
N1 ADP L . -8.84 24.32 26.93
C2 ADP L . -9.02 23.48 25.89
N3 ADP L . -10.23 23.21 25.35
C4 ADP L . -11.34 23.77 25.84
MG MG M . -18.89 27.59 19.82
PB ADP N . -10.85 18.41 -21.06
O1B ADP N . -10.60 19.88 -20.86
O2B ADP N . -9.93 17.51 -20.27
O3B ADP N . -11.06 18.00 -22.49
PA ADP N . -13.60 17.94 -21.23
O1A ADP N . -13.75 19.06 -22.23
O2A ADP N . -13.58 16.50 -21.65
O3A ADP N . -12.29 18.23 -20.35
O5' ADP N . -14.71 18.14 -20.08
C5' ADP N . -14.65 17.32 -18.91
C4' ADP N . -15.66 17.85 -17.91
O4' ADP N . -16.97 17.78 -18.46
C3' ADP N . -15.65 17.02 -16.64
O3' ADP N . -15.23 17.82 -15.52
C2' ADP N . -17.07 16.58 -16.43
O2' ADP N . -17.52 16.97 -15.15
C1' ADP N . -17.89 17.28 -17.50
N9 ADP N . -18.79 16.29 -18.13
C8 ADP N . -18.39 15.22 -18.84
N7 ADP N . -19.45 14.50 -19.28
C5 ADP N . -20.56 15.09 -18.82
C6 ADP N . -22.01 14.83 -18.92
N6 ADP N . -22.50 13.77 -19.60
N1 ADP N . -22.84 15.70 -18.30
C2 ADP N . -22.37 16.76 -17.62
N3 ADP N . -21.06 17.05 -17.48
C4 ADP N . -20.12 16.27 -18.06
MG MG O . -12.25 20.36 -23.15
PB ADP P . -10.06 62.60 -18.93
O1B ADP P . -10.44 62.41 -20.38
O2B ADP P . -11.11 62.17 -17.93
O3B ADP P . -9.41 63.94 -18.63
PA ADP P . -7.36 61.98 -18.81
O1A ADP P . -7.16 62.78 -20.07
O2A ADP P . -6.99 62.54 -17.45
O3A ADP P . -8.89 61.52 -18.76
O5' ADP P . -6.66 60.55 -18.99
C5' ADP P . -6.78 59.57 -17.96
C4' ADP P . -6.06 58.32 -18.43
O4' ADP P . -4.65 58.58 -18.48
C3' ADP P . -6.28 57.15 -17.48
O3' ADP P . -6.88 56.07 -18.19
C2' ADP P . -4.90 56.72 -17.05
O2' ADP P . -4.77 55.32 -17.28
C1' ADP P . -3.93 57.48 -17.93
N9 ADP P . -2.81 57.98 -17.09
C8 ADP P . -2.94 58.87 -16.10
N7 ADP P . -1.74 59.14 -15.52
C5 ADP P . -0.83 58.38 -16.15
C6 ADP P . 0.64 58.17 -16.04
N6 ADP P . 1.36 58.83 -15.11
N1 ADP P . 1.21 57.29 -16.89
C2 ADP P . 0.49 56.63 -17.82
N3 ADP P . -0.83 56.78 -17.98
C4 ADP P . -1.53 57.63 -17.19
MG MG Q . -8.74 64.00 -20.97
#